data_8R3A
#
_entry.id   8R3A
#
_cell.length_a   141.607
_cell.length_b   148.928
_cell.length_c   231.901
_cell.angle_alpha   90
_cell.angle_beta   90
_cell.angle_gamma   90
#
_symmetry.space_group_name_H-M   'P 2 21 21'
#
loop_
_entity.id
_entity.type
_entity.pdbx_description
1 polymer AroA
2 polymer 'Arsenite oxidase small subunit AioB Rieske [2Fe-2S] cluster'
3 non-polymer SERINE
4 non-polymer 'MOLYBDENUM(IV) ION'
5 non-polymer 'FE3-S4 CLUSTER'
6 non-polymer 1,2-ETHANEDIOL
7 non-polymer DI(HYDROXYETHYL)ETHER
8 non-polymer '2-AMINO-5,6-DIMERCAPTO-7-METHYL-3,7,8A,9-TETRAHYDRO-8-OXA-1,3,9,10-TETRAAZA-ANTHRACEN-4-ONE GUANOSINE DINUCLEOTIDE'
9 non-polymer 'SULFATE ION'
10 non-polymer 3,6,9,12,15,18-HEXAOXAICOSANE-1,20-DIOL
11 non-polymer GLYCEROL
12 non-polymer 'OXYGEN ATOM'
13 non-polymer 'FE2/S2 (INORGANIC) CLUSTER'
14 non-polymer 'PENTAETHYLENE GLYCOL'
15 water water
#
loop_
_entity_poly.entity_id
_entity_poly.type
_entity_poly.pdbx_seq_one_letter_code
_entity_poly.pdbx_strand_id
1 'polypeptide(L)'
;MAFKRHIDRLPIIPADAKKHNVTCHFCIVGCGYHAYTWPINKQGGTDPQNNIFGVDLSEQQQAESDAWYSPSMYNVVKQD
GRDVHVVIKPDHECVVNSGLGSVRGARMAETSFSEARNTQQQRLTDPLVWRYGQMQPTSWDDALDLVARVTAKIVKEKGE
DALIVSAFDHGGAGGGYENTWGTGKLYFEAMKVKNIRIHNRPAYNSEVHGTRDMGVGELNNCYEDAELADTIVAVGTNAL
ETQTNYFLNHWIPNLRGESLGKKKELMPEEPHEAGRIIIVDPRRTVTVNACEQTAGADNVLHLAINSGTDLALFNALFTY
IADKGWVDRDFIDKSTLREGTARPPLYPARGVSEANPGHLSSFEDAVEGCRMSIEEAAEITGLDAAQIIKAAEWIGMPKE
GGKRRRVMFGYEKGLIWGNDNYRTNGALVNLALATGNIGRPGGGVVRLGGHQEGYVRPSDAHVGRPAAYVDQLLIGGQGG
VHHIWGCDHYKTTLNAHEFKRVYKKRTDMVKDAMSAAPYGDREAMVNAIVDAINQGGLFAVNVDIIPTKIGEACHVILPA
ATSGEMNLTSMNGERRMRLTERYMDPPGQSMPDCLIAARLANTMERVLTEMGDVGYAAQFKGFDWQTEEDAFMDGYNKNA
HGGEFVTYERLSAMGTNGFQEPATGFTDGKIEGTQRLYTDGVFSTDDGKARFMDAPWRGLQAPGKQQQKDSHKYLINNGR
ANVVWQSAYLDQENDFVMDRFPYPFIEMNPEDMAEAGLKEGDLVEIYNDAGATQAMAYPTPTARRGETFMLFGFPTGVQG
NVTSAGTNELIIPNYKQTWGNIRKISDAPRNVAHLSFKSKEYQSA
;
A,C,E,G
2 'polypeptide(L)'
;MSRCRNMVDIGRRQFLRGGALAAAGATAAVSGVGAPQARAATAAAGVEYPANRLANISELTLNEPLDVAYPDEDAAGVLL
KLGTRVEGGVGPDGDIVGFSTICPHKGCPLSYSADNKTFNCPCHFSVFDPEKGGQQVWGQATQNLPQYVLRVADNGDIFA
EGVDELIYGRLSNVL
;
B,D,F,H
#
loop_
_chem_comp.id
_chem_comp.type
_chem_comp.name
_chem_comp.formula
1PE non-polymer 'PENTAETHYLENE GLYCOL' 'C10 H22 O6'
4MO non-polymer 'MOLYBDENUM(IV) ION' 'Mo 4'
EDO non-polymer 1,2-ETHANEDIOL 'C2 H6 O2'
F3S non-polymer 'FE3-S4 CLUSTER' 'Fe3 S4'
FES non-polymer 'FE2/S2 (INORGANIC) CLUSTER' 'Fe2 S2'
GOL non-polymer GLYCEROL 'C3 H8 O3'
MGD non-polymer '2-AMINO-5,6-DIMERCAPTO-7-METHYL-3,7,8A,9-TETRAHYDRO-8-OXA-1,3,9,10-TETRAAZA-ANTHRACEN-4-ONE GUANOSINE DINUCLEOTIDE' 'C20 H26 N10 O13 P2 S2'
O non-polymer 'OXYGEN ATOM' O
P33 non-polymer 3,6,9,12,15,18-HEXAOXAICOSANE-1,20-DIOL 'C14 H30 O8'
PEG non-polymer DI(HYDROXYETHYL)ETHER 'C4 H10 O3'
SO4 non-polymer 'SULFATE ION' 'O4 S -2'
#
# COMPACT_ATOMS: atom_id res chain seq x y z
N ALA A 2 -4.76 -20.62 42.36
CA ALA A 2 -6.17 -20.62 41.92
C ALA A 2 -6.77 -19.28 42.28
N PHE A 3 -7.65 -18.78 41.44
CA PHE A 3 -8.33 -17.55 41.70
C PHE A 3 -9.35 -17.72 42.84
N LYS A 4 -9.31 -16.77 43.77
CA LYS A 4 -10.22 -16.76 44.91
C LYS A 4 -10.69 -15.33 45.06
N ARG A 5 -12.01 -15.13 45.27
CA ARG A 5 -12.52 -13.77 45.31
C ARG A 5 -12.32 -13.07 46.66
N HIS A 6 -12.12 -13.85 47.72
CA HIS A 6 -12.02 -13.32 49.09
C HIS A 6 -13.26 -12.52 49.45
N ILE A 7 -14.44 -12.91 48.96
CA ILE A 7 -15.69 -12.32 49.37
C ILE A 7 -16.31 -13.29 50.41
N ASP A 8 -16.29 -12.84 51.63
CA ASP A 8 -16.53 -13.64 52.84
C ASP A 8 -18.04 -13.61 53.20
N ARG A 9 -18.77 -12.73 52.58
CA ARG A 9 -20.17 -12.54 52.89
C ARG A 9 -20.85 -11.70 51.82
N LEU A 10 -22.16 -11.95 51.62
CA LEU A 10 -22.93 -11.28 50.59
C LEU A 10 -24.10 -10.60 51.23
N PRO A 11 -24.55 -9.47 50.68
CA PRO A 11 -25.83 -8.86 51.08
C PRO A 11 -26.97 -9.87 50.92
N ILE A 12 -27.93 -9.81 51.86
CA ILE A 12 -29.05 -10.73 51.91
C ILE A 12 -30.18 -10.11 51.13
N ILE A 13 -30.79 -10.89 50.24
CA ILE A 13 -31.95 -10.38 49.53
C ILE A 13 -33.07 -10.10 50.55
N PRO A 14 -33.62 -8.89 50.63
CA PRO A 14 -34.72 -8.63 51.54
C PRO A 14 -36.05 -9.17 51.03
N ALA A 15 -37.02 -9.21 51.92
CA ALA A 15 -38.30 -9.83 51.62
C ALA A 15 -39.06 -8.99 50.61
N ASP A 16 -38.81 -7.68 50.57
CA ASP A 16 -39.50 -6.85 49.57
C ASP A 16 -38.66 -6.58 48.29
N ALA A 17 -37.66 -7.40 47.96
CA ALA A 17 -36.89 -7.18 46.73
C ALA A 17 -37.78 -7.32 45.50
N LYS A 18 -37.51 -6.59 44.44
CA LYS A 18 -38.26 -6.68 43.20
C LYS A 18 -37.75 -7.90 42.43
N LYS A 19 -38.70 -8.72 41.98
CA LYS A 19 -38.39 -9.98 41.34
C LYS A 19 -38.58 -9.85 39.83
N HIS A 20 -37.63 -10.38 39.04
CA HIS A 20 -37.73 -10.32 37.59
C HIS A 20 -37.47 -11.71 37.03
N ASN A 21 -38.28 -12.13 36.06
CA ASN A 21 -38.01 -13.40 35.39
C ASN A 21 -36.84 -13.24 34.41
N VAL A 22 -35.88 -14.16 34.49
CA VAL A 22 -34.74 -14.11 33.60
C VAL A 22 -34.46 -15.50 33.04
N THR A 23 -34.40 -15.59 31.72
CA THR A 23 -33.84 -16.78 31.11
C THR A 23 -32.31 -16.58 31.08
N CYS A 24 -31.58 -17.68 31.23
CA CYS A 24 -30.13 -17.61 31.02
C CYS A 24 -29.81 -16.88 29.73
N HIS A 25 -28.78 -16.00 29.79
CA HIS A 25 -28.29 -15.30 28.62
C HIS A 25 -27.72 -16.23 27.56
N PHE A 26 -27.24 -17.42 27.95
CA PHE A 26 -26.27 -18.18 27.16
C PHE A 26 -26.90 -19.36 26.39
N CYS A 27 -26.70 -20.59 26.83
CA CYS A 27 -26.93 -21.70 25.90
C CYS A 27 -28.42 -22.01 25.69
N ILE A 28 -28.63 -22.85 24.67
CA ILE A 28 -29.89 -23.39 24.18
C ILE A 28 -30.84 -23.86 25.26
N VAL A 29 -30.30 -24.38 26.38
CA VAL A 29 -31.13 -25.01 27.39
C VAL A 29 -32.10 -24.00 27.96
N GLY A 30 -31.69 -22.76 28.11
CA GLY A 30 -32.57 -21.70 28.54
C GLY A 30 -33.07 -21.89 29.97
N CYS A 31 -32.18 -22.24 30.89
CA CYS A 31 -32.49 -22.36 32.31
C CYS A 31 -33.16 -21.12 32.85
N GLY A 32 -34.14 -21.32 33.74
CA GLY A 32 -34.85 -20.21 34.36
C GLY A 32 -34.12 -19.68 35.58
N TYR A 33 -34.12 -18.36 35.72
CA TYR A 33 -33.53 -17.64 36.83
C TYR A 33 -34.54 -16.58 37.28
N HIS A 34 -34.23 -15.98 38.43
CA HIS A 34 -34.81 -14.71 38.79
C HIS A 34 -33.70 -13.73 39.17
N ALA A 35 -33.89 -12.49 38.79
CA ALA A 35 -33.12 -11.37 39.28
C ALA A 35 -33.91 -10.61 40.35
N TYR A 36 -33.33 -10.51 41.55
CA TYR A 36 -33.90 -9.75 42.65
C TYR A 36 -33.06 -8.50 42.85
N THR A 37 -33.75 -7.36 42.82
CA THR A 37 -33.05 -6.09 43.00
C THR A 37 -33.65 -5.32 44.18
N TRP A 38 -32.82 -4.48 44.81
CA TRP A 38 -33.26 -3.67 45.91
C TRP A 38 -32.27 -2.53 46.13
N PRO A 39 -32.70 -1.45 46.83
CA PRO A 39 -31.87 -0.25 46.91
C PRO A 39 -30.50 -0.49 47.58
N ILE A 40 -29.52 0.29 47.11
CA ILE A 40 -28.12 0.13 47.50
C ILE A 40 -27.96 0.32 49.01
N ASN A 41 -28.78 1.17 49.62
N ASN A 41 -28.83 1.19 49.58
CA ASN A 41 -28.62 1.43 51.05
CA ASN A 41 -28.82 1.57 50.99
C ASN A 41 -29.57 0.58 51.90
C ASN A 41 -29.60 0.60 51.88
N LYS A 42 -30.11 -0.52 51.34
CA LYS A 42 -30.97 -1.43 52.10
C LYS A 42 -30.45 -2.83 52.00
N GLN A 43 -30.94 -3.71 52.88
CA GLN A 43 -30.51 -5.09 52.87
C GLN A 43 -31.46 -5.96 53.67
N GLY A 44 -31.42 -7.27 53.43
CA GLY A 44 -32.15 -8.26 54.20
C GLY A 44 -31.39 -8.64 55.45
N GLY A 45 -32.04 -9.44 56.32
CA GLY A 45 -31.49 -9.97 57.56
C GLY A 45 -31.68 -11.47 57.64
N THR A 46 -31.05 -12.11 58.63
CA THR A 46 -31.04 -13.57 58.73
C THR A 46 -32.36 -14.12 59.27
N ASP A 47 -33.16 -13.29 59.94
CA ASP A 47 -34.48 -13.74 60.39
C ASP A 47 -35.44 -13.96 59.22
N PRO A 48 -36.28 -15.02 59.28
CA PRO A 48 -37.20 -15.38 58.19
C PRO A 48 -38.00 -14.25 57.58
N GLN A 49 -38.44 -13.33 58.40
CA GLN A 49 -39.27 -12.25 57.91
C GLN A 49 -38.43 -11.16 57.22
N ASN A 50 -37.09 -11.18 57.35
CA ASN A 50 -36.30 -10.12 56.74
C ASN A 50 -35.54 -10.57 55.49
N ASN A 51 -35.92 -11.69 54.89
CA ASN A 51 -35.28 -12.15 53.66
C ASN A 51 -36.30 -12.81 52.77
N ILE A 52 -35.96 -12.88 51.47
CA ILE A 52 -36.88 -13.32 50.42
C ILE A 52 -37.21 -14.79 50.59
N PHE A 53 -36.37 -15.58 51.26
CA PHE A 53 -36.62 -17.01 51.34
C PHE A 53 -37.55 -17.42 52.50
N GLY A 54 -37.80 -16.52 53.46
CA GLY A 54 -38.52 -16.86 54.67
C GLY A 54 -37.84 -17.98 55.46
N VAL A 55 -36.50 -18.01 55.54
CA VAL A 55 -35.83 -19.03 56.33
C VAL A 55 -34.80 -18.31 57.19
N ASP A 56 -34.27 -19.05 58.18
CA ASP A 56 -33.35 -18.46 59.13
C ASP A 56 -31.96 -18.66 58.54
N LEU A 57 -31.38 -17.59 58.00
CA LEU A 57 -30.07 -17.68 57.33
C LEU A 57 -28.92 -17.64 58.34
N SER A 58 -29.17 -17.59 59.67
CA SER A 58 -28.08 -17.75 60.65
C SER A 58 -27.69 -19.20 60.80
N GLU A 59 -28.39 -20.11 60.11
CA GLU A 59 -28.01 -21.51 60.14
C GLU A 59 -27.47 -21.98 58.77
N GLN A 60 -26.51 -22.90 58.78
CA GLN A 60 -26.01 -23.62 57.63
C GLN A 60 -27.17 -24.21 56.84
N GLN A 61 -27.22 -23.98 55.52
CA GLN A 61 -28.22 -24.62 54.69
C GLN A 61 -27.72 -25.98 54.23
N GLN A 62 -28.70 -26.83 53.91
CA GLN A 62 -28.42 -28.20 53.46
C GLN A 62 -28.15 -28.19 51.94
N ALA A 63 -27.59 -29.29 51.42
CA ALA A 63 -27.43 -29.48 49.99
C ALA A 63 -28.72 -29.14 49.24
N GLU A 64 -28.55 -28.48 48.09
CA GLU A 64 -29.61 -28.18 47.16
C GLU A 64 -30.55 -27.12 47.72
N SER A 65 -30.13 -26.34 48.72
CA SER A 65 -31.00 -25.29 49.25
C SER A 65 -31.24 -24.21 48.22
N ASP A 66 -32.46 -23.69 48.14
CA ASP A 66 -32.80 -22.51 47.39
C ASP A 66 -32.29 -21.25 48.10
N ALA A 67 -31.94 -21.35 49.41
CA ALA A 67 -31.67 -20.17 50.20
C ALA A 67 -30.16 -19.92 50.29
N TRP A 68 -29.54 -19.84 49.12
CA TRP A 68 -28.11 -19.57 48.99
C TRP A 68 -27.84 -19.11 47.57
N TYR A 69 -26.75 -18.34 47.42
CA TYR A 69 -26.26 -17.97 46.09
C TYR A 69 -24.77 -17.68 46.19
N SER A 70 -24.04 -17.94 45.09
CA SER A 70 -22.60 -17.82 45.08
C SER A 70 -22.27 -16.39 44.77
N PRO A 71 -21.04 -15.92 45.10
CA PRO A 71 -20.65 -14.54 44.79
C PRO A 71 -20.83 -14.15 43.32
N SER A 72 -20.71 -15.13 42.40
CA SER A 72 -20.85 -14.83 40.96
C SER A 72 -22.28 -14.45 40.63
N MET A 73 -23.23 -14.69 41.54
CA MET A 73 -24.65 -14.40 41.35
C MET A 73 -25.04 -13.07 41.95
N TYR A 74 -24.07 -12.34 42.52
CA TYR A 74 -24.33 -11.06 43.18
C TYR A 74 -23.59 -9.92 42.46
N ASN A 75 -24.23 -8.78 42.33
CA ASN A 75 -23.53 -7.59 41.86
C ASN A 75 -24.27 -6.36 42.33
N VAL A 76 -23.78 -5.20 41.92
CA VAL A 76 -24.51 -3.93 42.01
C VAL A 76 -24.61 -3.31 40.62
N VAL A 77 -25.81 -2.92 40.18
CA VAL A 77 -26.00 -2.44 38.83
C VAL A 77 -26.88 -1.22 38.89
N LYS A 78 -26.85 -0.42 37.82
CA LYS A 78 -27.77 0.66 37.66
C LYS A 78 -29.15 0.17 37.17
N GLN A 79 -30.23 0.72 37.75
CA GLN A 79 -31.62 0.42 37.39
C GLN A 79 -32.39 1.71 37.54
N ASP A 80 -32.90 2.21 36.43
CA ASP A 80 -33.59 3.49 36.35
C ASP A 80 -32.72 4.59 36.91
N GLY A 81 -31.44 4.58 36.61
CA GLY A 81 -30.54 5.66 37.02
C GLY A 81 -29.97 5.50 38.43
N ARG A 82 -30.36 4.49 39.20
CA ARG A 82 -29.90 4.35 40.57
C ARG A 82 -29.19 3.02 40.73
N ASP A 83 -28.11 3.01 41.53
CA ASP A 83 -27.48 1.76 41.94
C ASP A 83 -28.41 0.88 42.79
N VAL A 84 -28.48 -0.39 42.47
CA VAL A 84 -29.25 -1.39 43.18
C VAL A 84 -28.38 -2.61 43.37
N HIS A 85 -28.56 -3.33 44.47
CA HIS A 85 -28.07 -4.68 44.59
C HIS A 85 -28.87 -5.57 43.62
N VAL A 86 -28.22 -6.58 43.07
CA VAL A 86 -28.89 -7.59 42.26
C VAL A 86 -28.35 -8.95 42.60
N VAL A 87 -29.28 -9.91 42.67
CA VAL A 87 -28.89 -11.30 42.71
C VAL A 87 -29.61 -12.00 41.55
N ILE A 88 -28.89 -12.78 40.78
CA ILE A 88 -29.45 -13.49 39.63
C ILE A 88 -29.21 -14.97 39.87
N LYS A 89 -30.27 -15.69 40.34
CA LYS A 89 -30.09 -17.02 40.86
C LYS A 89 -31.09 -17.96 40.18
N PRO A 90 -30.74 -19.25 40.04
CA PRO A 90 -31.59 -20.18 39.32
C PRO A 90 -32.93 -20.47 40.01
N ASP A 91 -33.99 -20.66 39.19
CA ASP A 91 -35.36 -20.87 39.58
C ASP A 91 -35.60 -22.36 39.87
N HIS A 92 -35.75 -22.69 41.16
CA HIS A 92 -36.06 -24.05 41.62
C HIS A 92 -37.34 -24.58 40.95
N GLU A 93 -38.30 -23.73 40.65
CA GLU A 93 -39.59 -24.16 40.08
C GLU A 93 -39.57 -24.28 38.55
N CYS A 94 -38.48 -23.93 37.87
CA CYS A 94 -38.50 -23.95 36.40
C CYS A 94 -38.27 -25.40 36.01
N VAL A 95 -39.09 -25.95 35.12
CA VAL A 95 -39.02 -27.39 34.83
C VAL A 95 -37.79 -27.70 33.96
N VAL A 96 -37.21 -26.68 33.30
CA VAL A 96 -36.03 -26.94 32.46
C VAL A 96 -34.88 -27.40 33.33
N ASN A 97 -34.57 -26.61 34.38
CA ASN A 97 -33.32 -26.80 35.13
C ASN A 97 -33.55 -27.24 36.58
N SER A 98 -34.77 -27.06 37.11
CA SER A 98 -35.10 -27.42 38.49
C SER A 98 -34.10 -26.84 39.49
N GLY A 99 -33.76 -25.55 39.30
CA GLY A 99 -32.84 -24.90 40.22
C GLY A 99 -31.36 -25.06 39.88
N LEU A 100 -30.99 -25.88 38.91
CA LEU A 100 -29.58 -25.95 38.50
C LEU A 100 -29.16 -24.67 37.74
N GLY A 101 -27.94 -24.23 38.01
CA GLY A 101 -27.25 -23.16 37.25
C GLY A 101 -25.87 -23.67 36.83
N SER A 102 -25.56 -23.62 35.54
CA SER A 102 -24.25 -24.05 35.05
C SER A 102 -23.21 -23.05 35.51
N VAL A 103 -21.93 -23.40 35.25
CA VAL A 103 -20.83 -22.51 35.52
C VAL A 103 -20.91 -21.21 34.72
N ARG A 104 -21.67 -21.21 33.63
CA ARG A 104 -21.88 -20.03 32.80
C ARG A 104 -23.06 -19.19 33.31
N GLY A 105 -24.25 -19.79 33.42
CA GLY A 105 -25.41 -19.02 33.85
C GLY A 105 -25.26 -18.43 35.24
N ALA A 106 -24.59 -19.17 36.13
CA ALA A 106 -24.45 -18.73 37.48
C ALA A 106 -23.50 -17.54 37.59
N ARG A 107 -22.81 -17.14 36.51
CA ARG A 107 -21.99 -15.93 36.56
C ARG A 107 -22.63 -14.77 35.82
N MET A 108 -23.94 -14.85 35.48
CA MET A 108 -24.57 -13.71 34.85
C MET A 108 -24.39 -12.41 35.64
N ALA A 109 -24.51 -12.46 37.00
CA ALA A 109 -24.45 -11.21 37.72
C ALA A 109 -23.04 -10.61 37.65
N GLU A 110 -22.03 -11.44 37.91
CA GLU A 110 -20.65 -10.99 37.94
C GLU A 110 -20.14 -10.59 36.54
N THR A 111 -20.75 -11.11 35.45
CA THR A 111 -20.39 -10.65 34.11
C THR A 111 -21.30 -9.51 33.63
N SER A 112 -22.10 -8.92 34.53
CA SER A 112 -22.89 -7.76 34.23
C SER A 112 -22.01 -6.54 34.40
N PHE A 113 -22.42 -5.42 33.80
CA PHE A 113 -21.66 -4.18 33.93
C PHE A 113 -21.92 -3.55 35.29
N SER A 114 -20.86 -3.23 36.05
CA SER A 114 -21.02 -2.57 37.35
C SER A 114 -19.98 -1.47 37.50
N GLU A 115 -20.41 -0.22 37.51
CA GLU A 115 -19.44 0.83 37.84
C GLU A 115 -19.08 0.76 39.33
N ALA A 116 -20.01 0.44 40.22
CA ALA A 116 -19.70 0.41 41.64
C ALA A 116 -18.73 -0.69 41.97
N ARG A 117 -18.83 -1.88 41.36
CA ARG A 117 -17.99 -3.00 41.72
C ARG A 117 -16.92 -3.30 40.65
N ASN A 118 -16.86 -2.47 39.64
CA ASN A 118 -15.86 -2.52 38.56
C ASN A 118 -15.87 -3.85 37.78
N THR A 119 -17.06 -4.44 37.51
CA THR A 119 -17.10 -5.59 36.58
C THR A 119 -17.38 -5.13 35.15
N GLN A 120 -16.76 -5.83 34.19
CA GLN A 120 -16.97 -5.65 32.75
C GLN A 120 -16.81 -4.19 32.35
N GLN A 121 -15.74 -3.57 32.85
CA GLN A 121 -15.41 -2.19 32.47
C GLN A 121 -14.99 -2.09 31.00
N GLN A 122 -14.75 -3.22 30.31
CA GLN A 122 -14.56 -3.22 28.85
C GLN A 122 -15.84 -2.88 28.10
N ARG A 123 -17.03 -2.93 28.73
CA ARG A 123 -18.27 -2.69 27.99
C ARG A 123 -18.26 -1.34 27.27
N LEU A 124 -18.72 -1.34 26.03
CA LEU A 124 -18.88 -0.15 25.24
C LEU A 124 -19.97 0.76 25.84
N THR A 125 -19.68 2.07 25.84
CA THR A 125 -20.57 3.06 26.39
C THR A 125 -20.95 4.10 25.37
N ASP A 126 -20.09 4.34 24.37
CA ASP A 126 -20.26 5.42 23.43
C ASP A 126 -19.97 4.94 22.00
N PRO A 127 -20.66 5.51 20.98
CA PRO A 127 -20.25 5.39 19.61
C PRO A 127 -18.80 5.85 19.48
N LEU A 128 -18.05 5.15 18.64
CA LEU A 128 -16.67 5.45 18.36
C LEU A 128 -16.52 5.56 16.86
N VAL A 129 -15.70 6.51 16.43
CA VAL A 129 -15.34 6.70 15.03
C VAL A 129 -13.83 6.83 14.90
N TRP A 130 -13.29 6.25 13.83
CA TRP A 130 -11.91 6.42 13.46
C TRP A 130 -11.68 7.81 12.86
N ARG A 131 -11.00 8.68 13.59
CA ARG A 131 -10.69 10.02 13.12
C ARG A 131 -9.52 10.59 13.91
N TYR A 132 -8.73 11.43 13.27
CA TYR A 132 -7.59 12.10 13.94
C TYR A 132 -6.51 11.09 14.37
N GLY A 133 -6.49 9.89 13.75
CA GLY A 133 -5.40 8.95 13.97
C GLY A 133 -5.74 7.77 14.85
N GLN A 134 -6.92 7.72 15.44
CA GLN A 134 -7.29 6.67 16.39
C GLN A 134 -8.81 6.68 16.53
N MET A 135 -9.36 5.71 17.27
CA MET A 135 -10.78 5.68 17.60
C MET A 135 -11.09 6.80 18.59
N GLN A 136 -12.18 7.53 18.36
CA GLN A 136 -12.61 8.62 19.18
C GLN A 136 -14.08 8.50 19.51
N PRO A 137 -14.51 8.81 20.76
CA PRO A 137 -15.92 8.78 21.11
C PRO A 137 -16.70 9.97 20.54
N THR A 138 -17.98 9.74 20.27
CA THR A 138 -18.84 10.76 19.68
C THR A 138 -20.28 10.50 20.07
N SER A 139 -21.18 11.33 19.51
CA SER A 139 -22.60 11.19 19.67
C SER A 139 -23.17 10.14 18.70
N TRP A 140 -24.33 9.61 19.04
CA TRP A 140 -25.07 8.74 18.09
C TRP A 140 -25.37 9.48 16.82
N ASP A 141 -25.82 10.76 16.94
CA ASP A 141 -26.24 11.45 15.75
C ASP A 141 -25.10 11.55 14.74
N ASP A 142 -23.88 11.89 15.23
CA ASP A 142 -22.70 11.93 14.39
C ASP A 142 -22.42 10.56 13.77
N ALA A 143 -22.29 9.51 14.62
CA ALA A 143 -21.85 8.19 14.14
C ALA A 143 -22.86 7.64 13.13
N LEU A 144 -24.16 7.69 13.44
CA LEU A 144 -25.19 7.20 12.56
C LEU A 144 -25.20 7.93 11.22
N ASP A 145 -25.01 9.25 11.27
CA ASP A 145 -24.98 10.03 10.05
C ASP A 145 -23.84 9.54 9.17
N LEU A 146 -22.65 9.35 9.73
CA LEU A 146 -21.52 8.88 8.93
C LEU A 146 -21.79 7.50 8.32
N VAL A 147 -22.28 6.56 9.13
CA VAL A 147 -22.58 5.22 8.63
C VAL A 147 -23.57 5.31 7.48
N ALA A 148 -24.66 6.05 7.69
CA ALA A 148 -25.69 6.12 6.67
C ALA A 148 -25.20 6.81 5.38
N ARG A 149 -24.41 7.88 5.49
N ARG A 149 -24.41 7.87 5.50
CA ARG A 149 -23.93 8.57 4.31
CA ARG A 149 -23.92 8.57 4.32
C ARG A 149 -23.02 7.67 3.47
C ARG A 149 -23.01 7.68 3.47
N VAL A 150 -22.10 6.95 4.11
CA VAL A 150 -21.21 6.09 3.35
C VAL A 150 -22.05 4.95 2.75
N THR A 151 -22.91 4.32 3.57
CA THR A 151 -23.69 3.17 3.13
C THR A 151 -24.55 3.60 1.95
N ALA A 152 -25.27 4.73 2.13
CA ALA A 152 -26.16 5.19 1.08
C ALA A 152 -25.45 5.51 -0.23
N LYS A 153 -24.28 6.15 -0.13
CA LYS A 153 -23.54 6.47 -1.34
C LYS A 153 -23.06 5.23 -2.06
N ILE A 154 -22.55 4.26 -1.30
CA ILE A 154 -22.04 3.06 -1.93
C ILE A 154 -23.18 2.24 -2.60
N VAL A 155 -24.32 2.12 -1.91
CA VAL A 155 -25.42 1.33 -2.42
C VAL A 155 -26.00 2.05 -3.64
N LYS A 156 -26.06 3.37 -3.62
CA LYS A 156 -26.59 4.12 -4.77
C LYS A 156 -25.66 3.99 -5.94
N GLU A 157 -24.35 3.99 -5.73
CA GLU A 157 -23.42 3.95 -6.86
C GLU A 157 -23.16 2.52 -7.32
N LYS A 158 -23.18 1.53 -6.44
CA LYS A 158 -22.80 0.19 -6.85
C LYS A 158 -23.89 -0.85 -6.68
N GLY A 159 -25.03 -0.51 -6.09
CA GLY A 159 -26.08 -1.46 -5.77
C GLY A 159 -25.99 -1.98 -4.35
N GLU A 160 -27.11 -2.58 -3.88
CA GLU A 160 -27.16 -3.20 -2.58
C GLU A 160 -26.14 -4.34 -2.48
N ASP A 161 -25.68 -4.93 -3.58
CA ASP A 161 -24.73 -6.02 -3.48
C ASP A 161 -23.38 -5.55 -2.90
N ALA A 162 -23.13 -4.27 -2.90
CA ALA A 162 -21.90 -3.73 -2.32
C ALA A 162 -21.96 -3.61 -0.80
N LEU A 163 -23.15 -3.73 -0.23
CA LEU A 163 -23.32 -3.83 1.20
C LEU A 163 -23.22 -5.31 1.63
N ILE A 164 -22.24 -5.58 2.47
CA ILE A 164 -22.01 -6.89 3.11
C ILE A 164 -22.49 -6.80 4.54
N VAL A 165 -23.19 -7.81 4.99
CA VAL A 165 -23.69 -7.90 6.33
C VAL A 165 -23.26 -9.21 6.96
N SER A 166 -22.79 -9.12 8.19
CA SER A 166 -22.63 -10.27 9.11
C SER A 166 -23.51 -10.04 10.32
N ALA A 167 -24.43 -10.96 10.63
CA ALA A 167 -25.27 -10.78 11.80
C ALA A 167 -25.68 -12.07 12.46
N PHE A 168 -25.79 -12.00 13.79
CA PHE A 168 -26.47 -13.01 14.57
C PHE A 168 -27.79 -13.37 13.87
N ASP A 169 -28.19 -14.64 14.04
CA ASP A 169 -29.56 -15.04 13.72
C ASP A 169 -30.18 -15.78 14.92
N HIS A 170 -29.55 -15.76 16.07
CA HIS A 170 -29.85 -16.66 17.17
C HIS A 170 -30.69 -15.92 18.20
N GLY A 171 -30.99 -16.62 19.29
CA GLY A 171 -31.75 -16.12 20.43
C GLY A 171 -30.85 -15.81 21.59
N GLY A 172 -31.48 -15.48 22.75
CA GLY A 172 -30.78 -15.11 23.96
C GLY A 172 -29.99 -13.80 23.79
N ALA A 173 -29.03 -13.58 24.70
CA ALA A 173 -28.25 -12.36 24.65
C ALA A 173 -27.52 -12.26 23.30
N GLY A 174 -27.55 -11.06 22.72
CA GLY A 174 -26.99 -10.85 21.38
C GLY A 174 -27.86 -11.41 20.26
N GLY A 175 -29.13 -11.70 20.54
CA GLY A 175 -30.09 -12.08 19.52
C GLY A 175 -31.51 -11.91 20.07
N GLY A 176 -32.39 -12.82 19.66
CA GLY A 176 -33.76 -12.80 20.17
C GLY A 176 -34.72 -12.17 19.21
N TYR A 177 -36.03 -12.35 19.49
CA TYR A 177 -37.02 -12.04 18.46
C TYR A 177 -37.05 -10.55 18.12
N GLU A 178 -36.82 -9.71 19.10
CA GLU A 178 -36.86 -8.28 18.85
C GLU A 178 -35.69 -7.91 17.93
N ASN A 179 -34.52 -8.44 18.26
CA ASN A 179 -33.28 -8.07 17.58
C ASN A 179 -33.15 -8.70 16.19
N THR A 180 -33.57 -9.99 16.02
CA THR A 180 -33.56 -10.56 14.70
C THR A 180 -34.57 -9.85 13.82
N TRP A 181 -35.71 -9.45 14.36
CA TRP A 181 -36.69 -8.71 13.55
C TRP A 181 -36.14 -7.35 13.11
N GLY A 182 -35.52 -6.61 14.04
CA GLY A 182 -35.09 -5.28 13.64
C GLY A 182 -34.02 -5.32 12.55
N THR A 183 -33.00 -6.17 12.73
CA THR A 183 -31.98 -6.32 11.67
C THR A 183 -32.54 -6.94 10.40
N GLY A 184 -33.43 -7.94 10.52
CA GLY A 184 -34.04 -8.50 9.33
C GLY A 184 -34.87 -7.51 8.55
N LYS A 185 -35.68 -6.73 9.27
CA LYS A 185 -36.51 -5.74 8.58
C LYS A 185 -35.63 -4.74 7.86
N LEU A 186 -34.53 -4.32 8.50
CA LEU A 186 -33.64 -3.38 7.82
C LEU A 186 -33.07 -3.97 6.54
N TYR A 187 -32.51 -5.23 6.59
CA TYR A 187 -31.77 -5.70 5.45
C TYR A 187 -32.62 -6.47 4.42
N PHE A 188 -33.80 -6.98 4.83
CA PHE A 188 -34.63 -7.82 3.95
C PHE A 188 -35.99 -7.21 3.62
N GLU A 189 -36.44 -6.22 4.38
CA GLU A 189 -37.68 -5.52 4.03
C GLU A 189 -37.36 -4.17 3.38
N ALA A 190 -36.68 -3.29 4.11
CA ALA A 190 -36.24 -2.01 3.54
C ALA A 190 -35.29 -2.18 2.38
N MET A 191 -34.41 -3.21 2.50
CA MET A 191 -33.42 -3.52 1.46
C MET A 191 -33.66 -4.98 1.04
N LYS A 192 -32.93 -5.41 0.03
CA LYS A 192 -32.83 -6.81 -0.37
C LYS A 192 -31.34 -7.24 -0.39
N VAL A 193 -30.70 -7.18 0.78
CA VAL A 193 -29.32 -7.60 0.89
C VAL A 193 -29.18 -9.10 0.63
N LYS A 194 -28.36 -9.44 -0.36
CA LYS A 194 -27.98 -10.80 -0.69
C LYS A 194 -26.70 -11.25 0.01
N ASN A 195 -25.72 -10.35 0.13
CA ASN A 195 -24.40 -10.67 0.64
C ASN A 195 -24.36 -10.55 2.15
N ILE A 196 -25.17 -11.37 2.76
CA ILE A 196 -25.35 -11.46 4.19
C ILE A 196 -24.91 -12.84 4.65
N ARG A 197 -24.17 -12.88 5.78
CA ARG A 197 -23.86 -14.14 6.42
C ARG A 197 -24.28 -14.12 7.88
N ILE A 198 -24.19 -15.27 8.53
CA ILE A 198 -24.70 -15.47 9.87
C ILE A 198 -23.51 -15.54 10.83
N HIS A 199 -23.76 -15.54 12.13
CA HIS A 199 -22.68 -15.44 13.10
C HIS A 199 -21.73 -16.63 13.02
N ASN A 200 -22.22 -17.80 12.62
CA ASN A 200 -21.45 -19.04 12.76
C ASN A 200 -21.18 -19.75 11.44
N ARG A 201 -21.58 -19.14 10.34
CA ARG A 201 -21.47 -19.77 9.05
C ARG A 201 -21.46 -18.70 7.98
N PRO A 202 -20.62 -18.85 6.90
CA PRO A 202 -20.31 -17.73 6.02
C PRO A 202 -21.25 -17.44 4.85
N ALA A 203 -22.51 -17.88 4.99
CA ALA A 203 -23.55 -17.63 4.03
C ALA A 203 -24.91 -17.62 4.75
N TYR A 204 -25.94 -17.16 4.01
CA TYR A 204 -27.29 -17.09 4.60
C TYR A 204 -28.04 -18.41 4.31
N ASN A 205 -27.63 -19.46 5.04
CA ASN A 205 -28.13 -20.80 4.86
C ASN A 205 -28.76 -21.29 6.16
N SER A 206 -29.33 -22.50 6.12
CA SER A 206 -29.71 -23.22 7.30
C SER A 206 -28.56 -24.18 7.65
N GLU A 207 -28.40 -24.42 8.95
CA GLU A 207 -27.47 -25.45 9.41
C GLU A 207 -27.96 -26.84 9.02
N VAL A 208 -29.29 -26.99 8.86
CA VAL A 208 -29.90 -28.31 8.74
C VAL A 208 -30.91 -28.35 7.59
N HIS A 209 -30.44 -28.03 6.38
CA HIS A 209 -31.28 -28.13 5.22
C HIS A 209 -31.80 -29.57 5.01
N GLY A 210 -30.98 -30.57 5.31
CA GLY A 210 -31.37 -31.95 5.09
C GLY A 210 -32.65 -32.33 5.84
N THR A 211 -32.70 -32.16 7.17
CA THR A 211 -33.87 -32.52 7.94
C THR A 211 -35.06 -31.66 7.50
N ARG A 212 -34.84 -30.37 7.22
CA ARG A 212 -35.93 -29.48 6.86
C ARG A 212 -36.51 -29.89 5.51
N ASP A 213 -35.67 -30.27 4.55
CA ASP A 213 -36.15 -30.64 3.25
C ASP A 213 -36.91 -31.98 3.33
N MET A 214 -36.59 -32.80 4.32
CA MET A 214 -37.28 -34.06 4.56
C MET A 214 -38.64 -33.86 5.25
N GLY A 215 -38.92 -32.64 5.69
CA GLY A 215 -40.17 -32.25 6.34
C GLY A 215 -40.12 -32.28 7.83
N VAL A 216 -38.90 -32.49 8.39
CA VAL A 216 -38.75 -32.61 9.84
C VAL A 216 -37.98 -31.41 10.41
N GLY A 217 -38.73 -30.45 10.95
CA GLY A 217 -38.17 -29.36 11.67
C GLY A 217 -37.31 -29.92 12.80
N GLU A 218 -36.19 -29.25 13.08
CA GLU A 218 -35.11 -29.86 13.88
C GLU A 218 -35.37 -29.76 15.36
N LEU A 219 -36.40 -29.00 15.80
CA LEU A 219 -36.75 -28.92 17.19
C LEU A 219 -38.16 -29.48 17.38
N ASN A 220 -38.30 -30.80 17.34
CA ASN A 220 -39.60 -31.44 17.19
C ASN A 220 -40.09 -32.11 18.49
N ASN A 221 -39.28 -32.18 19.55
CA ASN A 221 -39.64 -32.99 20.73
C ASN A 221 -39.73 -32.12 21.96
N CYS A 222 -39.66 -32.73 23.13
CA CYS A 222 -39.61 -31.99 24.38
C CYS A 222 -38.53 -32.63 25.22
N TYR A 223 -38.07 -31.87 26.22
CA TYR A 223 -36.98 -32.33 27.07
C TYR A 223 -37.37 -33.57 27.87
N GLU A 224 -38.68 -33.74 28.09
CA GLU A 224 -39.15 -34.90 28.83
C GLU A 224 -38.87 -36.15 28.05
N ASP A 225 -38.82 -36.03 26.72
CA ASP A 225 -38.51 -37.15 25.89
C ASP A 225 -37.18 -37.80 26.26
N ALA A 226 -36.20 -37.01 26.64
CA ALA A 226 -34.91 -37.60 27.03
C ALA A 226 -35.03 -38.42 28.30
N GLU A 227 -36.02 -38.08 29.14
CA GLU A 227 -36.32 -38.86 30.35
C GLU A 227 -37.06 -40.18 30.03
N LEU A 228 -37.71 -40.25 28.87
CA LEU A 228 -38.64 -41.33 28.58
C LEU A 228 -38.10 -42.35 27.59
N ALA A 229 -37.07 -41.99 26.81
CA ALA A 229 -36.51 -42.89 25.83
C ALA A 229 -35.99 -44.19 26.44
N ASP A 230 -36.04 -45.28 25.68
CA ASP A 230 -35.29 -46.49 25.97
C ASP A 230 -33.79 -46.28 25.67
N THR A 231 -33.52 -45.68 24.51
CA THR A 231 -32.15 -45.41 24.10
C THR A 231 -32.05 -43.93 23.72
N ILE A 232 -30.99 -43.28 24.21
CA ILE A 232 -30.58 -41.97 23.65
C ILE A 232 -29.45 -42.19 22.64
N VAL A 233 -29.56 -41.64 21.44
CA VAL A 233 -28.46 -41.64 20.51
C VAL A 233 -27.97 -40.17 20.34
N ALA A 234 -26.77 -39.91 20.88
CA ALA A 234 -26.20 -38.59 21.01
C ALA A 234 -25.02 -38.47 20.05
N VAL A 235 -25.23 -37.78 18.94
CA VAL A 235 -24.28 -37.67 17.86
C VAL A 235 -23.60 -36.29 17.84
N GLY A 236 -22.29 -36.28 17.98
CA GLY A 236 -21.53 -35.05 17.83
C GLY A 236 -21.97 -33.98 18.79
N THR A 237 -22.16 -34.41 20.05
CA THR A 237 -22.59 -33.54 21.13
C THR A 237 -21.75 -33.93 22.32
N ASN A 238 -21.32 -32.91 23.06
CA ASN A 238 -20.65 -33.06 24.33
C ASN A 238 -21.53 -32.43 25.41
N ALA A 239 -22.73 -32.96 25.53
CA ALA A 239 -23.85 -32.38 26.29
C ALA A 239 -23.58 -32.02 27.75
N LEU A 240 -22.75 -32.76 28.47
CA LEU A 240 -22.44 -32.37 29.83
C LEU A 240 -21.79 -30.97 29.85
N GLU A 241 -20.95 -30.68 28.84
CA GLU A 241 -20.22 -29.40 28.78
C GLU A 241 -21.05 -28.36 28.01
N THR A 242 -21.88 -28.78 27.05
CA THR A 242 -22.47 -27.85 26.06
C THR A 242 -24.00 -27.75 26.08
N GLN A 243 -24.68 -28.71 26.71
CA GLN A 243 -26.12 -28.58 26.95
C GLN A 243 -26.38 -29.01 28.38
N THR A 244 -25.62 -28.41 29.31
CA THR A 244 -25.35 -28.98 30.62
C THR A 244 -26.61 -29.36 31.37
N ASN A 245 -27.54 -28.41 31.55
CA ASN A 245 -28.62 -28.69 32.50
C ASN A 245 -29.70 -29.54 31.83
N TYR A 246 -29.74 -29.62 30.51
CA TYR A 246 -30.57 -30.59 29.81
C TYR A 246 -30.07 -31.99 30.09
N PHE A 247 -28.77 -32.17 29.97
CA PHE A 247 -28.14 -33.43 30.28
C PHE A 247 -28.40 -33.80 31.73
N LEU A 248 -28.10 -32.89 32.66
CA LEU A 248 -28.12 -33.21 34.08
C LEU A 248 -29.57 -33.38 34.54
N ASN A 249 -30.51 -32.56 34.07
CA ASN A 249 -31.86 -32.52 34.65
C ASN A 249 -32.79 -33.47 33.88
N HIS A 250 -32.43 -34.00 32.72
CA HIS A 250 -33.32 -34.83 31.93
C HIS A 250 -32.67 -36.14 31.50
N TRP A 251 -31.41 -36.13 31.00
CA TRP A 251 -30.80 -37.34 30.51
C TRP A 251 -30.38 -38.25 31.67
N ILE A 252 -29.68 -37.64 32.65
CA ILE A 252 -29.15 -38.35 33.80
C ILE A 252 -30.26 -39.13 34.53
N PRO A 253 -31.44 -38.54 34.84
CA PRO A 253 -32.53 -39.29 35.48
C PRO A 253 -32.95 -40.53 34.70
N ASN A 254 -32.90 -40.47 33.37
CA ASN A 254 -33.16 -41.64 32.53
C ASN A 254 -32.12 -42.72 32.78
N LEU A 255 -30.84 -42.34 32.65
CA LEU A 255 -29.74 -43.31 32.76
C LEU A 255 -29.64 -43.89 34.18
N ARG A 256 -30.00 -43.13 35.19
CA ARG A 256 -29.94 -43.59 36.56
C ARG A 256 -31.16 -44.47 36.91
N GLY A 257 -32.19 -44.48 36.10
CA GLY A 257 -33.41 -45.23 36.41
C GLY A 257 -34.39 -44.42 37.25
N GLU A 258 -34.10 -43.16 37.59
CA GLU A 258 -35.01 -42.36 38.35
C GLU A 258 -36.30 -42.07 37.60
N SER A 259 -36.30 -42.14 36.26
N SER A 259 -36.31 -42.14 36.26
CA SER A 259 -37.50 -41.78 35.49
CA SER A 259 -37.51 -41.78 35.49
C SER A 259 -38.40 -43.02 35.25
C SER A 259 -38.39 -43.01 35.23
N LEU A 260 -37.99 -44.18 35.73
CA LEU A 260 -38.69 -45.44 35.47
C LEU A 260 -40.16 -45.38 35.91
N GLY A 261 -40.40 -44.78 37.08
CA GLY A 261 -41.76 -44.63 37.58
C GLY A 261 -42.64 -43.87 36.61
N LYS A 262 -42.12 -42.71 36.16
CA LYS A 262 -42.84 -41.91 35.18
C LYS A 262 -43.00 -42.69 33.86
N LYS A 263 -41.98 -43.44 33.46
CA LYS A 263 -42.08 -44.17 32.19
C LYS A 263 -43.26 -45.16 32.26
N LYS A 264 -43.34 -45.91 33.37
CA LYS A 264 -44.37 -46.94 33.57
C LYS A 264 -45.75 -46.29 33.65
N GLU A 265 -45.83 -45.11 34.26
CA GLU A 265 -47.08 -44.37 34.32
C GLU A 265 -47.55 -43.89 32.96
N LEU A 266 -46.67 -43.32 32.16
CA LEU A 266 -47.10 -42.74 30.90
C LEU A 266 -47.24 -43.80 29.82
N MET A 267 -46.47 -44.89 29.91
CA MET A 267 -46.44 -45.89 28.84
C MET A 267 -46.55 -47.27 29.48
N PRO A 268 -47.71 -47.56 30.13
CA PRO A 268 -47.90 -48.81 30.89
C PRO A 268 -47.96 -50.08 30.05
N GLU A 269 -48.16 -49.98 28.75
CA GLU A 269 -48.38 -51.22 28.00
C GLU A 269 -47.09 -51.71 27.36
N GLU A 270 -45.92 -51.42 27.95
CA GLU A 270 -44.68 -51.95 27.37
C GLU A 270 -43.63 -52.04 28.46
N PRO A 271 -42.57 -52.81 28.25
CA PRO A 271 -41.47 -52.85 29.20
C PRO A 271 -40.65 -51.54 29.17
N HIS A 272 -39.97 -51.26 30.29
CA HIS A 272 -39.08 -50.12 30.47
C HIS A 272 -37.94 -50.53 31.37
N GLU A 273 -36.71 -50.26 30.96
CA GLU A 273 -35.55 -50.32 31.82
C GLU A 273 -34.89 -48.95 31.82
N ALA A 274 -33.89 -48.79 32.69
CA ALA A 274 -33.08 -47.58 32.68
C ALA A 274 -32.49 -47.41 31.28
N GLY A 275 -32.40 -46.10 30.94
CA GLY A 275 -31.92 -45.67 29.62
C GLY A 275 -30.52 -46.20 29.34
N ARG A 276 -30.30 -46.56 28.09
CA ARG A 276 -28.99 -46.78 27.52
C ARG A 276 -28.67 -45.63 26.56
N ILE A 277 -27.39 -45.40 26.31
CA ILE A 277 -26.99 -44.27 25.45
C ILE A 277 -25.86 -44.70 24.53
N ILE A 278 -26.02 -44.37 23.24
CA ILE A 278 -25.01 -44.43 22.24
C ILE A 278 -24.45 -43.03 22.03
N ILE A 279 -23.12 -42.90 22.12
CA ILE A 279 -22.45 -41.61 21.91
C ILE A 279 -21.56 -41.76 20.70
N VAL A 280 -21.88 -40.99 19.66
CA VAL A 280 -21.09 -41.02 18.45
C VAL A 280 -20.20 -39.77 18.46
N ASP A 281 -18.92 -39.97 18.75
CA ASP A 281 -17.97 -38.87 18.92
C ASP A 281 -16.59 -39.51 18.79
N PRO A 282 -15.69 -39.01 17.91
CA PRO A 282 -14.33 -39.56 17.85
C PRO A 282 -13.58 -39.45 19.15
N ARG A 283 -14.01 -38.50 20.02
CA ARG A 283 -13.33 -38.23 21.25
C ARG A 283 -14.12 -38.76 22.44
N ARG A 284 -13.40 -39.33 23.40
CA ARG A 284 -13.97 -39.64 24.71
C ARG A 284 -13.99 -38.40 25.55
N THR A 285 -15.19 -37.89 25.85
CA THR A 285 -15.41 -36.65 26.51
C THR A 285 -15.86 -36.92 27.96
N VAL A 286 -15.96 -35.85 28.71
CA VAL A 286 -16.48 -35.93 30.09
C VAL A 286 -17.94 -36.40 30.04
N THR A 287 -18.63 -36.17 28.91
CA THR A 287 -19.98 -36.66 28.74
C THR A 287 -20.00 -38.20 28.75
N VAL A 288 -19.13 -38.81 27.97
CA VAL A 288 -18.99 -40.26 27.96
C VAL A 288 -18.72 -40.76 29.38
N ASN A 289 -17.73 -40.15 30.05
CA ASN A 289 -17.35 -40.56 31.39
C ASN A 289 -18.54 -40.49 32.34
N ALA A 290 -19.31 -39.38 32.31
CA ALA A 290 -20.41 -39.16 33.23
C ALA A 290 -21.51 -40.23 32.98
N CYS A 291 -21.76 -40.55 31.70
CA CYS A 291 -22.74 -41.55 31.35
C CYS A 291 -22.34 -42.92 31.95
N GLU A 292 -21.08 -43.31 31.80
CA GLU A 292 -20.57 -44.57 32.34
C GLU A 292 -20.71 -44.61 33.84
N GLN A 293 -20.40 -43.52 34.51
CA GLN A 293 -20.48 -43.47 35.95
C GLN A 293 -21.92 -43.53 36.42
N THR A 294 -22.87 -43.09 35.63
CA THR A 294 -24.25 -43.00 36.05
C THR A 294 -24.98 -44.28 35.70
N ALA A 295 -24.85 -44.75 34.48
CA ALA A 295 -25.62 -45.89 34.00
C ALA A 295 -24.88 -47.21 34.15
N GLY A 296 -23.57 -47.15 34.34
CA GLY A 296 -22.71 -48.31 34.15
C GLY A 296 -22.25 -48.46 32.69
N ALA A 297 -21.03 -48.96 32.53
CA ALA A 297 -20.37 -49.03 31.23
C ALA A 297 -21.13 -49.94 30.29
N ASP A 298 -21.88 -50.93 30.85
CA ASP A 298 -22.62 -51.83 29.99
C ASP A 298 -23.80 -51.15 29.29
N ASN A 299 -24.26 -50.03 29.81
CA ASN A 299 -25.36 -49.27 29.22
C ASN A 299 -24.91 -48.04 28.42
N VAL A 300 -23.60 -47.94 28.13
CA VAL A 300 -23.04 -46.87 27.31
C VAL A 300 -22.28 -47.48 26.17
N LEU A 301 -22.66 -47.13 24.95
CA LEU A 301 -21.90 -47.49 23.80
C LEU A 301 -21.26 -46.24 23.19
N HIS A 302 -19.98 -46.05 23.47
CA HIS A 302 -19.18 -44.97 22.87
C HIS A 302 -18.64 -45.44 21.54
N LEU A 303 -19.25 -45.01 20.44
CA LEU A 303 -18.70 -45.29 19.13
C LEU A 303 -17.69 -44.18 18.72
N ALA A 304 -16.41 -44.45 18.97
CA ALA A 304 -15.32 -43.51 18.73
C ALA A 304 -14.90 -43.63 17.28
N ILE A 305 -15.79 -43.13 16.40
CA ILE A 305 -15.62 -43.20 14.96
C ILE A 305 -14.39 -42.39 14.56
N ASN A 306 -13.84 -42.74 13.40
CA ASN A 306 -12.89 -41.89 12.71
C ASN A 306 -13.62 -40.57 12.38
N SER A 307 -12.90 -39.45 12.61
CA SER A 307 -13.37 -38.13 12.27
C SER A 307 -14.02 -38.13 10.91
N GLY A 308 -15.25 -37.65 10.82
CA GLY A 308 -15.90 -37.40 9.55
C GLY A 308 -16.61 -38.61 8.92
N THR A 309 -16.71 -39.71 9.66
CA THR A 309 -17.27 -40.97 9.10
C THR A 309 -18.68 -41.32 9.59
N ASP A 310 -19.38 -40.38 10.26
CA ASP A 310 -20.74 -40.60 10.71
C ASP A 310 -21.66 -41.11 9.61
N LEU A 311 -21.60 -40.56 8.40
CA LEU A 311 -22.51 -40.96 7.36
C LEU A 311 -22.40 -42.47 7.07
N ALA A 312 -21.19 -43.03 7.08
CA ALA A 312 -20.99 -44.44 6.80
C ALA A 312 -21.63 -45.27 7.90
N LEU A 313 -21.42 -44.87 9.16
CA LEU A 313 -22.07 -45.48 10.29
C LEU A 313 -23.57 -45.47 10.10
N PHE A 314 -24.19 -44.32 9.87
CA PHE A 314 -25.64 -44.22 9.83
C PHE A 314 -26.23 -45.04 8.70
N ASN A 315 -25.59 -45.03 7.54
CA ASN A 315 -26.08 -45.79 6.43
C ASN A 315 -26.02 -47.29 6.75
N ALA A 316 -24.97 -47.77 7.42
CA ALA A 316 -24.87 -49.18 7.79
C ALA A 316 -25.93 -49.54 8.83
N LEU A 317 -26.24 -48.63 9.77
CA LEU A 317 -27.28 -48.82 10.74
C LEU A 317 -28.63 -48.92 10.05
N PHE A 318 -28.89 -48.00 9.13
CA PHE A 318 -30.16 -47.96 8.44
C PHE A 318 -30.35 -49.26 7.65
N THR A 319 -29.32 -49.67 6.93
CA THR A 319 -29.31 -50.88 6.14
C THR A 319 -29.68 -52.09 7.01
N TYR A 320 -28.99 -52.24 8.14
CA TYR A 320 -29.11 -53.40 9.00
C TYR A 320 -30.50 -53.44 9.60
N ILE A 321 -30.99 -52.31 10.08
CA ILE A 321 -32.28 -52.20 10.74
C ILE A 321 -33.38 -52.48 9.71
N ALA A 322 -33.26 -51.91 8.50
CA ALA A 322 -34.19 -52.17 7.44
C ALA A 322 -34.20 -53.65 7.08
N ASP A 323 -33.05 -54.27 6.89
CA ASP A 323 -32.96 -55.67 6.54
C ASP A 323 -33.54 -56.59 7.62
N LYS A 324 -33.48 -56.24 8.90
CA LYS A 324 -34.04 -57.04 9.95
C LYS A 324 -35.55 -56.80 10.07
N GLY A 325 -36.05 -55.72 9.46
CA GLY A 325 -37.46 -55.33 9.61
C GLY A 325 -37.75 -54.71 10.94
N TRP A 326 -36.71 -54.13 11.57
CA TRP A 326 -36.93 -53.43 12.83
C TRP A 326 -37.40 -51.99 12.62
N VAL A 327 -38.50 -51.85 11.89
CA VAL A 327 -38.99 -50.56 11.42
C VAL A 327 -40.46 -50.45 11.76
N ASP A 328 -40.97 -49.22 11.83
CA ASP A 328 -42.35 -48.92 12.14
C ASP A 328 -43.12 -48.84 10.84
N ARG A 329 -43.64 -50.01 10.40
CA ARG A 329 -44.18 -50.14 9.04
C ARG A 329 -45.42 -49.26 8.87
N ASP A 330 -46.23 -49.15 9.95
CA ASP A 330 -47.42 -48.33 9.83
C ASP A 330 -47.05 -46.85 9.65
N PHE A 331 -46.03 -46.37 10.42
CA PHE A 331 -45.58 -44.98 10.29
C PHE A 331 -45.09 -44.74 8.87
N ILE A 332 -44.22 -45.63 8.38
CA ILE A 332 -43.68 -45.48 7.04
C ILE A 332 -44.81 -45.39 6.02
N ASP A 333 -45.81 -46.30 6.15
CA ASP A 333 -46.85 -46.37 5.11
C ASP A 333 -47.75 -45.14 5.18
N LYS A 334 -48.06 -44.68 6.37
CA LYS A 334 -49.02 -43.59 6.53
C LYS A 334 -48.42 -42.19 6.43
N SER A 335 -47.15 -42.02 6.85
CA SER A 335 -46.65 -40.65 7.03
C SER A 335 -45.41 -40.31 6.20
N THR A 336 -44.93 -41.24 5.35
CA THR A 336 -43.75 -40.98 4.54
C THR A 336 -44.02 -41.20 3.06
N LEU A 337 -43.17 -40.56 2.27
CA LEU A 337 -43.31 -40.54 0.83
C LEU A 337 -43.26 -41.93 0.23
N ARG A 338 -44.28 -42.28 -0.56
CA ARG A 338 -44.38 -43.64 -1.11
C ARG A 338 -44.02 -43.58 -2.59
N GLU A 339 -43.91 -42.39 -3.16
CA GLU A 339 -43.60 -42.23 -4.58
C GLU A 339 -42.27 -42.83 -5.01
N GLY A 340 -42.25 -43.51 -6.17
CA GLY A 340 -40.98 -43.84 -6.83
C GLY A 340 -40.30 -42.55 -7.30
N THR A 341 -38.97 -42.48 -7.34
CA THR A 341 -38.28 -41.27 -7.76
C THR A 341 -37.12 -41.75 -8.59
N ALA A 342 -36.52 -40.89 -9.41
CA ALA A 342 -35.36 -41.30 -10.19
C ALA A 342 -34.14 -40.59 -9.58
N ARG A 343 -33.05 -41.31 -9.38
CA ARG A 343 -31.80 -40.72 -8.97
C ARG A 343 -31.34 -39.69 -9.97
N PRO A 344 -30.70 -38.60 -9.54
CA PRO A 344 -30.26 -37.63 -10.54
C PRO A 344 -29.07 -38.15 -11.34
N PRO A 345 -28.80 -37.57 -12.50
CA PRO A 345 -27.81 -38.07 -13.42
C PRO A 345 -26.41 -38.18 -12.86
N LEU A 346 -26.01 -37.29 -11.94
CA LEU A 346 -24.63 -37.32 -11.46
C LEU A 346 -24.51 -38.10 -10.16
N TYR A 347 -25.61 -38.72 -9.72
CA TYR A 347 -25.59 -39.55 -8.51
C TYR A 347 -24.71 -40.76 -8.78
N PRO A 348 -23.96 -41.31 -7.82
CA PRO A 348 -24.02 -40.88 -6.42
C PRO A 348 -23.07 -39.78 -5.95
N ALA A 349 -22.08 -39.41 -6.76
CA ALA A 349 -21.08 -38.46 -6.35
C ALA A 349 -21.70 -37.07 -6.14
N ARG A 350 -22.68 -36.66 -6.93
CA ARG A 350 -23.21 -35.30 -6.87
C ARG A 350 -24.73 -35.34 -7.03
N GLY A 351 -25.44 -34.42 -6.34
CA GLY A 351 -26.86 -34.30 -6.49
C GLY A 351 -27.26 -33.66 -7.82
N VAL A 352 -28.55 -33.34 -7.87
CA VAL A 352 -29.13 -32.74 -9.05
C VAL A 352 -28.51 -31.38 -9.30
N SER A 353 -28.20 -30.62 -8.23
CA SER A 353 -27.46 -29.36 -8.34
C SER A 353 -26.79 -29.10 -7.00
N GLU A 354 -26.05 -27.98 -6.88
CA GLU A 354 -25.42 -27.59 -5.65
C GLU A 354 -26.49 -27.30 -4.62
N ALA A 355 -27.68 -26.88 -5.06
CA ALA A 355 -28.79 -26.65 -4.13
C ALA A 355 -29.27 -27.90 -3.40
N ASN A 356 -29.03 -29.07 -3.98
CA ASN A 356 -29.66 -30.31 -3.53
C ASN A 356 -28.65 -31.45 -3.48
N PRO A 357 -27.81 -31.52 -2.45
CA PRO A 357 -26.71 -32.49 -2.43
C PRO A 357 -27.13 -33.96 -2.30
N GLY A 358 -28.37 -34.17 -1.83
CA GLY A 358 -28.91 -35.49 -1.60
C GLY A 358 -30.21 -35.65 -2.34
N HIS A 359 -30.66 -36.89 -2.40
CA HIS A 359 -31.82 -37.28 -3.20
C HIS A 359 -32.92 -37.74 -2.25
N LEU A 360 -34.05 -37.03 -2.27
CA LEU A 360 -35.14 -37.31 -1.36
C LEU A 360 -36.00 -38.43 -1.97
N SER A 361 -36.35 -39.45 -1.17
CA SER A 361 -37.06 -40.57 -1.74
C SER A 361 -37.94 -41.27 -0.73
N SER A 362 -38.50 -42.40 -1.20
CA SER A 362 -39.21 -43.33 -0.33
C SER A 362 -38.26 -44.14 0.53
N PHE A 363 -38.79 -44.80 1.55
CA PHE A 363 -38.04 -45.70 2.42
C PHE A 363 -37.21 -46.68 1.62
N GLU A 364 -37.89 -47.43 0.75
CA GLU A 364 -37.28 -48.54 0.04
C GLU A 364 -36.15 -48.07 -0.85
N ASP A 365 -36.36 -46.95 -1.54
CA ASP A 365 -35.36 -46.39 -2.43
C ASP A 365 -34.17 -45.86 -1.63
N ALA A 366 -34.44 -45.25 -0.48
CA ALA A 366 -33.35 -44.76 0.38
C ALA A 366 -32.48 -45.89 0.93
N VAL A 367 -33.14 -46.97 1.39
CA VAL A 367 -32.38 -48.12 1.85
C VAL A 367 -31.42 -48.60 0.78
N GLU A 368 -31.94 -48.77 -0.44
CA GLU A 368 -31.13 -49.30 -1.52
C GLU A 368 -29.99 -48.35 -1.91
N GLY A 369 -30.28 -47.04 -1.88
CA GLY A 369 -29.28 -46.02 -2.16
C GLY A 369 -28.20 -45.88 -1.09
N CYS A 370 -28.60 -45.93 0.19
CA CYS A 370 -27.69 -45.81 1.32
C CYS A 370 -26.89 -47.09 1.56
N ARG A 371 -27.34 -48.21 0.97
CA ARG A 371 -26.97 -49.54 1.42
C ARG A 371 -25.46 -49.67 1.66
N MET A 372 -25.10 -50.09 2.85
CA MET A 372 -23.74 -50.26 3.25
C MET A 372 -23.69 -51.45 4.20
N SER A 373 -22.73 -52.35 3.95
CA SER A 373 -22.52 -53.51 4.81
C SER A 373 -21.89 -53.11 6.12
N ILE A 374 -22.10 -53.93 7.14
CA ILE A 374 -21.40 -53.77 8.40
C ILE A 374 -19.87 -53.72 8.20
N GLU A 375 -19.34 -54.62 7.36
CA GLU A 375 -17.91 -54.76 7.21
C GLU A 375 -17.34 -53.49 6.53
N GLU A 376 -18.02 -52.98 5.51
CA GLU A 376 -17.57 -51.77 4.83
C GLU A 376 -17.58 -50.57 5.80
N ALA A 377 -18.64 -50.42 6.60
CA ALA A 377 -18.70 -49.36 7.60
C ALA A 377 -17.67 -49.51 8.71
N ALA A 378 -17.35 -50.75 9.06
CA ALA A 378 -16.33 -50.98 10.07
C ALA A 378 -14.99 -50.51 9.54
N GLU A 379 -14.73 -50.78 8.27
CA GLU A 379 -13.48 -50.35 7.63
C GLU A 379 -13.39 -48.82 7.62
N ILE A 380 -14.44 -48.14 7.20
CA ILE A 380 -14.44 -46.67 7.06
C ILE A 380 -14.35 -45.99 8.40
N THR A 381 -15.22 -46.40 9.35
CA THR A 381 -15.36 -45.75 10.64
C THR A 381 -14.25 -46.14 11.60
N GLY A 382 -13.58 -47.27 11.37
CA GLY A 382 -12.62 -47.83 12.33
C GLY A 382 -13.30 -48.60 13.48
N LEU A 383 -14.62 -48.66 13.53
CA LEU A 383 -15.28 -49.40 14.61
C LEU A 383 -15.19 -50.93 14.36
N ASP A 384 -15.42 -51.71 15.42
CA ASP A 384 -15.59 -53.16 15.27
C ASP A 384 -16.98 -53.47 14.74
N ALA A 385 -17.08 -54.46 13.86
CA ALA A 385 -18.39 -54.92 13.39
C ALA A 385 -19.37 -55.12 14.54
N ALA A 386 -18.89 -55.70 15.64
CA ALA A 386 -19.75 -55.98 16.77
C ALA A 386 -20.35 -54.71 17.38
N GLN A 387 -19.61 -53.59 17.35
CA GLN A 387 -20.10 -52.35 17.93
C GLN A 387 -21.26 -51.83 17.09
N ILE A 388 -21.13 -51.92 15.77
CA ILE A 388 -22.15 -51.38 14.88
C ILE A 388 -23.45 -52.21 15.00
N ILE A 389 -23.29 -53.54 15.04
CA ILE A 389 -24.43 -54.45 15.26
C ILE A 389 -25.08 -54.17 16.60
N LYS A 390 -24.28 -53.97 17.65
CA LYS A 390 -24.88 -53.66 18.94
C LYS A 390 -25.70 -52.37 18.86
N ALA A 391 -25.16 -51.35 18.17
CA ALA A 391 -25.86 -50.10 18.09
C ALA A 391 -27.20 -50.30 17.36
N ALA A 392 -27.19 -51.03 16.26
CA ALA A 392 -28.43 -51.34 15.54
C ALA A 392 -29.45 -51.98 16.45
N GLU A 393 -28.98 -52.89 17.33
CA GLU A 393 -29.89 -53.54 18.28
C GLU A 393 -30.41 -52.59 19.33
N TRP A 394 -29.58 -51.65 19.80
CA TRP A 394 -30.01 -50.70 20.78
C TRP A 394 -30.91 -49.63 20.23
N ILE A 395 -30.93 -49.49 18.93
CA ILE A 395 -31.85 -48.57 18.28
C ILE A 395 -33.13 -49.26 17.80
N GLY A 396 -32.99 -50.40 17.14
CA GLY A 396 -34.07 -50.98 16.34
C GLY A 396 -34.78 -52.21 16.96
N MET A 397 -34.09 -53.02 17.75
CA MET A 397 -34.61 -54.29 18.24
C MET A 397 -35.83 -54.05 19.12
N PRO A 398 -36.99 -54.68 18.78
CA PRO A 398 -38.20 -54.60 19.60
C PRO A 398 -37.94 -55.06 21.01
N LYS A 399 -38.64 -54.47 21.96
CA LYS A 399 -38.54 -54.86 23.35
C LYS A 399 -39.42 -56.13 23.55
N GLU A 400 -39.31 -56.77 24.72
CA GLU A 400 -40.16 -57.90 25.12
C GLU A 400 -41.64 -57.62 24.80
N GLY A 401 -42.28 -58.62 24.21
CA GLY A 401 -43.65 -58.47 23.75
C GLY A 401 -43.72 -57.85 22.35
N GLY A 402 -42.58 -57.57 21.68
CA GLY A 402 -42.62 -57.05 20.32
C GLY A 402 -42.86 -55.53 20.24
N LYS A 403 -42.74 -54.81 21.34
CA LYS A 403 -43.05 -53.38 21.36
C LYS A 403 -41.88 -52.55 20.78
N ARG A 404 -42.25 -51.50 20.02
CA ARG A 404 -41.31 -50.63 19.36
C ARG A 404 -40.39 -49.96 20.41
N ARG A 405 -39.07 -50.00 20.16
CA ARG A 405 -38.13 -49.33 21.05
C ARG A 405 -38.16 -47.81 20.78
N ARG A 406 -38.28 -47.08 21.88
CA ARG A 406 -38.32 -45.62 21.83
C ARG A 406 -36.89 -45.06 21.92
N VAL A 407 -36.53 -44.24 20.93
CA VAL A 407 -35.16 -43.72 20.79
C VAL A 407 -35.26 -42.22 20.51
N MET A 408 -34.59 -41.42 21.32
CA MET A 408 -34.37 -40.00 21.06
C MET A 408 -32.99 -39.85 20.39
N PHE A 409 -33.01 -39.33 19.18
CA PHE A 409 -31.80 -39.03 18.41
C PHE A 409 -31.50 -37.54 18.55
N GLY A 410 -30.37 -37.21 19.18
CA GLY A 410 -29.96 -35.82 19.33
C GLY A 410 -28.59 -35.63 18.70
N TYR A 411 -28.41 -34.51 17.98
CA TYR A 411 -27.15 -34.25 17.32
C TYR A 411 -26.80 -32.77 17.46
N GLU A 412 -25.49 -32.46 17.39
CA GLU A 412 -25.10 -31.05 17.36
C GLU A 412 -23.89 -30.90 16.44
N LYS A 413 -22.88 -30.11 16.86
CA LYS A 413 -21.96 -29.59 15.83
C LYS A 413 -20.94 -30.61 15.34
N GLY A 414 -20.71 -31.70 16.07
CA GLY A 414 -19.92 -32.79 15.53
C GLY A 414 -20.51 -33.36 14.24
N LEU A 415 -21.86 -33.31 14.13
CA LEU A 415 -22.48 -33.64 12.85
C LEU A 415 -22.56 -32.38 11.94
N ILE A 416 -23.11 -31.31 12.44
CA ILE A 416 -23.43 -30.14 11.60
C ILE A 416 -22.19 -29.51 10.97
N TRP A 417 -21.10 -29.38 11.75
CA TRP A 417 -19.83 -28.91 11.22
C TRP A 417 -18.92 -30.06 10.79
N GLY A 418 -19.51 -31.28 10.74
CA GLY A 418 -18.82 -32.44 10.26
C GLY A 418 -18.99 -32.71 8.80
N ASN A 419 -18.46 -33.84 8.36
CA ASN A 419 -18.38 -34.18 6.95
C ASN A 419 -19.77 -34.32 6.30
N ASP A 420 -19.93 -33.70 5.13
CA ASP A 420 -21.09 -33.93 4.26
C ASP A 420 -22.39 -33.68 5.03
N ASN A 421 -22.54 -32.44 5.51
CA ASN A 421 -23.61 -32.04 6.43
C ASN A 421 -24.96 -32.53 5.88
N TYR A 422 -25.23 -32.30 4.59
CA TYR A 422 -26.57 -32.51 4.07
C TYR A 422 -26.90 -34.02 4.13
N ARG A 423 -25.98 -34.84 3.66
CA ARG A 423 -26.19 -36.28 3.64
C ARG A 423 -26.15 -36.92 4.99
N THR A 424 -25.24 -36.45 5.86
CA THR A 424 -25.11 -36.99 7.19
C THR A 424 -26.35 -36.71 7.99
N ASN A 425 -26.86 -35.49 7.85
CA ASN A 425 -28.07 -35.10 8.57
C ASN A 425 -29.22 -35.99 8.11
N GLY A 426 -29.36 -36.16 6.82
CA GLY A 426 -30.45 -36.97 6.27
C GLY A 426 -30.33 -38.44 6.70
N ALA A 427 -29.11 -38.97 6.74
CA ALA A 427 -28.87 -40.36 7.11
C ALA A 427 -29.28 -40.62 8.55
N LEU A 428 -29.11 -39.62 9.45
CA LEU A 428 -29.53 -39.78 10.80
C LEU A 428 -31.07 -39.69 10.87
N VAL A 429 -31.64 -38.74 10.15
CA VAL A 429 -33.10 -38.63 10.15
C VAL A 429 -33.76 -39.92 9.60
N ASN A 430 -33.13 -40.58 8.64
CA ASN A 430 -33.59 -41.86 8.11
C ASN A 430 -33.82 -42.87 9.23
N LEU A 431 -32.95 -42.93 10.22
CA LEU A 431 -33.07 -43.84 11.35
C LEU A 431 -34.30 -43.51 12.18
N ALA A 432 -34.51 -42.24 12.47
CA ALA A 432 -35.63 -41.80 13.29
C ALA A 432 -36.98 -42.06 12.57
N LEU A 433 -37.00 -41.80 11.28
CA LEU A 433 -38.18 -42.00 10.43
C LEU A 433 -38.50 -43.49 10.33
N ALA A 434 -37.48 -44.30 10.06
CA ALA A 434 -37.66 -45.73 9.92
C ALA A 434 -38.21 -46.34 11.19
N THR A 435 -37.84 -45.84 12.39
CA THR A 435 -38.18 -46.43 13.64
C THR A 435 -39.41 -45.77 14.29
N GLY A 436 -40.04 -44.85 13.56
CA GLY A 436 -41.21 -44.14 14.04
C GLY A 436 -40.97 -43.28 15.26
N ASN A 437 -39.74 -42.80 15.41
CA ASN A 437 -39.39 -42.08 16.60
C ASN A 437 -39.44 -40.55 16.36
N ILE A 438 -40.53 -40.07 15.82
CA ILE A 438 -40.76 -38.63 15.69
C ILE A 438 -42.21 -38.42 16.06
N GLY A 439 -42.47 -37.45 16.95
CA GLY A 439 -43.83 -37.01 17.25
C GLY A 439 -44.49 -37.84 18.35
N ARG A 440 -43.71 -38.66 19.04
CA ARG A 440 -44.19 -39.56 20.08
C ARG A 440 -43.33 -39.44 21.33
N PRO A 441 -43.85 -39.83 22.50
CA PRO A 441 -43.07 -39.84 23.73
C PRO A 441 -41.82 -40.69 23.60
N GLY A 442 -40.75 -40.18 24.21
CA GLY A 442 -39.48 -40.88 24.23
C GLY A 442 -38.73 -40.83 22.90
N GLY A 443 -39.25 -40.05 21.93
CA GLY A 443 -38.62 -40.02 20.60
C GLY A 443 -38.06 -38.61 20.27
N GLY A 444 -37.85 -38.40 18.97
CA GLY A 444 -37.38 -37.14 18.42
C GLY A 444 -36.09 -37.38 17.62
N VAL A 445 -35.87 -36.56 16.59
CA VAL A 445 -34.56 -36.43 15.94
C VAL A 445 -34.26 -34.93 15.83
N VAL A 446 -33.45 -34.45 16.80
CA VAL A 446 -33.39 -33.04 17.11
C VAL A 446 -31.95 -32.53 17.17
N ARG A 447 -31.76 -31.28 16.74
CA ARG A 447 -30.60 -30.51 17.24
C ARG A 447 -30.69 -30.36 18.72
N LEU A 448 -29.54 -30.52 19.41
CA LEU A 448 -29.44 -30.24 20.81
C LEU A 448 -29.14 -28.78 21.09
N GLY A 449 -28.60 -28.08 20.08
CA GLY A 449 -28.71 -26.65 19.94
C GLY A 449 -27.45 -25.99 20.47
N GLY A 450 -27.37 -24.69 20.18
CA GLY A 450 -26.23 -23.87 20.51
C GLY A 450 -26.65 -22.75 21.44
N HIS A 451 -26.97 -21.64 20.81
CA HIS A 451 -27.67 -20.55 21.44
C HIS A 451 -29.14 -20.93 21.57
N GLN A 452 -29.88 -20.16 22.38
CA GLN A 452 -31.34 -20.16 22.23
C GLN A 452 -31.73 -19.74 20.82
N GLU A 453 -33.01 -19.90 20.48
CA GLU A 453 -33.54 -19.53 19.20
C GLU A 453 -34.47 -18.32 19.38
N GLY A 454 -34.44 -17.44 18.40
CA GLY A 454 -35.29 -16.28 18.47
C GLY A 454 -35.30 -15.57 17.13
N TYR A 455 -35.62 -16.34 16.10
CA TYR A 455 -35.61 -15.84 14.75
C TYR A 455 -37.01 -15.46 14.25
N VAL A 456 -37.19 -14.22 13.86
CA VAL A 456 -38.31 -13.84 13.02
C VAL A 456 -37.82 -12.71 12.12
N ARG A 457 -37.90 -12.93 10.79
CA ARG A 457 -37.40 -12.01 9.81
C ARG A 457 -38.28 -12.04 8.59
N PRO A 458 -38.26 -10.97 7.77
CA PRO A 458 -38.91 -11.00 6.45
C PRO A 458 -38.27 -12.11 5.59
N SER A 459 -38.94 -12.41 4.51
CA SER A 459 -38.50 -13.41 3.56
C SER A 459 -37.05 -13.18 3.15
N ASP A 460 -36.32 -14.29 3.03
CA ASP A 460 -34.93 -14.29 2.58
C ASP A 460 -34.89 -14.91 1.19
N ALA A 461 -36.01 -14.95 0.44
CA ALA A 461 -35.98 -15.64 -0.85
C ALA A 461 -34.93 -15.06 -1.79
N HIS A 462 -34.63 -13.77 -1.71
CA HIS A 462 -33.68 -13.14 -2.60
C HIS A 462 -32.24 -13.60 -2.36
N VAL A 463 -31.90 -14.27 -1.24
CA VAL A 463 -30.50 -14.63 -1.00
C VAL A 463 -30.06 -15.78 -1.86
N GLY A 464 -31.00 -16.63 -2.29
CA GLY A 464 -30.67 -17.75 -3.14
C GLY A 464 -30.25 -19.00 -2.32
N ARG A 465 -30.16 -20.11 -3.05
CA ARG A 465 -29.70 -21.37 -2.49
C ARG A 465 -28.96 -22.10 -3.58
N PRO A 466 -27.63 -22.30 -3.54
CA PRO A 466 -26.76 -21.85 -2.43
C PRO A 466 -26.67 -20.32 -2.36
N ALA A 467 -26.48 -19.78 -1.14
CA ALA A 467 -26.31 -18.35 -0.97
C ALA A 467 -24.84 -17.98 -1.17
N ALA A 468 -24.53 -16.66 -1.22
CA ALA A 468 -23.17 -16.22 -1.43
C ALA A 468 -22.26 -16.55 -0.25
N TYR A 469 -21.03 -16.98 -0.59
CA TYR A 469 -19.98 -17.26 0.39
C TYR A 469 -19.31 -15.93 0.72
N VAL A 470 -19.85 -15.27 1.72
CA VAL A 470 -19.45 -13.90 2.00
C VAL A 470 -17.95 -13.74 2.32
N ASP A 471 -17.38 -14.64 3.12
CA ASP A 471 -15.97 -14.51 3.45
C ASP A 471 -15.10 -14.53 2.21
N GLN A 472 -15.49 -15.32 1.22
CA GLN A 472 -14.75 -15.42 -0.05
C GLN A 472 -14.88 -14.16 -0.87
N LEU A 473 -16.06 -13.54 -0.84
CA LEU A 473 -16.18 -12.23 -1.47
C LEU A 473 -15.20 -11.24 -0.83
N LEU A 474 -15.18 -11.18 0.50
CA LEU A 474 -14.34 -10.23 1.23
C LEU A 474 -12.86 -10.49 0.95
N ILE A 475 -12.46 -11.75 1.06
CA ILE A 475 -11.08 -12.15 0.82
C ILE A 475 -10.68 -11.85 -0.61
N GLY A 476 -11.64 -11.99 -1.55
CA GLY A 476 -11.36 -11.73 -2.96
C GLY A 476 -11.47 -10.25 -3.36
N GLY A 477 -11.65 -9.32 -2.39
CA GLY A 477 -11.63 -7.90 -2.67
C GLY A 477 -12.96 -7.32 -3.09
N GLN A 478 -14.09 -8.00 -2.89
CA GLN A 478 -15.38 -7.48 -3.28
C GLN A 478 -16.09 -6.89 -2.06
N GLY A 479 -17.16 -6.13 -2.35
CA GLY A 479 -17.97 -5.48 -1.36
C GLY A 479 -17.31 -4.14 -0.97
N GLY A 480 -18.14 -3.22 -0.49
CA GLY A 480 -17.62 -1.90 -0.16
C GLY A 480 -17.80 -1.51 1.28
N VAL A 481 -18.96 -1.86 1.84
CA VAL A 481 -19.31 -1.51 3.19
C VAL A 481 -19.71 -2.82 3.90
N HIS A 482 -19.30 -2.96 5.14
CA HIS A 482 -19.58 -4.14 5.95
C HIS A 482 -20.23 -3.72 7.24
N HIS A 483 -21.46 -4.17 7.50
CA HIS A 483 -22.06 -4.03 8.81
C HIS A 483 -21.96 -5.36 9.55
N ILE A 484 -21.39 -5.33 10.74
CA ILE A 484 -21.17 -6.48 11.59
C ILE A 484 -21.96 -6.36 12.87
N TRP A 485 -22.86 -7.30 13.09
CA TRP A 485 -23.70 -7.30 14.27
C TRP A 485 -23.48 -8.57 15.12
N GLY A 486 -22.94 -8.38 16.31
CA GLY A 486 -22.90 -9.42 17.32
C GLY A 486 -22.19 -10.70 16.94
N CYS A 487 -21.08 -10.57 16.19
CA CYS A 487 -20.24 -11.73 15.88
C CYS A 487 -18.81 -11.27 15.67
N ASP A 488 -17.83 -12.17 15.84
CA ASP A 488 -16.42 -11.74 15.72
C ASP A 488 -15.62 -12.76 14.90
N HIS A 489 -15.66 -12.56 13.57
CA HIS A 489 -15.04 -13.52 12.64
C HIS A 489 -13.55 -13.72 12.93
N TYR A 490 -12.86 -12.70 13.47
CA TYR A 490 -11.45 -12.84 13.77
C TYR A 490 -11.18 -14.03 14.69
N LYS A 491 -12.12 -14.33 15.58
CA LYS A 491 -11.97 -15.46 16.49
C LYS A 491 -12.73 -16.71 16.05
N THR A 492 -13.77 -16.60 15.21
CA THR A 492 -14.70 -17.74 15.03
C THR A 492 -15.00 -18.15 13.58
N THR A 493 -14.49 -17.45 12.55
CA THR A 493 -14.75 -17.89 11.19
C THR A 493 -13.79 -19.02 10.79
N LEU A 494 -14.10 -19.65 9.67
CA LEU A 494 -13.22 -20.61 9.04
C LEU A 494 -12.13 -19.85 8.29
N ASN A 495 -11.00 -20.51 8.02
CA ASN A 495 -9.94 -19.90 7.23
C ASN A 495 -9.62 -18.51 7.80
N ALA A 496 -9.54 -18.42 9.13
CA ALA A 496 -9.50 -17.15 9.83
C ALA A 496 -8.20 -16.38 9.64
N HIS A 497 -7.11 -17.08 9.34
CA HIS A 497 -5.79 -16.43 9.24
C HIS A 497 -5.74 -15.61 7.97
N GLU A 498 -6.12 -16.21 6.86
CA GLU A 498 -6.26 -15.50 5.62
C GLU A 498 -7.32 -14.39 5.72
N PHE A 499 -8.44 -14.72 6.32
CA PHE A 499 -9.47 -13.70 6.53
C PHE A 499 -8.90 -12.43 7.20
N LYS A 500 -8.17 -12.60 8.28
CA LYS A 500 -7.61 -11.50 9.06
C LYS A 500 -6.59 -10.70 8.23
N ARG A 501 -5.76 -11.39 7.46
N ARG A 501 -5.75 -11.39 7.47
CA ARG A 501 -4.73 -10.75 6.66
CA ARG A 501 -4.74 -10.74 6.66
C ARG A 501 -5.37 -9.79 5.65
C ARG A 501 -5.37 -9.79 5.65
N VAL A 502 -6.39 -10.27 4.92
CA VAL A 502 -7.02 -9.45 3.92
C VAL A 502 -7.89 -8.36 4.55
N TYR A 503 -8.63 -8.71 5.59
CA TYR A 503 -9.54 -7.79 6.23
C TYR A 503 -8.76 -6.59 6.76
N LYS A 504 -7.63 -6.86 7.41
CA LYS A 504 -6.78 -5.78 7.88
C LYS A 504 -6.35 -4.86 6.74
N LYS A 505 -5.81 -5.40 5.65
CA LYS A 505 -5.33 -4.60 4.55
C LYS A 505 -6.42 -3.72 3.92
N ARG A 506 -7.60 -4.30 3.72
CA ARG A 506 -8.69 -3.56 3.11
C ARG A 506 -9.24 -2.45 4.03
N THR A 507 -9.38 -2.72 5.32
CA THR A 507 -9.83 -1.73 6.27
C THR A 507 -8.74 -0.67 6.51
N ASP A 508 -7.48 -1.08 6.49
CA ASP A 508 -6.39 -0.11 6.59
C ASP A 508 -6.43 0.94 5.49
N MET A 509 -6.87 0.57 4.27
CA MET A 509 -6.94 1.51 3.17
C MET A 509 -7.90 2.65 3.52
N VAL A 510 -9.03 2.27 4.12
CA VAL A 510 -10.01 3.25 4.52
C VAL A 510 -9.54 4.03 5.76
N LYS A 511 -8.86 3.37 6.70
CA LYS A 511 -8.27 4.06 7.85
C LYS A 511 -7.33 5.19 7.40
N ASP A 512 -6.46 4.88 6.42
CA ASP A 512 -5.41 5.77 5.98
C ASP A 512 -6.04 6.98 5.28
N ALA A 513 -7.13 6.75 4.54
CA ALA A 513 -7.88 7.84 3.90
C ALA A 513 -8.56 8.74 4.93
N MET A 514 -9.19 8.13 5.93
CA MET A 514 -9.90 8.86 6.94
C MET A 514 -8.95 9.75 7.77
N SER A 515 -7.78 9.20 8.10
CA SER A 515 -6.79 9.93 8.90
C SER A 515 -6.30 11.18 8.17
N ALA A 516 -6.34 11.17 6.86
CA ALA A 516 -5.76 12.24 6.05
C ALA A 516 -6.79 13.21 5.55
N ALA A 517 -8.08 12.97 5.82
CA ALA A 517 -9.14 13.83 5.34
C ALA A 517 -9.65 14.64 6.53
N PRO A 518 -10.33 15.78 6.26
CA PRO A 518 -10.85 16.60 7.35
C PRO A 518 -12.22 16.08 7.82
N TYR A 519 -12.42 15.84 9.10
CA TYR A 519 -13.67 15.22 9.56
C TYR A 519 -14.77 16.27 9.63
N GLY A 520 -14.40 17.47 10.06
CA GLY A 520 -15.37 18.55 10.25
C GLY A 520 -16.00 19.00 8.93
N ASP A 521 -15.38 18.68 7.78
CA ASP A 521 -16.03 18.74 6.48
C ASP A 521 -16.52 17.34 6.09
N ARG A 522 -17.74 17.02 6.47
CA ARG A 522 -18.24 15.67 6.46
C ARG A 522 -18.28 15.13 5.02
N GLU A 523 -18.62 16.00 4.07
CA GLU A 523 -18.71 15.58 2.69
C GLU A 523 -17.34 15.13 2.19
N ALA A 524 -16.30 15.87 2.57
CA ALA A 524 -14.95 15.51 2.16
C ALA A 524 -14.54 14.15 2.77
N MET A 525 -14.87 13.93 4.03
CA MET A 525 -14.59 12.66 4.70
C MET A 525 -15.27 11.50 3.94
N VAL A 526 -16.57 11.65 3.64
CA VAL A 526 -17.35 10.61 2.98
C VAL A 526 -16.75 10.33 1.61
N ASN A 527 -16.38 11.37 0.88
CA ASN A 527 -15.73 11.20 -0.42
C ASN A 527 -14.40 10.51 -0.34
N ALA A 528 -13.62 10.79 0.70
CA ALA A 528 -12.35 10.12 0.84
C ALA A 528 -12.51 8.61 1.16
N ILE A 529 -13.53 8.33 1.95
CA ILE A 529 -13.88 6.93 2.26
C ILE A 529 -14.28 6.20 1.00
N VAL A 530 -15.22 6.78 0.25
CA VAL A 530 -15.71 6.16 -0.96
C VAL A 530 -14.60 5.95 -1.98
N ASP A 531 -13.66 6.90 -2.07
CA ASP A 531 -12.54 6.78 -3.00
C ASP A 531 -11.69 5.56 -2.61
N ALA A 532 -11.44 5.40 -1.30
CA ALA A 532 -10.65 4.25 -0.82
C ALA A 532 -11.40 2.93 -1.06
N ILE A 533 -12.72 2.95 -0.87
CA ILE A 533 -13.54 1.76 -1.21
C ILE A 533 -13.39 1.43 -2.70
N ASN A 534 -13.50 2.43 -3.55
CA ASN A 534 -13.39 2.23 -4.98
C ASN A 534 -12.07 1.61 -5.36
N GLN A 535 -11.00 1.86 -4.62
CA GLN A 535 -9.68 1.30 -4.89
C GLN A 535 -9.51 -0.11 -4.32
N GLY A 536 -10.49 -0.61 -3.58
CA GLY A 536 -10.46 -1.99 -3.10
C GLY A 536 -10.55 -2.08 -1.58
N GLY A 537 -10.71 -0.93 -0.92
CA GLY A 537 -10.87 -0.88 0.50
C GLY A 537 -12.24 -1.36 0.96
N LEU A 538 -12.46 -1.30 2.29
CA LEU A 538 -13.69 -1.72 2.90
C LEU A 538 -13.93 -0.83 4.11
N PHE A 539 -15.13 -0.20 4.15
CA PHE A 539 -15.55 0.54 5.33
C PHE A 539 -16.42 -0.37 6.20
N ALA A 540 -16.05 -0.48 7.45
CA ALA A 540 -16.61 -1.48 8.35
C ALA A 540 -17.21 -0.86 9.60
N VAL A 541 -18.44 -1.30 9.94
CA VAL A 541 -19.13 -0.84 11.12
C VAL A 541 -19.44 -2.00 12.03
N ASN A 542 -19.10 -1.86 13.33
CA ASN A 542 -19.32 -2.95 14.26
C ASN A 542 -20.39 -2.53 15.30
N VAL A 543 -21.39 -3.36 15.49
CA VAL A 543 -22.37 -3.24 16.56
C VAL A 543 -22.15 -4.35 17.55
N ASP A 544 -21.78 -3.98 18.79
CA ASP A 544 -21.35 -4.97 19.76
C ASP A 544 -21.45 -4.35 21.16
N ILE A 545 -21.13 -5.15 22.17
CA ILE A 545 -21.14 -4.75 23.58
C ILE A 545 -19.75 -4.55 24.17
N ILE A 546 -18.69 -5.05 23.48
CA ILE A 546 -17.31 -4.89 23.89
C ILE A 546 -16.46 -4.50 22.69
N PRO A 547 -15.20 -4.06 22.92
CA PRO A 547 -14.20 -3.94 21.86
C PRO A 547 -13.83 -5.35 21.39
N THR A 548 -14.23 -5.66 20.15
CA THR A 548 -14.02 -6.98 19.59
C THR A 548 -12.67 -7.05 18.88
N LYS A 549 -12.32 -8.26 18.42
CA LYS A 549 -11.12 -8.41 17.63
C LYS A 549 -11.30 -7.87 16.21
N ILE A 550 -12.39 -8.23 15.53
CA ILE A 550 -12.66 -7.65 14.23
C ILE A 550 -12.88 -6.14 14.36
N GLY A 551 -13.39 -5.70 15.50
CA GLY A 551 -13.59 -4.29 15.74
C GLY A 551 -12.33 -3.47 15.68
N GLU A 552 -11.16 -4.08 15.96
CA GLU A 552 -9.88 -3.42 15.84
C GLU A 552 -9.67 -2.96 14.41
N ALA A 553 -10.39 -3.55 13.43
CA ALA A 553 -10.25 -3.17 12.03
C ALA A 553 -11.37 -2.22 11.61
N CYS A 554 -12.37 -1.98 12.45
CA CYS A 554 -13.54 -1.22 12.02
C CYS A 554 -13.38 0.29 12.20
N HIS A 555 -14.22 1.03 11.45
CA HIS A 555 -14.16 2.47 11.34
C HIS A 555 -15.18 3.16 12.23
N VAL A 556 -16.26 2.45 12.56
CA VAL A 556 -17.31 2.94 13.43
C VAL A 556 -17.73 1.79 14.32
N ILE A 557 -17.88 2.07 15.62
CA ILE A 557 -18.36 1.09 16.59
C ILE A 557 -19.60 1.70 17.25
N LEU A 558 -20.67 0.89 17.34
CA LEU A 558 -21.92 1.35 17.88
C LEU A 558 -22.27 0.46 19.07
N PRO A 559 -22.51 1.04 20.27
CA PRO A 559 -22.70 0.25 21.46
C PRO A 559 -24.07 -0.28 21.70
N ALA A 560 -24.14 -1.61 21.88
CA ALA A 560 -25.41 -2.31 22.08
C ALA A 560 -25.62 -2.60 23.55
N ALA A 561 -26.90 -2.75 23.88
CA ALA A 561 -27.34 -3.21 25.17
C ALA A 561 -27.77 -4.67 25.03
N THR A 562 -27.51 -5.50 26.01
CA THR A 562 -27.80 -6.92 25.88
C THR A 562 -28.94 -7.33 26.84
N SER A 563 -29.27 -8.61 26.80
CA SER A 563 -30.36 -9.15 27.59
C SER A 563 -30.24 -8.76 29.04
N GLY A 564 -31.37 -8.31 29.63
CA GLY A 564 -31.35 -7.92 31.03
C GLY A 564 -31.24 -6.41 31.17
N GLU A 565 -30.56 -5.78 30.21
CA GLU A 565 -30.55 -4.33 30.07
C GLU A 565 -31.69 -3.91 29.16
N MET A 566 -32.34 -4.92 28.58
N MET A 566 -32.34 -4.92 28.58
CA MET A 566 -33.53 -4.78 27.77
CA MET A 566 -33.53 -4.77 27.77
C MET A 566 -34.42 -5.99 28.04
C MET A 566 -34.42 -5.99 28.04
N ASN A 567 -35.70 -5.87 27.67
CA ASN A 567 -36.60 -7.02 27.61
C ASN A 567 -36.17 -7.86 26.39
N LEU A 568 -36.26 -9.19 26.48
CA LEU A 568 -35.91 -10.04 25.36
C LEU A 568 -36.68 -11.36 25.43
N THR A 569 -37.12 -11.81 24.27
CA THR A 569 -37.82 -13.07 24.09
C THR A 569 -37.02 -14.03 23.19
N SER A 570 -37.03 -15.29 23.60
CA SER A 570 -36.42 -16.41 22.85
C SER A 570 -37.02 -17.70 23.34
N MET A 571 -36.75 -18.78 22.61
CA MET A 571 -37.14 -20.12 23.01
C MET A 571 -35.91 -21.03 23.11
N ASN A 572 -36.06 -22.11 23.88
CA ASN A 572 -35.02 -23.09 24.09
C ASN A 572 -35.15 -24.26 23.14
N GLY A 573 -34.42 -25.33 23.44
CA GLY A 573 -34.32 -26.43 22.52
C GLY A 573 -35.58 -27.33 22.48
N GLU A 574 -36.58 -27.03 23.32
CA GLU A 574 -37.89 -27.70 23.21
C GLU A 574 -38.96 -26.65 22.88
N ARG A 575 -38.51 -25.54 22.28
N ARG A 575 -38.51 -25.54 22.28
CA ARG A 575 -39.38 -24.45 21.83
CA ARG A 575 -39.38 -24.45 21.83
C ARG A 575 -40.06 -23.70 22.98
C ARG A 575 -40.06 -23.70 22.98
N ARG A 576 -39.45 -23.70 24.17
CA ARG A 576 -40.06 -23.04 25.32
C ARG A 576 -39.70 -21.56 25.28
N MET A 577 -40.69 -20.73 24.97
CA MET A 577 -40.57 -19.29 24.82
C MET A 577 -40.80 -18.60 26.16
N ARG A 578 -39.82 -17.73 26.53
CA ARG A 578 -39.90 -16.95 27.74
C ARG A 578 -39.53 -15.50 27.44
N LEU A 579 -39.99 -14.61 28.34
CA LEU A 579 -39.62 -13.20 28.36
C LEU A 579 -38.61 -13.06 29.49
N THR A 580 -37.41 -12.53 29.14
CA THR A 580 -36.48 -12.00 30.12
C THR A 580 -36.87 -10.56 30.39
N GLU A 581 -37.17 -10.23 31.66
CA GLU A 581 -37.65 -8.92 32.01
C GLU A 581 -36.48 -8.03 32.38
N ARG A 582 -36.43 -6.81 31.82
CA ARG A 582 -35.32 -5.90 32.09
C ARG A 582 -35.19 -5.62 33.58
N TYR A 583 -33.98 -5.80 34.13
CA TYR A 583 -33.69 -5.54 35.52
C TYR A 583 -32.60 -4.48 35.72
N MET A 584 -31.99 -3.98 34.64
CA MET A 584 -30.90 -2.98 34.76
C MET A 584 -30.84 -2.14 33.50
N ASP A 585 -30.05 -1.08 33.58
CA ASP A 585 -29.90 -0.12 32.50
C ASP A 585 -28.73 -0.51 31.58
N PRO A 586 -28.82 -0.19 30.30
CA PRO A 586 -27.70 -0.36 29.38
C PRO A 586 -26.54 0.48 29.90
N PRO A 587 -25.27 0.06 29.76
CA PRO A 587 -24.12 0.93 30.08
C PRO A 587 -24.06 2.18 29.21
N GLY A 588 -23.81 3.33 29.82
CA GLY A 588 -23.55 4.55 29.07
C GLY A 588 -24.70 4.87 28.11
N GLN A 589 -24.41 5.08 26.84
CA GLN A 589 -25.41 5.39 25.85
C GLN A 589 -25.76 4.18 24.97
N SER A 590 -25.44 2.98 25.44
N SER A 590 -25.45 2.98 25.45
CA SER A 590 -25.73 1.79 24.68
CA SER A 590 -25.74 1.78 24.69
C SER A 590 -27.23 1.62 24.45
C SER A 590 -27.25 1.63 24.43
N MET A 591 -27.59 0.89 23.39
N MET A 591 -27.60 0.90 23.35
CA MET A 591 -28.96 0.81 22.88
CA MET A 591 -28.96 0.82 22.87
C MET A 591 -29.23 -0.61 22.40
C MET A 591 -29.23 -0.61 22.40
N PRO A 592 -30.44 -1.19 22.63
CA PRO A 592 -30.77 -2.50 22.07
C PRO A 592 -30.56 -2.54 20.57
N ASP A 593 -30.11 -3.71 20.08
CA ASP A 593 -29.86 -3.88 18.65
C ASP A 593 -31.04 -3.51 17.77
N CYS A 594 -32.24 -3.92 18.19
CA CYS A 594 -33.43 -3.61 17.41
C CYS A 594 -33.61 -2.10 17.25
N LEU A 595 -33.29 -1.33 18.29
CA LEU A 595 -33.43 0.13 18.20
C LEU A 595 -32.29 0.78 17.45
N ILE A 596 -31.08 0.20 17.52
CA ILE A 596 -29.99 0.65 16.63
C ILE A 596 -30.41 0.47 15.18
N ALA A 597 -30.98 -0.70 14.84
CA ALA A 597 -31.42 -0.93 13.47
C ALA A 597 -32.48 0.10 13.08
N ALA A 598 -33.45 0.37 13.98
CA ALA A 598 -34.45 1.37 13.69
C ALA A 598 -33.86 2.77 13.51
N ARG A 599 -32.92 3.17 14.37
CA ARG A 599 -32.27 4.48 14.25
C ARG A 599 -31.44 4.56 12.99
N LEU A 600 -30.83 3.43 12.59
CA LEU A 600 -30.08 3.41 11.35
C LEU A 600 -31.04 3.52 10.19
N ALA A 601 -32.16 2.78 10.22
CA ALA A 601 -33.16 2.95 9.16
C ALA A 601 -33.68 4.43 9.07
N ASN A 602 -33.95 5.05 10.20
CA ASN A 602 -34.41 6.43 10.20
C ASN A 602 -33.34 7.31 9.56
N THR A 603 -32.06 7.03 9.86
CA THR A 603 -30.96 7.85 9.32
C THR A 603 -30.87 7.63 7.84
N MET A 604 -31.02 6.37 7.39
CA MET A 604 -30.95 6.13 5.96
C MET A 604 -32.09 6.89 5.24
N GLU A 605 -33.28 6.88 5.80
CA GLU A 605 -34.41 7.57 5.18
C GLU A 605 -34.08 9.07 5.05
N ARG A 606 -33.50 9.63 6.11
CA ARG A 606 -33.13 11.05 6.11
C ARG A 606 -32.08 11.31 5.06
N VAL A 607 -31.02 10.48 5.04
CA VAL A 607 -29.92 10.74 4.13
C VAL A 607 -30.31 10.54 2.69
N LEU A 608 -31.03 9.48 2.41
CA LEU A 608 -31.42 9.26 1.03
C LEU A 608 -32.39 10.37 0.57
N THR A 609 -33.23 10.89 1.48
CA THR A 609 -34.12 11.99 1.09
C THR A 609 -33.28 13.19 0.70
N GLU A 610 -32.25 13.51 1.55
CA GLU A 610 -31.34 14.59 1.25
C GLU A 610 -30.62 14.44 -0.07
N MET A 611 -30.28 13.20 -0.43
N MET A 611 -30.28 13.20 -0.43
CA MET A 611 -29.58 12.96 -1.69
CA MET A 611 -29.58 12.94 -1.69
C MET A 611 -30.54 13.02 -2.88
C MET A 611 -30.54 13.02 -2.88
N GLY A 612 -31.85 13.13 -2.63
CA GLY A 612 -32.81 13.23 -3.73
C GLY A 612 -33.42 11.89 -4.14
N ASP A 613 -33.13 10.79 -3.45
CA ASP A 613 -33.72 9.51 -3.80
C ASP A 613 -34.88 9.19 -2.86
N VAL A 614 -35.97 9.91 -3.07
CA VAL A 614 -37.09 9.86 -2.16
C VAL A 614 -37.82 8.52 -2.25
N GLY A 615 -37.88 7.91 -3.40
CA GLY A 615 -38.50 6.60 -3.51
C GLY A 615 -37.74 5.48 -2.75
N TYR A 616 -36.42 5.48 -2.83
CA TYR A 616 -35.62 4.51 -2.05
C TYR A 616 -35.72 4.82 -0.57
N ALA A 617 -35.71 6.13 -0.22
CA ALA A 617 -35.82 6.54 1.16
C ALA A 617 -37.06 5.97 1.80
N ALA A 618 -38.17 5.96 1.06
CA ALA A 618 -39.47 5.56 1.62
C ALA A 618 -39.47 4.07 1.99
N GLN A 619 -38.55 3.29 1.42
CA GLN A 619 -38.49 1.88 1.82
C GLN A 619 -37.98 1.71 3.23
N PHE A 620 -37.42 2.77 3.86
CA PHE A 620 -36.87 2.65 5.21
C PHE A 620 -37.83 3.18 6.27
N LYS A 621 -39.10 3.39 5.89
CA LYS A 621 -40.15 3.63 6.88
C LYS A 621 -40.56 2.36 7.62
N GLY A 622 -41.35 2.54 8.71
CA GLY A 622 -41.81 1.44 9.54
C GLY A 622 -40.83 1.08 10.68
N PHE A 623 -40.01 2.06 11.09
CA PHE A 623 -39.11 1.92 12.20
C PHE A 623 -39.27 3.03 13.22
N ASP A 624 -40.51 3.23 13.69
CA ASP A 624 -40.78 4.27 14.66
C ASP A 624 -40.65 3.76 16.09
N TRP A 625 -39.95 2.67 16.30
CA TRP A 625 -39.88 2.03 17.59
C TRP A 625 -39.16 2.89 18.62
N GLN A 626 -39.69 2.90 19.84
CA GLN A 626 -39.07 3.61 20.95
C GLN A 626 -38.58 2.64 22.00
N THR A 627 -39.06 1.41 21.99
CA THR A 627 -38.65 0.43 22.96
C THR A 627 -38.72 -0.94 22.27
N GLU A 628 -38.01 -1.91 22.84
CA GLU A 628 -37.86 -3.21 22.19
C GLU A 628 -39.21 -3.90 22.04
N GLU A 629 -40.15 -3.64 22.95
CA GLU A 629 -41.49 -4.21 22.84
C GLU A 629 -42.15 -3.83 21.52
N ASP A 630 -41.83 -2.68 20.97
CA ASP A 630 -42.39 -2.26 19.71
C ASP A 630 -41.89 -3.17 18.60
N ALA A 631 -40.62 -3.65 18.70
CA ALA A 631 -40.08 -4.55 17.70
C ALA A 631 -40.71 -5.95 17.88
N PHE A 632 -40.93 -6.34 19.12
CA PHE A 632 -41.64 -7.59 19.40
C PHE A 632 -43.02 -7.60 18.73
N MET A 633 -43.73 -6.47 18.87
CA MET A 633 -45.08 -6.39 18.35
C MET A 633 -45.11 -6.31 16.85
N ASP A 634 -44.15 -5.65 16.22
CA ASP A 634 -44.12 -5.60 14.77
C ASP A 634 -43.61 -6.89 14.14
N GLY A 635 -42.78 -7.64 14.88
CA GLY A 635 -42.17 -8.83 14.33
C GLY A 635 -42.93 -10.07 14.78
N TYR A 636 -42.56 -10.58 15.94
CA TYR A 636 -43.09 -11.85 16.41
C TYR A 636 -44.63 -11.85 16.38
N ASN A 637 -45.23 -10.82 16.96
CA ASN A 637 -46.67 -10.80 17.21
C ASN A 637 -47.43 -10.87 15.91
N LYS A 638 -46.91 -10.25 14.87
CA LYS A 638 -47.59 -10.20 13.60
C LYS A 638 -47.13 -11.29 12.66
N ASN A 639 -46.01 -11.97 12.89
CA ASN A 639 -45.44 -12.84 11.86
C ASN A 639 -45.34 -14.28 12.33
N ALA A 640 -45.15 -14.56 13.61
CA ALA A 640 -44.94 -15.93 14.02
C ALA A 640 -46.27 -16.68 14.00
N HIS A 641 -46.19 -18.01 13.84
CA HIS A 641 -47.38 -18.84 13.96
C HIS A 641 -47.86 -18.82 15.39
N GLY A 642 -49.12 -18.44 15.58
CA GLY A 642 -49.68 -18.25 16.90
C GLY A 642 -49.27 -16.94 17.58
N GLY A 643 -48.56 -16.08 16.85
CA GLY A 643 -48.05 -14.83 17.39
C GLY A 643 -49.13 -13.97 18.06
N GLU A 644 -50.36 -13.99 17.53
CA GLU A 644 -51.40 -13.12 18.03
C GLU A 644 -51.74 -13.49 19.46
N PHE A 645 -51.36 -14.66 19.98
CA PHE A 645 -51.68 -15.01 21.34
C PHE A 645 -50.66 -14.51 22.32
N VAL A 646 -49.53 -13.94 21.82
CA VAL A 646 -48.41 -13.70 22.74
C VAL A 646 -48.15 -12.22 22.90
N THR A 647 -48.05 -11.78 24.16
CA THR A 647 -47.68 -10.39 24.46
C THR A 647 -46.72 -10.46 25.63
N TYR A 648 -46.01 -9.33 25.89
CA TYR A 648 -45.12 -9.29 27.05
C TYR A 648 -45.84 -9.56 28.37
N GLU A 649 -47.00 -8.94 28.50
CA GLU A 649 -47.81 -9.12 29.72
C GLU A 649 -48.23 -10.56 29.95
N ARG A 650 -48.68 -11.22 28.88
CA ARG A 650 -49.04 -12.63 28.99
C ARG A 650 -47.84 -13.55 29.25
N LEU A 651 -46.71 -13.26 28.57
CA LEU A 651 -45.50 -14.06 28.81
C LEU A 651 -45.00 -13.91 30.23
N SER A 652 -45.03 -12.67 30.70
CA SER A 652 -44.59 -12.41 32.04
C SER A 652 -45.35 -13.24 33.08
N ALA A 653 -46.68 -13.32 32.91
CA ALA A 653 -47.53 -14.10 33.80
C ALA A 653 -47.19 -15.59 33.73
N MET A 654 -46.65 -16.10 32.63
N MET A 654 -46.64 -16.09 32.63
CA MET A 654 -46.31 -17.51 32.60
CA MET A 654 -46.30 -17.51 32.59
C MET A 654 -44.99 -17.81 33.31
C MET A 654 -44.99 -17.81 33.30
N GLY A 655 -44.22 -16.78 33.66
CA GLY A 655 -42.97 -16.99 34.38
C GLY A 655 -41.88 -17.67 33.51
N THR A 656 -40.89 -18.26 34.21
CA THR A 656 -39.76 -18.95 33.56
C THR A 656 -40.15 -20.24 32.87
N ASN A 657 -41.36 -20.81 33.19
CA ASN A 657 -41.84 -21.97 32.45
C ASN A 657 -42.38 -21.60 31.07
N GLY A 658 -42.77 -20.35 30.88
CA GLY A 658 -43.20 -19.87 29.57
C GLY A 658 -44.23 -20.82 28.97
N PHE A 659 -44.21 -20.99 27.65
CA PHE A 659 -45.00 -21.99 26.98
C PHE A 659 -44.18 -22.49 25.79
N GLN A 660 -44.61 -23.61 25.23
CA GLN A 660 -43.92 -24.19 24.08
C GLN A 660 -44.57 -23.77 22.78
N GLU A 661 -43.73 -23.28 21.84
CA GLU A 661 -44.20 -22.78 20.57
C GLU A 661 -44.57 -23.93 19.66
N PRO A 662 -45.46 -23.71 18.67
CA PRO A 662 -46.30 -22.52 18.57
C PRO A 662 -47.48 -22.43 19.55
N ALA A 663 -47.80 -21.18 19.91
CA ALA A 663 -49.01 -20.93 20.69
C ALA A 663 -50.24 -21.35 19.85
N THR A 664 -51.21 -21.99 20.51
CA THR A 664 -52.45 -22.37 19.82
C THR A 664 -53.67 -21.61 20.38
N GLY A 665 -53.53 -20.93 21.51
CA GLY A 665 -54.61 -20.12 22.03
C GLY A 665 -54.21 -19.47 23.36
N PHE A 666 -55.17 -18.69 23.92
CA PHE A 666 -55.00 -18.09 25.22
C PHE A 666 -56.31 -18.21 25.99
N THR A 667 -56.28 -18.82 27.16
CA THR A 667 -57.45 -19.12 27.96
C THR A 667 -57.05 -19.00 29.41
N ASP A 668 -57.87 -18.28 30.20
CA ASP A 668 -57.69 -18.26 31.64
C ASP A 668 -56.29 -17.82 32.01
N GLY A 669 -55.82 -16.71 31.40
CA GLY A 669 -54.49 -16.16 31.65
C GLY A 669 -53.33 -17.06 31.24
N LYS A 670 -53.53 -18.07 30.37
CA LYS A 670 -52.47 -19.00 30.00
C LYS A 670 -52.36 -19.06 28.48
N ILE A 671 -51.15 -18.78 27.96
CA ILE A 671 -50.87 -19.09 26.56
C ILE A 671 -50.77 -20.60 26.45
N GLU A 672 -51.51 -21.16 25.50
CA GLU A 672 -51.52 -22.60 25.35
C GLU A 672 -50.52 -22.94 24.25
N GLY A 673 -49.77 -24.03 24.45
CA GLY A 673 -48.71 -24.31 23.48
C GLY A 673 -48.70 -25.75 22.99
N THR A 674 -47.59 -26.15 22.39
CA THR A 674 -47.46 -27.40 21.68
C THR A 674 -46.28 -28.18 22.27
N GLN A 675 -46.56 -29.35 22.84
CA GLN A 675 -45.53 -30.07 23.59
C GLN A 675 -44.52 -30.74 22.66
N ARG A 676 -45.04 -31.29 21.57
CA ARG A 676 -44.28 -32.02 20.58
C ARG A 676 -44.81 -31.65 19.21
N LEU A 677 -43.96 -31.69 18.21
CA LEU A 677 -44.43 -31.49 16.87
C LEU A 677 -44.75 -32.84 16.25
N TYR A 678 -45.47 -32.80 15.15
CA TYR A 678 -45.73 -33.96 14.29
C TYR A 678 -46.48 -35.09 15.01
N THR A 679 -47.28 -34.81 16.05
CA THR A 679 -47.95 -35.89 16.78
C THR A 679 -49.04 -36.54 15.90
N ASP A 680 -49.52 -35.87 14.87
CA ASP A 680 -50.50 -36.42 13.95
C ASP A 680 -49.82 -37.04 12.72
N GLY A 681 -48.49 -37.08 12.65
CA GLY A 681 -47.83 -37.66 11.50
C GLY A 681 -47.92 -36.84 10.22
N VAL A 682 -48.28 -35.57 10.30
CA VAL A 682 -48.27 -34.66 9.19
C VAL A 682 -47.03 -33.74 9.23
N PHE A 683 -46.18 -33.84 8.22
CA PHE A 683 -44.83 -33.27 8.26
C PHE A 683 -44.86 -31.98 7.45
N SER A 684 -43.74 -31.24 7.47
CA SER A 684 -43.69 -29.88 6.98
C SER A 684 -43.37 -29.87 5.49
N THR A 685 -44.15 -30.56 4.68
CA THR A 685 -43.94 -30.60 3.24
C THR A 685 -45.29 -30.29 2.59
N ASP A 686 -45.31 -30.10 1.30
CA ASP A 686 -46.58 -29.79 0.65
C ASP A 686 -47.58 -30.92 0.78
N ASP A 687 -47.18 -32.17 0.71
CA ASP A 687 -48.14 -33.27 0.80
C ASP A 687 -48.28 -33.78 2.23
N GLY A 688 -47.62 -33.16 3.21
CA GLY A 688 -47.67 -33.64 4.58
C GLY A 688 -46.85 -34.92 4.84
N LYS A 689 -46.16 -35.47 3.87
CA LYS A 689 -45.38 -36.68 4.15
C LYS A 689 -43.88 -36.35 4.35
N ALA A 690 -43.21 -37.08 5.25
CA ALA A 690 -41.76 -36.95 5.39
C ALA A 690 -41.12 -37.65 4.21
N ARG A 691 -39.95 -37.21 3.83
CA ARG A 691 -39.14 -37.93 2.86
C ARG A 691 -37.95 -38.57 3.56
N PHE A 692 -37.53 -39.73 3.05
CA PHE A 692 -36.28 -40.37 3.44
C PHE A 692 -35.22 -39.75 2.51
N MET A 693 -33.94 -39.99 2.80
N MET A 693 -33.94 -39.99 2.81
CA MET A 693 -32.88 -39.49 1.92
CA MET A 693 -32.88 -39.49 1.92
C MET A 693 -31.99 -40.63 1.47
C MET A 693 -31.99 -40.63 1.47
N ASP A 694 -31.86 -40.74 0.15
CA ASP A 694 -30.89 -41.59 -0.50
C ASP A 694 -29.57 -40.79 -0.48
N ALA A 695 -28.67 -41.18 0.40
CA ALA A 695 -27.53 -40.39 0.86
C ALA A 695 -26.27 -41.25 0.94
N PRO A 696 -25.75 -41.70 -0.17
CA PRO A 696 -24.60 -42.59 -0.14
C PRO A 696 -23.33 -41.89 0.33
N TRP A 697 -22.53 -42.64 1.06
CA TRP A 697 -21.17 -42.27 1.41
C TRP A 697 -20.37 -41.91 0.20
N ARG A 698 -19.66 -40.77 0.24
CA ARG A 698 -18.78 -40.38 -0.86
C ARG A 698 -17.47 -39.80 -0.31
N GLY A 699 -17.02 -40.27 0.83
CA GLY A 699 -15.75 -39.84 1.40
C GLY A 699 -15.87 -38.45 2.06
N LEU A 700 -14.71 -37.81 2.21
CA LEU A 700 -14.61 -36.45 2.70
C LEU A 700 -15.08 -35.54 1.59
N GLN A 701 -16.20 -34.87 1.77
CA GLN A 701 -16.85 -34.19 0.64
C GLN A 701 -16.22 -32.83 0.35
N ALA A 702 -15.81 -32.08 1.39
CA ALA A 702 -15.45 -30.67 1.18
C ALA A 702 -14.07 -30.60 0.51
N PRO A 703 -13.88 -29.64 -0.42
CA PRO A 703 -12.63 -29.49 -1.15
C PRO A 703 -11.41 -29.39 -0.24
N GLY A 704 -10.40 -30.18 -0.58
CA GLY A 704 -9.09 -30.10 0.04
C GLY A 704 -8.99 -30.91 1.33
N LYS A 705 -10.08 -31.51 1.82
CA LYS A 705 -10.04 -32.09 3.12
C LYS A 705 -9.18 -33.35 3.12
N GLN A 706 -9.37 -34.21 2.12
CA GLN A 706 -8.63 -35.47 2.05
C GLN A 706 -7.12 -35.17 1.95
N GLN A 707 -6.78 -34.17 1.14
CA GLN A 707 -5.37 -33.79 1.00
C GLN A 707 -4.80 -33.16 2.28
N GLN A 708 -5.63 -32.42 3.04
CA GLN A 708 -5.16 -31.88 4.33
C GLN A 708 -4.86 -33.02 5.32
N LYS A 709 -5.76 -34.02 5.35
CA LYS A 709 -5.57 -35.14 6.23
C LYS A 709 -4.31 -35.92 5.82
N ASP A 710 -4.15 -36.19 4.54
CA ASP A 710 -3.04 -36.99 4.05
C ASP A 710 -1.69 -36.29 4.23
N SER A 711 -1.64 -34.97 4.37
CA SER A 711 -0.38 -34.27 4.32
C SER A 711 0.01 -33.68 5.70
N HIS A 712 -0.73 -33.96 6.77
CA HIS A 712 -0.42 -33.44 8.10
C HIS A 712 -0.51 -34.53 9.15
N LYS A 713 0.12 -34.31 10.28
CA LYS A 713 0.29 -35.38 11.23
C LYS A 713 -0.90 -35.58 12.15
N TYR A 714 -1.56 -34.53 12.62
CA TYR A 714 -2.56 -34.69 13.66
C TYR A 714 -3.95 -34.24 13.23
N LEU A 715 -4.96 -34.91 13.78
CA LEU A 715 -6.34 -34.36 13.77
C LEU A 715 -6.41 -33.20 14.74
N ILE A 716 -6.86 -32.02 14.26
CA ILE A 716 -7.11 -30.88 15.12
C ILE A 716 -8.63 -30.73 15.29
N ASN A 717 -9.19 -31.65 16.06
CA ASN A 717 -10.58 -31.55 16.51
C ASN A 717 -10.69 -30.28 17.35
N ASN A 718 -11.93 -29.74 17.48
CA ASN A 718 -12.13 -28.44 18.04
C ASN A 718 -13.56 -28.30 18.51
N GLY A 719 -13.75 -27.38 19.42
CA GLY A 719 -15.02 -27.19 20.06
C GLY A 719 -14.91 -26.53 21.40
N ARG A 720 -15.92 -26.80 22.25
CA ARG A 720 -16.16 -26.08 23.48
C ARG A 720 -15.47 -26.66 24.71
N ALA A 721 -15.32 -25.82 25.70
CA ALA A 721 -15.03 -26.15 27.08
C ALA A 721 -16.21 -25.71 27.95
N ASN A 722 -16.56 -26.51 28.94
CA ASN A 722 -17.60 -26.17 29.93
C ASN A 722 -17.45 -24.75 30.49
N VAL A 723 -16.24 -24.37 30.92
CA VAL A 723 -16.05 -23.14 31.68
C VAL A 723 -16.14 -21.92 30.76
N VAL A 724 -15.84 -22.04 29.45
CA VAL A 724 -15.78 -20.90 28.56
C VAL A 724 -17.09 -20.74 27.77
N TRP A 725 -17.59 -19.50 27.75
CA TRP A 725 -18.73 -19.13 26.90
C TRP A 725 -18.23 -18.49 25.60
N GLN A 726 -18.39 -19.24 24.50
CA GLN A 726 -18.22 -18.74 23.15
C GLN A 726 -16.78 -18.20 22.98
N SER A 727 -16.61 -17.06 22.33
CA SER A 727 -15.28 -16.48 22.05
C SER A 727 -14.72 -15.74 23.26
N ALA A 728 -15.26 -15.99 24.46
CA ALA A 728 -14.80 -15.42 25.71
C ALA A 728 -14.90 -13.90 25.68
N TYR A 729 -15.93 -13.39 25.02
CA TYR A 729 -16.11 -11.96 24.94
C TYR A 729 -16.32 -11.34 26.32
N LEU A 730 -17.11 -12.00 27.18
CA LEU A 730 -17.25 -11.61 28.58
C LEU A 730 -16.14 -12.23 29.42
N ASP A 731 -15.78 -13.47 29.08
CA ASP A 731 -14.93 -14.26 29.94
C ASP A 731 -13.53 -13.68 30.04
N GLN A 732 -13.11 -12.94 29.02
CA GLN A 732 -11.77 -12.37 29.00
C GLN A 732 -11.61 -11.34 30.11
N GLU A 733 -12.71 -10.80 30.65
CA GLU A 733 -12.62 -9.95 31.83
C GLU A 733 -13.23 -10.64 33.07
N ASN A 734 -13.17 -11.98 33.08
CA ASN A 734 -13.63 -12.77 34.18
C ASN A 734 -12.42 -13.58 34.68
N ASP A 735 -11.88 -13.21 35.86
CA ASP A 735 -10.68 -13.84 36.39
C ASP A 735 -10.89 -15.31 36.67
N PHE A 736 -12.08 -15.72 37.08
CA PHE A 736 -12.32 -17.14 37.33
C PHE A 736 -12.03 -17.95 36.05
N VAL A 737 -12.54 -17.47 34.91
CA VAL A 737 -12.34 -18.20 33.65
C VAL A 737 -10.87 -18.08 33.20
N MET A 738 -10.31 -16.86 33.17
N MET A 738 -10.31 -16.86 33.17
CA MET A 738 -9.00 -16.66 32.54
CA MET A 738 -9.01 -16.67 32.54
C MET A 738 -7.89 -17.24 33.43
C MET A 738 -7.89 -17.24 33.43
N ASP A 739 -8.12 -17.33 34.74
CA ASP A 739 -7.19 -18.00 35.67
C ASP A 739 -7.10 -19.50 35.38
N ARG A 740 -8.20 -20.10 34.87
CA ARG A 740 -8.20 -21.52 34.53
C ARG A 740 -7.50 -21.78 33.20
N PHE A 741 -7.77 -20.97 32.17
CA PHE A 741 -7.23 -21.15 30.83
C PHE A 741 -6.80 -19.79 30.23
N PRO A 742 -5.58 -19.31 30.52
CA PRO A 742 -5.09 -18.06 29.96
C PRO A 742 -4.81 -18.21 28.48
N TYR A 743 -4.51 -19.44 28.05
CA TYR A 743 -4.37 -19.83 26.68
C TYR A 743 -5.42 -20.88 26.39
N PRO A 744 -5.82 -21.07 25.12
CA PRO A 744 -6.70 -22.18 24.81
C PRO A 744 -5.90 -23.44 25.02
N PHE A 745 -6.55 -24.49 25.52
CA PHE A 745 -5.89 -25.78 25.61
C PHE A 745 -5.93 -26.50 24.28
N ILE A 746 -4.93 -27.31 24.03
CA ILE A 746 -4.97 -28.37 23.05
C ILE A 746 -4.75 -29.68 23.78
N GLU A 747 -5.82 -30.48 23.86
CA GLU A 747 -5.75 -31.81 24.44
C GLU A 747 -4.89 -32.68 23.58
N MET A 748 -3.90 -33.33 24.21
CA MET A 748 -3.00 -34.19 23.50
C MET A 748 -2.77 -35.46 24.31
N ASN A 749 -2.73 -36.57 23.60
CA ASN A 749 -2.31 -37.85 24.19
C ASN A 749 -0.90 -37.70 24.78
N PRO A 750 -0.62 -38.15 26.01
CA PRO A 750 0.71 -37.96 26.62
C PRO A 750 1.87 -38.61 25.88
N GLU A 751 1.60 -39.70 25.17
CA GLU A 751 2.62 -40.31 24.34
C GLU A 751 2.90 -39.47 23.11
N ASP A 752 1.85 -38.89 22.51
CA ASP A 752 2.04 -37.95 21.43
C ASP A 752 2.89 -36.78 21.91
N MET A 753 2.61 -36.27 23.10
CA MET A 753 3.38 -35.17 23.69
C MET A 753 4.88 -35.56 23.81
N ALA A 754 5.15 -36.72 24.38
CA ALA A 754 6.52 -37.23 24.54
C ALA A 754 7.23 -37.34 23.21
N GLU A 755 6.56 -37.88 22.20
CA GLU A 755 7.14 -37.98 20.88
C GLU A 755 7.44 -36.63 20.30
N ALA A 756 6.62 -35.61 20.57
CA ALA A 756 6.85 -34.30 20.00
C ALA A 756 7.74 -33.43 20.91
N GLY A 757 8.26 -33.99 22.01
CA GLY A 757 9.11 -33.26 22.96
C GLY A 757 8.37 -32.19 23.77
N LEU A 758 7.09 -32.41 24.05
CA LEU A 758 6.26 -31.38 24.68
C LEU A 758 6.02 -31.80 26.12
N LYS A 759 5.85 -30.84 26.98
CA LYS A 759 5.43 -31.02 28.35
C LYS A 759 4.18 -30.19 28.58
N GLU A 760 3.50 -30.52 29.67
CA GLU A 760 2.28 -29.83 30.03
C GLU A 760 2.52 -28.33 30.11
N GLY A 761 1.64 -27.54 29.49
CA GLY A 761 1.73 -26.09 29.58
C GLY A 761 2.56 -25.46 28.47
N ASP A 762 3.30 -26.28 27.71
CA ASP A 762 4.11 -25.75 26.62
C ASP A 762 3.21 -25.06 25.61
N LEU A 763 3.71 -23.93 25.09
CA LEU A 763 3.00 -23.17 24.07
C LEU A 763 3.43 -23.72 22.73
N VAL A 764 2.44 -24.20 21.96
CA VAL A 764 2.71 -24.83 20.68
C VAL A 764 2.05 -24.05 19.56
N GLU A 765 2.65 -24.19 18.40
CA GLU A 765 2.13 -23.71 17.14
C GLU A 765 1.50 -24.90 16.41
N ILE A 766 0.24 -24.69 15.99
N ILE A 766 0.24 -24.70 16.00
CA ILE A 766 -0.48 -25.60 15.10
CA ILE A 766 -0.48 -25.61 15.11
C ILE A 766 -0.46 -24.95 13.76
C ILE A 766 -0.47 -24.95 13.76
N TYR A 767 -0.07 -25.68 12.72
CA TYR A 767 0.05 -25.09 11.40
C TYR A 767 -0.23 -26.07 10.28
N ASN A 768 -0.73 -25.55 9.17
CA ASN A 768 -1.07 -26.32 7.99
C ASN A 768 -1.12 -25.39 6.79
N ASP A 769 -1.73 -25.83 5.67
CA ASP A 769 -1.89 -25.05 4.46
C ASP A 769 -2.81 -23.84 4.67
N ALA A 770 -3.67 -23.82 5.69
CA ALA A 770 -4.63 -22.74 5.86
C ALA A 770 -4.03 -21.58 6.66
N GLY A 771 -3.15 -21.87 7.59
CA GLY A 771 -2.65 -20.89 8.50
C GLY A 771 -1.91 -21.51 9.69
N ALA A 772 -1.78 -20.71 10.73
CA ALA A 772 -1.11 -21.11 11.96
C ALA A 772 -1.72 -20.38 13.18
N THR A 773 -1.65 -21.06 14.32
CA THR A 773 -2.13 -20.50 15.57
C THR A 773 -1.34 -21.08 16.73
N GLN A 774 -1.73 -20.75 17.96
CA GLN A 774 -1.08 -21.25 19.14
C GLN A 774 -2.08 -21.77 20.17
N ALA A 775 -1.57 -22.66 21.01
CA ALA A 775 -2.33 -23.24 22.10
C ALA A 775 -1.36 -23.83 23.15
N MET A 776 -1.90 -24.12 24.32
CA MET A 776 -1.16 -24.69 25.43
C MET A 776 -1.44 -26.19 25.52
N ALA A 777 -0.40 -27.01 25.48
CA ALA A 777 -0.55 -28.47 25.52
C ALA A 777 -1.10 -28.89 26.87
N TYR A 778 -2.17 -29.69 26.80
CA TYR A 778 -2.85 -30.19 27.99
C TYR A 778 -2.87 -31.71 27.89
N PRO A 779 -2.07 -32.43 28.71
CA PRO A 779 -1.96 -33.88 28.60
C PRO A 779 -3.31 -34.51 28.91
N THR A 780 -3.76 -35.37 27.99
CA THR A 780 -5.12 -35.89 28.01
C THR A 780 -5.03 -37.40 27.76
N PRO A 781 -4.92 -38.21 28.85
CA PRO A 781 -4.75 -39.67 28.70
C PRO A 781 -5.86 -40.32 27.87
N THR A 782 -7.05 -39.71 27.84
CA THR A 782 -8.18 -40.29 27.10
C THR A 782 -8.11 -39.97 25.61
N ALA A 783 -7.21 -39.08 25.18
CA ALA A 783 -7.10 -38.75 23.77
C ALA A 783 -6.49 -39.94 23.04
N ARG A 784 -6.95 -40.20 21.82
CA ARG A 784 -6.36 -41.20 20.98
C ARG A 784 -5.09 -40.67 20.35
N ARG A 785 -4.14 -41.57 20.10
CA ARG A 785 -2.88 -41.17 19.46
C ARG A 785 -3.18 -40.53 18.09
N GLY A 786 -2.61 -39.37 17.82
CA GLY A 786 -2.78 -38.73 16.53
C GLY A 786 -3.96 -37.75 16.56
N GLU A 787 -4.70 -37.70 17.64
CA GLU A 787 -5.93 -36.90 17.70
C GLU A 787 -5.87 -35.92 18.86
N THR A 788 -5.89 -34.62 18.51
CA THR A 788 -5.88 -33.54 19.44
C THR A 788 -7.24 -32.81 19.39
N PHE A 789 -7.49 -32.04 20.42
CA PHE A 789 -8.71 -31.24 20.48
C PHE A 789 -8.33 -29.87 21.04
N MET A 790 -8.56 -28.81 20.22
CA MET A 790 -8.24 -27.46 20.62
C MET A 790 -9.53 -26.68 20.85
N LEU A 791 -9.56 -25.96 21.97
CA LEU A 791 -10.64 -25.04 22.27
C LEU A 791 -10.75 -24.01 21.15
N PHE A 792 -11.97 -23.83 20.67
CA PHE A 792 -12.28 -22.94 19.57
C PHE A 792 -12.49 -21.53 20.10
N GLY A 793 -12.42 -20.57 19.20
CA GLY A 793 -12.94 -19.23 19.37
C GLY A 793 -12.14 -18.33 20.33
N PHE A 794 -10.96 -18.76 20.77
CA PHE A 794 -10.41 -18.16 21.96
C PHE A 794 -9.42 -17.05 21.66
N PRO A 795 -9.49 -15.91 22.35
CA PRO A 795 -8.71 -14.73 21.92
C PRO A 795 -7.20 -14.88 21.97
N THR A 796 -6.68 -15.74 22.84
CA THR A 796 -5.23 -15.91 23.02
C THR A 796 -4.71 -17.09 22.24
N GLY A 797 -5.56 -17.63 21.32
CA GLY A 797 -5.07 -18.53 20.31
C GLY A 797 -6.26 -19.09 19.55
N VAL A 798 -6.47 -18.63 18.33
CA VAL A 798 -7.68 -18.86 17.56
C VAL A 798 -7.53 -20.12 16.72
N GLN A 799 -8.38 -21.13 16.99
CA GLN A 799 -8.30 -22.39 16.32
C GLN A 799 -8.69 -22.29 14.86
N GLY A 800 -9.60 -21.35 14.53
CA GLY A 800 -10.09 -21.21 13.17
C GLY A 800 -9.06 -20.83 12.15
N ASN A 801 -7.92 -20.30 12.62
CA ASN A 801 -6.80 -19.99 11.76
C ASN A 801 -6.33 -21.18 10.94
N VAL A 802 -6.49 -22.41 11.50
CA VAL A 802 -6.01 -23.59 10.78
C VAL A 802 -7.16 -24.38 10.16
N THR A 803 -8.37 -23.82 10.15
CA THR A 803 -9.46 -24.48 9.40
C THR A 803 -9.40 -23.98 7.96
N SER A 804 -9.56 -24.88 6.98
CA SER A 804 -9.53 -24.49 5.59
C SER A 804 -10.82 -23.71 5.26
N ALA A 805 -10.84 -23.20 4.02
CA ALA A 805 -12.01 -22.51 3.50
C ALA A 805 -13.13 -23.50 3.08
N GLY A 806 -12.86 -24.81 3.20
CA GLY A 806 -13.74 -25.85 2.66
C GLY A 806 -15.11 -25.86 3.30
N THR A 807 -16.14 -25.84 2.45
CA THR A 807 -17.53 -26.00 2.83
C THR A 807 -18.18 -27.08 1.99
N ASN A 808 -19.41 -27.46 2.37
CA ASN A 808 -20.21 -28.31 1.50
C ASN A 808 -20.87 -27.42 0.43
N GLU A 809 -21.76 -28.00 -0.36
CA GLU A 809 -22.30 -27.34 -1.52
C GLU A 809 -23.18 -26.17 -1.13
N LEU A 810 -23.78 -26.25 0.05
CA LEU A 810 -24.63 -25.20 0.61
C LEU A 810 -23.89 -24.21 1.51
N ILE A 811 -22.57 -24.28 1.48
CA ILE A 811 -21.67 -23.32 2.15
C ILE A 811 -21.73 -23.49 3.66
N ILE A 812 -21.87 -24.75 4.11
CA ILE A 812 -21.73 -25.09 5.50
C ILE A 812 -20.25 -25.29 5.81
N PRO A 813 -19.73 -24.62 6.86
CA PRO A 813 -18.29 -24.70 7.17
C PRO A 813 -17.92 -26.01 7.87
N ASN A 814 -16.97 -26.75 7.30
CA ASN A 814 -16.62 -28.06 7.86
C ASN A 814 -15.46 -27.93 8.83
N TYR A 815 -15.70 -27.23 9.93
CA TYR A 815 -14.67 -26.95 10.91
C TYR A 815 -14.06 -28.23 11.50
N LYS A 816 -14.88 -29.27 11.77
CA LYS A 816 -14.44 -30.38 12.60
C LYS A 816 -13.35 -31.24 11.95
N GLN A 817 -13.38 -31.33 10.63
CA GLN A 817 -12.40 -32.06 9.87
C GLN A 817 -11.24 -31.09 9.53
N THR A 818 -10.26 -31.06 10.46
CA THR A 818 -9.06 -30.25 10.32
C THR A 818 -7.89 -31.11 10.77
N TRP A 819 -6.84 -31.07 9.99
CA TRP A 819 -5.56 -31.69 10.34
C TRP A 819 -4.44 -30.66 10.16
N GLY A 820 -3.43 -30.83 11.00
CA GLY A 820 -2.26 -29.97 10.97
C GLY A 820 -1.05 -30.60 11.69
N ASN A 821 0.05 -29.84 11.63
CA ASN A 821 1.29 -30.14 12.34
C ASN A 821 1.37 -29.31 13.60
N ILE A 822 2.22 -29.75 14.50
CA ILE A 822 2.40 -29.13 15.79
C ILE A 822 3.89 -29.01 16.11
N ARG A 823 4.33 -27.82 16.53
CA ARG A 823 5.71 -27.62 16.97
C ARG A 823 5.74 -26.64 18.13
N LYS A 824 6.73 -26.75 18.97
CA LYS A 824 6.82 -25.89 20.14
C LYS A 824 7.21 -24.47 19.75
N ILE A 825 6.59 -23.52 20.42
CA ILE A 825 6.91 -22.11 20.33
C ILE A 825 7.73 -21.76 21.56
N SER A 826 7.25 -22.15 22.72
CA SER A 826 7.91 -21.81 23.98
C SER A 826 7.75 -22.95 24.97
N ASP A 827 8.74 -23.16 25.83
CA ASP A 827 8.52 -23.84 27.10
C ASP A 827 7.38 -23.18 27.86
N ALA A 828 6.67 -24.01 28.66
CA ALA A 828 5.52 -23.58 29.45
C ALA A 828 5.78 -22.20 30.02
N PRO A 829 4.96 -21.18 29.71
CA PRO A 829 5.21 -19.86 30.31
C PRO A 829 4.92 -19.88 31.79
N ARG A 830 5.59 -18.99 32.50
CA ARG A 830 5.40 -18.79 33.93
C ARG A 830 3.93 -18.54 34.25
N ASN A 831 3.16 -17.90 33.37
CA ASN A 831 1.77 -17.60 33.65
C ASN A 831 0.85 -18.83 33.62
N VAL A 832 1.39 -20.04 33.37
CA VAL A 832 0.56 -21.25 33.54
C VAL A 832 1.09 -22.15 34.63
N ALA A 833 2.09 -21.69 35.42
CA ALA A 833 2.65 -22.52 36.49
C ALA A 833 1.60 -22.94 37.52
N HIS A 834 0.60 -22.09 37.80
CA HIS A 834 -0.44 -22.32 38.79
C HIS A 834 -1.57 -23.25 38.31
N LEU A 835 -1.60 -23.67 37.02
CA LEU A 835 -2.66 -24.50 36.47
C LEU A 835 -2.61 -25.92 36.98
N SER A 836 -3.79 -26.50 37.22
CA SER A 836 -3.92 -27.95 37.24
C SER A 836 -4.00 -28.48 35.79
N PHE A 837 -3.25 -29.54 35.55
CA PHE A 837 -3.26 -30.31 34.30
C PHE A 837 -3.83 -31.71 34.56
N LYS A 838 -4.60 -31.87 35.61
CA LYS A 838 -5.18 -33.17 35.91
C LYS A 838 -6.34 -33.50 34.97
N SER A 839 -6.76 -34.76 35.04
CA SER A 839 -7.87 -35.23 34.22
C SER A 839 -9.15 -34.45 34.57
N LYS A 840 -9.93 -34.12 33.52
CA LYS A 840 -11.22 -33.48 33.71
C LYS A 840 -12.31 -34.51 34.05
N GLU A 841 -11.98 -35.81 33.95
CA GLU A 841 -12.94 -36.86 34.29
C GLU A 841 -13.07 -37.11 35.80
N TYR A 842 -14.28 -36.88 36.30
CA TYR A 842 -14.70 -37.31 37.64
C TYR A 842 -14.33 -38.76 37.89
N GLN A 843 -13.88 -38.99 39.12
CA GLN A 843 -13.37 -40.27 39.57
C GLN A 843 -14.08 -40.70 40.89
N ALA B 43 -20.79 -3.55 63.29
CA ALA B 43 -20.03 -2.31 63.05
C ALA B 43 -18.83 -2.64 62.14
N ALA B 44 -18.32 -3.90 62.08
CA ALA B 44 -17.04 -4.15 61.41
C ALA B 44 -17.16 -4.39 59.90
N ALA B 45 -16.20 -3.81 59.16
CA ALA B 45 -16.23 -3.80 57.68
C ALA B 45 -16.06 -5.22 57.11
N GLY B 46 -15.28 -6.07 57.79
CA GLY B 46 -15.03 -7.42 57.36
C GLY B 46 -15.55 -8.46 58.33
N VAL B 47 -15.66 -9.70 57.84
CA VAL B 47 -15.98 -10.85 58.63
C VAL B 47 -14.89 -11.05 59.68
N GLU B 48 -15.31 -11.39 60.91
CA GLU B 48 -14.38 -11.66 61.99
C GLU B 48 -14.20 -13.16 62.12
N TYR B 49 -13.07 -13.66 61.66
CA TYR B 49 -12.84 -15.07 61.72
C TYR B 49 -12.30 -15.45 63.08
N PRO B 50 -12.70 -16.60 63.69
CA PRO B 50 -12.02 -17.06 64.90
C PRO B 50 -10.76 -17.83 64.51
N ALA B 51 -9.75 -17.82 65.39
CA ALA B 51 -8.59 -18.65 65.22
C ALA B 51 -8.80 -19.98 65.94
N ASN B 52 -9.22 -21.03 65.23
CA ASN B 52 -9.60 -22.27 65.85
C ASN B 52 -8.55 -23.32 65.58
N ARG B 53 -8.18 -24.03 66.66
CA ARG B 53 -7.24 -25.14 66.55
C ARG B 53 -7.99 -26.28 65.90
N LEU B 54 -7.35 -26.96 64.94
CA LEU B 54 -8.03 -28.03 64.23
C LEU B 54 -7.43 -29.36 64.58
N ALA B 55 -6.11 -29.41 64.74
CA ALA B 55 -5.42 -30.67 64.96
C ALA B 55 -3.97 -30.34 65.28
N ASN B 56 -3.16 -31.39 65.40
CA ASN B 56 -1.73 -31.22 65.58
C ASN B 56 -1.16 -31.88 64.35
N ILE B 57 -0.03 -31.36 63.87
CA ILE B 57 0.68 -31.94 62.74
C ILE B 57 0.95 -33.42 62.94
N SER B 58 1.09 -33.88 64.19
CA SER B 58 1.41 -35.27 64.46
C SER B 58 0.24 -36.19 64.11
N GLU B 59 -0.97 -35.64 64.05
CA GLU B 59 -2.15 -36.44 63.73
C GLU B 59 -2.31 -36.73 62.24
N LEU B 60 -1.48 -36.18 61.34
CA LEU B 60 -1.75 -36.27 59.92
C LEU B 60 -0.90 -37.34 59.29
N THR B 61 -1.52 -38.23 58.50
CA THR B 61 -0.77 -39.16 57.68
C THR B 61 -0.77 -38.66 56.23
N LEU B 62 0.38 -38.87 55.57
CA LEU B 62 0.59 -38.48 54.18
C LEU B 62 -0.61 -38.96 53.36
N ASN B 63 -1.30 -38.00 52.72
CA ASN B 63 -2.30 -38.30 51.70
C ASN B 63 -3.56 -38.96 52.23
N GLU B 64 -3.89 -38.71 53.51
CA GLU B 64 -5.13 -39.18 54.08
C GLU B 64 -5.82 -38.01 54.74
N PRO B 65 -6.98 -37.57 54.21
CA PRO B 65 -7.71 -36.44 54.75
C PRO B 65 -8.08 -36.71 56.21
N LEU B 66 -8.00 -35.67 57.04
CA LEU B 66 -8.54 -35.69 58.39
C LEU B 66 -9.75 -34.77 58.44
N ASP B 67 -10.91 -35.29 58.86
CA ASP B 67 -12.12 -34.47 58.95
C ASP B 67 -12.00 -33.38 60.00
N VAL B 68 -12.44 -32.16 59.65
CA VAL B 68 -12.41 -31.02 60.52
C VAL B 68 -13.63 -30.21 60.16
N ALA B 69 -13.83 -29.11 60.85
CA ALA B 69 -14.91 -28.22 60.60
C ALA B 69 -14.46 -26.82 60.95
N TYR B 70 -14.70 -25.87 60.04
CA TYR B 70 -14.21 -24.51 60.21
C TYR B 70 -15.01 -23.62 59.27
N PRO B 71 -15.49 -22.42 59.66
CA PRO B 71 -15.26 -21.84 60.98
C PRO B 71 -16.18 -22.22 62.15
N ASP B 72 -17.02 -23.22 61.94
CA ASP B 72 -17.85 -23.76 63.01
C ASP B 72 -18.16 -25.20 62.66
N GLU B 73 -18.89 -25.89 63.55
CA GLU B 73 -19.04 -27.33 63.45
C GLU B 73 -19.94 -27.72 62.27
N ASP B 74 -20.77 -26.81 61.74
CA ASP B 74 -21.62 -27.11 60.60
C ASP B 74 -20.95 -26.89 59.23
N ALA B 75 -19.66 -26.60 59.18
CA ALA B 75 -18.95 -26.37 57.91
C ALA B 75 -17.86 -27.39 57.75
N ALA B 76 -18.20 -28.51 57.14
CA ALA B 76 -17.25 -29.61 57.02
C ALA B 76 -16.09 -29.26 56.08
N GLY B 77 -14.94 -29.81 56.41
CA GLY B 77 -13.74 -29.71 55.62
C GLY B 77 -12.74 -30.76 56.07
N VAL B 78 -11.51 -30.64 55.53
CA VAL B 78 -10.48 -31.60 55.80
C VAL B 78 -9.14 -30.87 55.84
N LEU B 79 -8.22 -31.50 56.61
CA LEU B 79 -6.81 -31.19 56.55
C LEU B 79 -6.20 -32.33 55.77
N LEU B 80 -5.20 -31.98 54.93
CA LEU B 80 -4.56 -32.97 54.09
C LEU B 80 -3.08 -32.63 53.94
N LYS B 81 -2.23 -33.62 54.15
CA LYS B 81 -0.81 -33.48 53.97
C LYS B 81 -0.46 -34.12 52.64
N LEU B 82 0.13 -33.34 51.72
CA LEU B 82 0.23 -33.78 50.33
C LEU B 82 1.61 -34.31 49.93
N GLY B 83 2.65 -34.02 50.73
CA GLY B 83 3.96 -34.61 50.46
C GLY B 83 4.79 -33.76 49.49
N THR B 84 4.31 -32.57 49.16
CA THR B 84 4.98 -31.69 48.21
C THR B 84 4.51 -30.27 48.52
N ARG B 85 5.37 -29.27 48.33
CA ARG B 85 5.04 -27.91 48.74
C ARG B 85 3.98 -27.35 47.78
N VAL B 86 2.94 -26.71 48.27
CA VAL B 86 1.84 -26.30 47.41
C VAL B 86 1.28 -24.97 47.92
N GLU B 87 0.44 -24.36 47.09
CA GLU B 87 -0.21 -23.12 47.43
C GLU B 87 -1.04 -23.24 48.71
N GLY B 88 -0.85 -22.30 49.65
CA GLY B 88 -1.58 -22.27 50.92
C GLY B 88 -1.11 -23.34 51.93
N GLY B 89 -0.11 -24.12 51.52
CA GLY B 89 0.37 -25.28 52.29
C GLY B 89 1.28 -24.80 53.44
N VAL B 90 1.14 -25.40 54.62
CA VAL B 90 1.94 -25.01 55.79
C VAL B 90 2.64 -26.25 56.36
N GLY B 91 3.36 -26.08 57.49
CA GLY B 91 4.18 -27.15 58.02
C GLY B 91 5.61 -27.05 57.52
N PRO B 92 6.57 -27.84 58.08
CA PRO B 92 7.94 -27.88 57.57
C PRO B 92 8.04 -28.07 56.05
N ASP B 93 7.18 -28.92 55.48
CA ASP B 93 7.23 -29.23 54.06
C ASP B 93 6.33 -28.32 53.19
N GLY B 94 5.64 -27.33 53.77
CA GLY B 94 4.71 -26.48 53.04
C GLY B 94 3.61 -27.27 52.32
N ASP B 95 3.22 -28.43 52.87
CA ASP B 95 2.41 -29.41 52.17
C ASP B 95 1.09 -29.72 52.87
N ILE B 96 0.76 -28.97 53.93
CA ILE B 96 -0.47 -29.21 54.65
C ILE B 96 -1.48 -28.12 54.28
N VAL B 97 -2.65 -28.56 53.81
CA VAL B 97 -3.70 -27.67 53.34
C VAL B 97 -5.00 -28.04 54.04
N GLY B 98 -5.89 -27.06 54.10
CA GLY B 98 -7.25 -27.25 54.58
C GLY B 98 -8.25 -26.70 53.58
N PHE B 99 -9.29 -27.49 53.33
CA PHE B 99 -10.38 -27.07 52.43
C PHE B 99 -11.74 -27.42 53.00
N SER B 100 -12.74 -26.58 52.66
CA SER B 100 -14.15 -26.99 52.65
C SER B 100 -14.35 -28.18 51.74
N THR B 101 -15.10 -29.21 52.19
CA THR B 101 -15.34 -30.39 51.37
C THR B 101 -16.82 -30.48 50.98
N ILE B 102 -17.49 -29.32 51.06
N ILE B 102 -17.49 -29.32 51.05
CA ILE B 102 -18.85 -29.20 50.56
CA ILE B 102 -18.85 -29.21 50.57
C ILE B 102 -18.79 -28.49 49.20
C ILE B 102 -18.81 -28.50 49.21
N CYS B 103 -19.28 -29.19 48.17
CA CYS B 103 -19.23 -28.73 46.79
C CYS B 103 -19.87 -27.35 46.68
N PRO B 104 -19.12 -26.35 46.18
CA PRO B 104 -19.67 -25.00 46.03
C PRO B 104 -20.72 -24.84 44.94
N HIS B 105 -21.03 -25.92 44.18
CA HIS B 105 -22.14 -25.80 43.23
C HIS B 105 -23.49 -25.95 43.96
N LYS B 106 -23.79 -27.17 44.39
CA LYS B 106 -25.06 -27.48 45.06
C LYS B 106 -24.86 -28.20 46.40
N GLY B 107 -23.64 -28.24 46.94
CA GLY B 107 -23.44 -28.60 48.33
C GLY B 107 -23.33 -30.09 48.62
N CYS B 108 -23.17 -30.93 47.58
N CYS B 108 -23.16 -30.92 47.59
CA CYS B 108 -22.93 -32.35 47.79
CA CYS B 108 -22.93 -32.34 47.80
C CYS B 108 -21.56 -32.56 48.44
C CYS B 108 -21.56 -32.56 48.43
N PRO B 109 -21.41 -33.52 49.37
CA PRO B 109 -20.10 -33.80 49.98
C PRO B 109 -19.13 -34.34 48.93
N LEU B 110 -17.89 -33.84 48.97
CA LEU B 110 -16.87 -34.29 48.02
C LEU B 110 -16.15 -35.52 48.57
N SER B 111 -15.77 -36.42 47.68
CA SER B 111 -14.93 -37.55 48.02
C SER B 111 -13.50 -37.25 47.58
N TYR B 112 -12.52 -37.86 48.23
CA TYR B 112 -11.14 -37.67 47.89
C TYR B 112 -10.62 -38.88 47.13
N SER B 113 -9.98 -38.66 46.00
CA SER B 113 -9.28 -39.72 45.30
C SER B 113 -7.81 -39.67 45.64
N ALA B 114 -7.33 -40.68 46.36
CA ALA B 114 -5.96 -40.65 46.84
C ALA B 114 -4.99 -40.85 45.68
N ASP B 115 -5.41 -41.61 44.66
CA ASP B 115 -4.56 -41.87 43.51
C ASP B 115 -4.28 -40.60 42.71
N ASN B 116 -5.27 -39.68 42.56
CA ASN B 116 -5.19 -38.49 41.69
C ASN B 116 -4.86 -37.27 42.52
N LYS B 117 -5.07 -37.39 43.84
CA LYS B 117 -5.09 -36.28 44.77
C LYS B 117 -6.06 -35.20 44.28
N THR B 118 -7.33 -35.60 44.14
CA THR B 118 -8.40 -34.70 43.76
C THR B 118 -9.59 -34.91 44.69
N PHE B 119 -10.38 -33.87 44.85
CA PHE B 119 -11.75 -33.96 45.34
C PHE B 119 -12.73 -34.07 44.17
N ASN B 120 -13.75 -34.90 44.39
CA ASN B 120 -14.65 -35.32 43.33
C ASN B 120 -16.10 -35.28 43.80
N CYS B 121 -16.97 -34.71 42.96
CA CYS B 121 -18.35 -34.52 43.29
C CYS B 121 -19.21 -35.50 42.49
N PRO B 122 -19.90 -36.43 43.17
CA PRO B 122 -20.71 -37.43 42.48
C PRO B 122 -21.99 -36.87 41.89
N CYS B 123 -22.38 -35.67 42.28
N CYS B 123 -22.39 -35.67 42.29
CA CYS B 123 -23.67 -35.17 41.82
CA CYS B 123 -23.68 -35.15 41.85
C CYS B 123 -23.57 -34.67 40.38
C CYS B 123 -23.58 -34.66 40.41
N HIS B 124 -22.68 -33.70 40.11
CA HIS B 124 -22.55 -33.19 38.74
C HIS B 124 -21.11 -33.19 38.22
N PHE B 125 -20.29 -34.09 38.72
CA PHE B 125 -19.06 -34.55 38.10
C PHE B 125 -17.88 -33.58 38.25
N SER B 126 -17.97 -32.64 39.18
CA SER B 126 -16.92 -31.67 39.43
C SER B 126 -15.66 -32.33 40.01
N VAL B 127 -14.48 -31.72 39.72
CA VAL B 127 -13.16 -32.20 40.14
C VAL B 127 -12.33 -30.98 40.57
N PHE B 128 -11.77 -31.04 41.77
CA PHE B 128 -11.00 -29.94 42.35
C PHE B 128 -9.62 -30.46 42.75
N ASP B 129 -8.60 -29.59 42.59
CA ASP B 129 -7.22 -30.00 42.73
C ASP B 129 -6.61 -29.32 43.96
N PRO B 130 -6.53 -30.04 45.10
CA PRO B 130 -5.92 -29.44 46.30
C PRO B 130 -4.40 -29.18 46.23
N GLU B 131 -3.72 -29.73 45.23
CA GLU B 131 -2.34 -29.38 44.95
C GLU B 131 -2.19 -28.04 44.22
N LYS B 132 -3.29 -27.43 43.80
CA LYS B 132 -3.28 -26.16 43.08
C LYS B 132 -4.35 -25.22 43.59
N GLY B 133 -4.38 -25.06 44.89
CA GLY B 133 -5.19 -24.03 45.53
C GLY B 133 -6.68 -24.39 45.48
N GLY B 134 -7.00 -25.66 45.23
CA GLY B 134 -8.40 -26.04 45.08
C GLY B 134 -8.99 -25.73 43.71
N GLN B 135 -8.14 -25.53 42.70
CA GLN B 135 -8.61 -25.12 41.39
C GLN B 135 -9.57 -26.19 40.87
N GLN B 136 -10.73 -25.73 40.38
CA GLN B 136 -11.67 -26.61 39.71
C GLN B 136 -11.08 -27.06 38.37
N VAL B 137 -10.72 -28.34 38.32
CA VAL B 137 -10.16 -28.90 37.10
C VAL B 137 -11.22 -28.93 36.00
N TRP B 138 -12.43 -29.32 36.41
CA TRP B 138 -13.62 -29.39 35.56
C TRP B 138 -14.81 -29.36 36.49
N GLY B 139 -15.83 -28.54 36.26
CA GLY B 139 -16.98 -28.60 37.12
C GLY B 139 -17.95 -27.48 36.94
N GLN B 140 -19.01 -27.51 37.76
CA GLN B 140 -20.15 -26.65 37.63
C GLN B 140 -20.11 -25.46 38.58
N ALA B 141 -19.20 -25.46 39.53
CA ALA B 141 -19.12 -24.38 40.50
C ALA B 141 -18.52 -23.15 39.82
N THR B 142 -18.85 -21.95 40.32
CA THR B 142 -18.22 -20.72 39.86
C THR B 142 -17.14 -20.26 40.83
N GLN B 143 -16.69 -21.18 41.66
CA GLN B 143 -15.67 -20.93 42.67
C GLN B 143 -14.74 -22.10 42.69
N ASN B 144 -13.47 -21.80 42.92
CA ASN B 144 -12.51 -22.83 43.25
C ASN B 144 -12.78 -23.17 44.75
N LEU B 145 -12.22 -24.27 45.22
CA LEU B 145 -12.62 -24.83 46.50
C LEU B 145 -12.17 -23.94 47.64
N PRO B 146 -13.07 -23.51 48.55
CA PRO B 146 -12.71 -22.61 49.65
C PRO B 146 -11.60 -23.25 50.48
N GLN B 147 -10.49 -22.51 50.58
CA GLN B 147 -9.29 -22.95 51.24
C GLN B 147 -9.04 -22.15 52.52
N TYR B 148 -8.60 -22.89 53.55
CA TYR B 148 -8.35 -22.30 54.86
C TYR B 148 -6.97 -21.61 54.91
N VAL B 149 -6.95 -20.47 55.54
CA VAL B 149 -5.71 -19.82 55.96
C VAL B 149 -5.24 -20.52 57.25
N LEU B 150 -4.15 -21.26 57.13
CA LEU B 150 -3.65 -22.07 58.23
C LEU B 150 -2.36 -21.47 58.82
N ARG B 151 -2.08 -21.82 60.10
CA ARG B 151 -0.91 -21.40 60.86
C ARG B 151 -0.51 -22.57 61.77
N VAL B 152 0.78 -22.91 61.79
CA VAL B 152 1.28 -23.96 62.67
C VAL B 152 2.01 -23.34 63.85
N ALA B 153 1.54 -23.58 65.08
CA ALA B 153 2.19 -23.06 66.30
C ALA B 153 3.48 -23.84 66.58
N ASP B 154 4.26 -23.35 67.57
CA ASP B 154 5.56 -23.96 67.86
C ASP B 154 5.37 -25.37 68.39
N ASN B 155 4.26 -25.66 69.07
CA ASN B 155 4.01 -27.04 69.45
C ASN B 155 3.38 -27.90 68.36
N GLY B 156 3.23 -27.43 67.11
CA GLY B 156 2.70 -28.27 66.03
C GLY B 156 1.16 -28.23 65.91
N ASP B 157 0.52 -27.40 66.71
CA ASP B 157 -0.92 -27.20 66.61
C ASP B 157 -1.21 -26.41 65.33
N ILE B 158 -2.22 -26.87 64.58
CA ILE B 158 -2.65 -26.21 63.35
C ILE B 158 -3.91 -25.42 63.60
N PHE B 159 -3.82 -24.10 63.41
CA PHE B 159 -4.97 -23.19 63.49
C PHE B 159 -5.46 -22.75 62.10
N ALA B 160 -6.78 -22.58 61.94
CA ALA B 160 -7.38 -21.96 60.77
C ALA B 160 -7.84 -20.60 61.21
N GLU B 161 -7.63 -19.59 60.36
CA GLU B 161 -7.90 -18.20 60.71
C GLU B 161 -8.54 -17.44 59.56
N GLY B 162 -9.02 -18.15 58.55
CA GLY B 162 -9.80 -17.52 57.49
C GLY B 162 -10.08 -18.53 56.39
N VAL B 163 -10.88 -18.05 55.42
CA VAL B 163 -11.28 -18.83 54.26
C VAL B 163 -11.34 -17.89 53.05
N ASP B 164 -10.92 -18.35 51.88
CA ASP B 164 -10.64 -17.44 50.75
C ASP B 164 -11.81 -17.37 49.73
N GLU B 165 -12.90 -18.14 49.96
CA GLU B 165 -14.13 -18.10 49.17
C GLU B 165 -15.35 -18.30 50.07
N LEU B 166 -16.54 -18.05 49.51
CA LEU B 166 -17.79 -18.20 50.25
C LEU B 166 -18.15 -19.67 50.34
N ILE B 167 -18.28 -20.18 51.59
CA ILE B 167 -18.60 -21.58 51.85
C ILE B 167 -20.03 -21.85 51.41
N TYR B 168 -20.27 -23.01 50.82
CA TYR B 168 -21.60 -23.39 50.37
C TYR B 168 -22.61 -23.30 51.54
N GLY B 169 -23.77 -22.68 51.28
CA GLY B 169 -24.90 -22.82 52.16
C GLY B 169 -24.92 -21.80 53.31
N ARG B 170 -23.99 -20.82 53.29
CA ARG B 170 -24.10 -19.68 54.17
C ARG B 170 -23.78 -18.42 53.40
N LEU B 171 -24.45 -17.33 53.73
CA LEU B 171 -24.27 -16.06 53.06
C LEU B 171 -23.23 -15.21 53.78
N SER B 172 -22.73 -15.76 54.89
CA SER B 172 -21.62 -15.18 55.63
C SER B 172 -20.79 -16.32 56.15
N ASN B 173 -19.47 -16.31 55.96
CA ASN B 173 -18.69 -17.46 56.33
C ASN B 173 -18.74 -17.70 57.86
N VAL B 174 -18.94 -16.61 58.61
CA VAL B 174 -19.06 -16.70 60.06
C VAL B 174 -20.50 -16.37 60.33
N LEU B 175 -21.28 -17.38 60.74
CA LEU B 175 -22.71 -17.22 61.02
C LEU B 175 -22.89 -16.75 62.48
N ALA C 2 -2.56 12.94 -44.94
CA ALA C 2 -2.50 11.49 -45.19
C ALA C 2 -1.03 11.09 -45.20
N PHE C 3 -0.72 9.94 -44.64
CA PHE C 3 0.65 9.46 -44.59
C PHE C 3 1.07 8.99 -45.99
N LYS C 4 2.26 9.45 -46.39
CA LYS C 4 2.83 9.12 -47.70
C LYS C 4 4.31 8.86 -47.43
N ARG C 5 4.83 7.76 -47.99
CA ARG C 5 6.16 7.35 -47.68
C ARG C 5 7.23 8.11 -48.44
N HIS C 6 6.88 8.74 -49.57
CA HIS C 6 7.84 9.39 -50.48
C HIS C 6 8.91 8.42 -50.90
N ILE C 7 8.55 7.13 -51.10
CA ILE C 7 9.47 6.17 -51.68
C ILE C 7 9.08 6.06 -53.17
N ASP C 8 9.92 6.66 -54.01
CA ASP C 8 9.66 6.94 -55.41
C ASP C 8 10.11 5.76 -56.27
N ARG C 9 10.98 4.91 -55.72
CA ARG C 9 11.47 3.75 -56.44
C ARG C 9 11.99 2.70 -55.49
N LEU C 10 11.97 1.43 -55.92
CA LEU C 10 12.37 0.29 -55.15
C LEU C 10 13.42 -0.47 -55.88
N PRO C 11 14.37 -1.09 -55.16
CA PRO C 11 15.30 -2.05 -55.76
C PRO C 11 14.53 -3.16 -56.48
N ILE C 12 15.09 -3.63 -57.60
CA ILE C 12 14.48 -4.71 -58.39
C ILE C 12 14.99 -6.04 -57.92
N ILE C 13 14.10 -6.99 -57.67
CA ILE C 13 14.54 -8.33 -57.30
C ILE C 13 15.33 -8.94 -58.48
N PRO C 14 16.59 -9.37 -58.28
CA PRO C 14 17.36 -9.96 -59.36
C PRO C 14 16.95 -11.39 -59.65
N ALA C 15 17.42 -11.89 -60.79
CA ALA C 15 17.00 -13.20 -61.27
C ALA C 15 17.57 -14.28 -60.38
N ASP C 16 18.67 -14.05 -59.70
CA ASP C 16 19.23 -15.06 -58.82
C ASP C 16 18.87 -14.84 -57.33
N ALA C 17 17.80 -14.12 -57.00
CA ALA C 17 17.45 -13.91 -55.58
C ALA C 17 17.07 -15.24 -54.95
N LYS C 18 17.29 -15.40 -53.63
CA LYS C 18 16.89 -16.61 -52.94
C LYS C 18 15.42 -16.55 -52.60
N LYS C 19 14.71 -17.62 -52.89
CA LYS C 19 13.26 -17.68 -52.76
C LYS C 19 12.88 -18.48 -51.53
N HIS C 20 11.92 -18.00 -50.73
CA HIS C 20 11.49 -18.70 -49.53
C HIS C 20 9.97 -18.74 -49.55
N ASN C 21 9.38 -19.90 -49.25
CA ASN C 21 7.94 -19.97 -49.10
C ASN C 21 7.52 -19.33 -47.77
N VAL C 22 6.52 -18.47 -47.80
CA VAL C 22 6.04 -17.77 -46.63
C VAL C 22 4.52 -17.82 -46.62
N THR C 23 3.95 -18.31 -45.52
CA THR C 23 2.51 -18.11 -45.32
C THR C 23 2.36 -16.76 -44.61
N CYS C 24 1.29 -16.04 -44.90
CA CYS C 24 0.99 -14.84 -44.16
C CYS C 24 1.16 -15.10 -42.64
N HIS C 25 1.76 -14.09 -41.97
CA HIS C 25 1.94 -14.11 -40.52
C HIS C 25 0.63 -14.08 -39.76
N PHE C 26 -0.44 -13.54 -40.41
CA PHE C 26 -1.61 -13.05 -39.69
C PHE C 26 -2.81 -14.00 -39.78
N CYS C 27 -3.84 -13.65 -40.54
CA CYS C 27 -5.15 -14.24 -40.31
C CYS C 27 -5.23 -15.71 -40.82
N ILE C 28 -6.34 -16.35 -40.38
CA ILE C 28 -6.75 -17.71 -40.66
C ILE C 28 -6.58 -18.10 -42.14
N VAL C 29 -6.79 -17.16 -43.04
CA VAL C 29 -6.87 -17.48 -44.46
C VAL C 29 -5.54 -18.06 -44.92
N GLY C 30 -4.42 -17.55 -44.40
CA GLY C 30 -3.15 -18.18 -44.65
C GLY C 30 -2.72 -18.06 -46.12
N CYS C 31 -2.91 -16.88 -46.69
CA CYS C 31 -2.43 -16.57 -48.04
C CYS C 31 -0.96 -16.89 -48.23
N GLY C 32 -0.63 -17.38 -49.41
CA GLY C 32 0.73 -17.72 -49.76
C GLY C 32 1.49 -16.51 -50.30
N TYR C 33 2.77 -16.44 -49.90
CA TYR C 33 3.68 -15.39 -50.25
C TYR C 33 5.01 -16.07 -50.59
N HIS C 34 5.90 -15.28 -51.20
CA HIS C 34 7.30 -15.64 -51.20
C HIS C 34 8.10 -14.45 -50.69
N ALA C 35 9.19 -14.77 -50.00
CA ALA C 35 10.20 -13.80 -49.62
C ALA C 35 11.44 -14.04 -50.49
N TYR C 36 11.84 -12.99 -51.22
CA TYR C 36 13.04 -13.04 -52.03
C TYR C 36 14.09 -12.17 -51.36
N THR C 37 15.29 -12.72 -51.18
CA THR C 37 16.37 -11.97 -50.59
C THR C 37 17.60 -11.99 -51.48
N TRP C 38 18.43 -10.95 -51.35
CA TRP C 38 19.63 -10.86 -52.13
C TRP C 38 20.56 -9.86 -51.50
N PRO C 39 21.87 -9.92 -51.81
CA PRO C 39 22.86 -9.09 -51.16
C PRO C 39 22.65 -7.60 -51.30
N ILE C 40 23.01 -6.88 -50.19
CA ILE C 40 22.72 -5.46 -50.04
C ILE C 40 23.34 -4.60 -51.17
N ASN C 41 24.48 -5.09 -51.68
N ASN C 41 24.49 -4.99 -51.70
CA ASN C 41 25.31 -4.48 -52.69
CA ASN C 41 25.09 -4.20 -52.76
C ASN C 41 24.90 -4.91 -54.11
C ASN C 41 24.88 -4.87 -54.12
N LYS C 42 23.76 -5.56 -54.31
CA LYS C 42 23.36 -6.07 -55.60
C LYS C 42 21.94 -5.66 -55.87
N GLN C 43 21.54 -5.79 -57.16
CA GLN C 43 20.16 -5.48 -57.52
C GLN C 43 19.85 -6.00 -58.91
N GLY C 44 18.56 -6.13 -59.22
CA GLY C 44 18.07 -6.51 -60.53
C GLY C 44 18.01 -5.30 -61.48
N GLY C 45 17.65 -5.59 -62.73
CA GLY C 45 17.51 -4.59 -63.81
C GLY C 45 16.16 -4.76 -64.50
N THR C 46 15.82 -3.79 -65.36
CA THR C 46 14.53 -3.76 -66.02
C THR C 46 14.44 -4.79 -67.15
N ASP C 47 15.59 -5.21 -67.70
CA ASP C 47 15.55 -6.23 -68.75
C ASP C 47 15.12 -7.59 -68.19
N PRO C 48 14.30 -8.34 -68.95
CA PRO C 48 13.74 -9.62 -68.49
C PRO C 48 14.72 -10.60 -67.87
N GLN C 49 15.95 -10.63 -68.38
CA GLN C 49 16.95 -11.55 -67.89
C GLN C 49 17.54 -11.06 -66.58
N ASN C 50 17.31 -9.82 -66.16
CA ASN C 50 17.97 -9.31 -64.94
C ASN C 50 17.01 -9.13 -63.77
N ASN C 51 15.84 -9.78 -63.83
CA ASN C 51 14.90 -9.73 -62.73
C ASN C 51 14.19 -11.06 -62.62
N ILE C 52 13.64 -11.30 -61.43
CA ILE C 52 13.08 -12.57 -61.05
C ILE C 52 11.83 -12.85 -61.88
N PHE C 53 11.17 -11.83 -62.43
CA PHE C 53 9.92 -12.08 -63.12
C PHE C 53 10.08 -12.48 -64.58
N GLY C 54 11.26 -12.26 -65.16
CA GLY C 54 11.44 -12.39 -66.61
C GLY C 54 10.54 -11.40 -67.35
N VAL C 55 10.42 -10.16 -66.85
CA VAL C 55 9.50 -9.17 -67.37
C VAL C 55 10.30 -7.95 -67.73
N ASP C 56 9.85 -7.17 -68.73
CA ASP C 56 10.53 -5.91 -69.03
C ASP C 56 9.90 -4.84 -68.12
N LEU C 57 10.65 -4.47 -67.08
CA LEU C 57 10.13 -3.59 -66.04
C LEU C 57 10.26 -2.12 -66.44
N SER C 58 10.81 -1.81 -67.66
CA SER C 58 10.83 -0.44 -68.16
C SER C 58 9.46 -0.07 -68.70
N GLU C 59 8.49 -0.97 -68.67
CA GLU C 59 7.14 -0.60 -69.10
C GLU C 59 6.15 -0.66 -67.92
N GLN C 60 5.15 0.23 -67.90
CA GLN C 60 4.02 0.19 -66.99
C GLN C 60 3.37 -1.19 -67.02
N GLN C 61 3.14 -1.80 -65.88
CA GLN C 61 2.45 -3.07 -65.79
C GLN C 61 0.95 -2.81 -65.71
N GLN C 62 0.20 -3.84 -66.16
N GLN C 62 0.14 -3.77 -66.21
CA GLN C 62 -1.25 -3.84 -66.17
CA GLN C 62 -1.31 -3.63 -66.17
C GLN C 62 -1.78 -4.24 -64.78
C GLN C 62 -1.80 -4.23 -64.85
N ALA C 63 -3.09 -4.01 -64.57
CA ALA C 63 -3.78 -4.53 -63.40
C ALA C 63 -3.46 -6.00 -63.17
N GLU C 64 -3.28 -6.35 -61.88
CA GLU C 64 -3.14 -7.69 -61.39
C GLU C 64 -1.81 -8.28 -61.84
N SER C 65 -0.82 -7.46 -62.17
CA SER C 65 0.47 -8.00 -62.55
C SER C 65 1.17 -8.58 -61.35
N ASP C 66 1.87 -9.67 -61.59
CA ASP C 66 2.73 -10.29 -60.64
C ASP C 66 4.04 -9.51 -60.54
N ALA C 67 4.32 -8.63 -61.50
CA ALA C 67 5.71 -8.07 -61.61
C ALA C 67 5.71 -6.65 -61.04
N TRP C 68 5.20 -6.54 -59.81
CA TRP C 68 5.20 -5.30 -59.06
C TRP C 68 5.06 -5.67 -57.57
N TYR C 69 5.48 -4.74 -56.72
CA TYR C 69 5.31 -4.84 -55.28
C TYR C 69 5.35 -3.45 -54.67
N SER C 70 4.55 -3.26 -53.60
CA SER C 70 4.39 -1.96 -52.98
C SER C 70 5.55 -1.77 -52.01
N PRO C 71 5.85 -0.53 -51.64
CA PRO C 71 6.93 -0.26 -50.67
C PRO C 71 6.76 -1.05 -49.36
N SER C 72 5.53 -1.31 -48.93
CA SER C 72 5.32 -2.07 -47.71
C SER C 72 5.80 -3.50 -47.81
N MET C 73 6.09 -3.96 -49.03
CA MET C 73 6.56 -5.31 -49.31
C MET C 73 8.08 -5.38 -49.42
N TYR C 74 8.76 -4.26 -49.21
CA TYR C 74 10.20 -4.18 -49.38
C TYR C 74 10.85 -3.78 -48.05
N ASN C 75 12.00 -4.36 -47.76
CA ASN C 75 12.78 -3.93 -46.60
C ASN C 75 14.21 -4.40 -46.76
N VAL C 76 15.03 -4.08 -45.75
CA VAL C 76 16.39 -4.65 -45.62
C VAL C 76 16.50 -5.31 -44.25
N VAL C 77 16.95 -6.56 -44.17
CA VAL C 77 16.89 -7.33 -42.96
C VAL C 77 18.19 -8.06 -42.86
N LYS C 78 18.53 -8.47 -41.66
CA LYS C 78 19.67 -9.34 -41.41
C LYS C 78 19.33 -10.79 -41.74
N GLN C 79 20.26 -11.46 -42.44
CA GLN C 79 20.10 -12.89 -42.77
C GLN C 79 21.50 -13.51 -42.67
N ASP C 80 21.65 -14.45 -41.74
CA ASP C 80 22.94 -15.07 -41.42
C ASP C 80 23.99 -14.02 -41.10
N GLY C 81 23.60 -12.96 -40.39
CA GLY C 81 24.56 -11.97 -39.96
C GLY C 81 24.81 -10.87 -40.98
N ARG C 82 24.23 -10.92 -42.17
CA ARG C 82 24.49 -9.91 -43.20
C ARG C 82 23.20 -9.21 -43.57
N ASP C 83 23.26 -7.91 -43.85
CA ASP C 83 22.14 -7.18 -44.40
C ASP C 83 21.80 -7.68 -45.82
N VAL C 84 20.51 -7.92 -46.08
CA VAL C 84 20.03 -8.36 -47.38
C VAL C 84 18.79 -7.55 -47.69
N HIS C 85 18.56 -7.26 -48.98
CA HIS C 85 17.27 -6.79 -49.42
C HIS C 85 16.28 -7.93 -49.28
N VAL C 86 15.02 -7.58 -49.03
CA VAL C 86 13.98 -8.59 -49.00
C VAL C 86 12.73 -8.00 -49.63
N VAL C 87 12.04 -8.86 -50.43
CA VAL C 87 10.68 -8.53 -50.81
C VAL C 87 9.79 -9.69 -50.40
N ILE C 88 8.67 -9.38 -49.76
CA ILE C 88 7.70 -10.39 -49.36
C ILE C 88 6.40 -10.06 -50.08
N LYS C 89 6.10 -10.83 -51.14
CA LYS C 89 4.99 -10.51 -52.04
C LYS C 89 4.10 -11.72 -52.21
N PRO C 90 2.80 -11.51 -52.45
CA PRO C 90 1.86 -12.63 -52.57
C PRO C 90 2.15 -13.53 -53.79
N ASP C 91 1.85 -14.82 -53.60
CA ASP C 91 2.10 -15.90 -54.56
C ASP C 91 0.89 -16.03 -55.47
N HIS C 92 1.04 -15.59 -56.72
CA HIS C 92 0.04 -15.76 -57.81
C HIS C 92 -0.44 -17.21 -57.92
N GLU C 93 0.42 -18.20 -57.66
CA GLU C 93 0.10 -19.61 -57.87
C GLU C 93 -0.56 -20.26 -56.65
N CYS C 94 -0.69 -19.54 -55.52
CA CYS C 94 -1.25 -20.16 -54.33
C CYS C 94 -2.76 -20.17 -54.52
N VAL C 95 -3.41 -21.31 -54.34
CA VAL C 95 -4.83 -21.44 -54.61
C VAL C 95 -5.67 -20.70 -53.57
N VAL C 96 -5.07 -20.43 -52.38
CA VAL C 96 -5.82 -19.74 -51.34
C VAL C 96 -6.19 -18.36 -51.81
N ASN C 97 -5.17 -17.59 -52.23
CA ASN C 97 -5.33 -16.16 -52.47
C ASN C 97 -5.17 -15.76 -53.93
N SER C 98 -4.57 -16.61 -54.77
CA SER C 98 -4.34 -16.33 -56.21
C SER C 98 -3.66 -14.99 -56.41
N GLY C 99 -2.62 -14.72 -55.60
CA GLY C 99 -1.88 -13.49 -55.75
C GLY C 99 -2.43 -12.32 -54.94
N LEU C 100 -3.59 -12.43 -54.29
CA LEU C 100 -4.07 -11.32 -53.48
C LEU C 100 -3.26 -11.24 -52.18
N GLY C 101 -3.00 -10.01 -51.75
CA GLY C 101 -2.42 -9.69 -50.44
C GLY C 101 -3.27 -8.64 -49.73
N SER C 102 -3.78 -8.95 -48.51
CA SER C 102 -4.59 -7.99 -47.78
C SER C 102 -3.69 -6.80 -47.37
N VAL C 103 -4.31 -5.75 -46.84
CA VAL C 103 -3.61 -4.59 -46.27
C VAL C 103 -2.72 -5.00 -45.11
N ARG C 104 -2.96 -6.18 -44.49
CA ARG C 104 -2.13 -6.72 -43.41
C ARG C 104 -0.96 -7.48 -43.95
N GLY C 105 -1.23 -8.53 -44.71
CA GLY C 105 -0.16 -9.38 -45.20
C GLY C 105 0.83 -8.62 -46.09
N ALA C 106 0.33 -7.65 -46.87
CA ALA C 106 1.23 -6.94 -47.75
C ALA C 106 2.18 -5.99 -47.00
N ARG C 107 2.00 -5.81 -45.67
CA ARG C 107 2.97 -5.02 -44.90
C ARG C 107 3.87 -5.91 -44.05
N MET C 108 3.95 -7.22 -44.34
CA MET C 108 4.90 -8.06 -43.60
C MET C 108 6.33 -7.50 -43.66
N ALA C 109 6.77 -7.02 -44.84
CA ALA C 109 8.16 -6.64 -44.96
C ALA C 109 8.42 -5.40 -44.11
N GLU C 110 7.56 -4.41 -44.23
CA GLU C 110 7.73 -3.13 -43.57
C GLU C 110 7.52 -3.26 -42.04
N THR C 111 6.76 -4.29 -41.58
CA THR C 111 6.64 -4.56 -40.13
C THR C 111 7.69 -5.56 -39.66
N SER C 112 8.70 -5.85 -40.48
CA SER C 112 9.83 -6.66 -40.10
C SER C 112 10.86 -5.74 -39.43
N PHE C 113 11.73 -6.33 -38.61
CA PHE C 113 12.77 -5.59 -37.92
C PHE C 113 13.87 -5.24 -38.93
N SER C 114 14.23 -3.94 -38.99
CA SER C 114 15.32 -3.49 -39.84
C SER C 114 16.13 -2.44 -39.13
N GLU C 115 17.38 -2.76 -38.84
CA GLU C 115 18.29 -1.76 -38.32
C GLU C 115 18.63 -0.77 -39.44
N ALA C 116 18.88 -1.24 -40.69
CA ALA C 116 19.28 -0.34 -41.75
C ALA C 116 18.18 0.66 -42.09
N ARG C 117 16.90 0.25 -42.10
CA ARG C 117 15.85 1.16 -42.51
C ARG C 117 14.95 1.61 -41.34
N ASN C 118 15.33 1.24 -40.12
CA ASN C 118 14.73 1.72 -38.88
C ASN C 118 13.27 1.35 -38.75
N THR C 119 12.88 0.15 -39.17
CA THR C 119 11.51 -0.30 -38.93
C THR C 119 11.50 -1.18 -37.67
N GLN C 120 10.41 -1.05 -36.91
CA GLN C 120 10.10 -1.88 -35.74
C GLN C 120 11.26 -1.88 -34.74
N GLN C 121 11.76 -0.67 -34.49
CA GLN C 121 12.82 -0.47 -33.51
C GLN C 121 12.32 -0.75 -32.09
N GLN C 122 11.00 -0.87 -31.86
CA GLN C 122 10.47 -1.33 -30.58
C GLN C 122 10.78 -2.80 -30.32
N ARG C 123 11.22 -3.59 -31.31
CA ARG C 123 11.38 -5.04 -31.08
C ARG C 123 12.32 -5.32 -29.94
N LEU C 124 11.97 -6.31 -29.12
CA LEU C 124 12.83 -6.76 -28.03
C LEU C 124 14.07 -7.45 -28.62
N THR C 125 15.21 -7.16 -28.01
CA THR C 125 16.51 -7.72 -28.39
C THR C 125 17.19 -8.44 -27.23
N ASP C 126 16.88 -8.06 -25.98
CA ASP C 126 17.58 -8.63 -24.82
C ASP C 126 16.61 -9.01 -23.72
N PRO C 127 16.89 -10.07 -22.90
CA PRO C 127 16.17 -10.28 -21.63
C PRO C 127 16.26 -9.02 -20.78
N LEU C 128 15.13 -8.68 -20.16
CA LEU C 128 15.06 -7.55 -19.25
C LEU C 128 14.66 -8.06 -17.87
N VAL C 129 15.27 -7.50 -16.83
CA VAL C 129 14.89 -7.75 -15.43
C VAL C 129 14.66 -6.45 -14.68
N TRP C 130 13.65 -6.43 -13.84
CA TRP C 130 13.38 -5.34 -12.91
C TRP C 130 14.41 -5.36 -11.76
N ARG C 131 15.34 -4.40 -11.77
CA ARG C 131 16.33 -4.27 -10.73
C ARG C 131 16.92 -2.87 -10.75
N TYR C 132 17.33 -2.39 -9.58
CA TYR C 132 17.94 -1.04 -9.43
C TYR C 132 16.94 0.08 -9.76
N GLY C 133 15.64 -0.21 -9.66
CA GLY C 133 14.57 0.75 -9.81
C GLY C 133 13.90 0.87 -11.18
N GLN C 134 14.33 0.07 -12.18
CA GLN C 134 13.79 0.08 -13.51
C GLN C 134 14.12 -1.24 -14.19
N MET C 135 13.60 -1.44 -15.40
N MET C 135 13.59 -1.44 -15.40
CA MET C 135 13.94 -2.59 -16.22
CA MET C 135 13.94 -2.58 -16.22
C MET C 135 15.37 -2.40 -16.71
C MET C 135 15.37 -2.39 -16.73
N GLN C 136 16.16 -3.45 -16.67
CA GLN C 136 17.56 -3.43 -17.07
C GLN C 136 17.84 -4.64 -17.94
N PRO C 137 18.60 -4.47 -19.04
CA PRO C 137 18.98 -5.60 -19.86
C PRO C 137 20.02 -6.50 -19.24
N THR C 138 19.93 -7.80 -19.60
CA THR C 138 20.87 -8.76 -19.07
C THR C 138 21.02 -9.93 -20.04
N SER C 139 21.73 -10.95 -19.58
CA SER C 139 21.96 -12.21 -20.26
C SER C 139 20.76 -13.15 -20.09
N TRP C 140 20.64 -14.10 -21.05
CA TRP C 140 19.72 -15.21 -20.90
C TRP C 140 19.99 -15.99 -19.63
N ASP C 141 21.25 -16.27 -19.41
CA ASP C 141 21.59 -17.13 -18.28
C ASP C 141 21.10 -16.52 -16.95
N ASP C 142 21.31 -15.21 -16.77
CA ASP C 142 20.84 -14.48 -15.62
C ASP C 142 19.34 -14.50 -15.53
N ALA C 143 18.64 -14.07 -16.60
CA ALA C 143 17.18 -13.94 -16.54
C ALA C 143 16.52 -15.28 -16.32
N LEU C 144 16.93 -16.31 -17.05
CA LEU C 144 16.32 -17.65 -16.88
C LEU C 144 16.56 -18.23 -15.49
N ASP C 145 17.76 -18.01 -14.96
CA ASP C 145 18.08 -18.41 -13.61
C ASP C 145 17.10 -17.80 -12.63
N LEU C 146 16.89 -16.47 -12.72
CA LEU C 146 15.92 -15.82 -11.82
C LEU C 146 14.51 -16.41 -11.98
N VAL C 147 14.04 -16.54 -13.21
CA VAL C 147 12.69 -17.06 -13.44
C VAL C 147 12.57 -18.46 -12.82
N ALA C 148 13.54 -19.31 -13.14
CA ALA C 148 13.46 -20.69 -12.65
C ALA C 148 13.53 -20.80 -11.12
N ARG C 149 14.38 -20.01 -10.48
N ARG C 149 14.38 -20.01 -10.48
CA ARG C 149 14.50 -20.06 -9.03
CA ARG C 149 14.52 -20.03 -9.03
C ARG C 149 13.22 -19.61 -8.34
C ARG C 149 13.23 -19.60 -8.33
N VAL C 150 12.59 -18.54 -8.83
CA VAL C 150 11.34 -18.10 -8.20
C VAL C 150 10.27 -19.15 -8.46
N THR C 151 10.14 -19.59 -9.71
CA THR C 151 9.10 -20.54 -10.09
C THR C 151 9.27 -21.83 -9.29
N ALA C 152 10.49 -22.34 -9.22
CA ALA C 152 10.77 -23.59 -8.49
C ALA C 152 10.45 -23.46 -7.00
N LYS C 153 10.79 -22.31 -6.39
CA LYS C 153 10.55 -22.14 -4.97
C LYS C 153 9.07 -22.08 -4.69
N ILE C 154 8.32 -21.35 -5.54
CA ILE C 154 6.90 -21.19 -5.31
C ILE C 154 6.19 -22.52 -5.52
N VAL C 155 6.51 -23.25 -6.61
CA VAL C 155 5.85 -24.53 -6.87
C VAL C 155 6.19 -25.55 -5.76
N LYS C 156 7.42 -25.53 -5.26
CA LYS C 156 7.80 -26.42 -4.16
C LYS C 156 7.08 -26.07 -2.87
N GLU C 157 6.87 -24.79 -2.57
CA GLU C 157 6.24 -24.41 -1.32
C GLU C 157 4.72 -24.45 -1.42
N LYS C 158 4.15 -24.13 -2.60
CA LYS C 158 2.70 -23.96 -2.69
C LYS C 158 2.03 -24.94 -3.64
N GLY C 159 2.79 -25.73 -4.39
CA GLY C 159 2.26 -26.60 -5.44
C GLY C 159 2.21 -25.89 -6.81
N GLU C 160 2.07 -26.69 -7.86
CA GLU C 160 1.94 -26.22 -9.24
C GLU C 160 0.71 -25.33 -9.43
N ASP C 161 -0.30 -25.41 -8.54
CA ASP C 161 -1.44 -24.55 -8.68
C ASP C 161 -1.07 -23.07 -8.47
N ALA C 162 0.09 -22.81 -7.82
CA ALA C 162 0.48 -21.39 -7.62
C ALA C 162 1.07 -20.76 -8.89
N LEU C 163 1.45 -21.62 -9.88
CA LEU C 163 1.87 -21.18 -11.20
C LEU C 163 0.67 -20.95 -12.10
N ILE C 164 0.53 -19.71 -12.52
CA ILE C 164 -0.49 -19.27 -13.48
C ILE C 164 0.17 -19.08 -14.84
N VAL C 165 -0.49 -19.54 -15.89
CA VAL C 165 0.02 -19.41 -17.25
C VAL C 165 -1.04 -18.82 -18.13
N SER C 166 -0.60 -17.82 -18.93
CA SER C 166 -1.36 -17.30 -20.06
C SER C 166 -0.53 -17.58 -21.32
N ALA C 167 -1.10 -18.25 -22.33
CA ALA C 167 -0.37 -18.56 -23.54
C ALA C 167 -1.26 -18.67 -24.75
N PHE C 168 -0.71 -18.18 -25.86
CA PHE C 168 -1.24 -18.50 -27.18
C PHE C 168 -1.55 -19.99 -27.26
N ASP C 169 -2.57 -20.32 -28.04
CA ASP C 169 -2.75 -21.70 -28.49
C ASP C 169 -2.92 -21.75 -30.02
N HIS C 170 -2.68 -20.65 -30.71
CA HIS C 170 -3.02 -20.52 -32.12
C HIS C 170 -1.82 -20.84 -33.01
N GLY C 171 -2.07 -20.69 -34.31
CA GLY C 171 -1.04 -20.87 -35.36
C GLY C 171 -0.52 -19.53 -35.85
N GLY C 172 0.30 -19.62 -36.90
CA GLY C 172 0.91 -18.46 -37.50
C GLY C 172 1.89 -17.78 -36.56
N ALA C 173 2.23 -16.52 -36.86
CA ALA C 173 3.24 -15.81 -36.06
C ALA C 173 2.73 -15.70 -34.61
N GLY C 174 3.61 -16.00 -33.68
CA GLY C 174 3.21 -16.00 -32.27
C GLY C 174 2.48 -17.28 -31.86
N GLY C 175 2.60 -18.33 -32.69
CA GLY C 175 2.07 -19.63 -32.38
C GLY C 175 2.70 -20.68 -33.29
N GLY C 176 1.86 -21.65 -33.69
CA GLY C 176 2.31 -22.67 -34.63
C GLY C 176 2.69 -23.96 -33.91
N TYR C 177 2.87 -25.03 -34.69
CA TYR C 177 3.02 -26.35 -34.11
C TYR C 177 4.28 -26.45 -33.22
N GLU C 178 5.36 -25.83 -33.67
CA GLU C 178 6.59 -25.92 -32.92
C GLU C 178 6.41 -25.24 -31.54
N ASN C 179 5.81 -24.05 -31.55
CA ASN C 179 5.68 -23.24 -30.36
C ASN C 179 4.57 -23.74 -29.42
N THR C 180 3.43 -24.19 -29.94
CA THR C 180 2.41 -24.76 -29.06
C THR C 180 2.95 -26.03 -28.42
N TRP C 181 3.76 -26.81 -29.11
CA TRP C 181 4.33 -28.02 -28.56
C TRP C 181 5.31 -27.67 -27.46
N GLY C 182 6.22 -26.74 -27.71
CA GLY C 182 7.20 -26.36 -26.70
C GLY C 182 6.55 -25.94 -25.39
N THR C 183 5.64 -24.98 -25.44
CA THR C 183 4.93 -24.52 -24.27
C THR C 183 4.04 -25.60 -23.64
N GLY C 184 3.36 -26.38 -24.50
CA GLY C 184 2.55 -27.47 -24.00
C GLY C 184 3.34 -28.54 -23.25
N LYS C 185 4.48 -28.89 -23.80
CA LYS C 185 5.33 -29.89 -23.21
C LYS C 185 5.82 -29.43 -21.85
N LEU C 186 6.20 -28.16 -21.75
CA LEU C 186 6.65 -27.63 -20.46
C LEU C 186 5.51 -27.65 -19.44
N TYR C 187 4.30 -27.18 -19.79
CA TYR C 187 3.31 -26.96 -18.76
C TYR C 187 2.39 -28.17 -18.52
N PHE C 188 2.30 -29.08 -19.50
CA PHE C 188 1.41 -30.25 -19.39
C PHE C 188 2.14 -31.58 -19.38
N GLU C 189 3.40 -31.64 -19.80
CA GLU C 189 4.16 -32.85 -19.73
C GLU C 189 5.12 -32.82 -18.55
N ALA C 190 6.04 -31.85 -18.52
CA ALA C 190 6.95 -31.69 -17.37
C ALA C 190 6.16 -31.36 -16.10
N MET C 191 5.12 -30.54 -16.24
CA MET C 191 4.27 -30.10 -15.14
C MET C 191 2.84 -30.49 -15.47
N LYS C 192 1.95 -30.26 -14.50
CA LYS C 192 0.51 -30.42 -14.68
C LYS C 192 -0.20 -29.13 -14.30
N VAL C 193 0.09 -28.05 -15.05
CA VAL C 193 -0.53 -26.77 -14.74
C VAL C 193 -2.00 -26.81 -15.04
N LYS C 194 -2.83 -26.52 -14.02
CA LYS C 194 -4.27 -26.38 -14.16
C LYS C 194 -4.69 -24.92 -14.45
N ASN C 195 -4.00 -23.96 -13.83
CA ASN C 195 -4.42 -22.56 -13.87
C ASN C 195 -3.78 -21.87 -15.07
N ILE C 196 -4.16 -22.38 -16.24
CA ILE C 196 -3.70 -21.92 -17.54
C ILE C 196 -4.90 -21.40 -18.34
N ARG C 197 -4.67 -20.25 -19.01
CA ARG C 197 -5.67 -19.67 -19.89
C ARG C 197 -5.03 -19.46 -21.26
N ILE C 198 -5.87 -19.10 -22.21
CA ILE C 198 -5.47 -19.02 -23.61
C ILE C 198 -5.47 -17.51 -23.99
N HIS C 199 -4.91 -17.17 -25.15
CA HIS C 199 -4.70 -15.79 -25.52
C HIS C 199 -6.01 -15.03 -25.55
N ASN C 200 -7.15 -15.70 -25.87
CA ASN C 200 -8.36 -14.96 -26.19
C ASN C 200 -9.52 -15.25 -25.30
N ARG C 201 -9.28 -16.07 -24.29
CA ARG C 201 -10.34 -16.54 -23.43
C ARG C 201 -9.72 -16.99 -22.11
N PRO C 202 -10.40 -16.68 -20.99
CA PRO C 202 -9.76 -16.71 -19.66
C PRO C 202 -9.75 -18.06 -18.94
N ALA C 203 -9.83 -19.13 -19.73
CA ALA C 203 -9.76 -20.48 -19.26
C ALA C 203 -9.29 -21.42 -20.36
N TYR C 204 -8.94 -22.64 -19.97
CA TYR C 204 -8.39 -23.61 -20.91
C TYR C 204 -9.54 -24.44 -21.50
N ASN C 205 -10.28 -23.79 -22.40
CA ASN C 205 -11.49 -24.35 -22.96
C ASN C 205 -11.36 -24.39 -24.49
N SER C 206 -12.37 -24.96 -25.14
CA SER C 206 -12.55 -24.80 -26.57
C SER C 206 -13.55 -23.67 -26.81
N GLU C 207 -13.35 -22.95 -27.89
CA GLU C 207 -14.31 -21.95 -28.36
C GLU C 207 -15.64 -22.61 -28.77
N VAL C 208 -15.58 -23.89 -29.19
CA VAL C 208 -16.71 -24.52 -29.85
C VAL C 208 -16.97 -25.93 -29.30
N HIS C 209 -17.15 -26.02 -27.99
CA HIS C 209 -17.52 -27.29 -27.40
C HIS C 209 -18.82 -27.86 -28.00
N GLY C 210 -19.76 -27.03 -28.39
CA GLY C 210 -21.06 -27.48 -28.87
C GLY C 210 -20.92 -28.35 -30.13
N THR C 211 -20.27 -27.83 -31.18
CA THR C 211 -20.09 -28.57 -32.41
C THR C 211 -19.24 -29.81 -32.15
N ARG C 212 -18.18 -29.69 -31.33
CA ARG C 212 -17.31 -30.82 -31.08
C ARG C 212 -18.07 -31.92 -30.35
N ASP C 213 -18.90 -31.58 -29.39
CA ASP C 213 -19.60 -32.59 -28.60
C ASP C 213 -20.63 -33.30 -29.52
N MET C 214 -21.15 -32.58 -30.53
CA MET C 214 -22.08 -33.14 -31.50
C MET C 214 -21.40 -34.08 -32.50
N GLY C 215 -20.07 -34.10 -32.54
CA GLY C 215 -19.25 -34.95 -33.37
C GLY C 215 -18.76 -34.27 -34.63
N VAL C 216 -18.97 -32.95 -34.73
CA VAL C 216 -18.56 -32.19 -35.90
C VAL C 216 -17.43 -31.20 -35.59
N GLY C 217 -16.21 -31.61 -35.91
CA GLY C 217 -15.06 -30.72 -35.88
C GLY C 217 -15.40 -29.46 -36.67
N GLU C 218 -14.89 -28.29 -36.23
CA GLU C 218 -15.34 -27.01 -36.72
C GLU C 218 -14.65 -26.64 -38.04
N LEU C 219 -13.59 -27.38 -38.46
CA LEU C 219 -12.97 -27.05 -39.73
C LEU C 219 -13.14 -28.26 -40.69
N ASN C 220 -14.35 -28.43 -41.24
CA ASN C 220 -14.72 -29.68 -41.88
C ASN C 220 -14.80 -29.60 -43.41
N ASN C 221 -14.61 -28.44 -44.01
CA ASN C 221 -14.87 -28.26 -45.45
C ASN C 221 -13.61 -27.77 -46.14
N CYS C 222 -13.77 -27.25 -47.37
CA CYS C 222 -12.64 -26.65 -48.09
C CYS C 222 -13.13 -25.32 -48.64
N TYR C 223 -12.16 -24.46 -48.97
CA TYR C 223 -12.51 -23.12 -49.42
C TYR C 223 -13.26 -23.16 -50.76
N GLU C 224 -13.09 -24.25 -51.51
CA GLU C 224 -13.84 -24.39 -52.77
C GLU C 224 -15.32 -24.52 -52.49
N ASP C 225 -15.68 -25.03 -51.32
CA ASP C 225 -17.07 -25.14 -50.97
C ASP C 225 -17.78 -23.80 -50.99
N ALA C 226 -17.08 -22.71 -50.63
CA ALA C 226 -17.74 -21.39 -50.69
C ALA C 226 -18.07 -21.00 -52.14
N GLU C 227 -17.26 -21.51 -53.08
CA GLU C 227 -17.48 -21.32 -54.51
C GLU C 227 -18.64 -22.16 -55.05
N LEU C 228 -18.99 -23.27 -54.39
CA LEU C 228 -19.90 -24.27 -54.92
C LEU C 228 -21.29 -24.23 -54.34
N ALA C 229 -21.47 -23.61 -53.18
CA ALA C 229 -22.76 -23.60 -52.53
C ALA C 229 -23.80 -22.87 -53.35
N ASP C 230 -25.08 -23.26 -53.14
CA ASP C 230 -26.22 -22.46 -53.61
C ASP C 230 -26.42 -21.23 -52.71
N THR C 231 -26.32 -21.45 -51.39
CA THR C 231 -26.45 -20.38 -50.41
C THR C 231 -25.26 -20.44 -49.45
N ILE C 232 -24.72 -19.27 -49.13
CA ILE C 232 -23.78 -19.12 -48.00
C ILE C 232 -24.55 -18.49 -46.85
N VAL C 233 -24.42 -19.11 -45.66
CA VAL C 233 -24.97 -18.50 -44.46
C VAL C 233 -23.79 -18.05 -43.57
N ALA C 234 -23.66 -16.75 -43.40
CA ALA C 234 -22.48 -16.11 -42.78
C ALA C 234 -22.93 -15.45 -41.49
N VAL C 235 -22.64 -16.13 -40.37
CA VAL C 235 -23.16 -15.72 -39.08
C VAL C 235 -22.01 -15.08 -38.25
N GLY C 236 -22.23 -13.86 -37.82
CA GLY C 236 -21.28 -13.21 -36.93
C GLY C 236 -19.86 -13.18 -37.47
N THR C 237 -19.76 -12.83 -38.74
CA THR C 237 -18.51 -12.70 -39.47
C THR C 237 -18.60 -11.42 -40.30
N ASN C 238 -17.50 -10.68 -40.31
CA ASN C 238 -17.32 -9.53 -41.19
C ASN C 238 -16.19 -9.85 -42.18
N ALA C 239 -16.39 -10.95 -42.94
CA ALA C 239 -15.37 -11.59 -43.74
C ALA C 239 -14.59 -10.70 -44.70
N LEU C 240 -15.17 -9.64 -45.27
CA LEU C 240 -14.37 -8.78 -46.13
C LEU C 240 -13.21 -8.13 -45.35
N GLU C 241 -13.47 -7.79 -44.07
CA GLU C 241 -12.48 -7.14 -43.19
C GLU C 241 -11.63 -8.19 -42.43
N THR C 242 -12.20 -9.38 -42.15
CA THR C 242 -11.61 -10.32 -41.16
C THR C 242 -11.21 -11.66 -41.74
N GLN C 243 -11.74 -12.04 -42.93
CA GLN C 243 -11.25 -13.22 -43.62
C GLN C 243 -11.08 -12.84 -45.09
N THR C 244 -10.37 -11.76 -45.31
CA THR C 244 -10.44 -10.97 -46.53
C THR C 244 -10.30 -11.80 -47.80
N ASN C 245 -9.19 -12.54 -47.94
CA ASN C 245 -8.92 -13.10 -49.25
C ASN C 245 -9.71 -14.40 -49.45
N TYR C 246 -10.24 -15.00 -48.39
CA TYR C 246 -11.19 -16.07 -48.53
C TYR C 246 -12.47 -15.54 -49.17
N PHE C 247 -12.95 -14.44 -48.61
CA PHE C 247 -14.11 -13.75 -49.13
C PHE C 247 -13.88 -13.36 -50.60
N LEU C 248 -12.75 -12.72 -50.90
CA LEU C 248 -12.53 -12.13 -52.19
C LEU C 248 -12.27 -13.23 -53.22
N ASN C 249 -11.49 -14.24 -52.89
CA ASN C 249 -11.02 -15.21 -53.86
C ASN C 249 -11.95 -16.44 -53.95
N HIS C 250 -12.97 -16.62 -53.08
CA HIS C 250 -13.79 -17.80 -53.07
C HIS C 250 -15.28 -17.45 -52.96
N TRP C 251 -15.69 -16.53 -52.08
CA TRP C 251 -17.08 -16.21 -51.91
C TRP C 251 -17.58 -15.37 -53.10
N ILE C 252 -16.85 -14.30 -53.41
CA ILE C 252 -17.20 -13.34 -54.42
C ILE C 252 -17.42 -14.06 -55.77
N PRO C 253 -16.52 -14.93 -56.27
CA PRO C 253 -16.77 -15.72 -57.51
C PRO C 253 -18.10 -16.45 -57.50
N ASN C 254 -18.53 -16.97 -56.35
CA ASN C 254 -19.84 -17.61 -56.24
C ASN C 254 -20.94 -16.58 -56.49
N LEU C 255 -20.90 -15.48 -55.74
CA LEU C 255 -21.92 -14.43 -55.83
C LEU C 255 -21.98 -13.75 -57.22
N ARG C 256 -20.84 -13.68 -57.89
CA ARG C 256 -20.76 -13.06 -59.19
C ARG C 256 -21.22 -14.04 -60.30
N GLY C 257 -21.36 -15.33 -60.00
CA GLY C 257 -21.62 -16.35 -61.00
C GLY C 257 -20.38 -16.84 -61.72
N GLU C 258 -19.17 -16.36 -61.37
CA GLU C 258 -17.97 -16.88 -62.06
C GLU C 258 -17.69 -18.36 -61.77
N SER C 259 -18.24 -18.93 -60.70
CA SER C 259 -18.03 -20.35 -60.38
C SER C 259 -19.10 -21.28 -61.00
N LEU C 260 -20.03 -20.73 -61.80
CA LEU C 260 -21.15 -21.51 -62.35
C LEU C 260 -20.66 -22.69 -63.20
N GLY C 261 -19.65 -22.44 -64.02
CA GLY C 261 -19.09 -23.47 -64.87
C GLY C 261 -18.53 -24.61 -64.06
N LYS C 262 -17.78 -24.29 -63.01
CA LYS C 262 -17.24 -25.30 -62.11
C LYS C 262 -18.38 -26.06 -61.43
N LYS C 263 -19.42 -25.33 -61.00
CA LYS C 263 -20.52 -26.02 -60.33
C LYS C 263 -21.15 -27.08 -61.26
N LYS C 264 -21.40 -26.71 -62.53
CA LYS C 264 -22.04 -27.58 -63.52
C LYS C 264 -21.16 -28.77 -63.84
N GLU C 265 -19.85 -28.56 -63.88
CA GLU C 265 -18.93 -29.67 -64.11
C GLU C 265 -18.88 -30.63 -62.92
N LEU C 266 -18.84 -30.14 -61.68
CA LEU C 266 -18.71 -31.04 -60.55
C LEU C 266 -20.04 -31.68 -60.19
N MET C 267 -21.13 -30.98 -60.44
CA MET C 267 -22.44 -31.45 -59.97
C MET C 267 -23.45 -31.33 -61.13
N PRO C 268 -23.24 -32.10 -62.24
CA PRO C 268 -24.04 -31.94 -63.46
C PRO C 268 -25.51 -32.34 -63.35
N GLU C 269 -25.88 -33.11 -62.33
CA GLU C 269 -27.24 -33.61 -62.31
C GLU C 269 -28.19 -32.72 -61.52
N GLU C 270 -27.92 -31.40 -61.41
CA GLU C 270 -28.80 -30.56 -60.63
C GLU C 270 -28.69 -29.12 -61.13
N PRO C 271 -29.71 -28.28 -60.86
CA PRO C 271 -29.61 -26.89 -61.23
C PRO C 271 -28.58 -26.15 -60.34
N HIS C 272 -28.10 -25.02 -60.85
CA HIS C 272 -27.19 -24.10 -60.20
C HIS C 272 -27.46 -22.71 -60.74
N GLU C 273 -27.60 -21.73 -59.86
CA GLU C 273 -27.51 -20.33 -60.18
C GLU C 273 -26.37 -19.71 -59.39
N ALA C 274 -26.10 -18.43 -59.65
CA ALA C 274 -25.16 -17.68 -58.82
C ALA C 274 -25.62 -17.76 -57.35
N GLY C 275 -24.61 -17.75 -56.49
CA GLY C 275 -24.77 -17.84 -55.03
C GLY C 275 -25.62 -16.70 -54.52
N ARG C 276 -26.41 -17.05 -53.52
CA ARG C 276 -27.06 -16.11 -52.63
C ARG C 276 -26.39 -16.21 -51.24
N ILE C 277 -26.56 -15.14 -50.44
CA ILE C 277 -25.93 -15.10 -49.12
C ILE C 277 -26.89 -14.49 -48.10
N ILE C 278 -26.98 -15.16 -46.95
CA ILE C 278 -27.62 -14.68 -45.76
C ILE C 278 -26.52 -14.22 -44.79
N ILE C 279 -26.60 -12.98 -44.33
CA ILE C 279 -25.63 -12.44 -43.38
C ILE C 279 -26.37 -12.14 -42.07
N VAL C 280 -26.00 -12.86 -41.03
CA VAL C 280 -26.62 -12.67 -39.72
C VAL C 280 -25.63 -11.85 -38.88
N ASP C 281 -25.97 -10.58 -38.71
CA ASP C 281 -25.10 -9.59 -38.07
C ASP C 281 -25.99 -8.42 -37.67
N PRO C 282 -26.05 -8.00 -36.38
CA PRO C 282 -26.83 -6.82 -36.00
C PRO C 282 -26.43 -5.57 -36.77
N ARG C 283 -25.18 -5.55 -37.28
CA ARG C 283 -24.63 -4.37 -37.91
C ARG C 283 -24.48 -4.61 -39.41
N ARG C 284 -24.75 -3.55 -40.18
CA ARG C 284 -24.48 -3.53 -41.59
C ARG C 284 -23.02 -3.16 -41.79
N THR C 285 -22.27 -4.13 -42.28
CA THR C 285 -20.84 -3.99 -42.45
C THR C 285 -20.51 -3.79 -43.92
N VAL C 286 -19.25 -3.47 -44.17
CA VAL C 286 -18.77 -3.39 -45.53
C VAL C 286 -18.93 -4.73 -46.23
N THR C 287 -18.94 -5.85 -45.47
CA THR C 287 -19.16 -7.15 -46.10
C THR C 287 -20.57 -7.20 -46.72
N VAL C 288 -21.58 -6.76 -45.97
CA VAL C 288 -22.95 -6.68 -46.50
C VAL C 288 -22.98 -5.82 -47.75
N ASN C 289 -22.39 -4.64 -47.66
CA ASN C 289 -22.32 -3.72 -48.78
C ASN C 289 -21.72 -4.41 -50.01
N ALA C 290 -20.56 -5.06 -49.85
CA ALA C 290 -19.83 -5.64 -50.97
C ALA C 290 -20.65 -6.78 -51.59
N CYS C 291 -21.36 -7.55 -50.76
CA CYS C 291 -22.22 -8.64 -51.23
C CYS C 291 -23.34 -8.07 -52.12
N GLU C 292 -23.97 -7.00 -51.67
CA GLU C 292 -25.04 -6.37 -52.43
C GLU C 292 -24.51 -5.84 -53.75
N GLN C 293 -23.33 -5.25 -53.76
CA GLN C 293 -22.76 -4.69 -54.96
C GLN C 293 -22.35 -5.79 -55.92
N THR C 294 -22.07 -6.99 -55.44
CA THR C 294 -21.57 -8.04 -56.28
C THR C 294 -22.76 -8.86 -56.79
N ALA C 295 -23.65 -9.28 -55.89
CA ALA C 295 -24.69 -10.24 -56.23
C ALA C 295 -26.00 -9.56 -56.63
N GLY C 296 -26.14 -8.28 -56.27
CA GLY C 296 -27.40 -7.57 -56.25
C GLY C 296 -28.14 -7.79 -54.94
N ALA C 297 -28.95 -6.82 -54.56
CA ALA C 297 -29.65 -6.81 -53.28
C ALA C 297 -30.67 -7.94 -53.20
N ASP C 298 -31.16 -8.43 -54.33
CA ASP C 298 -32.11 -9.53 -54.34
C ASP C 298 -31.47 -10.84 -53.92
N ASN C 299 -30.15 -10.97 -54.06
CA ASN C 299 -29.45 -12.19 -53.69
C ASN C 299 -28.74 -12.07 -52.32
N VAL C 300 -29.06 -11.04 -51.54
CA VAL C 300 -28.43 -10.82 -50.23
C VAL C 300 -29.54 -10.64 -49.21
N LEU C 301 -29.56 -11.50 -48.20
CA LEU C 301 -30.50 -11.31 -47.10
C LEU C 301 -29.70 -10.97 -45.82
N HIS C 302 -29.69 -9.70 -45.46
CA HIS C 302 -29.05 -9.22 -44.24
C HIS C 302 -30.06 -9.29 -43.13
N LEU C 303 -29.93 -10.32 -42.28
CA LEU C 303 -30.72 -10.41 -41.08
C LEU C 303 -30.04 -9.63 -39.95
N ALA C 304 -30.47 -8.37 -39.76
CA ALA C 304 -29.93 -7.48 -38.77
C ALA C 304 -30.61 -7.71 -37.43
N ILE C 305 -30.28 -8.90 -36.86
CA ILE C 305 -30.83 -9.33 -35.60
C ILE C 305 -30.52 -8.36 -34.49
N ASN C 306 -31.38 -8.38 -33.47
CA ASN C 306 -31.05 -7.82 -32.17
C ASN C 306 -29.83 -8.57 -31.64
N SER C 307 -28.92 -7.79 -31.05
CA SER C 307 -27.70 -8.33 -30.45
C SER C 307 -28.03 -9.54 -29.56
N GLY C 308 -27.33 -10.65 -29.79
CA GLY C 308 -27.42 -11.79 -28.87
C GLY C 308 -28.63 -12.71 -29.12
N THR C 309 -29.35 -12.55 -30.27
CA THR C 309 -30.60 -13.30 -30.51
C THR C 309 -30.49 -14.38 -31.59
N ASP C 310 -29.27 -14.67 -32.07
CA ASP C 310 -29.03 -15.72 -33.03
C ASP C 310 -29.71 -17.06 -32.68
N LEU C 311 -29.65 -17.50 -31.42
CA LEU C 311 -30.18 -18.80 -31.05
C LEU C 311 -31.70 -18.87 -31.41
N ALA C 312 -32.43 -17.78 -31.19
CA ALA C 312 -33.86 -17.75 -31.45
C ALA C 312 -34.11 -17.85 -32.94
N LEU C 313 -33.33 -17.12 -33.75
CA LEU C 313 -33.36 -17.25 -35.18
C LEU C 313 -33.15 -18.69 -35.61
N PHE C 314 -32.05 -19.33 -35.18
CA PHE C 314 -31.72 -20.66 -35.67
C PHE C 314 -32.78 -21.70 -35.29
N ASN C 315 -33.33 -21.59 -34.09
CA ASN C 315 -34.32 -22.51 -33.62
C ASN C 315 -35.60 -22.37 -34.45
N ALA C 316 -35.95 -21.14 -34.87
CA ALA C 316 -37.12 -20.92 -35.69
C ALA C 316 -36.90 -21.46 -37.09
N LEU C 317 -35.67 -21.32 -37.60
CA LEU C 317 -35.33 -21.85 -38.91
C LEU C 317 -35.41 -23.37 -38.87
N PHE C 318 -34.84 -23.98 -37.83
CA PHE C 318 -34.79 -25.43 -37.70
C PHE C 318 -36.22 -25.98 -37.65
N THR C 319 -37.05 -25.30 -36.84
CA THR C 319 -38.45 -25.69 -36.67
C THR C 319 -39.16 -25.68 -38.02
N TYR C 320 -39.02 -24.60 -38.77
CA TYR C 320 -39.75 -24.38 -40.00
C TYR C 320 -39.30 -25.39 -41.03
N ILE C 321 -38.00 -25.58 -41.16
CA ILE C 321 -37.44 -26.52 -42.13
C ILE C 321 -37.88 -27.95 -41.80
N ALA C 322 -37.81 -28.33 -40.51
CA ALA C 322 -38.22 -29.65 -40.10
C ALA C 322 -39.71 -29.84 -40.40
N ASP C 323 -40.53 -28.86 -40.06
CA ASP C 323 -41.97 -28.94 -40.30
C ASP C 323 -42.32 -29.04 -41.79
N LYS C 324 -41.55 -28.47 -42.68
CA LYS C 324 -41.77 -28.57 -44.11
C LYS C 324 -41.24 -29.87 -44.69
N GLY C 325 -40.41 -30.60 -43.92
CA GLY C 325 -39.75 -31.78 -44.43
C GLY C 325 -38.62 -31.44 -45.39
N TRP C 326 -38.08 -30.21 -45.29
CA TRP C 326 -36.95 -29.85 -46.12
C TRP C 326 -35.60 -30.34 -45.58
N VAL C 327 -35.52 -31.64 -45.33
CA VAL C 327 -34.36 -32.22 -44.65
C VAL C 327 -33.82 -33.38 -45.45
N ASP C 328 -32.63 -33.82 -45.15
CA ASP C 328 -31.96 -34.92 -45.80
C ASP C 328 -32.19 -36.16 -44.95
N ARG C 329 -33.30 -36.85 -45.23
CA ARG C 329 -33.77 -37.99 -44.46
C ARG C 329 -32.76 -39.10 -44.45
N ASP C 330 -32.10 -39.35 -45.58
CA ASP C 330 -31.13 -40.46 -45.61
C ASP C 330 -29.93 -40.15 -44.69
N PHE C 331 -29.49 -38.88 -44.73
CA PHE C 331 -28.34 -38.47 -43.90
C PHE C 331 -28.71 -38.63 -42.43
N ILE C 332 -29.87 -38.09 -42.06
CA ILE C 332 -30.33 -38.18 -40.70
C ILE C 332 -30.38 -39.64 -40.27
N ASP C 333 -30.91 -40.54 -41.14
CA ASP C 333 -31.15 -41.92 -40.73
C ASP C 333 -29.84 -42.64 -40.61
N LYS C 334 -28.90 -42.41 -41.54
CA LYS C 334 -27.67 -43.19 -41.53
C LYS C 334 -26.58 -42.61 -40.60
N SER C 335 -26.54 -41.28 -40.42
CA SER C 335 -25.33 -40.66 -39.87
C SER C 335 -25.57 -39.91 -38.54
N THR C 336 -26.79 -39.87 -38.03
CA THR C 336 -27.11 -39.20 -36.78
C THR C 336 -27.80 -40.12 -35.77
N LEU C 337 -27.72 -39.70 -34.52
CA LEU C 337 -28.18 -40.48 -33.40
C LEU C 337 -29.70 -40.65 -33.49
N ARG C 338 -30.14 -41.92 -33.45
CA ARG C 338 -31.58 -42.19 -33.62
C ARG C 338 -32.32 -42.42 -32.29
N GLU C 339 -31.66 -42.89 -31.23
CA GLU C 339 -32.36 -43.04 -29.94
C GLU C 339 -32.31 -41.72 -29.17
N GLY C 340 -33.43 -41.01 -28.97
CA GLY C 340 -33.39 -39.80 -28.16
C GLY C 340 -33.13 -40.16 -26.69
N THR C 341 -32.67 -39.21 -25.90
CA THR C 341 -32.37 -39.49 -24.51
C THR C 341 -33.16 -38.49 -23.68
N ALA C 342 -33.40 -38.77 -22.40
CA ALA C 342 -34.26 -37.92 -21.59
C ALA C 342 -33.55 -36.58 -21.28
N ARG C 343 -34.33 -35.50 -21.29
CA ARG C 343 -33.83 -34.20 -20.89
C ARG C 343 -33.31 -34.25 -19.46
N PRO C 344 -32.27 -33.47 -19.11
CA PRO C 344 -31.90 -33.44 -17.70
C PRO C 344 -32.93 -32.73 -16.81
N PRO C 345 -32.88 -32.97 -15.51
CA PRO C 345 -33.91 -32.48 -14.60
C PRO C 345 -34.03 -30.96 -14.58
N LEU C 346 -32.98 -30.19 -14.83
CA LEU C 346 -33.04 -28.75 -14.71
C LEU C 346 -33.36 -28.10 -16.06
N TYR C 347 -33.52 -28.92 -17.09
CA TYR C 347 -33.84 -28.40 -18.43
C TYR C 347 -35.21 -27.78 -18.40
N PRO C 348 -35.52 -26.71 -19.16
CA PRO C 348 -34.61 -26.11 -20.12
C PRO C 348 -33.64 -25.02 -19.64
N ALA C 349 -33.79 -24.51 -18.43
CA ALA C 349 -32.97 -23.38 -17.99
C ALA C 349 -31.49 -23.75 -17.86
N ARG C 350 -31.18 -24.99 -17.45
CA ARG C 350 -29.81 -25.40 -17.19
C ARG C 350 -29.63 -26.83 -17.67
N GLY C 351 -28.43 -27.16 -18.13
CA GLY C 351 -28.08 -28.52 -18.43
C GLY C 351 -27.91 -29.41 -17.23
N VAL C 352 -27.36 -30.59 -17.51
CA VAL C 352 -27.15 -31.58 -16.48
C VAL C 352 -26.07 -31.06 -15.51
N SER C 353 -25.06 -30.32 -16.01
CA SER C 353 -24.11 -29.63 -15.13
C SER C 353 -23.52 -28.45 -15.89
N GLU C 354 -22.64 -27.68 -15.24
CA GLU C 354 -21.96 -26.58 -15.92
C GLU C 354 -21.11 -27.10 -17.09
N ALA C 355 -20.62 -28.36 -17.00
CA ALA C 355 -19.86 -28.96 -18.09
C ALA C 355 -20.68 -29.12 -19.39
N ASN C 356 -21.99 -29.18 -19.28
CA ASN C 356 -22.86 -29.62 -20.40
C ASN C 356 -24.09 -28.74 -20.48
N PRO C 357 -23.96 -27.53 -21.08
CA PRO C 357 -25.02 -26.53 -21.08
C PRO C 357 -26.25 -26.88 -21.93
N GLY C 358 -26.06 -27.82 -22.87
CA GLY C 358 -27.09 -28.24 -23.80
C GLY C 358 -27.28 -29.75 -23.73
N HIS C 359 -28.36 -30.20 -24.36
CA HIS C 359 -28.75 -31.60 -24.33
C HIS C 359 -28.63 -32.19 -25.74
N LEU C 360 -27.74 -33.15 -25.92
CA LEU C 360 -27.49 -33.81 -27.17
C LEU C 360 -28.54 -34.92 -27.38
N SER C 361 -29.17 -34.94 -28.56
CA SER C 361 -30.19 -35.96 -28.82
C SER C 361 -30.35 -36.24 -30.31
N SER C 362 -31.45 -36.97 -30.63
CA SER C 362 -31.88 -37.22 -32.00
C SER C 362 -32.46 -35.98 -32.63
N PHE C 363 -32.58 -36.02 -33.95
CA PHE C 363 -33.28 -35.00 -34.73
C PHE C 363 -34.64 -34.67 -34.17
N GLU C 364 -35.50 -35.69 -33.99
CA GLU C 364 -36.89 -35.44 -33.66
C GLU C 364 -37.01 -34.80 -32.26
N ASP C 365 -36.19 -35.28 -31.31
CA ASP C 365 -36.18 -34.71 -29.98
C ASP C 365 -35.60 -33.29 -30.00
N ALA C 366 -34.59 -33.03 -30.81
CA ALA C 366 -34.05 -31.67 -30.92
C ALA C 366 -35.05 -30.69 -31.52
N VAL C 367 -35.78 -31.11 -32.54
CA VAL C 367 -36.77 -30.24 -33.14
C VAL C 367 -37.78 -29.84 -32.07
N GLU C 368 -38.27 -30.82 -31.31
CA GLU C 368 -39.30 -30.55 -30.33
C GLU C 368 -38.76 -29.69 -29.20
N GLY C 369 -37.48 -29.91 -28.80
CA GLY C 369 -36.83 -29.10 -27.77
C GLY C 369 -36.55 -27.67 -28.21
N CYS C 370 -36.09 -27.50 -29.46
CA CYS C 370 -35.77 -26.20 -30.03
C CYS C 370 -37.01 -25.42 -30.44
N ARG C 371 -38.17 -26.10 -30.53
CA ARG C 371 -39.29 -25.60 -31.31
C ARG C 371 -39.59 -24.16 -30.97
N MET C 372 -39.63 -23.31 -31.98
CA MET C 372 -39.96 -21.92 -31.82
C MET C 372 -40.67 -21.46 -33.09
N SER C 373 -41.80 -20.78 -32.90
CA SER C 373 -42.59 -20.25 -34.02
C SER C 373 -41.87 -19.08 -34.67
N ILE C 374 -42.19 -18.85 -35.93
CA ILE C 374 -41.75 -17.66 -36.63
C ILE C 374 -42.11 -16.37 -35.87
N GLU C 375 -43.31 -16.29 -35.35
CA GLU C 375 -43.80 -15.09 -34.70
C GLU C 375 -43.00 -14.81 -33.41
N GLU C 376 -42.75 -15.86 -32.62
CA GLU C 376 -41.97 -15.71 -31.41
C GLU C 376 -40.52 -15.27 -31.73
N ALA C 377 -39.89 -15.87 -32.74
CA ALA C 377 -38.56 -15.47 -33.20
C ALA C 377 -38.52 -14.07 -33.74
N ALA C 378 -39.58 -13.65 -34.44
CA ALA C 378 -39.62 -12.30 -34.96
C ALA C 378 -39.63 -11.31 -33.81
N GLU C 379 -40.38 -11.63 -32.76
CA GLU C 379 -40.47 -10.78 -31.60
C GLU C 379 -39.11 -10.68 -30.90
N ILE C 380 -38.43 -11.81 -30.65
CA ILE C 380 -37.12 -11.80 -29.99
C ILE C 380 -36.02 -11.11 -30.82
N THR C 381 -35.93 -11.46 -32.10
CA THR C 381 -34.83 -11.04 -32.97
C THR C 381 -35.06 -9.66 -33.55
N GLY C 382 -36.30 -9.18 -33.53
CA GLY C 382 -36.70 -7.92 -34.17
C GLY C 382 -36.84 -8.06 -35.69
N LEU C 383 -36.60 -9.23 -36.26
CA LEU C 383 -36.78 -9.40 -37.70
C LEU C 383 -38.27 -9.45 -38.07
N ASP C 384 -38.57 -9.20 -39.34
CA ASP C 384 -39.92 -9.46 -39.86
C ASP C 384 -40.10 -10.96 -40.09
N ALA C 385 -41.31 -11.48 -39.79
CA ALA C 385 -41.63 -12.86 -40.11
C ALA C 385 -41.23 -13.25 -41.52
N ALA C 386 -41.50 -12.35 -42.48
CA ALA C 386 -41.15 -12.68 -43.87
C ALA C 386 -39.66 -12.91 -44.10
N GLN C 387 -38.80 -12.19 -43.37
CA GLN C 387 -37.36 -12.37 -43.53
C GLN C 387 -36.94 -13.76 -43.05
N ILE C 388 -37.52 -14.21 -41.91
CA ILE C 388 -37.17 -15.52 -41.39
C ILE C 388 -37.62 -16.64 -42.33
N ILE C 389 -38.85 -16.51 -42.88
CA ILE C 389 -39.37 -17.49 -43.84
C ILE C 389 -38.52 -17.51 -45.09
N LYS C 390 -38.17 -16.33 -45.62
CA LYS C 390 -37.27 -16.30 -46.78
C LYS C 390 -35.96 -17.04 -46.47
N ALA C 391 -35.39 -16.82 -45.28
CA ALA C 391 -34.11 -17.45 -44.94
C ALA C 391 -34.27 -18.97 -44.92
N ALA C 392 -35.34 -19.47 -44.29
CA ALA C 392 -35.67 -20.89 -44.32
C ALA C 392 -35.73 -21.46 -45.74
N GLU C 393 -36.30 -20.69 -46.66
CA GLU C 393 -36.38 -21.11 -48.04
C GLU C 393 -35.01 -21.11 -48.70
N TRP C 394 -34.17 -20.12 -48.40
CA TRP C 394 -32.84 -20.06 -49.02
C TRP C 394 -31.91 -21.12 -48.46
N ILE C 395 -32.27 -21.69 -47.33
CA ILE C 395 -31.48 -22.75 -46.74
C ILE C 395 -32.02 -24.15 -47.13
N GLY C 396 -33.33 -24.34 -46.97
CA GLY C 396 -33.88 -25.71 -46.98
C GLY C 396 -34.69 -26.12 -48.23
N MET C 397 -35.29 -25.14 -48.91
CA MET C 397 -36.19 -25.44 -50.02
C MET C 397 -35.46 -26.19 -51.14
N PRO C 398 -35.97 -27.38 -51.55
CA PRO C 398 -35.38 -28.16 -52.64
C PRO C 398 -35.32 -27.32 -53.91
N LYS C 399 -34.27 -27.52 -54.69
CA LYS C 399 -34.12 -26.83 -55.96
C LYS C 399 -35.04 -27.52 -56.99
N GLU C 400 -35.22 -26.88 -58.16
CA GLU C 400 -36.15 -27.31 -59.20
C GLU C 400 -36.30 -28.82 -59.39
N GLY C 401 -35.24 -29.63 -59.46
CA GLY C 401 -35.52 -31.06 -59.70
C GLY C 401 -36.03 -31.84 -58.49
N GLY C 402 -36.32 -31.21 -57.32
CA GLY C 402 -36.36 -31.90 -56.03
C GLY C 402 -34.95 -32.12 -55.41
N LYS C 403 -33.91 -31.48 -55.94
CA LYS C 403 -32.54 -31.70 -55.50
C LYS C 403 -32.24 -30.84 -54.24
N ARG C 404 -31.49 -31.44 -53.32
CA ARG C 404 -31.16 -30.86 -52.04
C ARG C 404 -30.36 -29.57 -52.25
N ARG C 405 -30.77 -28.49 -51.53
CA ARG C 405 -30.01 -27.24 -51.66
C ARG C 405 -28.70 -27.33 -50.85
N ARG C 406 -27.62 -26.95 -51.53
CA ARG C 406 -26.28 -26.95 -50.95
C ARG C 406 -26.00 -25.60 -50.26
N VAL C 407 -25.66 -25.68 -48.97
CA VAL C 407 -25.51 -24.50 -48.10
C VAL C 407 -24.23 -24.65 -47.31
N MET C 408 -23.34 -23.65 -47.40
CA MET C 408 -22.17 -23.56 -46.55
C MET C 408 -22.49 -22.63 -45.39
N PHE C 409 -22.44 -23.17 -44.17
CA PHE C 409 -22.70 -22.37 -42.98
C PHE C 409 -21.38 -21.97 -42.32
N GLY C 410 -21.08 -20.66 -42.33
CA GLY C 410 -19.84 -20.14 -41.78
C GLY C 410 -20.14 -19.21 -40.61
N TYR C 411 -19.41 -19.35 -39.49
CA TYR C 411 -19.66 -18.50 -38.34
C TYR C 411 -18.33 -18.08 -37.72
N GLU C 412 -18.33 -16.92 -37.03
CA GLU C 412 -17.10 -16.55 -36.30
C GLU C 412 -17.49 -15.88 -34.99
N LYS C 413 -16.86 -14.73 -34.64
CA LYS C 413 -16.89 -14.31 -33.24
C LYS C 413 -18.19 -13.65 -32.85
N GLY C 414 -18.98 -13.19 -33.82
CA GLY C 414 -20.34 -12.74 -33.52
C GLY C 414 -21.19 -13.84 -32.90
N LEU C 415 -20.90 -15.09 -33.27
CA LEU C 415 -21.51 -16.22 -32.60
C LEU C 415 -20.69 -16.62 -31.36
N ILE C 416 -19.42 -16.90 -31.56
CA ILE C 416 -18.60 -17.51 -30.50
C ILE C 416 -18.50 -16.63 -29.24
N TRP C 417 -18.34 -15.30 -29.41
CA TRP C 417 -18.32 -14.35 -28.31
C TRP C 417 -19.71 -13.73 -28.10
N GLY C 418 -20.70 -14.34 -28.75
CA GLY C 418 -22.08 -13.91 -28.61
C GLY C 418 -22.82 -14.76 -27.59
N ASN C 419 -24.11 -14.54 -27.49
CA ASN C 419 -24.90 -15.05 -26.39
C ASN C 419 -25.00 -16.57 -26.44
N ASP C 420 -24.81 -17.21 -25.27
CA ASP C 420 -25.12 -18.63 -25.07
C ASP C 420 -24.38 -19.47 -26.11
N ASN C 421 -23.04 -19.33 -26.08
CA ASN C 421 -22.16 -19.89 -27.06
C ASN C 421 -22.54 -21.36 -27.34
N TYR C 422 -22.68 -22.16 -26.29
CA TYR C 422 -22.84 -23.60 -26.46
C TYR C 422 -24.11 -23.91 -27.27
N ARG C 423 -25.22 -23.33 -26.85
CA ARG C 423 -26.51 -23.60 -27.46
C ARG C 423 -26.63 -22.97 -28.86
N THR C 424 -26.08 -21.76 -29.03
CA THR C 424 -26.13 -21.08 -30.31
C THR C 424 -25.33 -21.85 -31.36
N ASN C 425 -24.17 -22.33 -30.94
CA ASN C 425 -23.33 -23.10 -31.81
C ASN C 425 -24.07 -24.39 -32.23
N GLY C 426 -24.65 -25.08 -31.27
CA GLY C 426 -25.38 -26.32 -31.55
C GLY C 426 -26.59 -26.03 -32.47
N ALA C 427 -27.30 -24.94 -32.23
CA ALA C 427 -28.47 -24.58 -32.99
C ALA C 427 -28.15 -24.37 -34.45
N LEU C 428 -26.95 -23.84 -34.74
CA LEU C 428 -26.54 -23.65 -36.12
C LEU C 428 -26.15 -24.98 -36.72
N VAL C 429 -25.42 -25.79 -35.97
CA VAL C 429 -25.03 -27.10 -36.49
C VAL C 429 -26.28 -27.95 -36.80
N ASN C 430 -27.34 -27.80 -36.04
CA ASN C 430 -28.59 -28.52 -36.28
C ASN C 430 -29.09 -28.25 -37.69
N LEU C 431 -28.96 -27.01 -38.19
CA LEU C 431 -29.39 -26.69 -39.55
C LEU C 431 -28.55 -27.41 -40.59
N ALA C 432 -27.25 -27.45 -40.38
CA ALA C 432 -26.37 -28.12 -41.34
C ALA C 432 -26.60 -29.63 -41.36
N LEU C 433 -26.75 -30.23 -40.18
CA LEU C 433 -27.02 -31.66 -40.05
C LEU C 433 -28.37 -32.01 -40.67
N ALA C 434 -29.41 -31.23 -40.35
CA ALA C 434 -30.73 -31.49 -40.86
C ALA C 434 -30.76 -31.47 -42.40
N THR C 435 -29.95 -30.60 -43.03
CA THR C 435 -30.00 -30.41 -44.47
C THR C 435 -28.91 -31.18 -45.21
N GLY C 436 -28.23 -32.06 -44.49
CA GLY C 436 -27.16 -32.87 -45.06
C GLY C 436 -25.97 -32.11 -45.61
N ASN C 437 -25.71 -30.90 -45.07
CA ASN C 437 -24.68 -30.05 -45.64
C ASN C 437 -23.38 -30.16 -44.82
N ILE C 438 -22.95 -31.37 -44.55
CA ILE C 438 -21.64 -31.59 -43.93
C ILE C 438 -21.02 -32.76 -44.68
N GLY C 439 -19.76 -32.61 -45.12
CA GLY C 439 -18.98 -33.65 -45.76
C GLY C 439 -19.25 -33.77 -47.27
N ARG C 440 -19.96 -32.79 -47.86
CA ARG C 440 -20.29 -32.80 -49.27
C ARG C 440 -19.91 -31.50 -49.95
N PRO C 441 -19.69 -31.50 -51.27
CA PRO C 441 -19.40 -30.27 -52.01
C PRO C 441 -20.47 -29.21 -51.76
N GLY C 442 -19.98 -27.96 -51.60
CA GLY C 442 -20.88 -26.84 -51.44
C GLY C 442 -21.50 -26.76 -50.05
N GLY C 443 -21.01 -27.58 -49.11
CA GLY C 443 -21.52 -27.60 -47.76
C GLY C 443 -20.46 -27.17 -46.72
N GLY C 444 -20.71 -27.60 -45.48
CA GLY C 444 -19.90 -27.31 -44.32
C GLY C 444 -20.67 -26.52 -43.26
N VAL C 445 -20.33 -26.73 -41.98
CA VAL C 445 -20.72 -25.84 -40.88
C VAL C 445 -19.43 -25.58 -40.08
N VAL C 446 -18.82 -24.43 -40.38
CA VAL C 446 -17.42 -24.19 -40.05
C VAL C 446 -17.22 -22.83 -39.36
N ARG C 447 -16.23 -22.81 -38.44
CA ARG C 447 -15.60 -21.56 -38.06
C ARG C 447 -14.92 -21.00 -39.30
N LEU C 448 -15.02 -19.67 -39.48
CA LEU C 448 -14.28 -18.95 -40.49
C LEU C 448 -12.91 -18.52 -40.00
N GLY C 449 -12.75 -18.47 -38.67
CA GLY C 449 -11.44 -18.57 -38.04
C GLY C 449 -10.91 -17.18 -37.74
N GLY C 450 -9.85 -17.18 -36.91
CA GLY C 450 -9.18 -15.98 -36.45
C GLY C 450 -7.74 -15.96 -36.91
N HIS C 451 -6.88 -16.53 -36.07
CA HIS C 451 -5.52 -16.81 -36.45
C HIS C 451 -5.55 -18.11 -37.26
N GLN C 452 -4.43 -18.42 -37.88
CA GLN C 452 -4.21 -19.80 -38.33
C GLN C 452 -4.21 -20.75 -37.13
N GLU C 453 -4.22 -22.05 -37.41
CA GLU C 453 -4.25 -23.09 -36.40
C GLU C 453 -2.92 -23.81 -36.44
N GLY C 454 -2.41 -24.16 -35.26
CA GLY C 454 -1.16 -24.89 -35.19
C GLY C 454 -0.97 -25.49 -33.81
N TYR C 455 -1.99 -26.22 -33.36
CA TYR C 455 -1.98 -26.74 -32.02
C TYR C 455 -1.57 -28.20 -31.98
N VAL C 456 -0.53 -28.49 -31.19
CA VAL C 456 -0.26 -29.85 -30.80
C VAL C 456 0.40 -29.78 -29.42
N ARG C 457 -0.27 -30.41 -28.44
CA ARG C 457 0.19 -30.37 -27.06
C ARG C 457 -0.10 -31.69 -26.39
N PRO C 458 0.53 -31.99 -25.25
CA PRO C 458 0.15 -33.15 -24.45
C PRO C 458 -1.28 -33.00 -23.97
N SER C 459 -1.79 -34.12 -23.45
CA SER C 459 -3.08 -34.13 -22.83
C SER C 459 -3.32 -32.94 -21.86
N ASP C 460 -4.52 -32.37 -21.89
CA ASP C 460 -4.95 -31.32 -20.99
C ASP C 460 -6.02 -31.87 -20.05
N ALA C 461 -6.08 -33.18 -19.86
CA ALA C 461 -7.19 -33.74 -19.08
C ALA C 461 -7.20 -33.18 -17.66
N HIS C 462 -6.04 -32.83 -17.08
CA HIS C 462 -5.97 -32.34 -15.71
C HIS C 462 -6.60 -30.95 -15.58
N VAL C 463 -6.90 -30.21 -16.67
CA VAL C 463 -7.40 -28.86 -16.51
C VAL C 463 -8.86 -28.85 -16.07
N GLY C 464 -9.58 -29.92 -16.43
CA GLY C 464 -11.00 -30.03 -16.06
C GLY C 464 -11.92 -29.32 -17.05
N ARG C 465 -13.23 -29.54 -16.86
CA ARG C 465 -14.26 -28.93 -17.66
C ARG C 465 -15.46 -28.76 -16.77
N PRO C 466 -15.93 -27.53 -16.43
CA PRO C 466 -15.29 -26.25 -16.79
C PRO C 466 -13.89 -26.10 -16.21
N ALA C 467 -12.99 -25.41 -16.93
CA ALA C 467 -11.68 -25.13 -16.45
C ALA C 467 -11.68 -23.88 -15.54
N ALA C 468 -10.55 -23.62 -14.88
CA ALA C 468 -10.44 -22.45 -14.01
C ALA C 468 -10.51 -21.11 -14.78
N TYR C 469 -11.30 -20.18 -14.24
CA TYR C 469 -11.38 -18.81 -14.71
C TYR C 469 -10.18 -18.05 -14.14
N VAL C 470 -9.11 -18.07 -14.92
CA VAL C 470 -7.82 -17.59 -14.46
C VAL C 470 -7.84 -16.09 -14.11
N ASP C 471 -8.51 -15.23 -14.89
CA ASP C 471 -8.53 -13.83 -14.57
C ASP C 471 -9.15 -13.58 -13.21
N GLN C 472 -10.21 -14.34 -12.87
CA GLN C 472 -10.86 -14.21 -11.58
C GLN C 472 -9.96 -14.68 -10.44
N LEU C 473 -9.12 -15.70 -10.67
CA LEU C 473 -8.16 -16.05 -9.66
C LEU C 473 -7.20 -14.87 -9.43
N LEU C 474 -6.68 -14.28 -10.51
CA LEU C 474 -5.72 -13.19 -10.41
C LEU C 474 -6.34 -11.99 -9.71
N ILE C 475 -7.52 -11.60 -10.15
CA ILE C 475 -8.22 -10.43 -9.62
C ILE C 475 -8.53 -10.69 -8.16
N GLY C 476 -8.77 -11.97 -7.78
CA GLY C 476 -9.13 -12.30 -6.41
C GLY C 476 -7.92 -12.53 -5.53
N GLY C 477 -6.71 -12.27 -6.01
CA GLY C 477 -5.52 -12.31 -5.18
C GLY C 477 -4.86 -13.68 -5.13
N GLN C 478 -5.19 -14.65 -5.99
CA GLN C 478 -4.56 -15.96 -5.95
C GLN C 478 -3.49 -16.08 -7.02
N GLY C 479 -2.69 -17.16 -6.88
CA GLY C 479 -1.56 -17.44 -7.71
C GLY C 479 -0.32 -16.63 -7.26
N GLY C 480 0.85 -17.19 -7.46
CA GLY C 480 2.08 -16.54 -7.06
C GLY C 480 2.96 -16.11 -8.18
N VAL C 481 3.07 -16.95 -9.22
CA VAL C 481 3.90 -16.64 -10.36
C VAL C 481 3.04 -16.75 -11.62
N HIS C 482 3.19 -15.82 -12.54
CA HIS C 482 2.47 -15.79 -13.82
C HIS C 482 3.48 -15.74 -14.97
N HIS C 483 3.43 -16.76 -15.84
CA HIS C 483 4.16 -16.75 -17.10
C HIS C 483 3.16 -16.42 -18.23
N ILE C 484 3.46 -15.37 -18.96
CA ILE C 484 2.69 -14.85 -20.06
C ILE C 484 3.43 -15.02 -21.37
N TRP C 485 2.81 -15.70 -22.31
CA TRP C 485 3.41 -16.00 -23.60
C TRP C 485 2.52 -15.48 -24.74
N GLY C 486 2.94 -14.41 -25.40
CA GLY C 486 2.37 -14.04 -26.70
C GLY C 486 0.91 -13.62 -26.61
N CYS C 487 0.53 -12.88 -25.54
CA CYS C 487 -0.80 -12.31 -25.41
C CYS C 487 -0.75 -11.11 -24.46
N ASP C 488 -1.70 -10.18 -24.58
CA ASP C 488 -1.64 -8.92 -23.84
C ASP C 488 -3.01 -8.58 -23.28
N HIS C 489 -3.34 -9.18 -22.13
CA HIS C 489 -4.61 -9.03 -21.47
C HIS C 489 -4.95 -7.57 -21.19
N TYR C 490 -3.96 -6.69 -20.98
CA TYR C 490 -4.24 -5.29 -20.75
C TYR C 490 -5.06 -4.68 -21.89
N LYS C 491 -4.85 -5.15 -23.11
CA LYS C 491 -5.57 -4.66 -24.28
C LYS C 491 -6.73 -5.57 -24.70
N THR C 492 -6.75 -6.87 -24.31
CA THR C 492 -7.67 -7.81 -24.96
C THR C 492 -8.50 -8.68 -24.06
N THR C 493 -8.34 -8.65 -22.71
CA THR C 493 -9.16 -9.51 -21.89
C THR C 493 -10.52 -8.85 -21.66
N LEU C 494 -11.45 -9.64 -21.12
CA LEU C 494 -12.72 -9.11 -20.62
C LEU C 494 -12.52 -8.46 -19.25
N ASN C 495 -13.40 -7.54 -18.87
CA ASN C 495 -13.33 -6.93 -17.55
C ASN C 495 -11.92 -6.33 -17.35
N ALA C 496 -11.39 -5.70 -18.41
CA ALA C 496 -9.99 -5.33 -18.49
C ALA C 496 -9.61 -4.18 -17.54
N HIS C 497 -10.57 -3.37 -17.12
CA HIS C 497 -10.27 -2.20 -16.31
C HIS C 497 -9.97 -2.67 -14.86
N GLU C 498 -10.83 -3.52 -14.32
CA GLU C 498 -10.56 -4.19 -13.09
C GLU C 498 -9.30 -5.03 -13.14
N PHE C 499 -9.15 -5.79 -14.21
CA PHE C 499 -7.97 -6.63 -14.37
C PHE C 499 -6.69 -5.78 -14.21
N LYS C 500 -6.62 -4.67 -14.90
CA LYS C 500 -5.43 -3.78 -14.87
C LYS C 500 -5.19 -3.18 -13.47
N ARG C 501 -6.26 -2.79 -12.79
N ARG C 501 -6.27 -2.79 -12.78
CA ARG C 501 -6.15 -2.22 -11.46
CA ARG C 501 -6.15 -2.21 -11.45
C ARG C 501 -5.48 -3.20 -10.50
C ARG C 501 -5.50 -3.20 -10.49
N VAL C 502 -6.00 -4.45 -10.47
CA VAL C 502 -5.46 -5.44 -9.58
C VAL C 502 -4.07 -5.90 -9.98
N TYR C 503 -3.86 -6.09 -11.30
CA TYR C 503 -2.63 -6.67 -11.75
C TYR C 503 -1.49 -5.72 -11.39
N LYS C 504 -1.73 -4.43 -11.62
CA LYS C 504 -0.75 -3.43 -11.25
C LYS C 504 -0.38 -3.49 -9.77
N LYS C 505 -1.37 -3.50 -8.91
CA LYS C 505 -1.10 -3.46 -7.47
C LYS C 505 -0.35 -4.71 -7.00
N ARG C 506 -0.78 -5.89 -7.48
CA ARG C 506 -0.08 -7.12 -7.13
C ARG C 506 1.36 -7.19 -7.63
N THR C 507 1.63 -6.76 -8.87
CA THR C 507 3.00 -6.79 -9.36
C THR C 507 3.83 -5.68 -8.74
N ASP C 508 3.22 -4.52 -8.44
CA ASP C 508 3.93 -3.45 -7.76
C ASP C 508 4.48 -3.94 -6.40
N MET C 509 3.76 -4.86 -5.71
CA MET C 509 4.24 -5.40 -4.45
C MET C 509 5.59 -6.06 -4.63
N VAL C 510 5.69 -6.83 -5.73
CA VAL C 510 6.92 -7.55 -6.02
C VAL C 510 8.01 -6.59 -6.51
N LYS C 511 7.63 -5.60 -7.34
CA LYS C 511 8.59 -4.59 -7.79
C LYS C 511 9.23 -3.84 -6.61
N ASP C 512 8.43 -3.48 -5.61
CA ASP C 512 8.87 -2.67 -4.47
C ASP C 512 9.81 -3.53 -3.62
N ALA C 513 9.55 -4.83 -3.49
CA ALA C 513 10.46 -5.75 -2.81
C ALA C 513 11.78 -5.88 -3.54
N MET C 514 11.73 -6.05 -4.87
CA MET C 514 12.92 -6.28 -5.65
C MET C 514 13.83 -5.02 -5.63
N SER C 515 13.23 -3.85 -5.69
CA SER C 515 14.03 -2.62 -5.69
C SER C 515 14.75 -2.42 -4.36
N ALA C 516 14.24 -3.01 -3.28
CA ALA C 516 14.81 -2.82 -1.96
C ALA C 516 15.75 -3.96 -1.57
N ALA C 517 15.87 -5.01 -2.38
CA ALA C 517 16.74 -6.14 -2.07
C ALA C 517 17.98 -6.09 -2.92
N PRO C 518 19.08 -6.77 -2.49
CA PRO C 518 20.33 -6.80 -3.27
C PRO C 518 20.25 -7.82 -4.42
N TYR C 519 20.52 -7.40 -5.67
CA TYR C 519 20.37 -8.32 -6.80
C TYR C 519 21.55 -9.27 -6.85
N GLY C 520 22.74 -8.73 -6.62
CA GLY C 520 23.99 -9.48 -6.74
C GLY C 520 24.06 -10.62 -5.73
N ASP C 521 23.24 -10.60 -4.66
CA ASP C 521 23.00 -11.77 -3.81
C ASP C 521 21.66 -12.41 -4.18
N ARG C 522 21.74 -13.36 -5.11
CA ARG C 522 20.55 -13.82 -5.84
C ARG C 522 19.59 -14.52 -4.90
N GLU C 523 20.12 -15.23 -3.88
CA GLU C 523 19.26 -15.91 -2.96
C GLU C 523 18.44 -14.89 -2.15
N ALA C 524 19.04 -13.76 -1.79
CA ALA C 524 18.30 -12.75 -1.02
C ALA C 524 17.20 -12.13 -1.90
N MET C 525 17.51 -11.86 -3.18
CA MET C 525 16.52 -11.35 -4.13
C MET C 525 15.32 -12.31 -4.19
N VAL C 526 15.60 -13.62 -4.40
CA VAL C 526 14.52 -14.62 -4.54
C VAL C 526 13.69 -14.66 -3.29
N ASN C 527 14.34 -14.62 -2.12
CA ASN C 527 13.59 -14.66 -0.87
C ASN C 527 12.71 -13.40 -0.69
N ALA C 528 13.21 -12.23 -1.09
CA ALA C 528 12.39 -11.01 -1.05
C ALA C 528 11.16 -11.09 -1.97
N ILE C 529 11.36 -11.72 -3.15
CA ILE C 529 10.26 -11.88 -4.10
C ILE C 529 9.20 -12.80 -3.50
N VAL C 530 9.66 -13.93 -3.00
CA VAL C 530 8.72 -14.89 -2.42
C VAL C 530 7.99 -14.34 -1.20
N ASP C 531 8.67 -13.51 -0.36
CA ASP C 531 7.99 -12.86 0.76
C ASP C 531 6.84 -11.98 0.24
N ALA C 532 7.12 -11.21 -0.84
CA ALA C 532 6.08 -10.33 -1.39
C ALA C 532 4.92 -11.13 -1.97
N ILE C 533 5.25 -12.27 -2.61
CA ILE C 533 4.21 -13.17 -3.11
C ILE C 533 3.38 -13.69 -1.97
N ASN C 534 4.03 -14.12 -0.89
CA ASN C 534 3.30 -14.65 0.25
C ASN C 534 2.34 -13.63 0.82
N GLN C 535 2.59 -12.32 0.63
CA GLN C 535 1.69 -11.27 1.15
C GLN C 535 0.59 -10.93 0.16
N GLY C 536 0.56 -11.57 -1.02
CA GLY C 536 -0.47 -11.28 -2.00
C GLY C 536 0.05 -10.74 -3.32
N GLY C 537 1.36 -10.62 -3.45
CA GLY C 537 1.95 -10.11 -4.68
C GLY C 537 1.93 -11.18 -5.77
N LEU C 538 2.43 -10.80 -6.95
CA LEU C 538 2.54 -11.68 -8.08
C LEU C 538 3.85 -11.36 -8.80
N PHE C 539 4.66 -12.38 -9.03
CA PHE C 539 5.83 -12.25 -9.88
C PHE C 539 5.46 -12.71 -11.31
N ALA C 540 5.72 -11.85 -12.27
CA ALA C 540 5.25 -11.99 -13.63
C ALA C 540 6.42 -11.97 -14.63
N VAL C 541 6.35 -12.84 -15.61
CA VAL C 541 7.34 -13.07 -16.64
C VAL C 541 6.61 -12.98 -17.98
N ASN C 542 7.10 -12.13 -18.87
CA ASN C 542 6.47 -11.97 -20.17
C ASN C 542 7.43 -12.44 -21.27
N VAL C 543 6.93 -13.31 -22.16
CA VAL C 543 7.66 -13.73 -23.35
C VAL C 543 6.92 -13.12 -24.55
N ASP C 544 7.57 -12.22 -25.26
CA ASP C 544 6.96 -11.42 -26.29
C ASP C 544 8.04 -10.93 -27.26
N ILE C 545 7.57 -10.24 -28.33
CA ILE C 545 8.49 -9.67 -29.33
C ILE C 545 8.60 -8.13 -29.22
N ILE C 546 7.70 -7.51 -28.43
CA ILE C 546 7.73 -6.06 -28.19
C ILE C 546 7.53 -5.78 -26.70
N PRO C 547 7.75 -4.52 -26.24
CA PRO C 547 7.26 -4.06 -24.93
C PRO C 547 5.75 -3.98 -24.95
N THR C 548 5.12 -4.88 -24.21
CA THR C 548 3.67 -4.95 -24.19
C THR C 548 3.07 -4.05 -23.10
N LYS C 549 1.73 -3.96 -23.08
CA LYS C 549 1.08 -3.21 -22.02
C LYS C 549 1.17 -4.01 -20.71
N ILE C 550 0.77 -5.30 -20.69
CA ILE C 550 0.90 -6.07 -19.47
C ILE C 550 2.35 -6.20 -19.06
N GLY C 551 3.25 -6.10 -20.03
CA GLY C 551 4.68 -6.15 -19.76
C GLY C 551 5.20 -5.03 -18.90
N GLU C 552 4.51 -3.91 -18.91
CA GLU C 552 4.83 -2.79 -18.05
C GLU C 552 4.69 -3.19 -16.59
N ALA C 553 3.92 -4.23 -16.27
CA ALA C 553 3.74 -4.73 -14.93
C ALA C 553 4.68 -5.91 -14.63
N CYS C 554 5.43 -6.42 -15.60
CA CYS C 554 6.23 -7.63 -15.42
C CYS C 554 7.63 -7.40 -14.86
N HIS C 555 8.18 -8.45 -14.27
CA HIS C 555 9.47 -8.42 -13.58
C HIS C 555 10.60 -8.92 -14.44
N VAL C 556 10.28 -9.82 -15.38
CA VAL C 556 11.23 -10.33 -16.34
C VAL C 556 10.54 -10.36 -17.71
N ILE C 557 11.27 -9.94 -18.73
N ILE C 557 11.28 -9.93 -18.73
CA ILE C 557 10.84 -9.96 -20.11
CA ILE C 557 10.83 -9.95 -20.11
C ILE C 557 11.85 -10.78 -20.89
C ILE C 557 11.84 -10.78 -20.90
N LEU C 558 11.33 -11.72 -21.69
CA LEU C 558 12.19 -12.59 -22.50
C LEU C 558 11.85 -12.38 -23.98
N PRO C 559 12.85 -12.08 -24.83
CA PRO C 559 12.60 -11.75 -26.23
C PRO C 559 12.48 -12.95 -27.16
N ALA C 560 11.32 -13.03 -27.82
CA ALA C 560 10.98 -14.08 -28.77
C ALA C 560 11.29 -13.67 -30.20
N ALA C 561 11.56 -14.67 -31.04
CA ALA C 561 11.64 -14.54 -32.49
C ALA C 561 10.31 -14.98 -33.11
N THR C 562 9.85 -14.32 -34.16
CA THR C 562 8.55 -14.63 -34.72
C THR C 562 8.73 -15.26 -36.12
N SER C 563 7.62 -15.62 -36.74
CA SER C 563 7.62 -16.33 -38.01
C SER C 563 8.47 -15.55 -39.00
N GLY C 564 9.31 -16.26 -39.75
CA GLY C 564 10.14 -15.64 -40.73
C GLY C 564 11.54 -15.47 -40.21
N GLU C 565 11.64 -15.22 -38.88
CA GLU C 565 12.93 -15.27 -38.21
C GLU C 565 13.20 -16.69 -37.74
N MET C 566 12.18 -17.54 -37.89
N MET C 566 12.18 -17.54 -37.89
CA MET C 566 12.25 -18.96 -37.61
CA MET C 566 12.24 -18.96 -37.60
C MET C 566 11.40 -19.69 -38.65
C MET C 566 11.40 -19.69 -38.65
N ASN C 567 11.65 -20.99 -38.79
CA ASN C 567 10.75 -21.87 -39.50
C ASN C 567 9.49 -22.04 -38.67
N LEU C 568 8.33 -22.16 -39.34
CA LEU C 568 7.08 -22.33 -38.62
C LEU C 568 6.06 -23.04 -39.52
N THR C 569 5.28 -23.91 -38.91
CA THR C 569 4.19 -24.65 -39.54
C THR C 569 2.88 -24.33 -38.86
N SER C 570 1.86 -24.22 -39.70
CA SER C 570 0.49 -24.02 -39.30
C SER C 570 -0.42 -24.38 -40.43
N MET C 571 -1.74 -24.40 -40.15
CA MET C 571 -2.74 -24.66 -41.19
C MET C 571 -3.76 -23.55 -41.16
N ASN C 572 -4.49 -23.42 -42.28
CA ASN C 572 -5.51 -22.38 -42.46
C ASN C 572 -6.90 -22.95 -42.19
N GLY C 573 -7.91 -22.19 -42.57
CA GLY C 573 -9.27 -22.51 -42.23
C GLY C 573 -9.86 -23.68 -43.05
N GLU C 574 -9.08 -24.22 -43.99
CA GLU C 574 -9.48 -25.45 -44.67
C GLU C 574 -8.43 -26.53 -44.39
N ARG C 575 -7.70 -26.35 -43.27
CA ARG C 575 -6.71 -27.31 -42.79
C ARG C 575 -5.51 -27.40 -43.73
N ARG C 576 -5.23 -26.33 -44.50
CA ARG C 576 -4.09 -26.39 -45.40
C ARG C 576 -2.80 -26.06 -44.63
N MET C 577 -1.95 -27.06 -44.42
CA MET C 577 -0.71 -26.96 -43.69
C MET C 577 0.46 -26.59 -44.59
N ARG C 578 1.20 -25.54 -44.18
CA ARG C 578 2.36 -25.04 -44.92
C ARG C 578 3.53 -24.84 -43.96
N LEU C 579 4.74 -24.87 -44.54
CA LEU C 579 5.94 -24.47 -43.88
C LEU C 579 6.28 -23.05 -44.32
N THR C 580 6.43 -22.14 -43.33
CA THR C 580 7.05 -20.84 -43.57
C THR C 580 8.53 -21.04 -43.36
N GLU C 581 9.33 -20.73 -44.38
CA GLU C 581 10.75 -20.98 -44.35
C GLU C 581 11.47 -19.73 -43.88
N ARG C 582 12.37 -19.87 -42.90
CA ARG C 582 13.07 -18.73 -42.32
C ARG C 582 13.85 -17.99 -43.40
N TYR C 583 13.67 -16.67 -43.46
CA TYR C 583 14.36 -15.80 -44.40
C TYR C 583 15.18 -14.70 -43.74
N MET C 584 15.13 -14.57 -42.41
CA MET C 584 15.88 -13.53 -41.71
C MET C 584 16.23 -14.00 -40.28
N ASP C 585 17.10 -13.24 -39.65
CA ASP C 585 17.57 -13.50 -38.30
C ASP C 585 16.64 -12.88 -37.26
N PRO C 586 16.49 -13.52 -36.10
CA PRO C 586 15.81 -12.87 -34.95
C PRO C 586 16.54 -11.57 -34.62
N PRO C 587 15.86 -10.49 -34.16
CA PRO C 587 16.55 -9.32 -33.63
C PRO C 587 17.39 -9.64 -32.38
N GLY C 588 18.59 -9.07 -32.31
CA GLY C 588 19.42 -9.19 -31.11
C GLY C 588 19.56 -10.64 -30.65
N GLN C 589 19.24 -10.93 -29.38
CA GLN C 589 19.39 -12.27 -28.82
C GLN C 589 18.06 -13.01 -28.76
N SER C 590 17.06 -12.53 -29.50
N SER C 590 17.07 -12.54 -29.52
CA SER C 590 15.73 -13.14 -29.46
CA SER C 590 15.74 -13.15 -29.44
C SER C 590 15.81 -14.62 -29.86
C SER C 590 15.80 -14.62 -29.88
N MET C 591 14.84 -15.42 -29.40
CA MET C 591 14.84 -16.84 -29.58
C MET C 591 13.41 -17.32 -29.86
N PRO C 592 13.17 -18.27 -30.79
CA PRO C 592 11.85 -18.88 -30.93
C PRO C 592 11.27 -19.36 -29.60
N ASP C 593 9.97 -19.18 -29.43
CA ASP C 593 9.24 -19.54 -28.23
C ASP C 593 9.47 -20.98 -27.80
N CYS C 594 9.42 -21.91 -28.76
CA CYS C 594 9.70 -23.30 -28.41
C CYS C 594 11.06 -23.47 -27.76
N LEU C 595 12.07 -22.73 -28.23
CA LEU C 595 13.39 -22.86 -27.64
C LEU C 595 13.51 -22.13 -26.28
N ILE C 596 12.80 -21.03 -26.12
CA ILE C 596 12.67 -20.41 -24.80
C ILE C 596 12.10 -21.42 -23.80
N ALA C 597 11.06 -22.11 -24.19
CA ALA C 597 10.47 -23.14 -23.36
C ALA C 597 11.49 -24.21 -22.98
N ALA C 598 12.23 -24.67 -23.97
CA ALA C 598 13.24 -25.68 -23.73
C ALA C 598 14.33 -25.17 -22.79
N ARG C 599 14.84 -23.94 -23.03
CA ARG C 599 15.87 -23.35 -22.18
C ARG C 599 15.35 -23.16 -20.73
N LEU C 600 14.06 -22.83 -20.59
CA LEU C 600 13.49 -22.66 -19.30
C LEU C 600 13.39 -24.03 -18.63
N ALA C 601 12.93 -25.06 -19.35
CA ALA C 601 12.92 -26.42 -18.79
C ALA C 601 14.33 -26.86 -18.36
N ASN C 602 15.35 -26.63 -19.20
CA ASN C 602 16.73 -26.96 -18.86
C ASN C 602 17.14 -26.23 -17.58
N THR C 603 16.75 -24.95 -17.43
CA THR C 603 17.13 -24.20 -16.25
C THR C 603 16.41 -24.71 -15.02
N MET C 604 15.15 -25.07 -15.18
CA MET C 604 14.41 -25.67 -14.08
C MET C 604 15.14 -26.94 -13.60
N GLU C 605 15.53 -27.78 -14.55
CA GLU C 605 16.20 -29.02 -14.22
C GLU C 605 17.48 -28.70 -13.47
N ARG C 606 18.28 -27.75 -13.93
CA ARG C 606 19.53 -27.40 -13.29
C ARG C 606 19.27 -26.90 -11.87
N VAL C 607 18.30 -25.97 -11.68
CA VAL C 607 18.10 -25.37 -10.38
C VAL C 607 17.55 -26.42 -9.41
N LEU C 608 16.57 -27.18 -9.86
CA LEU C 608 16.01 -28.22 -9.02
C LEU C 608 17.09 -29.27 -8.60
N THR C 609 18.00 -29.61 -9.51
CA THR C 609 19.05 -30.59 -9.26
C THR C 609 19.97 -30.02 -8.20
N GLU C 610 20.35 -28.74 -8.34
CA GLU C 610 21.22 -28.05 -7.41
C GLU C 610 20.59 -28.00 -6.03
N MET C 611 19.27 -27.86 -5.94
CA MET C 611 18.63 -27.81 -4.64
C MET C 611 18.45 -29.21 -4.04
N GLY C 612 18.73 -30.25 -4.79
CA GLY C 612 18.52 -31.60 -4.29
C GLY C 612 17.16 -32.22 -4.58
N ASP C 613 16.27 -31.57 -5.34
N ASP C 613 16.32 -31.56 -5.37
CA ASP C 613 15.04 -32.26 -5.76
CA ASP C 613 15.06 -32.16 -5.79
C ASP C 613 15.23 -32.92 -7.13
C ASP C 613 15.24 -32.90 -7.13
N VAL C 614 15.99 -34.01 -7.09
CA VAL C 614 16.38 -34.72 -8.27
C VAL C 614 15.17 -35.40 -8.92
N GLY C 615 14.21 -35.87 -8.10
CA GLY C 615 12.99 -36.49 -8.67
C GLY C 615 12.18 -35.51 -9.53
N TYR C 616 11.94 -34.33 -8.97
CA TYR C 616 11.16 -33.33 -9.69
C TYR C 616 11.96 -32.83 -10.89
N ALA C 617 13.28 -32.70 -10.73
CA ALA C 617 14.17 -32.21 -11.77
C ALA C 617 14.02 -33.04 -13.04
N ALA C 618 13.90 -34.38 -12.85
CA ALA C 618 13.86 -35.29 -13.96
C ALA C 618 12.63 -35.08 -14.84
N GLN C 619 11.57 -34.50 -14.30
CA GLN C 619 10.39 -34.24 -15.09
C GLN C 619 10.64 -33.19 -16.18
N PHE C 620 11.71 -32.41 -16.07
CA PHE C 620 11.98 -31.33 -17.01
C PHE C 620 12.99 -31.74 -18.06
N LYS C 621 13.32 -33.04 -18.17
CA LYS C 621 14.10 -33.53 -19.29
C LYS C 621 13.22 -33.62 -20.55
N GLY C 622 13.81 -33.94 -21.69
CA GLY C 622 13.12 -34.04 -22.98
C GLY C 622 13.13 -32.73 -23.77
N PHE C 623 14.03 -31.81 -23.42
CA PHE C 623 14.07 -30.48 -24.04
C PHE C 623 15.51 -30.16 -24.48
N ASP C 624 16.11 -31.07 -25.24
CA ASP C 624 17.46 -30.86 -25.73
C ASP C 624 17.43 -30.18 -27.11
N TRP C 625 16.31 -29.54 -27.49
CA TRP C 625 16.18 -28.92 -28.79
C TRP C 625 17.19 -27.79 -29.04
N GLN C 626 17.72 -27.76 -30.26
CA GLN C 626 18.64 -26.73 -30.69
C GLN C 626 18.02 -25.86 -31.77
N THR C 627 16.98 -26.34 -32.44
CA THR C 627 16.36 -25.55 -33.49
C THR C 627 14.86 -25.91 -33.48
N GLU C 628 14.01 -25.05 -34.07
CA GLU C 628 12.57 -25.23 -34.00
C GLU C 628 12.15 -26.54 -34.68
N GLU C 629 12.93 -27.00 -35.67
CA GLU C 629 12.61 -28.28 -36.32
C GLU C 629 12.59 -29.43 -35.32
N ASP C 630 13.41 -29.32 -34.26
CA ASP C 630 13.45 -30.36 -33.25
C ASP C 630 12.12 -30.44 -32.49
N ALA C 631 11.47 -29.27 -32.27
CA ALA C 631 10.18 -29.25 -31.65
C ALA C 631 9.11 -29.78 -32.61
N PHE C 632 9.21 -29.43 -33.88
CA PHE C 632 8.28 -29.96 -34.89
C PHE C 632 8.29 -31.49 -34.87
N MET C 633 9.52 -32.05 -34.83
CA MET C 633 9.66 -33.50 -34.88
C MET C 633 9.20 -34.15 -33.61
N ASP C 634 9.45 -33.54 -32.42
CA ASP C 634 9.02 -34.15 -31.18
C ASP C 634 7.50 -34.03 -31.01
N GLY C 635 6.90 -32.97 -31.57
CA GLY C 635 5.49 -32.70 -31.37
C GLY C 635 4.65 -33.22 -32.54
N TYR C 636 4.47 -32.38 -33.57
CA TYR C 636 3.61 -32.69 -34.69
C TYR C 636 3.91 -34.09 -35.27
N ASN C 637 5.16 -34.35 -35.60
CA ASN C 637 5.54 -35.55 -36.35
C ASN C 637 5.18 -36.80 -35.58
N LYS C 638 5.29 -36.75 -34.23
CA LYS C 638 5.04 -37.91 -33.43
C LYS C 638 3.63 -37.94 -32.91
N ASN C 639 2.87 -36.86 -32.94
CA ASN C 639 1.58 -36.83 -32.26
C ASN C 639 0.41 -36.58 -33.19
N ALA C 640 0.60 -35.87 -34.29
CA ALA C 640 -0.57 -35.55 -35.11
C ALA C 640 -0.98 -36.79 -35.91
N HIS C 641 -2.26 -36.82 -36.29
CA HIS C 641 -2.80 -37.80 -37.22
C HIS C 641 -2.16 -37.59 -38.58
N GLY C 642 -1.52 -38.64 -39.08
CA GLY C 642 -0.72 -38.64 -40.29
C GLY C 642 0.62 -37.90 -40.17
N GLY C 643 1.02 -37.61 -38.93
CA GLY C 643 2.28 -36.88 -38.71
C GLY C 643 3.49 -37.55 -39.29
N GLU C 644 3.49 -38.90 -39.37
CA GLU C 644 4.64 -39.61 -39.89
C GLU C 644 4.87 -39.27 -41.35
N PHE C 645 3.88 -38.72 -42.07
CA PHE C 645 4.09 -38.42 -43.47
C PHE C 645 4.70 -37.03 -43.68
N VAL C 646 4.83 -36.23 -42.60
CA VAL C 646 5.15 -34.82 -42.79
C VAL C 646 6.54 -34.49 -42.24
N THR C 647 7.38 -33.86 -43.07
CA THR C 647 8.67 -33.36 -42.62
C THR C 647 8.85 -31.97 -43.22
N TYR C 648 9.82 -31.20 -42.70
CA TYR C 648 10.09 -29.87 -43.26
C TYR C 648 10.42 -29.97 -44.77
N GLU C 649 11.30 -30.92 -45.10
CA GLU C 649 11.73 -31.06 -46.50
C GLU C 649 10.55 -31.41 -47.43
N ARG C 650 9.63 -32.29 -46.99
CA ARG C 650 8.46 -32.61 -47.79
C ARG C 650 7.50 -31.44 -47.90
N LEU C 651 7.32 -30.70 -46.79
CA LEU C 651 6.44 -29.54 -46.86
C LEU C 651 6.97 -28.49 -47.78
N SER C 652 8.29 -28.30 -47.66
CA SER C 652 8.97 -27.30 -48.46
C SER C 652 8.72 -27.57 -49.95
N ALA C 653 8.84 -28.86 -50.36
CA ALA C 653 8.64 -29.23 -51.75
C ALA C 653 7.20 -28.94 -52.19
N MET C 654 6.22 -28.94 -51.29
N MET C 654 6.22 -28.94 -51.29
CA MET C 654 4.85 -28.70 -51.69
CA MET C 654 4.85 -28.71 -51.70
C MET C 654 4.55 -27.21 -51.91
C MET C 654 4.55 -27.22 -51.88
N GLY C 655 5.47 -26.34 -51.48
CA GLY C 655 5.27 -24.91 -51.62
C GLY C 655 4.14 -24.34 -50.79
N THR C 656 3.63 -23.18 -51.24
CA THR C 656 2.59 -22.47 -50.50
C THR C 656 1.23 -23.14 -50.57
N ASN C 657 1.05 -24.11 -51.49
CA ASN C 657 -0.21 -24.88 -51.54
C ASN C 657 -0.24 -25.96 -50.48
N GLY C 658 0.94 -26.37 -49.98
CA GLY C 658 1.00 -27.32 -48.87
C GLY C 658 0.09 -28.53 -49.13
N PHE C 659 -0.60 -29.02 -48.09
CA PHE C 659 -1.57 -30.09 -48.26
C PHE C 659 -2.60 -29.88 -47.17
N GLN C 660 -3.77 -30.50 -47.32
CA GLN C 660 -4.84 -30.40 -46.34
C GLN C 660 -4.77 -31.55 -45.35
N GLU C 661 -4.82 -31.21 -44.05
CA GLU C 661 -4.67 -32.20 -43.00
C GLU C 661 -5.99 -32.92 -42.80
N PRO C 662 -5.97 -34.16 -42.25
CA PRO C 662 -4.74 -34.94 -42.04
C PRO C 662 -4.10 -35.56 -43.26
N ALA C 663 -2.79 -35.71 -43.17
CA ALA C 663 -2.05 -36.42 -44.22
C ALA C 663 -2.46 -37.90 -44.15
N THR C 664 -2.62 -38.53 -45.32
CA THR C 664 -3.03 -39.93 -45.39
C THR C 664 -1.98 -40.76 -46.12
N GLY C 665 -0.97 -40.15 -46.72
CA GLY C 665 0.18 -40.86 -47.25
C GLY C 665 1.16 -39.92 -47.92
N PHE C 666 2.17 -40.51 -48.58
CA PHE C 666 3.17 -39.76 -49.28
C PHE C 666 3.57 -40.59 -50.47
N THR C 667 3.38 -40.08 -51.68
CA THR C 667 3.77 -40.79 -52.89
C THR C 667 4.24 -39.76 -53.88
N ASP C 668 5.38 -40.10 -54.50
CA ASP C 668 5.87 -39.37 -55.65
C ASP C 668 6.11 -37.92 -55.25
N GLY C 669 6.82 -37.73 -54.13
CA GLY C 669 7.17 -36.39 -53.62
C GLY C 669 5.95 -35.55 -53.20
N LYS C 670 4.76 -36.14 -52.97
CA LYS C 670 3.57 -35.38 -52.58
C LYS C 670 2.96 -35.96 -51.31
N ILE C 671 2.79 -35.13 -50.27
CA ILE C 671 1.99 -35.49 -49.13
C ILE C 671 0.54 -35.49 -49.57
N GLU C 672 -0.17 -36.58 -49.27
CA GLU C 672 -1.52 -36.71 -49.68
C GLU C 672 -2.41 -36.28 -48.53
N GLY C 673 -3.46 -35.52 -48.83
CA GLY C 673 -4.25 -34.95 -47.77
C GLY C 673 -5.73 -35.22 -47.89
N THR C 674 -6.53 -34.49 -47.12
CA THR C 674 -7.94 -34.72 -46.93
C THR C 674 -8.66 -33.44 -47.27
N GLN C 675 -9.48 -33.47 -48.32
CA GLN C 675 -10.03 -32.25 -48.83
C GLN C 675 -11.19 -31.79 -47.93
N ARG C 676 -11.97 -32.74 -47.46
CA ARG C 676 -13.16 -32.52 -46.69
C ARG C 676 -13.21 -33.56 -45.62
N LEU C 677 -13.78 -33.20 -44.46
CA LEU C 677 -13.97 -34.19 -43.43
C LEU C 677 -15.39 -34.74 -43.57
N TYR C 678 -15.58 -35.89 -42.95
CA TYR C 678 -16.87 -36.53 -42.77
C TYR C 678 -17.50 -36.94 -44.12
N THR C 679 -16.73 -37.18 -45.18
CA THR C 679 -17.35 -37.47 -46.48
C THR C 679 -18.01 -38.86 -46.46
N ASP C 680 -17.62 -39.76 -45.57
CA ASP C 680 -18.24 -41.06 -45.40
C ASP C 680 -19.37 -41.02 -44.36
N GLY C 681 -19.74 -39.84 -43.84
CA GLY C 681 -20.83 -39.79 -42.87
C GLY C 681 -20.50 -40.35 -41.50
N VAL C 682 -19.22 -40.57 -41.19
CA VAL C 682 -18.81 -41.04 -39.88
C VAL C 682 -18.20 -39.89 -39.05
N PHE C 683 -18.84 -39.58 -37.93
CA PHE C 683 -18.56 -38.35 -37.18
C PHE C 683 -17.66 -38.68 -35.99
N SER C 684 -17.20 -37.64 -35.28
CA SER C 684 -16.14 -37.80 -34.29
C SER C 684 -16.77 -38.13 -32.95
N THR C 685 -17.51 -39.24 -32.86
CA THR C 685 -18.11 -39.67 -31.62
C THR C 685 -17.75 -41.13 -31.49
N ASP C 686 -17.99 -41.75 -30.32
CA ASP C 686 -17.65 -43.16 -30.14
C ASP C 686 -18.40 -44.04 -31.15
N ASP C 687 -19.68 -43.76 -31.40
CA ASP C 687 -20.46 -44.62 -32.25
C ASP C 687 -20.43 -44.12 -33.70
N GLY C 688 -19.75 -43.02 -34.00
CA GLY C 688 -19.65 -42.51 -35.38
C GLY C 688 -20.88 -41.77 -35.83
N LYS C 689 -21.87 -41.56 -34.95
CA LYS C 689 -23.02 -40.77 -35.36
C LYS C 689 -22.92 -39.33 -34.83
N ALA C 690 -23.38 -38.35 -35.58
CA ALA C 690 -23.50 -36.99 -35.07
C ALA C 690 -24.71 -36.95 -34.15
N ARG C 691 -24.69 -36.04 -33.20
CA ARG C 691 -25.84 -35.70 -32.41
C ARG C 691 -26.40 -34.36 -32.85
N PHE C 692 -27.72 -34.22 -32.67
CA PHE C 692 -28.38 -32.93 -32.75
C PHE C 692 -28.36 -32.34 -31.34
N MET C 693 -28.70 -31.06 -31.24
N MET C 693 -28.69 -31.06 -31.23
CA MET C 693 -28.77 -30.46 -29.90
CA MET C 693 -28.77 -30.48 -29.90
C MET C 693 -30.16 -29.89 -29.64
C MET C 693 -30.16 -29.91 -29.65
N ASP C 694 -30.74 -30.36 -28.53
CA ASP C 694 -31.92 -29.74 -27.97
C ASP C 694 -31.47 -28.54 -27.17
N ALA C 695 -31.71 -27.37 -27.74
CA ALA C 695 -31.03 -26.12 -27.34
C ALA C 695 -32.01 -24.95 -27.28
N PRO C 696 -32.99 -24.98 -26.34
CA PRO C 696 -33.98 -23.93 -26.29
C PRO C 696 -33.38 -22.59 -25.92
N TRP C 697 -33.97 -21.56 -26.52
CA TRP C 697 -33.72 -20.17 -26.15
C TRP C 697 -33.94 -19.95 -24.68
N ARG C 698 -32.97 -19.24 -24.04
CA ARG C 698 -33.17 -18.93 -22.64
C ARG C 698 -32.78 -17.49 -22.34
N GLY C 699 -32.90 -16.59 -23.30
CA GLY C 699 -32.56 -15.19 -23.07
C GLY C 699 -31.02 -14.98 -23.09
N LEU C 700 -30.59 -13.86 -22.51
CA LEU C 700 -29.17 -13.52 -22.34
C LEU C 700 -28.65 -14.38 -21.21
N GLN C 701 -27.78 -15.33 -21.51
CA GLN C 701 -27.45 -16.38 -20.56
C GLN C 701 -26.40 -15.91 -19.54
N ALA C 702 -25.44 -15.06 -19.93
CA ALA C 702 -24.30 -14.76 -19.04
C ALA C 702 -24.74 -13.81 -17.92
N PRO C 703 -24.21 -14.00 -16.70
CA PRO C 703 -24.56 -13.18 -15.55
C PRO C 703 -24.37 -11.69 -15.81
N GLY C 704 -25.41 -10.94 -15.45
CA GLY C 704 -25.36 -9.49 -15.43
C GLY C 704 -25.73 -8.87 -16.79
N LYS C 705 -25.84 -9.65 -17.84
CA LYS C 705 -25.96 -9.07 -19.17
C LYS C 705 -27.28 -8.32 -19.35
N GLN C 706 -28.38 -8.95 -18.91
CA GLN C 706 -29.68 -8.33 -19.10
C GLN C 706 -29.74 -7.01 -18.33
N GLN C 707 -29.16 -7.02 -17.13
CA GLN C 707 -29.18 -5.84 -16.30
C GLN C 707 -28.28 -4.74 -16.91
N GLN C 708 -27.16 -5.13 -17.54
CA GLN C 708 -26.30 -4.14 -18.20
C GLN C 708 -27.04 -3.50 -19.37
N LYS C 709 -27.77 -4.30 -20.14
CA LYS C 709 -28.52 -3.78 -21.27
C LYS C 709 -29.61 -2.82 -20.79
N ASP C 710 -30.33 -3.22 -19.74
CA ASP C 710 -31.45 -2.42 -19.27
C ASP C 710 -30.98 -1.13 -18.59
N SER C 711 -29.73 -1.03 -18.14
N SER C 711 -29.72 -1.04 -18.14
CA SER C 711 -29.35 0.12 -17.33
CA SER C 711 -29.26 0.09 -17.31
C SER C 711 -28.41 1.07 -18.09
C SER C 711 -28.44 1.09 -18.10
N HIS C 712 -28.16 0.85 -19.38
CA HIS C 712 -27.27 1.72 -20.15
C HIS C 712 -27.91 2.09 -21.48
N LYS C 713 -27.37 3.09 -22.15
CA LYS C 713 -28.06 3.67 -23.28
C LYS C 713 -27.69 2.98 -24.58
N TYR C 714 -26.43 2.57 -24.78
CA TYR C 714 -26.01 2.13 -26.10
C TYR C 714 -25.53 0.70 -26.07
N LEU C 715 -25.74 -0.02 -27.19
CA LEU C 715 -24.96 -1.23 -27.48
C LEU C 715 -23.54 -0.81 -27.83
N ILE C 716 -22.54 -1.42 -27.14
CA ILE C 716 -21.15 -1.28 -27.50
C ILE C 716 -20.69 -2.59 -28.13
N ASN C 717 -21.14 -2.77 -29.37
CA ASN C 717 -20.62 -3.81 -30.25
C ASN C 717 -19.13 -3.51 -30.46
N ASN C 718 -18.36 -4.54 -30.81
CA ASN C 718 -16.93 -4.43 -30.84
C ASN C 718 -16.39 -5.52 -31.74
N GLY C 719 -15.17 -5.30 -32.19
CA GLY C 719 -14.57 -6.23 -33.12
C GLY C 719 -13.47 -5.53 -33.92
N ARG C 720 -13.19 -6.08 -35.10
CA ARG C 720 -12.08 -5.72 -35.94
C ARG C 720 -12.35 -4.59 -36.91
N ALA C 721 -11.24 -4.02 -37.38
CA ALA C 721 -11.12 -3.15 -38.54
C ALA C 721 -10.17 -3.82 -39.49
N ASN C 722 -10.46 -3.68 -40.79
CA ASN C 722 -9.62 -4.19 -41.86
C ASN C 722 -8.17 -3.78 -41.68
N VAL C 723 -7.90 -2.49 -41.41
CA VAL C 723 -6.53 -1.98 -41.51
C VAL C 723 -5.70 -2.43 -40.29
N VAL C 724 -6.35 -2.75 -39.14
CA VAL C 724 -5.60 -3.07 -37.91
C VAL C 724 -5.47 -4.56 -37.74
N TRP C 725 -4.27 -5.02 -37.44
CA TRP C 725 -4.03 -6.39 -36.99
C TRP C 725 -3.99 -6.48 -35.46
N GLN C 726 -5.01 -7.13 -34.91
CA GLN C 726 -5.10 -7.54 -33.49
C GLN C 726 -4.94 -6.29 -32.59
N SER C 727 -4.11 -6.40 -31.53
CA SER C 727 -3.94 -5.30 -30.56
C SER C 727 -2.93 -4.26 -31.05
N ALA C 728 -2.66 -4.23 -32.36
CA ALA C 728 -1.78 -3.26 -32.97
C ALA C 728 -0.39 -3.32 -32.38
N TYR C 729 0.06 -4.53 -32.02
CA TYR C 729 1.37 -4.68 -31.44
C TYR C 729 2.47 -4.25 -32.40
N LEU C 730 2.33 -4.58 -33.69
CA LEU C 730 3.20 -4.12 -34.75
C LEU C 730 2.71 -2.78 -35.30
N ASP C 731 1.38 -2.67 -35.38
CA ASP C 731 0.79 -1.52 -36.06
C ASP C 731 1.10 -0.20 -35.37
N GLN C 732 1.34 -0.26 -34.05
CA GLN C 732 1.59 0.96 -33.29
C GLN C 732 2.89 1.61 -33.73
N GLU C 733 3.81 0.88 -34.37
CA GLU C 733 4.97 1.50 -35.01
C GLU C 733 4.86 1.47 -36.55
N ASN C 734 3.63 1.55 -37.05
CA ASN C 734 3.42 1.60 -38.50
C ASN C 734 2.63 2.88 -38.78
N ASP C 735 3.30 3.86 -39.37
CA ASP C 735 2.72 5.16 -39.66
C ASP C 735 1.45 5.05 -40.52
N PHE C 736 1.41 4.13 -41.48
CA PHE C 736 0.26 3.95 -42.36
C PHE C 736 -0.96 3.65 -41.51
N VAL C 737 -0.84 2.70 -40.57
CA VAL C 737 -1.98 2.36 -39.74
C VAL C 737 -2.32 3.48 -38.78
N MET C 738 -1.33 3.99 -38.02
N MET C 738 -1.32 4.00 -38.02
CA MET C 738 -1.62 4.89 -36.92
CA MET C 738 -1.63 4.90 -36.92
C MET C 738 -2.05 6.27 -37.44
C MET C 738 -2.05 6.28 -37.44
N ASP C 739 -1.63 6.63 -38.65
CA ASP C 739 -2.09 7.88 -39.31
C ASP C 739 -3.58 7.78 -39.64
N ARG C 740 -4.08 6.57 -39.93
CA ARG C 740 -5.50 6.38 -40.23
C ARG C 740 -6.36 6.40 -38.95
N PHE C 741 -5.91 5.66 -37.89
CA PHE C 741 -6.66 5.61 -36.64
C PHE C 741 -5.73 5.82 -35.43
N PRO C 742 -5.46 7.06 -35.03
CA PRO C 742 -4.59 7.34 -33.86
C PRO C 742 -5.28 6.90 -32.56
N TYR C 743 -6.60 7.01 -32.57
CA TYR C 743 -7.48 6.52 -31.55
C TYR C 743 -8.32 5.40 -32.14
N PRO C 744 -8.86 4.47 -31.33
CA PRO C 744 -9.82 3.52 -31.87
C PRO C 744 -11.07 4.33 -32.23
N PHE C 745 -11.76 3.91 -33.30
CA PHE C 745 -13.03 4.52 -33.66
C PHE C 745 -14.13 3.86 -32.88
N ILE C 746 -15.16 4.65 -32.61
CA ILE C 746 -16.44 4.15 -32.23
C ILE C 746 -17.46 4.67 -33.29
N GLU C 747 -17.99 3.72 -34.04
CA GLU C 747 -19.00 4.01 -35.05
C GLU C 747 -20.29 4.36 -34.36
N MET C 748 -20.83 5.55 -34.67
CA MET C 748 -22.09 6.00 -34.04
C MET C 748 -23.00 6.56 -35.16
N ASN C 749 -24.28 6.26 -35.03
CA ASN C 749 -25.31 6.83 -35.90
C ASN C 749 -25.25 8.36 -35.79
N PRO C 750 -25.30 9.12 -36.91
CA PRO C 750 -25.19 10.58 -36.89
C PRO C 750 -26.26 11.29 -36.09
N GLU C 751 -27.46 10.72 -36.04
CA GLU C 751 -28.52 11.33 -35.26
C GLU C 751 -28.28 11.11 -33.76
N ASP C 752 -27.79 9.92 -33.37
CA ASP C 752 -27.38 9.70 -32.01
C ASP C 752 -26.32 10.75 -31.64
N MET C 753 -25.33 10.96 -32.52
CA MET C 753 -24.30 11.97 -32.25
C MET C 753 -24.88 13.36 -32.01
N ALA C 754 -25.73 13.80 -32.94
CA ALA C 754 -26.37 15.09 -32.84
C ALA C 754 -27.16 15.24 -31.55
N GLU C 755 -27.94 14.23 -31.19
CA GLU C 755 -28.70 14.28 -29.96
C GLU C 755 -27.79 14.38 -28.75
N ALA C 756 -26.62 13.72 -28.76
CA ALA C 756 -25.74 13.78 -27.62
C ALA C 756 -24.81 15.02 -27.65
N GLY C 757 -24.88 15.86 -28.69
CA GLY C 757 -23.97 17.00 -28.83
C GLY C 757 -22.56 16.64 -29.27
N LEU C 758 -22.37 15.49 -29.93
CA LEU C 758 -21.05 15.02 -30.35
C LEU C 758 -20.82 15.34 -31.81
N LYS C 759 -19.57 15.54 -32.18
CA LYS C 759 -19.16 15.82 -33.53
C LYS C 759 -18.08 14.83 -33.92
N GLU C 760 -17.87 14.69 -35.24
CA GLU C 760 -16.88 13.77 -35.73
C GLU C 760 -15.52 14.05 -35.12
N GLY C 761 -14.83 12.97 -34.71
CA GLY C 761 -13.49 13.09 -34.16
C GLY C 761 -13.46 13.40 -32.67
N ASP C 762 -14.63 13.68 -32.05
CA ASP C 762 -14.62 13.95 -30.63
C ASP C 762 -14.08 12.73 -29.87
N LEU C 763 -13.34 13.00 -28.80
CA LEU C 763 -12.86 11.94 -27.91
C LEU C 763 -13.93 11.74 -26.85
N VAL C 764 -14.45 10.52 -26.80
CA VAL C 764 -15.53 10.18 -25.90
C VAL C 764 -15.09 9.10 -24.93
N GLU C 765 -15.72 9.16 -23.74
CA GLU C 765 -15.65 8.15 -22.74
C GLU C 765 -16.86 7.24 -22.84
N ILE C 766 -16.58 5.93 -22.93
N ILE C 766 -16.58 5.94 -22.92
CA ILE C 766 -17.58 4.87 -22.82
CA ILE C 766 -17.59 4.88 -22.82
C ILE C 766 -17.46 4.30 -21.43
C ILE C 766 -17.46 4.29 -21.44
N TYR C 767 -18.58 4.19 -20.71
CA TYR C 767 -18.52 3.77 -19.33
C TYR C 767 -19.78 2.99 -18.95
N ASN C 768 -19.59 2.07 -18.00
CA ASN C 768 -20.66 1.26 -17.47
C ASN C 768 -20.23 0.72 -16.12
N ASP C 769 -20.87 -0.35 -15.64
CA ASP C 769 -20.60 -0.98 -14.36
C ASP C 769 -19.24 -1.67 -14.38
N ALA C 770 -18.70 -2.06 -15.53
CA ALA C 770 -17.44 -2.79 -15.59
C ALA C 770 -16.22 -1.84 -15.55
N GLY C 771 -16.35 -0.64 -16.08
CA GLY C 771 -15.23 0.26 -16.19
C GLY C 771 -15.49 1.37 -17.21
N ALA C 772 -14.39 1.93 -17.73
CA ALA C 772 -14.45 3.05 -18.61
C ALA C 772 -13.24 3.06 -19.55
N THR C 773 -13.43 3.68 -20.71
CA THR C 773 -12.38 3.78 -21.74
C THR C 773 -12.69 4.95 -22.67
N GLN C 774 -11.87 5.10 -23.70
CA GLN C 774 -12.04 6.20 -24.64
C GLN C 774 -12.01 5.70 -26.09
N ALA C 775 -12.64 6.49 -26.95
CA ALA C 775 -12.63 6.29 -28.39
C ALA C 775 -12.94 7.59 -29.12
N MET C 776 -12.70 7.61 -30.41
CA MET C 776 -12.98 8.73 -31.29
C MET C 776 -14.31 8.48 -32.05
N ALA C 777 -15.25 9.41 -31.92
CA ALA C 777 -16.57 9.26 -32.56
C ALA C 777 -16.43 9.33 -34.07
N TYR C 778 -16.98 8.30 -34.72
CA TYR C 778 -16.88 8.17 -36.16
C TYR C 778 -18.32 8.07 -36.70
N PRO C 779 -18.83 9.12 -37.33
CA PRO C 779 -20.22 9.13 -37.76
C PRO C 779 -20.41 8.07 -38.86
N THR C 780 -21.43 7.23 -38.64
CA THR C 780 -21.60 6.03 -39.42
C THR C 780 -23.09 5.90 -39.80
N PRO C 781 -23.49 6.44 -40.98
CA PRO C 781 -24.92 6.53 -41.32
C PRO C 781 -25.61 5.17 -41.37
N THR C 782 -24.86 4.09 -41.57
CA THR C 782 -25.39 2.74 -41.55
C THR C 782 -25.63 2.18 -40.15
N ALA C 783 -25.12 2.83 -39.10
CA ALA C 783 -25.35 2.35 -37.75
C ALA C 783 -26.80 2.57 -37.40
N ARG C 784 -27.37 1.62 -36.67
CA ARG C 784 -28.71 1.75 -36.17
C ARG C 784 -28.69 2.60 -34.92
N ARG C 785 -29.78 3.32 -34.69
CA ARG C 785 -29.87 4.19 -33.53
C ARG C 785 -29.73 3.37 -32.24
N GLY C 786 -28.86 3.82 -31.33
CA GLY C 786 -28.69 3.13 -30.07
C GLY C 786 -27.58 2.07 -30.15
N GLU C 787 -26.98 1.87 -31.32
CA GLU C 787 -26.05 0.79 -31.53
C GLU C 787 -24.74 1.35 -32.06
N THR C 788 -23.66 1.14 -31.30
CA THR C 788 -22.31 1.61 -31.65
C THR C 788 -21.41 0.40 -31.90
N PHE C 789 -20.26 0.63 -32.54
CA PHE C 789 -19.26 -0.39 -32.69
C PHE C 789 -17.90 0.24 -32.43
N MET C 790 -17.19 -0.31 -31.43
CA MET C 790 -15.86 0.18 -31.09
C MET C 790 -14.81 -0.87 -31.47
N LEU C 791 -13.76 -0.43 -32.19
CA LEU C 791 -12.61 -1.24 -32.43
C LEU C 791 -12.05 -1.82 -31.11
N PHE C 792 -11.79 -3.11 -31.11
CA PHE C 792 -11.32 -3.82 -29.94
C PHE C 792 -9.77 -3.75 -29.91
N GLY C 793 -9.23 -4.01 -28.73
CA GLY C 793 -7.82 -4.37 -28.59
C GLY C 793 -6.82 -3.22 -28.70
N PHE C 794 -7.29 -1.97 -28.79
CA PHE C 794 -6.44 -0.96 -29.34
C PHE C 794 -5.73 -0.16 -28.22
N PRO C 795 -4.43 0.10 -28.38
CA PRO C 795 -3.63 0.63 -27.26
C PRO C 795 -4.06 2.01 -26.78
N THR C 796 -4.62 2.86 -27.66
CA THR C 796 -5.01 4.22 -27.34
C THR C 796 -6.48 4.35 -26.95
N GLY C 797 -7.12 3.21 -26.67
CA GLY C 797 -8.41 3.17 -26.01
C GLY C 797 -8.93 1.73 -26.05
N VAL C 798 -8.93 1.03 -24.90
CA VAL C 798 -9.16 -0.41 -24.84
C VAL C 798 -10.64 -0.67 -24.60
N GLN C 799 -11.28 -1.33 -25.57
CA GLN C 799 -12.72 -1.57 -25.48
C GLN C 799 -13.04 -2.54 -24.36
N GLY C 800 -12.14 -3.49 -24.10
CA GLY C 800 -12.32 -4.52 -23.08
C GLY C 800 -12.61 -4.01 -21.70
N ASN C 801 -12.16 -2.77 -21.44
CA ASN C 801 -12.40 -2.11 -20.17
C ASN C 801 -13.88 -2.07 -19.79
N VAL C 802 -14.78 -2.00 -20.80
CA VAL C 802 -16.20 -1.90 -20.52
C VAL C 802 -16.93 -3.23 -20.74
N THR C 803 -16.21 -4.33 -20.96
CA THR C 803 -16.85 -5.63 -21.01
C THR C 803 -16.93 -6.20 -19.58
N SER C 804 -18.08 -6.76 -19.18
CA SER C 804 -18.21 -7.38 -17.88
C SER C 804 -17.41 -8.67 -17.85
N ALA C 805 -17.32 -9.23 -16.66
CA ALA C 805 -16.65 -10.47 -16.38
C ALA C 805 -17.52 -11.68 -16.77
N GLY C 806 -18.70 -11.42 -17.32
CA GLY C 806 -19.70 -12.46 -17.63
C GLY C 806 -19.23 -13.41 -18.74
N THR C 807 -19.32 -14.70 -18.41
CA THR C 807 -19.02 -15.79 -19.32
C THR C 807 -20.21 -16.75 -19.29
N ASN C 808 -20.21 -17.71 -20.23
CA ASN C 808 -21.13 -18.82 -20.13
C ASN C 808 -20.57 -19.83 -19.15
N GLU C 809 -21.20 -21.01 -19.08
CA GLU C 809 -20.91 -21.97 -18.04
C GLU C 809 -19.51 -22.58 -18.24
N LEU C 810 -19.05 -22.58 -19.48
CA LEU C 810 -17.74 -23.13 -19.85
C LEU C 810 -16.65 -22.05 -19.91
N ILE C 811 -16.96 -20.88 -19.38
CA ILE C 811 -16.02 -19.76 -19.20
C ILE C 811 -15.63 -19.18 -20.56
N ILE C 812 -16.61 -19.14 -21.49
CA ILE C 812 -16.45 -18.43 -22.73
C ILE C 812 -16.83 -16.98 -22.51
N PRO C 813 -15.95 -16.04 -22.93
CA PRO C 813 -16.19 -14.61 -22.71
C PRO C 813 -17.23 -14.06 -23.66
N ASN C 814 -18.28 -13.44 -23.13
CA ASN C 814 -19.33 -12.87 -23.96
C ASN C 814 -19.08 -11.41 -24.27
N TYR C 815 -18.00 -11.14 -25.01
CA TYR C 815 -17.60 -9.79 -25.27
C TYR C 815 -18.66 -9.02 -26.08
N LYS C 816 -19.33 -9.67 -27.06
CA LYS C 816 -20.18 -8.93 -28.00
C LYS C 816 -21.39 -8.28 -27.37
N GLN C 817 -21.96 -8.92 -26.34
CA GLN C 817 -23.08 -8.35 -25.62
C GLN C 817 -22.55 -7.41 -24.52
N THR C 818 -22.37 -6.13 -24.88
CA THR C 818 -21.91 -5.10 -23.99
C THR C 818 -22.75 -3.86 -24.28
N TRP C 819 -23.18 -3.24 -23.21
CA TRP C 819 -23.88 -1.96 -23.26
C TRP C 819 -23.21 -0.98 -22.30
N GLY C 820 -23.27 0.29 -22.69
CA GLY C 820 -22.74 1.36 -21.86
C GLY C 820 -23.25 2.72 -22.26
N ASN C 821 -22.82 3.73 -21.49
CA ASN C 821 -23.09 5.14 -21.72
C ASN C 821 -21.89 5.79 -22.38
N ILE C 822 -22.14 6.96 -23.01
CA ILE C 822 -21.12 7.67 -23.75
C ILE C 822 -21.18 9.15 -23.40
N ARG C 823 -20.04 9.77 -23.10
CA ARG C 823 -20.00 11.19 -22.81
C ARG C 823 -18.68 11.75 -23.33
N LYS C 824 -18.67 13.05 -23.64
CA LYS C 824 -17.53 13.65 -24.30
C LYS C 824 -16.41 13.85 -23.27
N ILE C 825 -15.18 13.60 -23.68
CA ILE C 825 -13.99 13.89 -22.89
C ILE C 825 -13.38 15.17 -23.45
N SER C 826 -13.26 15.26 -24.76
CA SER C 826 -12.61 16.38 -25.41
C SER C 826 -13.32 16.63 -26.75
N ASP C 827 -13.39 17.92 -27.16
CA ASP C 827 -13.52 18.29 -28.55
C ASP C 827 -12.48 17.56 -29.38
N ALA C 828 -12.84 17.19 -30.62
CA ALA C 828 -11.95 16.52 -31.55
C ALA C 828 -10.53 17.07 -31.42
N PRO C 829 -9.55 16.24 -31.07
CA PRO C 829 -8.18 16.74 -30.97
C PRO C 829 -7.63 17.15 -32.31
N ARG C 830 -6.67 18.09 -32.26
CA ARG C 830 -5.98 18.54 -33.46
C ARG C 830 -5.34 17.36 -34.17
N ASN C 831 -4.90 16.30 -33.46
CA ASN C 831 -4.22 15.18 -34.09
C ASN C 831 -5.16 14.27 -34.91
N VAL C 832 -6.46 14.58 -34.99
CA VAL C 832 -7.39 13.87 -35.90
C VAL C 832 -7.94 14.80 -37.01
N ALA C 833 -7.41 16.02 -37.10
CA ALA C 833 -7.86 16.96 -38.12
C ALA C 833 -7.63 16.45 -39.53
N HIS C 834 -6.57 15.67 -39.74
CA HIS C 834 -6.21 15.13 -41.03
C HIS C 834 -7.04 13.91 -41.47
N LEU C 835 -7.90 13.34 -40.61
CA LEU C 835 -8.61 12.09 -40.89
C LEU C 835 -9.79 12.30 -41.83
N SER C 836 -10.01 11.33 -42.70
CA SER C 836 -11.31 11.17 -43.34
C SER C 836 -12.32 10.51 -42.40
N PHE C 837 -13.52 11.11 -42.33
CA PHE C 837 -14.65 10.55 -41.62
C PHE C 837 -15.74 10.12 -42.58
N LYS C 838 -15.37 9.88 -43.83
CA LYS C 838 -16.33 9.45 -44.84
C LYS C 838 -16.69 7.96 -44.66
N SER C 839 -17.72 7.55 -45.41
CA SER C 839 -18.23 6.20 -45.34
C SER C 839 -17.18 5.21 -45.78
N LYS C 840 -17.12 4.06 -45.08
CA LYS C 840 -16.25 2.97 -45.46
C LYS C 840 -16.84 2.13 -46.62
N GLU C 841 -18.11 2.37 -46.98
CA GLU C 841 -18.78 1.62 -48.04
C GLU C 841 -18.41 2.15 -49.44
N TYR C 842 -17.78 1.28 -50.22
CA TYR C 842 -17.64 1.46 -51.67
C TYR C 842 -18.98 1.88 -52.34
N GLN C 843 -18.90 2.93 -53.15
CA GLN C 843 -19.95 3.46 -54.01
C GLN C 843 -19.69 3.13 -55.50
N SER C 844 -20.66 2.49 -56.16
CA SER C 844 -20.86 2.51 -57.59
C SER C 844 -20.92 3.93 -58.17
N ALA D 43 23.45 7.63 -61.74
CA ALA D 43 24.31 8.60 -61.07
C ALA D 43 23.45 9.32 -60.01
N ALA D 44 22.12 9.54 -60.13
CA ALA D 44 21.43 10.42 -59.16
C ALA D 44 20.81 9.65 -57.98
N ALA D 45 20.90 10.22 -56.76
CA ALA D 45 20.37 9.60 -55.53
C ALA D 45 18.86 9.46 -55.60
N GLY D 46 18.18 10.47 -56.19
CA GLY D 46 16.72 10.48 -56.26
C GLY D 46 16.22 10.32 -57.72
N VAL D 47 14.96 9.94 -57.84
CA VAL D 47 14.22 9.99 -59.08
C VAL D 47 14.19 11.43 -59.60
N GLU D 48 14.41 11.57 -60.90
CA GLU D 48 14.38 12.86 -61.57
C GLU D 48 13.02 13.05 -62.21
N TYR D 49 12.17 13.83 -61.57
CA TYR D 49 10.83 14.02 -62.08
C TYR D 49 10.88 15.07 -63.20
N PRO D 50 10.07 14.94 -64.27
CA PRO D 50 9.92 16.05 -65.23
C PRO D 50 8.88 17.03 -64.72
N ALA D 51 9.05 18.33 -65.05
CA ALA D 51 7.97 19.29 -64.77
C ALA D 51 7.04 19.38 -65.98
N ASN D 52 5.91 18.70 -65.94
CA ASN D 52 5.05 18.57 -67.09
C ASN D 52 3.81 19.41 -66.89
N ARG D 53 3.47 20.19 -67.93
CA ARG D 53 2.23 20.94 -67.93
C ARG D 53 1.09 19.96 -68.13
N LEU D 54 0.00 20.11 -67.37
CA LEU D 54 -1.07 19.14 -67.45
C LEU D 54 -2.32 19.80 -68.05
N ALA D 55 -2.55 21.07 -67.73
CA ALA D 55 -3.77 21.77 -68.06
C ALA D 55 -3.62 23.21 -67.60
N ASN D 56 -4.65 24.00 -67.87
CA ASN D 56 -4.71 25.36 -67.37
C ASN D 56 -5.87 25.33 -66.40
N ILE D 57 -5.79 26.15 -65.35
CA ILE D 57 -6.85 26.29 -64.37
C ILE D 57 -8.20 26.59 -65.02
N SER D 58 -8.20 27.22 -66.22
CA SER D 58 -9.44 27.61 -66.88
C SER D 58 -10.18 26.37 -67.37
N GLU D 59 -9.48 25.26 -67.56
CA GLU D 59 -10.08 24.06 -68.09
C GLU D 59 -10.85 23.24 -67.05
N LEU D 60 -10.81 23.61 -65.76
CA LEU D 60 -11.36 22.74 -64.73
C LEU D 60 -12.72 23.24 -64.31
N THR D 61 -13.67 22.32 -64.18
CA THR D 61 -14.93 22.63 -63.56
C THR D 61 -14.97 22.04 -62.13
N LEU D 62 -15.65 22.77 -61.22
CA LEU D 62 -15.86 22.35 -59.85
C LEU D 62 -16.37 20.91 -59.84
N ASN D 63 -15.62 20.02 -59.19
CA ASN D 63 -16.07 18.68 -58.87
C ASN D 63 -16.18 17.78 -60.09
N GLU D 64 -15.42 18.08 -61.14
CA GLU D 64 -15.40 17.23 -62.31
C GLU D 64 -13.97 16.90 -62.67
N PRO D 65 -13.59 15.62 -62.53
CA PRO D 65 -12.21 15.21 -62.79
C PRO D 65 -11.86 15.49 -64.22
N LEU D 66 -10.62 15.93 -64.45
CA LEU D 66 -10.05 16.01 -65.78
C LEU D 66 -8.98 14.95 -65.88
N ASP D 67 -9.06 14.10 -66.91
CA ASP D 67 -8.11 13.03 -67.12
C ASP D 67 -6.76 13.60 -67.52
N VAL D 68 -5.69 13.05 -66.95
CA VAL D 68 -4.34 13.53 -67.20
C VAL D 68 -3.46 12.30 -67.07
N ALA D 69 -2.16 12.50 -67.30
CA ALA D 69 -1.22 11.41 -67.14
C ALA D 69 0.12 12.01 -66.70
N TYR D 70 0.69 11.45 -65.61
CA TYR D 70 1.92 11.96 -65.04
C TYR D 70 2.56 10.86 -64.21
N PRO D 71 3.89 10.63 -64.25
CA PRO D 71 4.84 11.44 -65.06
C PRO D 71 5.06 11.08 -66.54
N ASP D 72 4.23 10.20 -67.09
CA ASP D 72 4.28 9.86 -68.50
C ASP D 72 2.90 9.43 -68.91
N GLU D 73 2.68 9.15 -70.20
CA GLU D 73 1.35 8.95 -70.75
C GLU D 73 0.76 7.63 -70.27
N ASP D 74 1.57 6.67 -69.77
CA ASP D 74 1.04 5.40 -69.27
C ASP D 74 0.64 5.43 -67.76
N ALA D 75 0.62 6.58 -67.13
CA ALA D 75 0.32 6.68 -65.71
C ALA D 75 -0.88 7.57 -65.50
N ALA D 76 -2.06 6.98 -65.58
CA ALA D 76 -3.30 7.73 -65.59
C ALA D 76 -3.60 8.35 -64.22
N GLY D 77 -4.15 9.55 -64.28
CA GLY D 77 -4.61 10.26 -63.12
C GLY D 77 -5.61 11.34 -63.50
N VAL D 78 -5.90 12.22 -62.55
CA VAL D 78 -6.87 13.28 -62.74
C VAL D 78 -6.43 14.52 -62.00
N LEU D 79 -6.88 15.67 -62.52
CA LEU D 79 -6.90 16.93 -61.82
C LEU D 79 -8.33 17.12 -61.37
N LEU D 80 -8.49 17.69 -60.17
CA LEU D 80 -9.82 17.81 -59.59
C LEU D 80 -9.85 19.07 -58.75
N LYS D 81 -10.85 19.92 -59.03
CA LYS D 81 -11.05 21.13 -58.26
C LYS D 81 -12.17 20.85 -57.29
N LEU D 82 -11.88 20.99 -55.98
CA LEU D 82 -12.77 20.46 -54.94
C LEU D 82 -13.64 21.51 -54.28
N GLY D 83 -13.33 22.79 -54.44
CA GLY D 83 -14.18 23.85 -53.95
C GLY D 83 -13.89 24.23 -52.50
N THR D 84 -12.84 23.64 -51.92
CA THR D 84 -12.47 23.90 -50.54
C THR D 84 -10.97 23.66 -50.40
N ARG D 85 -10.30 24.40 -49.52
CA ARG D 85 -8.87 24.30 -49.43
C ARG D 85 -8.50 22.93 -48.83
N VAL D 86 -7.52 22.24 -49.38
CA VAL D 86 -7.26 20.86 -48.96
C VAL D 86 -5.77 20.62 -49.07
N GLU D 87 -5.30 19.55 -48.45
CA GLU D 87 -3.91 19.16 -48.51
C GLU D 87 -3.48 18.88 -49.94
N GLY D 88 -2.35 19.50 -50.33
CA GLY D 88 -1.81 19.35 -51.66
C GLY D 88 -2.54 20.20 -52.71
N GLY D 89 -3.55 20.96 -52.26
CA GLY D 89 -4.39 21.73 -53.17
C GLY D 89 -3.71 23.03 -53.61
N VAL D 90 -3.81 23.38 -54.90
CA VAL D 90 -3.19 24.57 -55.43
C VAL D 90 -4.24 25.47 -56.10
N GLY D 91 -3.79 26.63 -56.61
CA GLY D 91 -4.69 27.57 -57.23
C GLY D 91 -5.17 28.60 -56.23
N PRO D 92 -5.95 29.61 -56.67
CA PRO D 92 -6.42 30.66 -55.76
C PRO D 92 -7.17 30.11 -54.55
N ASP D 93 -7.97 29.06 -54.74
CA ASP D 93 -8.73 28.51 -53.62
C ASP D 93 -8.02 27.36 -52.89
N GLY D 94 -6.79 27.02 -53.27
CA GLY D 94 -6.05 25.92 -52.64
C GLY D 94 -6.80 24.59 -52.76
N ASP D 95 -7.59 24.41 -53.84
CA ASP D 95 -8.56 23.35 -53.95
C ASP D 95 -8.33 22.47 -55.17
N ILE D 96 -7.22 22.66 -55.89
CA ILE D 96 -6.94 21.83 -57.04
C ILE D 96 -5.88 20.78 -56.69
N VAL D 97 -6.23 19.51 -56.91
CA VAL D 97 -5.39 18.39 -56.54
C VAL D 97 -5.22 17.49 -57.76
N GLY D 98 -4.12 16.74 -57.76
CA GLY D 98 -3.90 15.73 -58.75
C GLY D 98 -3.51 14.40 -58.13
N PHE D 99 -4.13 13.34 -58.64
CA PHE D 99 -3.89 11.99 -58.14
C PHE D 99 -3.76 11.00 -59.27
N SER D 100 -2.96 9.96 -59.04
CA SER D 100 -3.05 8.70 -59.75
C SER D 100 -4.45 8.10 -59.57
N THR D 101 -5.06 7.55 -60.63
CA THR D 101 -6.39 6.96 -60.51
C THR D 101 -6.32 5.48 -60.76
N ILE D 102 -5.12 4.94 -60.60
CA ILE D 102 -4.89 3.51 -60.63
C ILE D 102 -4.77 3.02 -59.18
N CYS D 103 -5.66 2.08 -58.82
CA CYS D 103 -5.74 1.55 -57.46
C CYS D 103 -4.40 0.97 -57.05
N PRO D 104 -3.80 1.46 -55.95
CA PRO D 104 -2.50 0.94 -55.52
C PRO D 104 -2.54 -0.48 -54.95
N HIS D 105 -3.72 -1.11 -54.87
CA HIS D 105 -3.75 -2.53 -54.49
C HIS D 105 -3.38 -3.43 -55.66
N LYS D 106 -4.31 -3.54 -56.63
CA LYS D 106 -4.08 -4.41 -57.79
C LYS D 106 -4.27 -3.64 -59.13
N GLY D 107 -4.35 -2.32 -59.10
CA GLY D 107 -4.22 -1.55 -60.32
C GLY D 107 -5.51 -1.39 -61.14
N CYS D 108 -6.68 -1.69 -60.54
N CYS D 108 -6.67 -1.70 -60.54
CA CYS D 108 -7.94 -1.43 -61.19
CA CYS D 108 -7.94 -1.45 -61.19
C CYS D 108 -8.17 0.07 -61.27
C CYS D 108 -8.18 0.06 -61.26
N PRO D 109 -8.74 0.60 -62.37
CA PRO D 109 -9.04 2.01 -62.48
C PRO D 109 -10.10 2.41 -61.47
N LEU D 110 -9.91 3.57 -60.85
CA LEU D 110 -10.84 4.07 -59.87
C LEU D 110 -11.92 4.90 -60.54
N SER D 111 -13.13 4.85 -59.99
CA SER D 111 -14.20 5.74 -60.41
C SER D 111 -14.38 6.85 -59.38
N TYR D 112 -14.91 8.00 -59.81
CA TYR D 112 -15.08 9.12 -58.92
C TYR D 112 -16.55 9.24 -58.57
N SER D 113 -16.87 9.34 -57.29
CA SER D 113 -18.24 9.63 -56.86
C SER D 113 -18.33 11.09 -56.52
N ALA D 114 -19.08 11.84 -57.33
CA ALA D 114 -19.18 13.26 -57.17
C ALA D 114 -19.98 13.60 -55.92
N ASP D 115 -20.93 12.77 -55.56
CA ASP D 115 -21.72 13.04 -54.36
C ASP D 115 -20.89 12.95 -53.06
N ASN D 116 -19.92 12.02 -52.96
CA ASN D 116 -19.14 11.75 -51.75
C ASN D 116 -17.79 12.46 -51.83
N LYS D 117 -17.40 12.83 -53.06
CA LYS D 117 -16.07 13.24 -53.42
C LYS D 117 -15.06 12.20 -52.94
N THR D 118 -15.21 11.00 -53.45
CA THR D 118 -14.32 9.88 -53.19
C THR D 118 -13.96 9.19 -54.50
N PHE D 119 -12.76 8.57 -54.51
CA PHE D 119 -12.45 7.55 -55.50
C PHE D 119 -12.78 6.17 -54.98
N ASN D 120 -13.28 5.32 -55.89
CA ASN D 120 -13.86 4.03 -55.53
C ASN D 120 -13.36 2.93 -56.44
N CYS D 121 -12.97 1.81 -55.84
CA CYS D 121 -12.42 0.68 -56.56
C CYS D 121 -13.41 -0.47 -56.64
N PRO D 122 -13.88 -0.83 -57.85
CA PRO D 122 -14.88 -1.90 -57.98
C PRO D 122 -14.31 -3.31 -57.80
N CYS D 123 -12.98 -3.45 -57.78
N CYS D 123 -12.98 -3.45 -57.79
CA CYS D 123 -12.42 -4.78 -57.70
CA CYS D 123 -12.44 -4.79 -57.69
C CYS D 123 -12.52 -5.31 -56.26
C CYS D 123 -12.54 -5.32 -56.25
N HIS D 124 -11.96 -4.60 -55.28
CA HIS D 124 -11.98 -5.07 -53.88
C HIS D 124 -12.45 -3.99 -52.91
N PHE D 125 -13.21 -3.02 -53.37
CA PHE D 125 -14.11 -2.18 -52.59
C PHE D 125 -13.41 -1.05 -51.84
N SER D 126 -12.20 -0.70 -52.27
CA SER D 126 -11.44 0.40 -51.66
C SER D 126 -12.06 1.76 -51.95
N VAL D 127 -11.90 2.71 -51.00
CA VAL D 127 -12.39 4.07 -51.06
C VAL D 127 -11.28 4.99 -50.63
N PHE D 128 -10.99 6.03 -51.44
CA PHE D 128 -9.96 7.02 -51.15
C PHE D 128 -10.56 8.41 -51.12
N ASP D 129 -10.00 9.29 -50.26
CA ASP D 129 -10.58 10.59 -50.00
C ASP D 129 -9.66 11.69 -50.51
N PRO D 130 -9.95 12.27 -51.71
CA PRO D 130 -9.07 13.33 -52.23
C PRO D 130 -9.17 14.67 -51.50
N GLU D 131 -10.15 14.84 -50.62
CA GLU D 131 -10.20 15.99 -49.72
C GLU D 131 -9.24 15.85 -48.50
N LYS D 132 -8.64 14.66 -48.33
CA LYS D 132 -7.71 14.41 -47.22
C LYS D 132 -6.45 13.71 -47.68
N GLY D 133 -5.85 14.27 -48.74
CA GLY D 133 -4.56 13.82 -49.22
C GLY D 133 -4.60 12.41 -49.83
N GLY D 134 -5.78 11.95 -50.26
CA GLY D 134 -5.89 10.64 -50.83
C GLY D 134 -5.96 9.52 -49.78
N GLN D 135 -6.29 9.88 -48.53
CA GLN D 135 -6.32 8.88 -47.47
C GLN D 135 -7.29 7.75 -47.87
N GLN D 136 -6.82 6.51 -47.69
CA GLN D 136 -7.70 5.35 -47.88
C GLN D 136 -8.71 5.30 -46.75
N VAL D 137 -9.95 5.54 -47.06
CA VAL D 137 -11.01 5.54 -46.06
C VAL D 137 -11.20 4.12 -45.54
N TRP D 138 -11.17 3.18 -46.47
CA TRP D 138 -11.34 1.74 -46.23
C TRP D 138 -10.75 1.07 -47.45
N GLY D 139 -9.89 0.06 -47.31
CA GLY D 139 -9.44 -0.62 -48.51
C GLY D 139 -8.28 -1.56 -48.27
N GLN D 140 -7.83 -2.15 -49.40
CA GLN D 140 -6.84 -3.21 -49.38
C GLN D 140 -5.44 -2.69 -49.70
N ALA D 141 -5.29 -1.47 -50.19
CA ALA D 141 -3.93 -0.97 -50.47
C ALA D 141 -3.17 -0.68 -49.16
N THR D 142 -1.86 -0.74 -49.22
CA THR D 142 -0.98 -0.33 -48.12
C THR D 142 -0.43 1.06 -48.33
N GLN D 143 -1.06 1.80 -49.25
CA GLN D 143 -0.67 3.15 -49.58
C GLN D 143 -1.90 4.00 -49.69
N ASN D 144 -1.77 5.25 -49.26
CA ASN D 144 -2.74 6.27 -49.61
C ASN D 144 -2.52 6.65 -51.09
N LEU D 145 -3.49 7.29 -51.70
CA LEU D 145 -3.48 7.46 -53.17
C LEU D 145 -2.34 8.38 -53.58
N PRO D 146 -1.43 7.95 -54.46
CA PRO D 146 -0.33 8.78 -54.93
C PRO D 146 -0.85 10.11 -55.46
N GLN D 147 -0.30 11.19 -54.89
CA GLN D 147 -0.72 12.55 -55.13
C GLN D 147 0.43 13.34 -55.73
N TYR D 148 0.06 14.18 -56.73
CA TYR D 148 1.02 14.97 -57.50
C TYR D 148 1.39 16.24 -56.75
N VAL D 149 2.65 16.60 -56.82
CA VAL D 149 3.12 17.89 -56.42
C VAL D 149 2.87 18.86 -57.58
N LEU D 150 1.93 19.77 -57.37
CA LEU D 150 1.47 20.71 -58.38
C LEU D 150 1.98 22.13 -58.11
N ARG D 151 2.04 22.90 -59.20
CA ARG D 151 2.46 24.30 -59.21
C ARG D 151 1.58 25.00 -60.26
N VAL D 152 1.02 26.16 -59.91
CA VAL D 152 0.31 26.97 -60.88
C VAL D 152 1.18 28.15 -61.32
N ALA D 153 1.47 28.25 -62.61
CA ALA D 153 2.23 29.39 -63.16
C ALA D 153 1.36 30.65 -63.19
N ASP D 154 2.00 31.78 -63.52
CA ASP D 154 1.36 33.10 -63.54
C ASP D 154 0.27 33.13 -64.61
N ASN D 155 0.45 32.41 -65.70
CA ASN D 155 -0.59 32.31 -66.71
C ASN D 155 -1.66 31.25 -66.41
N GLY D 156 -1.66 30.60 -65.22
CA GLY D 156 -2.74 29.65 -64.88
C GLY D 156 -2.45 28.21 -65.32
N ASP D 157 -1.27 27.98 -65.91
CA ASP D 157 -0.87 26.65 -66.30
C ASP D 157 -0.54 25.84 -65.03
N ILE D 158 -1.04 24.60 -64.98
CA ILE D 158 -0.79 23.69 -63.86
C ILE D 158 0.26 22.67 -64.28
N PHE D 159 1.38 22.69 -63.52
CA PHE D 159 2.48 21.74 -63.71
C PHE D 159 2.50 20.70 -62.57
N ALA D 160 2.79 19.43 -62.90
CA ALA D 160 3.14 18.42 -61.92
C ALA D 160 4.64 18.25 -61.91
N GLU D 161 5.23 18.11 -60.71
CA GLU D 161 6.69 18.03 -60.56
C GLU D 161 7.12 16.96 -59.54
N GLY D 162 6.20 16.07 -59.13
CA GLY D 162 6.57 14.94 -58.30
C GLY D 162 5.32 14.18 -57.86
N VAL D 163 5.56 13.02 -57.26
CA VAL D 163 4.53 12.14 -56.74
C VAL D 163 4.96 11.62 -55.36
N ASP D 164 4.03 11.52 -54.39
CA ASP D 164 4.39 11.29 -53.00
C ASP D 164 4.37 9.80 -52.59
N GLU D 165 3.98 8.88 -53.49
CA GLU D 165 3.97 7.44 -53.26
C GLU D 165 4.34 6.71 -54.55
N LEU D 166 4.56 5.40 -54.47
CA LEU D 166 4.92 4.60 -55.62
C LEU D 166 3.67 4.26 -56.41
N ILE D 167 3.64 4.66 -57.67
CA ILE D 167 2.47 4.48 -58.56
C ILE D 167 2.35 2.99 -58.87
N TYR D 168 1.11 2.50 -58.90
CA TYR D 168 0.88 1.08 -59.22
C TYR D 168 1.56 0.67 -60.51
N GLY D 169 2.24 -0.47 -60.51
CA GLY D 169 2.69 -1.13 -61.71
C GLY D 169 3.98 -0.58 -62.30
N ARG D 170 4.71 0.20 -61.52
CA ARG D 170 6.07 0.55 -61.85
C ARG D 170 6.91 0.54 -60.58
N LEU D 171 8.16 0.15 -60.70
CA LEU D 171 9.05 0.01 -59.56
C LEU D 171 9.86 1.27 -59.38
N SER D 172 9.67 2.19 -60.33
CA SER D 172 10.21 3.52 -60.28
C SER D 172 9.15 4.45 -60.88
N ASN D 173 8.88 5.58 -60.22
CA ASN D 173 7.83 6.43 -60.72
C ASN D 173 8.19 7.00 -62.10
N VAL D 174 9.48 7.14 -62.38
CA VAL D 174 9.94 7.64 -63.67
C VAL D 174 10.60 6.46 -64.32
N LEU D 175 9.95 5.92 -65.36
CA LEU D 175 10.45 4.76 -66.09
C LEU D 175 11.42 5.23 -67.20
N ALA E 2 -23.13 12.62 38.86
CA ALA E 2 -21.79 12.58 39.46
C ALA E 2 -21.47 11.15 39.85
N PHE E 3 -20.21 10.76 39.69
CA PHE E 3 -19.78 9.44 40.07
C PHE E 3 -19.67 9.36 41.60
N LYS E 4 -20.23 8.31 42.16
CA LYS E 4 -20.24 8.02 43.56
C LYS E 4 -19.88 6.56 43.74
N ARG E 5 -18.95 6.25 44.63
CA ARG E 5 -18.52 4.89 44.82
C ARG E 5 -19.46 4.00 45.62
N HIS E 6 -20.32 4.61 46.44
CA HIS E 6 -21.21 3.84 47.34
C HIS E 6 -20.43 2.93 48.25
N ILE E 7 -19.20 3.31 48.66
CA ILE E 7 -18.49 2.56 49.68
C ILE E 7 -18.71 3.28 51.04
N ASP E 8 -19.50 2.63 51.88
CA ASP E 8 -20.11 3.22 53.07
C ASP E 8 -19.15 3.06 54.27
N ARG E 9 -18.20 2.14 54.15
CA ARG E 9 -17.22 1.95 55.18
C ARG E 9 -16.00 1.27 54.62
N LEU E 10 -14.87 1.44 55.31
CA LEU E 10 -13.59 0.89 54.93
C LEU E 10 -13.02 0.07 56.06
N PRO E 11 -12.27 -0.99 55.71
CA PRO E 11 -11.46 -1.72 56.69
C PRO E 11 -10.51 -0.77 57.44
N ILE E 12 -10.28 -1.10 58.73
CA ILE E 12 -9.51 -0.24 59.62
C ILE E 12 -8.11 -0.79 59.64
N ILE E 13 -7.13 0.12 59.47
CA ILE E 13 -5.76 -0.32 59.54
C ILE E 13 -5.49 -0.83 60.96
N PRO E 14 -4.99 -2.07 61.18
CA PRO E 14 -4.67 -2.54 62.51
C PRO E 14 -3.36 -1.97 63.03
N ALA E 15 -3.15 -2.12 64.35
CA ALA E 15 -2.01 -1.57 65.02
C ALA E 15 -0.74 -2.23 64.54
N ASP E 16 -0.81 -3.49 64.10
CA ASP E 16 0.39 -4.19 63.66
C ASP E 16 0.54 -4.21 62.10
N ALA E 17 -0.05 -3.26 61.37
CA ALA E 17 0.04 -3.29 59.90
C ALA E 17 1.48 -3.03 59.53
N LYS E 18 1.96 -3.60 58.41
CA LYS E 18 3.30 -3.33 57.92
C LYS E 18 3.32 -1.98 57.25
N LYS E 19 4.33 -1.16 57.63
CA LYS E 19 4.40 0.22 57.18
C LYS E 19 5.50 0.31 56.13
N HIS E 20 5.24 1.05 55.04
CA HIS E 20 6.21 1.22 53.96
C HIS E 20 6.28 2.69 53.63
N ASN E 21 7.49 3.23 53.52
CA ASN E 21 7.62 4.61 53.03
C ASN E 21 7.33 4.68 51.51
N VAL E 22 6.56 5.68 51.13
CA VAL E 22 6.15 5.80 49.73
C VAL E 22 6.20 7.26 49.34
N THR E 23 6.98 7.57 48.29
CA THR E 23 6.84 8.90 47.69
C THR E 23 5.70 8.82 46.66
N CYS E 24 4.94 9.88 46.52
CA CYS E 24 3.92 9.95 45.49
C CYS E 24 4.48 9.49 44.16
N HIS E 25 3.67 8.67 43.44
CA HIS E 25 4.07 8.17 42.11
C HIS E 25 4.26 9.30 41.08
N PHE E 26 3.59 10.45 41.29
CA PHE E 26 3.30 11.39 40.22
C PHE E 26 4.19 12.64 40.22
N CYS E 27 3.66 13.82 40.60
CA CYS E 27 4.36 15.06 40.28
C CYS E 27 5.67 15.28 41.07
N ILE E 28 6.43 16.25 40.55
CA ILE E 28 7.70 16.77 41.03
C ILE E 28 7.70 17.02 42.56
N VAL E 29 6.60 17.43 43.14
CA VAL E 29 6.57 17.81 44.56
C VAL E 29 6.99 16.65 45.43
N GLY E 30 6.62 15.42 45.06
CA GLY E 30 7.16 14.26 45.73
C GLY E 30 6.66 14.17 47.19
N CYS E 31 5.35 14.38 47.38
CA CYS E 31 4.72 14.27 48.68
C CYS E 31 4.96 12.92 49.30
N GLY E 32 5.12 12.90 50.63
CA GLY E 32 5.39 11.67 51.34
C GLY E 32 4.08 10.99 51.72
N TYR E 33 4.09 9.66 51.65
CA TYR E 33 2.97 8.81 52.00
C TYR E 33 3.53 7.64 52.77
N HIS E 34 2.62 6.88 53.38
CA HIS E 34 2.94 5.54 53.79
C HIS E 34 1.88 4.58 53.21
N ALA E 35 2.32 3.38 52.92
CA ALA E 35 1.46 2.27 52.58
C ALA E 35 1.46 1.30 53.76
N TYR E 36 0.27 1.05 54.30
CA TYR E 36 0.09 0.07 55.35
C TYR E 36 -0.63 -1.16 54.77
N THR E 37 -0.07 -2.31 54.98
CA THR E 37 -0.64 -3.55 54.52
C THR E 37 -0.84 -4.55 55.65
N TRP E 38 -1.84 -5.40 55.48
CA TRP E 38 -2.14 -6.41 56.48
C TRP E 38 -3.00 -7.50 55.88
N PRO E 39 -3.00 -8.70 56.47
CA PRO E 39 -3.65 -9.85 55.88
C PRO E 39 -5.13 -9.67 55.59
N ILE E 40 -5.56 -10.31 54.48
CA ILE E 40 -6.90 -10.16 53.91
C ILE E 40 -7.96 -10.57 54.95
N ASN E 41 -7.64 -11.56 55.79
CA ASN E 41 -8.60 -12.06 56.76
C ASN E 41 -8.43 -11.39 58.14
N LYS E 42 -7.75 -10.24 58.22
CA LYS E 42 -7.63 -9.51 59.47
C LYS E 42 -8.09 -8.08 59.29
N GLN E 43 -8.32 -7.41 60.42
CA GLN E 43 -8.67 -6.00 60.38
C GLN E 43 -8.44 -5.36 61.76
N GLY E 44 -8.37 -4.02 61.77
CA GLY E 44 -8.30 -3.21 62.95
C GLY E 44 -9.71 -2.99 63.51
N GLY E 45 -9.75 -2.38 64.71
CA GLY E 45 -10.98 -2.04 65.41
C GLY E 45 -11.00 -0.56 65.77
N THR E 46 -12.16 -0.07 66.21
CA THR E 46 -12.34 1.33 66.50
C THR E 46 -11.65 1.71 67.84
N ASP E 47 -11.37 0.75 68.74
CA ASP E 47 -10.67 1.10 69.97
C ASP E 47 -9.22 1.47 69.68
N PRO E 48 -8.67 2.48 70.40
CA PRO E 48 -7.33 2.99 70.14
C PRO E 48 -6.24 1.95 70.03
N GLN E 49 -6.29 0.90 70.83
CA GLN E 49 -5.23 -0.09 70.77
C GLN E 49 -5.42 -1.09 69.63
N ASN E 50 -6.56 -1.04 68.91
CA ASN E 50 -6.74 -1.97 67.79
C ASN E 50 -6.59 -1.30 66.41
N ASN E 51 -6.01 -0.10 66.33
CA ASN E 51 -5.77 0.55 65.05
C ASN E 51 -4.45 1.30 65.11
N ILE E 52 -3.94 1.64 63.92
CA ILE E 52 -2.59 2.18 63.77
C ILE E 52 -2.54 3.58 64.36
N PHE E 53 -3.66 4.27 64.50
CA PHE E 53 -3.64 5.66 64.87
C PHE E 53 -3.64 5.87 66.41
N GLY E 54 -3.98 4.86 67.19
CA GLY E 54 -4.19 5.03 68.62
C GLY E 54 -5.29 6.04 68.95
N VAL E 55 -6.38 6.01 68.18
CA VAL E 55 -7.47 6.98 68.27
C VAL E 55 -8.76 6.16 68.29
N ASP E 56 -9.82 6.73 68.86
CA ASP E 56 -11.08 6.01 68.98
C ASP E 56 -11.89 6.31 67.72
N LEU E 57 -11.93 5.34 66.79
CA LEU E 57 -12.55 5.56 65.47
C LEU E 57 -14.07 5.43 65.53
N SER E 58 -14.68 5.18 66.72
CA SER E 58 -16.15 5.23 66.85
C SER E 58 -16.64 6.65 66.94
N GLU E 59 -15.75 7.63 66.93
CA GLU E 59 -16.19 9.02 66.93
C GLU E 59 -15.77 9.80 65.70
N GLN E 60 -16.57 10.77 65.29
CA GLN E 60 -16.25 11.69 64.22
C GLN E 60 -14.91 12.35 64.45
N GLN E 61 -14.02 12.34 63.45
CA GLN E 61 -12.75 13.02 63.54
C GLN E 61 -12.93 14.46 63.08
N GLN E 62 -12.05 15.35 63.57
CA GLN E 62 -12.09 16.77 63.22
C GLN E 62 -11.33 17.01 61.92
N ALA E 63 -11.46 18.22 61.39
CA ALA E 63 -10.70 18.67 60.23
C ALA E 63 -9.22 18.35 60.40
N GLU E 64 -8.62 17.91 59.27
CA GLU E 64 -7.19 17.67 59.13
C GLU E 64 -6.74 16.53 59.99
N SER E 65 -7.63 15.59 60.26
CA SER E 65 -7.25 14.42 61.03
C SER E 65 -6.25 13.55 60.29
N ASP E 66 -5.31 12.96 60.99
CA ASP E 66 -4.46 11.92 60.47
C ASP E 66 -5.22 10.60 60.48
N ALA E 67 -6.33 10.51 61.24
CA ALA E 67 -6.98 9.22 61.49
C ALA E 67 -8.19 9.05 60.57
N TRP E 68 -7.96 9.27 59.27
CA TRP E 68 -8.98 9.08 58.25
C TRP E 68 -8.28 8.82 56.92
N TYR E 69 -9.00 8.14 56.03
CA TYR E 69 -8.54 8.01 54.64
C TYR E 69 -9.75 7.81 53.74
N SER E 70 -9.64 8.30 52.50
CA SER E 70 -10.70 8.29 51.54
C SER E 70 -10.71 6.93 50.90
N PRO E 71 -11.86 6.50 50.32
CA PRO E 71 -11.91 5.21 49.60
C PRO E 71 -10.82 5.05 48.54
N SER E 72 -10.41 6.15 47.92
CA SER E 72 -9.40 6.10 46.87
C SER E 72 -8.03 5.71 47.41
N MET E 73 -7.89 5.73 48.73
CA MET E 73 -6.64 5.41 49.43
C MET E 73 -6.62 3.98 49.93
N TYR E 74 -7.67 3.20 49.63
CA TYR E 74 -7.81 1.83 50.08
C TYR E 74 -7.88 0.89 48.88
N ASN E 75 -7.23 -0.26 48.99
CA ASN E 75 -7.42 -1.32 48.01
C ASN E 75 -7.02 -2.65 48.62
N VAL E 76 -7.13 -3.70 47.82
CA VAL E 76 -6.56 -5.02 48.10
C VAL E 76 -5.58 -5.39 46.99
N VAL E 77 -4.36 -5.75 47.34
CA VAL E 77 -3.33 -6.00 46.34
C VAL E 77 -2.62 -7.25 46.70
N LYS E 78 -1.94 -7.87 45.72
CA LYS E 78 -1.07 -8.98 45.99
C LYS E 78 0.28 -8.53 46.56
N GLN E 79 0.76 -9.25 47.60
CA GLN E 79 2.05 -8.98 48.24
C GLN E 79 2.65 -10.32 48.62
N ASP E 80 3.78 -10.67 47.99
CA ASP E 80 4.42 -11.96 48.16
C ASP E 80 3.45 -13.09 47.84
N GLY E 81 2.58 -12.92 46.84
CA GLY E 81 1.75 -14.01 46.39
C GLY E 81 0.41 -14.06 47.15
N ARG E 82 0.20 -13.22 48.16
CA ARG E 82 -1.02 -13.29 48.98
C ARG E 82 -1.74 -11.95 48.90
N ASP E 83 -3.08 -12.00 48.90
CA ASP E 83 -3.87 -10.78 48.96
C ASP E 83 -3.71 -10.11 50.31
N VAL E 84 -3.52 -8.79 50.30
CA VAL E 84 -3.41 -7.97 51.50
C VAL E 84 -4.27 -6.75 51.32
N HIS E 85 -4.84 -6.25 52.41
CA HIS E 85 -5.39 -4.92 52.43
C HIS E 85 -4.23 -3.92 52.33
N VAL E 86 -4.49 -2.77 51.72
CA VAL E 86 -3.50 -1.73 51.64
C VAL E 86 -4.21 -0.41 51.81
N VAL E 87 -3.58 0.50 52.59
CA VAL E 87 -3.98 1.90 52.58
C VAL E 87 -2.73 2.74 52.26
N ILE E 88 -2.87 3.69 51.33
CA ILE E 88 -1.74 4.53 50.93
C ILE E 88 -2.20 5.95 51.20
N LYS E 89 -1.65 6.53 52.31
CA LYS E 89 -2.22 7.76 52.83
C LYS E 89 -1.07 8.73 53.10
N PRO E 90 -1.32 10.04 52.97
CA PRO E 90 -0.25 11.02 53.10
C PRO E 90 0.33 11.10 54.52
N ASP E 91 1.66 11.29 54.58
CA ASP E 91 2.46 11.35 55.80
C ASP E 91 2.40 12.77 56.40
N HIS E 92 1.68 12.92 57.52
CA HIS E 92 1.58 14.16 58.28
C HIS E 92 2.98 14.71 58.66
N GLU E 93 3.97 13.84 58.85
CA GLU E 93 5.31 14.25 59.30
C GLU E 93 6.24 14.62 58.14
N CYS E 94 5.80 14.50 56.88
CA CYS E 94 6.69 14.81 55.76
C CYS E 94 6.73 16.32 55.63
N VAL E 95 7.92 16.93 55.56
CA VAL E 95 8.02 18.39 55.48
C VAL E 95 7.56 18.92 54.13
N VAL E 96 7.58 18.07 53.10
CA VAL E 96 7.12 18.53 51.78
C VAL E 96 5.65 18.91 51.81
N ASN E 97 4.79 17.97 52.28
CA ASN E 97 3.35 18.10 52.12
C ASN E 97 2.59 18.30 53.46
N SER E 98 3.20 17.94 54.60
CA SER E 98 2.57 18.04 55.92
C SER E 98 1.20 17.34 55.95
N GLY E 99 1.12 16.14 55.36
CA GLY E 99 -0.11 15.39 55.35
C GLY E 99 -1.07 15.74 54.21
N LEU E 100 -0.79 16.74 53.38
CA LEU E 100 -1.62 16.98 52.19
C LEU E 100 -1.38 15.85 51.17
N GLY E 101 -2.48 15.44 50.53
CA GLY E 101 -2.50 14.56 49.37
C GLY E 101 -3.36 15.22 48.28
N SER E 102 -2.77 15.47 47.09
CA SER E 102 -3.54 16.00 45.95
C SER E 102 -4.57 14.97 45.50
N VAL E 103 -5.45 15.42 44.63
CA VAL E 103 -6.45 14.56 43.98
C VAL E 103 -5.82 13.41 43.19
N ARG E 104 -4.54 13.56 42.81
CA ARG E 104 -3.80 12.53 42.10
C ARG E 104 -3.17 11.54 43.06
N GLY E 105 -2.32 12.04 43.96
CA GLY E 105 -1.62 11.13 44.85
C GLY E 105 -2.57 10.35 45.79
N ALA E 106 -3.67 10.97 46.19
CA ALA E 106 -4.61 10.30 47.08
C ALA E 106 -5.36 9.18 46.37
N ARG E 107 -5.20 9.03 45.04
CA ARG E 107 -5.82 7.89 44.35
C ARG E 107 -4.78 6.83 43.98
N MET E 108 -3.60 6.85 44.59
CA MET E 108 -2.63 5.83 44.28
C MET E 108 -3.15 4.42 44.56
N ALA E 109 -3.86 4.22 45.68
CA ALA E 109 -4.31 2.89 45.99
C ALA E 109 -5.32 2.41 44.94
N GLU E 110 -6.32 3.23 44.66
CA GLU E 110 -7.40 2.84 43.74
C GLU E 110 -6.91 2.71 42.28
N THR E 111 -5.79 3.35 41.91
CA THR E 111 -5.20 3.16 40.59
C THR E 111 -4.13 2.07 40.62
N SER E 112 -4.03 1.30 41.72
CA SER E 112 -3.19 0.13 41.82
C SER E 112 -3.93 -1.04 41.18
N PHE E 113 -3.18 -2.04 40.74
CA PHE E 113 -3.75 -3.25 40.19
C PHE E 113 -4.36 -4.10 41.32
N SER E 114 -5.64 -4.47 41.19
CA SER E 114 -6.26 -5.36 42.15
C SER E 114 -7.15 -6.35 41.43
N GLU E 115 -6.78 -7.62 41.47
CA GLU E 115 -7.69 -8.66 40.97
C GLU E 115 -8.89 -8.79 41.92
N ALA E 116 -8.73 -8.71 43.24
CA ALA E 116 -9.86 -8.91 44.13
C ALA E 116 -10.89 -7.82 43.95
N ARG E 117 -10.47 -6.55 43.79
CA ARG E 117 -11.46 -5.47 43.71
C ARG E 117 -11.62 -4.90 42.30
N ASN E 118 -11.00 -5.55 41.32
CA ASN E 118 -11.16 -5.25 39.90
C ASN E 118 -10.73 -3.84 39.52
N THR E 119 -9.65 -3.32 40.10
CA THR E 119 -9.10 -2.05 39.64
C THR E 119 -7.94 -2.29 38.66
N GLN E 120 -7.88 -1.42 37.65
CA GLN E 120 -6.81 -1.36 36.66
C GLN E 120 -6.59 -2.72 36.01
N GLN E 121 -7.70 -3.32 35.60
CA GLN E 121 -7.68 -4.58 34.88
C GLN E 121 -7.09 -4.40 33.48
N GLN E 122 -6.91 -3.18 32.98
CA GLN E 122 -6.15 -2.92 31.77
C GLN E 122 -4.66 -3.19 31.93
N ARG E 123 -4.12 -3.34 33.16
CA ARG E 123 -2.66 -3.53 33.29
C ARG E 123 -2.16 -4.70 32.46
N LEU E 124 -0.99 -4.52 31.86
CA LEU E 124 -0.32 -5.59 31.15
C LEU E 124 0.20 -6.63 32.12
N THR E 125 0.07 -7.89 31.75
CA THR E 125 0.51 -9.02 32.56
C THR E 125 1.47 -9.94 31.82
N ASP E 126 1.41 -9.95 30.48
CA ASP E 126 2.24 -10.90 29.72
C ASP E 126 2.85 -10.17 28.51
N PRO E 127 4.07 -10.57 28.06
CA PRO E 127 4.61 -10.17 26.77
C PRO E 127 3.58 -10.50 25.67
N LEU E 128 3.45 -9.60 24.72
CA LEU E 128 2.54 -9.77 23.58
C LEU E 128 3.36 -9.65 22.30
N VAL E 129 3.09 -10.52 21.33
CA VAL E 129 3.68 -10.48 20.00
C VAL E 129 2.57 -10.50 18.94
N TRP E 130 2.76 -9.70 17.91
CA TRP E 130 1.91 -9.71 16.71
C TRP E 130 2.19 -10.97 15.89
N ARG E 131 1.24 -11.89 15.88
CA ARG E 131 1.36 -13.12 15.13
C ARG E 131 -0.01 -13.74 14.92
N TYR E 132 -0.20 -14.45 13.81
CA TYR E 132 -1.46 -15.13 13.51
C TYR E 132 -2.61 -14.12 13.36
N GLY E 133 -2.25 -12.87 12.99
CA GLY E 133 -3.24 -11.85 12.66
C GLY E 133 -3.70 -10.92 13.77
N GLN E 134 -3.14 -11.05 14.98
CA GLN E 134 -3.49 -10.19 16.08
C GLN E 134 -2.38 -10.29 17.14
N MET E 135 -2.47 -9.46 18.20
CA MET E 135 -1.53 -9.55 19.31
C MET E 135 -1.84 -10.81 20.13
N GLN E 136 -0.84 -11.56 20.50
CA GLN E 136 -0.97 -12.82 21.20
C GLN E 136 0.00 -12.85 22.38
N PRO E 137 -0.43 -13.39 23.54
CA PRO E 137 0.47 -13.50 24.70
C PRO E 137 1.48 -14.63 24.51
N THR E 138 2.63 -14.47 25.17
CA THR E 138 3.71 -15.41 25.08
C THR E 138 4.61 -15.27 26.31
N SER E 139 5.72 -16.04 26.32
CA SER E 139 6.73 -16.01 27.35
C SER E 139 7.72 -14.86 27.11
N TRP E 140 8.42 -14.45 28.17
CA TRP E 140 9.53 -13.55 28.07
C TRP E 140 10.61 -14.06 27.12
N ASP E 141 10.93 -15.33 27.25
CA ASP E 141 11.98 -15.90 26.47
C ASP E 141 11.71 -15.76 24.96
N ASP E 142 10.47 -16.06 24.56
CA ASP E 142 10.06 -15.94 23.19
C ASP E 142 10.14 -14.46 22.72
N ALA E 143 9.47 -13.57 23.44
CA ALA E 143 9.33 -12.19 22.99
C ALA E 143 10.70 -11.52 22.95
N LEU E 144 11.55 -11.73 23.99
CA LEU E 144 12.86 -11.08 24.00
C LEU E 144 13.75 -11.61 22.88
N ASP E 145 13.67 -12.90 22.61
CA ASP E 145 14.39 -13.49 21.52
C ASP E 145 14.02 -12.79 20.20
N LEU E 146 12.73 -12.61 19.94
CA LEU E 146 12.32 -11.93 18.71
C LEU E 146 12.85 -10.49 18.65
N VAL E 147 12.69 -9.72 19.73
CA VAL E 147 13.17 -8.36 19.77
C VAL E 147 14.67 -8.34 19.46
N ALA E 148 15.44 -9.19 20.15
CA ALA E 148 16.88 -9.19 19.98
C ALA E 148 17.31 -9.57 18.56
N ARG E 149 16.67 -10.60 17.98
CA ARG E 149 17.05 -11.06 16.65
C ARG E 149 16.82 -9.97 15.59
N VAL E 150 15.66 -9.29 15.66
CA VAL E 150 15.40 -8.24 14.68
C VAL E 150 16.39 -7.09 14.93
N THR E 151 16.51 -6.64 16.18
CA THR E 151 17.36 -5.49 16.52
C THR E 151 18.80 -5.77 16.10
N ALA E 152 19.30 -6.98 16.45
CA ALA E 152 20.68 -7.36 16.13
C ALA E 152 20.93 -7.39 14.62
N LYS E 153 19.98 -7.95 13.87
CA LYS E 153 20.16 -8.04 12.43
C LYS E 153 20.16 -6.66 11.78
N ILE E 154 19.26 -5.79 12.21
CA ILE E 154 19.16 -4.47 11.64
C ILE E 154 20.41 -3.62 11.96
N VAL E 155 20.86 -3.67 13.21
N VAL E 155 20.88 -3.67 13.22
CA VAL E 155 22.01 -2.87 13.62
CA VAL E 155 22.02 -2.84 13.58
C VAL E 155 23.28 -3.40 12.93
C VAL E 155 23.30 -3.41 12.94
N LYS E 156 23.37 -4.71 12.74
CA LYS E 156 24.51 -5.27 12.04
C LYS E 156 24.49 -4.91 10.56
N GLU E 157 23.32 -4.85 9.93
CA GLU E 157 23.30 -4.55 8.52
C GLU E 157 23.32 -3.06 8.25
N LYS E 158 22.74 -2.24 9.12
CA LYS E 158 22.59 -0.83 8.79
C LYS E 158 23.28 0.09 9.78
N GLY E 159 23.87 -0.41 10.85
CA GLY E 159 24.48 0.39 11.90
C GLY E 159 23.48 0.70 13.02
N GLU E 160 24.03 1.14 14.17
CA GLU E 160 23.24 1.55 15.31
C GLU E 160 22.31 2.74 15.01
N ASP E 161 22.62 3.55 14.02
CA ASP E 161 21.70 4.63 13.66
C ASP E 161 20.30 4.14 13.22
N ALA E 162 20.19 2.88 12.82
CA ALA E 162 18.89 2.33 12.41
C ALA E 162 18.00 1.96 13.60
N LEU E 163 18.58 1.93 14.81
CA LEU E 163 17.83 1.80 16.05
C LEU E 163 17.45 3.16 16.56
N ILE E 164 16.14 3.37 16.65
CA ILE E 164 15.52 4.56 17.18
C ILE E 164 14.98 4.20 18.57
N VAL E 165 15.21 5.09 19.52
CA VAL E 165 14.76 4.90 20.90
C VAL E 165 13.97 6.10 21.33
N SER E 166 12.83 5.82 22.00
CA SER E 166 12.09 6.79 22.77
C SER E 166 12.02 6.31 24.21
N ALA E 167 12.46 7.13 25.17
CA ALA E 167 12.47 6.67 26.58
C ALA E 167 12.24 7.83 27.53
N PHE E 168 11.49 7.55 28.59
CA PHE E 168 11.54 8.37 29.79
C PHE E 168 12.99 8.73 30.14
N ASP E 169 13.18 9.91 30.71
CA ASP E 169 14.40 10.27 31.40
C ASP E 169 14.08 10.77 32.83
N HIS E 170 12.82 10.63 33.27
CA HIS E 170 12.33 11.29 34.47
C HIS E 170 12.43 10.33 35.67
N GLY E 171 12.00 10.86 36.82
CA GLY E 171 11.89 10.13 38.07
C GLY E 171 10.45 9.71 38.37
N GLY E 172 10.26 9.15 39.56
CA GLY E 172 8.98 8.64 40.02
C GLY E 172 8.54 7.42 39.21
N ALA E 173 7.27 7.06 39.31
CA ALA E 173 6.71 5.95 38.56
C ALA E 173 7.00 6.12 37.05
N GLY E 174 7.49 5.05 36.45
CA GLY E 174 7.86 5.06 35.02
C GLY E 174 9.20 5.77 34.78
N GLY E 175 10.01 5.87 35.84
CA GLY E 175 11.34 6.37 35.73
C GLY E 175 12.10 6.05 37.00
N GLY E 176 13.01 6.97 37.38
CA GLY E 176 13.77 6.78 38.60
C GLY E 176 15.18 6.28 38.34
N TYR E 177 16.04 6.32 39.38
CA TYR E 177 17.47 6.12 39.17
C TYR E 177 17.76 4.74 38.64
N GLU E 178 17.06 3.74 39.18
CA GLU E 178 17.29 2.37 38.73
C GLU E 178 16.95 2.23 37.24
N ASN E 179 15.81 2.76 36.85
CA ASN E 179 15.28 2.59 35.50
C ASN E 179 15.98 3.49 34.46
N THR E 180 16.30 4.76 34.78
CA THR E 180 17.12 5.53 33.87
C THR E 180 18.50 4.91 33.69
N TRP E 181 19.09 4.33 34.75
CA TRP E 181 20.37 3.67 34.61
C TRP E 181 20.28 2.46 33.71
N GLY E 182 19.30 1.61 33.94
CA GLY E 182 19.24 0.41 33.15
C GLY E 182 19.07 0.68 31.63
N THR E 183 18.14 1.56 31.28
CA THR E 183 17.97 1.93 29.89
C THR E 183 19.19 2.71 29.34
N GLY E 184 19.74 3.61 30.17
CA GLY E 184 20.92 4.34 29.75
C GLY E 184 22.11 3.43 29.45
N LYS E 185 22.32 2.46 30.35
CA LYS E 185 23.45 1.55 30.19
C LYS E 185 23.30 0.74 28.92
N LEU E 186 22.09 0.30 28.63
CA LEU E 186 21.85 -0.47 27.41
C LEU E 186 22.17 0.35 26.15
N TYR E 187 21.67 1.59 26.07
CA TYR E 187 21.73 2.31 24.81
C TYR E 187 22.96 3.21 24.68
N PHE E 188 23.61 3.58 25.80
CA PHE E 188 24.76 4.48 25.78
C PHE E 188 26.06 3.83 26.28
N GLU E 189 26.01 2.68 26.95
CA GLU E 189 27.23 1.99 27.32
C GLU E 189 27.42 0.78 26.43
N ALA E 190 26.46 -0.18 26.44
CA ALA E 190 26.56 -1.32 25.54
C ALA E 190 26.54 -0.85 24.08
N MET E 191 25.75 0.19 23.76
CA MET E 191 25.62 0.71 22.40
C MET E 191 25.95 2.18 22.47
N LYS E 192 25.95 2.84 21.29
CA LYS E 192 26.08 4.29 21.18
C LYS E 192 24.92 4.80 20.33
N VAL E 193 23.70 4.66 20.83
CA VAL E 193 22.52 5.11 20.13
C VAL E 193 22.51 6.64 20.11
N LYS E 194 22.48 7.20 18.89
CA LYS E 194 22.33 8.61 18.66
C LYS E 194 20.89 9.03 18.47
N ASN E 195 20.09 8.18 17.80
CA ASN E 195 18.73 8.53 17.44
C ASN E 195 17.77 8.18 18.56
N ILE E 196 18.01 8.86 19.70
CA ILE E 196 17.20 8.67 20.90
C ILE E 196 16.50 9.97 21.25
N ARG E 197 15.25 9.87 21.70
CA ARG E 197 14.51 11.00 22.20
C ARG E 197 13.98 10.68 23.58
N ILE E 198 13.42 11.72 24.20
CA ILE E 198 12.95 11.66 25.56
C ILE E 198 11.43 11.69 25.54
N HIS E 199 10.82 11.43 26.71
CA HIS E 199 9.38 11.22 26.74
C HIS E 199 8.62 12.47 26.32
N ASN E 200 9.21 13.67 26.52
CA ASN E 200 8.46 14.91 26.35
C ASN E 200 8.98 15.82 25.27
N ARG E 201 10.03 15.40 24.60
CA ARG E 201 10.67 16.26 23.63
C ARG E 201 11.42 15.38 22.64
N PRO E 202 11.43 15.76 21.33
CA PRO E 202 11.76 14.82 20.26
C PRO E 202 13.22 14.66 19.91
N ALA E 203 14.08 15.02 20.86
CA ALA E 203 15.55 14.87 20.72
C ALA E 203 16.17 14.72 22.09
N TYR E 204 17.43 14.28 22.11
CA TYR E 204 18.11 14.04 23.38
C TYR E 204 18.82 15.32 23.86
N ASN E 205 18.01 16.25 24.35
CA ASN E 205 18.47 17.56 24.76
C ASN E 205 18.08 17.80 26.24
N SER E 206 18.49 18.98 26.76
CA SER E 206 17.99 19.47 28.00
C SER E 206 16.84 20.44 27.72
N GLU E 207 15.88 20.49 28.62
CA GLU E 207 14.84 21.50 28.58
C GLU E 207 15.42 22.89 28.84
N VAL E 208 16.56 22.96 29.56
CA VAL E 208 17.05 24.25 30.06
C VAL E 208 18.54 24.43 29.82
N HIS E 209 18.93 24.30 28.57
CA HIS E 209 20.32 24.53 28.23
C HIS E 209 20.77 25.97 28.62
N GLY E 210 19.88 26.96 28.52
CA GLY E 210 20.25 28.35 28.80
C GLY E 210 20.76 28.52 30.24
N THR E 211 19.98 28.13 31.24
CA THR E 211 20.41 28.27 32.65
C THR E 211 21.67 27.43 32.90
N ARG E 212 21.73 26.21 32.34
CA ARG E 212 22.86 25.33 32.58
C ARG E 212 24.14 25.93 31.98
N ASP E 213 24.05 26.52 30.78
CA ASP E 213 25.23 27.08 30.15
C ASP E 213 25.71 28.32 30.92
N MET E 214 24.79 29.02 31.59
CA MET E 214 25.09 30.16 32.43
C MET E 214 25.80 29.78 33.74
N GLY E 215 25.78 28.49 34.06
CA GLY E 215 26.37 27.92 35.25
C GLY E 215 25.38 27.75 36.39
N VAL E 216 24.08 27.94 36.10
CA VAL E 216 23.06 27.77 37.12
C VAL E 216 22.17 26.54 36.88
N GLY E 217 22.47 25.46 37.57
CA GLY E 217 21.62 24.26 37.56
C GLY E 217 20.22 24.67 38.00
N GLU E 218 19.20 24.01 37.42
CA GLU E 218 17.83 24.54 37.48
C GLU E 218 17.12 24.24 38.80
N LEU E 219 17.67 23.35 39.60
CA LEU E 219 17.06 23.03 40.91
C LEU E 219 18.06 23.45 42.02
N ASN E 220 18.09 24.76 42.29
CA ASN E 220 19.18 25.32 43.09
C ASN E 220 18.73 25.75 44.50
N ASN E 221 17.44 25.65 44.84
CA ASN E 221 16.93 26.22 46.08
C ASN E 221 16.26 25.13 46.90
N CYS E 222 15.46 25.56 47.90
CA CYS E 222 14.70 24.63 48.70
C CYS E 222 13.29 25.19 48.79
N TYR E 223 12.35 24.28 49.14
CA TYR E 223 10.94 24.65 49.21
C TYR E 223 10.70 25.71 50.28
N GLU E 224 11.57 25.74 51.30
CA GLU E 224 11.45 26.75 52.34
C GLU E 224 11.64 28.13 51.78
N ASP E 225 12.41 28.21 50.68
CA ASP E 225 12.62 29.49 50.05
C ASP E 225 11.32 30.17 49.62
N ALA E 226 10.33 29.38 49.20
CA ALA E 226 9.05 29.99 48.80
C ALA E 226 8.31 30.60 49.98
N GLU E 227 8.58 30.06 51.18
CA GLU E 227 8.05 30.57 52.43
C GLU E 227 8.76 31.87 52.85
N LEU E 228 10.00 32.09 52.40
CA LEU E 228 10.84 33.17 52.93
C LEU E 228 10.95 34.37 52.02
N ALA E 229 10.64 34.21 50.71
CA ALA E 229 10.80 35.31 49.79
C ALA E 229 9.91 36.49 50.16
N ASP E 230 10.38 37.71 49.75
CA ASP E 230 9.53 38.89 49.77
C ASP E 230 8.54 38.83 48.60
N THR E 231 9.04 38.44 47.42
CA THR E 231 8.22 38.32 46.22
C THR E 231 8.49 36.96 45.58
N ILE E 232 7.43 36.28 45.17
CA ILE E 232 7.51 35.12 44.27
C ILE E 232 7.22 35.55 42.84
N VAL E 233 8.10 35.16 41.91
CA VAL E 233 7.84 35.41 40.50
C VAL E 233 7.58 34.03 39.82
N ALA E 234 6.35 33.82 39.41
CA ALA E 234 5.88 32.50 38.92
C ALA E 234 5.58 32.63 37.42
N VAL E 235 6.50 32.10 36.60
CA VAL E 235 6.43 32.24 35.17
C VAL E 235 5.97 30.92 34.50
N GLY E 236 4.86 30.97 33.80
CA GLY E 236 4.45 29.83 33.01
C GLY E 236 4.26 28.59 33.88
N THR E 237 3.58 28.81 35.02
CA THR E 237 3.27 27.78 36.00
C THR E 237 1.85 27.99 36.43
N ASN E 238 1.12 26.89 36.57
CA ASN E 238 -0.22 26.87 37.12
C ASN E 238 -0.16 26.02 38.37
N ALA E 239 0.70 26.45 39.30
CA ALA E 239 1.14 25.64 40.44
C ALA E 239 0.02 25.05 41.30
N LEU E 240 -1.13 25.73 41.48
CA LEU E 240 -2.19 25.13 42.27
C LEU E 240 -2.66 23.80 41.65
N GLU E 241 -2.66 23.72 40.29
CA GLU E 241 -3.09 22.52 39.55
C GLU E 241 -1.92 21.58 39.31
N THR E 242 -0.67 22.10 39.15
CA THR E 242 0.44 21.32 38.64
C THR E 242 1.62 21.10 39.59
N GLN E 243 1.70 21.91 40.66
CA GLN E 243 2.70 21.64 41.71
C GLN E 243 1.99 21.88 43.04
N THR E 244 0.84 21.19 43.18
CA THR E 244 -0.21 21.52 44.09
C THR E 244 0.29 21.70 45.52
N ASN E 245 0.98 20.71 46.08
CA ASN E 245 1.24 20.74 47.50
C ASN E 245 2.45 21.61 47.81
N TYR E 246 3.29 21.91 46.82
CA TYR E 246 4.31 22.92 46.98
C TYR E 246 3.65 24.28 47.15
N PHE E 247 2.73 24.57 46.23
CA PHE E 247 1.95 25.78 46.32
C PHE E 247 1.22 25.88 47.67
N LEU E 248 0.48 24.83 48.05
CA LEU E 248 -0.42 24.93 49.21
C LEU E 248 0.43 24.93 50.50
N ASN E 249 1.47 24.12 50.60
CA ASN E 249 2.17 23.93 51.86
C ASN E 249 3.38 24.90 51.99
N HIS E 250 3.77 25.66 50.97
CA HIS E 250 4.93 26.53 51.05
C HIS E 250 4.61 27.94 50.54
N TRP E 251 3.92 28.08 49.41
CA TRP E 251 3.68 29.39 48.85
C TRP E 251 2.58 30.10 49.65
N ILE E 252 1.46 29.42 49.84
CA ILE E 252 0.30 29.98 50.52
C ILE E 252 0.69 30.49 51.92
N PRO E 253 1.44 29.78 52.78
CA PRO E 253 1.91 30.32 54.08
C PRO E 253 2.63 31.66 53.96
N ASN E 254 3.39 31.85 52.87
CA ASN E 254 4.05 33.11 52.61
C ASN E 254 3.01 34.19 52.37
N LEU E 255 2.12 33.95 51.41
CA LEU E 255 1.12 34.92 51.01
C LEU E 255 0.14 35.28 52.15
N ARG E 256 -0.12 34.30 53.02
CA ARG E 256 -1.06 34.46 54.12
C ARG E 256 -0.39 35.17 55.30
N GLY E 257 0.94 35.31 55.31
CA GLY E 257 1.64 35.91 56.43
C GLY E 257 2.01 34.91 57.51
N GLU E 258 1.67 33.62 57.34
CA GLU E 258 1.96 32.65 58.38
C GLU E 258 3.46 32.43 58.56
N SER E 259 4.29 32.70 57.54
CA SER E 259 5.73 32.43 57.65
C SER E 259 6.51 33.66 58.16
N LEU E 260 5.81 34.76 58.49
CA LEU E 260 6.45 35.97 58.98
C LEU E 260 7.35 35.74 60.21
N GLY E 261 6.89 34.94 61.14
CA GLY E 261 7.67 34.60 62.33
C GLY E 261 8.98 33.93 61.96
N LYS E 262 8.93 32.96 61.05
CA LYS E 262 10.13 32.28 60.57
C LYS E 262 11.02 33.27 59.83
N LYS E 263 10.43 34.16 59.05
CA LYS E 263 11.24 35.12 58.32
C LYS E 263 12.07 35.97 59.30
N LYS E 264 11.43 36.47 60.37
CA LYS E 264 12.05 37.38 61.33
C LYS E 264 13.13 36.64 62.13
N GLU E 265 12.88 35.37 62.42
CA GLU E 265 13.86 34.56 63.10
C GLU E 265 15.09 34.29 62.24
N LEU E 266 14.93 33.95 60.96
CA LEU E 266 16.09 33.59 60.16
C LEU E 266 16.79 34.83 59.63
N MET E 267 16.05 35.92 59.45
CA MET E 267 16.61 37.09 58.75
C MET E 267 16.27 38.36 59.57
N PRO E 268 16.82 38.45 60.80
CA PRO E 268 16.41 39.48 61.77
C PRO E 268 16.81 40.91 61.42
N GLU E 269 17.76 41.10 60.51
CA GLU E 269 18.27 42.45 60.32
C GLU E 269 17.56 43.12 59.15
N GLU E 270 16.33 42.73 58.78
CA GLU E 270 15.70 43.39 57.65
C GLU E 270 14.19 43.36 57.78
N PRO E 271 13.47 44.24 57.10
CA PRO E 271 12.01 44.19 57.13
C PRO E 271 11.48 42.96 56.38
N HIS E 272 10.25 42.56 56.71
CA HIS E 272 9.52 41.45 56.12
C HIS E 272 8.03 41.77 56.20
N GLU E 273 7.32 41.61 55.11
CA GLU E 273 5.88 41.60 55.09
C GLU E 273 5.42 40.28 54.48
N ALA E 274 4.11 40.03 54.51
CA ALA E 274 3.56 38.91 53.77
C ALA E 274 3.96 39.02 52.29
N GLY E 275 4.17 37.82 51.73
CA GLY E 275 4.64 37.65 50.37
C GLY E 275 3.70 38.31 49.38
N ARG E 276 4.33 38.86 48.34
CA ARG E 276 3.66 39.25 47.13
C ARG E 276 4.01 38.25 46.02
N ILE E 277 3.18 38.19 44.98
CA ILE E 277 3.47 37.26 43.89
C ILE E 277 3.12 37.93 42.56
N ILE E 278 4.06 37.81 41.61
CA ILE E 278 3.84 38.18 40.22
C ILE E 278 3.63 36.82 39.44
N ILE E 279 2.55 36.74 38.68
CA ILE E 279 2.27 35.54 37.87
C ILE E 279 2.29 35.96 36.41
N VAL E 280 3.20 35.37 35.66
CA VAL E 280 3.33 35.67 34.25
C VAL E 280 2.72 34.49 33.49
N ASP E 281 1.52 34.72 32.99
CA ASP E 281 0.69 33.69 32.34
C ASP E 281 -0.32 34.41 31.47
N PRO E 282 -0.43 34.15 30.13
CA PRO E 282 -1.47 34.76 29.33
C PRO E 282 -2.88 34.50 29.82
N ARG E 283 -3.05 33.41 30.56
CA ARG E 283 -4.35 32.97 31.02
C ARG E 283 -4.49 33.19 32.53
N ARG E 284 -5.70 33.61 32.94
CA ARG E 284 -6.04 33.65 34.34
C ARG E 284 -6.48 32.26 34.79
N THR E 285 -5.71 31.68 35.69
CA THR E 285 -5.89 30.35 36.17
C THR E 285 -6.42 30.36 37.58
N VAL E 286 -6.76 29.16 38.05
CA VAL E 286 -7.19 28.96 39.42
C VAL E 286 -6.06 29.36 40.36
N THR E 287 -4.80 29.28 39.90
CA THR E 287 -3.66 29.70 40.72
C THR E 287 -3.74 31.22 40.98
N VAL E 288 -3.98 32.01 39.95
CA VAL E 288 -4.17 33.43 40.09
C VAL E 288 -5.30 33.71 41.08
N ASN E 289 -6.45 33.07 40.87
CA ASN E 289 -7.59 33.25 41.72
C ASN E 289 -7.24 32.98 43.18
N ALA E 290 -6.57 31.84 43.45
CA ALA E 290 -6.25 31.39 44.78
C ALA E 290 -5.29 32.40 45.47
N CYS E 291 -4.35 32.96 44.69
CA CYS E 291 -3.41 33.96 45.20
C CYS E 291 -4.18 35.20 45.64
N GLU E 292 -5.09 35.69 44.81
CA GLU E 292 -5.89 36.86 45.11
C GLU E 292 -6.70 36.64 46.37
N GLN E 293 -7.30 35.46 46.52
CA GLN E 293 -8.13 35.19 47.67
C GLN E 293 -7.29 35.06 48.92
N THR E 294 -6.02 34.71 48.81
CA THR E 294 -5.23 34.44 49.99
C THR E 294 -4.50 35.71 50.40
N ALA E 295 -3.89 36.41 49.44
CA ALA E 295 -2.98 37.50 49.72
C ALA E 295 -3.70 38.83 49.62
N GLY E 296 -4.86 38.87 48.99
CA GLY E 296 -5.46 40.09 48.50
C GLY E 296 -4.95 40.52 47.13
N ALA E 297 -5.81 41.20 46.37
CA ALA E 297 -5.55 41.51 44.99
C ALA E 297 -4.41 42.50 44.86
N ASP E 298 -4.20 43.31 45.90
CA ASP E 298 -3.11 44.28 45.87
C ASP E 298 -1.75 43.62 46.03
N ASN E 299 -1.69 42.37 46.52
CA ASN E 299 -0.44 41.65 46.63
C ASN E 299 -0.18 40.61 45.53
N VAL E 300 -1.00 40.66 44.47
CA VAL E 300 -0.89 39.74 43.35
C VAL E 300 -0.83 40.56 42.08
N LEU E 301 0.23 40.38 41.32
CA LEU E 301 0.29 41.01 40.01
C LEU E 301 0.26 39.91 38.94
N HIS E 302 -0.90 39.78 38.28
CA HIS E 302 -1.06 38.86 37.16
C HIS E 302 -0.72 39.61 35.89
N LEU E 303 0.46 39.33 35.35
CA LEU E 303 0.84 39.88 34.06
C LEU E 303 0.34 38.93 32.92
N ALA E 304 -0.83 39.26 32.35
CA ALA E 304 -1.49 38.41 31.34
C ALA E 304 -0.93 38.80 29.97
N ILE E 305 0.34 38.42 29.77
CA ILE E 305 1.06 38.71 28.57
C ILE E 305 0.39 38.08 27.34
N ASN E 306 0.70 38.64 26.19
CA ASN E 306 0.46 38.01 24.90
C ASN E 306 1.31 36.73 24.88
N SER E 307 0.68 35.65 24.37
CA SER E 307 1.36 34.35 24.26
C SER E 307 2.72 34.54 23.60
N GLY E 308 3.75 33.99 24.25
CA GLY E 308 5.06 33.88 23.64
C GLY E 308 5.91 35.15 23.83
N THR E 309 5.45 36.12 24.67
CA THR E 309 6.19 37.40 24.78
C THR E 309 6.94 37.58 26.11
N ASP E 310 7.15 36.49 26.84
CA ASP E 310 7.91 36.53 28.07
C ASP E 310 9.28 37.20 27.93
N LEU E 311 10.03 36.88 26.89
CA LEU E 311 11.38 37.38 26.73
C LEU E 311 11.38 38.91 26.70
N ALA E 312 10.40 39.52 26.02
CA ALA E 312 10.33 40.97 25.92
C ALA E 312 10.12 41.54 27.31
N LEU E 313 9.19 40.96 28.08
CA LEU E 313 8.95 41.35 29.45
C LEU E 313 10.24 41.29 30.28
N PHE E 314 10.92 40.15 30.28
CA PHE E 314 12.10 39.97 31.11
C PHE E 314 13.22 40.97 30.74
N ASN E 315 13.40 41.20 29.47
CA ASN E 315 14.45 42.11 29.04
C ASN E 315 14.12 43.54 29.50
N ALA E 316 12.85 43.94 29.48
CA ALA E 316 12.45 45.28 29.93
C ALA E 316 12.63 45.38 31.46
N LEU E 317 12.37 44.30 32.19
CA LEU E 317 12.55 44.27 33.62
C LEU E 317 14.02 44.41 33.96
N PHE E 318 14.85 43.65 33.24
CA PHE E 318 16.27 43.62 33.49
C PHE E 318 16.83 45.04 33.22
N THR E 319 16.40 45.63 32.13
CA THR E 319 16.84 46.95 31.71
C THR E 319 16.53 47.97 32.82
N TYR E 320 15.29 47.97 33.30
CA TYR E 320 14.82 48.95 34.25
C TYR E 320 15.55 48.80 35.58
N ILE E 321 15.69 47.57 36.04
CA ILE E 321 16.36 47.25 37.28
C ILE E 321 17.84 47.66 37.21
N ALA E 322 18.49 47.35 36.10
CA ALA E 322 19.88 47.70 35.93
C ALA E 322 20.03 49.21 35.88
N ASP E 323 19.16 49.92 35.15
CA ASP E 323 19.25 51.36 35.02
C ASP E 323 19.01 52.05 36.37
N LYS E 324 18.21 51.47 37.26
CA LYS E 324 17.98 52.03 38.57
C LYS E 324 19.11 51.71 39.53
N GLY E 325 20.00 50.80 39.17
CA GLY E 325 21.00 50.26 40.09
C GLY E 325 20.39 49.42 41.21
N TRP E 326 19.23 48.80 40.95
CA TRP E 326 18.66 47.88 41.92
C TRP E 326 19.23 46.47 41.85
N VAL E 327 20.55 46.38 41.94
CA VAL E 327 21.26 45.15 41.71
C VAL E 327 22.19 44.84 42.88
N ASP E 328 22.64 43.59 42.98
CA ASP E 328 23.58 43.17 43.98
C ASP E 328 24.97 43.24 43.41
N ARG E 329 25.61 44.42 43.60
CA ARG E 329 26.88 44.75 42.96
C ARG E 329 27.98 43.82 43.45
N ASP E 330 27.97 43.45 44.72
CA ASP E 330 29.04 42.59 45.22
C ASP E 330 28.92 41.17 44.62
N PHE E 331 27.68 40.67 44.51
CA PHE E 331 27.46 39.35 43.88
C PHE E 331 27.95 39.37 42.43
N ILE E 332 27.56 40.41 41.71
CA ILE E 332 27.99 40.56 40.33
C ILE E 332 29.51 40.56 40.25
N ASP E 333 30.16 41.35 41.13
CA ASP E 333 31.60 41.51 41.01
C ASP E 333 32.33 40.25 41.39
N LYS E 334 31.84 39.52 42.40
CA LYS E 334 32.60 38.37 42.87
C LYS E 334 32.24 37.05 42.16
N SER E 335 31.00 36.92 41.68
CA SER E 335 30.52 35.60 41.27
C SER E 335 30.10 35.49 39.81
N THR E 336 30.18 36.57 39.03
CA THR E 336 29.81 36.56 37.63
C THR E 336 30.95 37.03 36.73
N LEU E 337 30.84 36.62 35.47
CA LEU E 337 31.88 36.83 34.50
C LEU E 337 32.01 38.34 34.26
N ARG E 338 33.25 38.82 34.39
CA ARG E 338 33.49 40.25 34.28
C ARG E 338 34.03 40.66 32.93
N GLU E 339 34.76 39.81 32.23
CA GLU E 339 35.22 40.16 30.87
C GLU E 339 34.10 39.92 29.83
N GLY E 340 33.57 40.96 29.18
CA GLY E 340 32.68 40.77 28.05
C GLY E 340 33.37 40.04 26.88
N THR E 341 32.56 39.45 26.01
CA THR E 341 33.07 38.84 24.79
C THR E 341 32.29 39.41 23.62
N ALA E 342 32.84 39.33 22.42
CA ALA E 342 32.21 39.95 21.26
C ALA E 342 31.01 39.12 20.80
N ARG E 343 29.97 39.82 20.37
CA ARG E 343 28.78 39.22 19.80
C ARG E 343 29.17 38.38 18.59
N PRO E 344 28.48 37.26 18.35
CA PRO E 344 28.82 36.51 17.12
C PRO E 344 28.31 37.25 15.89
N PRO E 345 28.87 36.94 14.72
CA PRO E 345 28.60 37.76 13.55
C PRO E 345 27.13 37.82 13.12
N LEU E 346 26.31 36.81 13.37
CA LEU E 346 24.92 36.82 12.90
C LEU E 346 23.98 37.38 13.96
N TYR E 347 24.53 37.84 15.12
CA TYR E 347 23.70 38.42 16.17
C TYR E 347 23.10 39.69 15.63
N PRO E 348 21.91 40.14 16.06
CA PRO E 348 21.09 39.45 17.06
C PRO E 348 20.11 38.37 16.59
N ALA E 349 19.88 38.23 15.30
CA ALA E 349 18.90 37.26 14.81
C ALA E 349 19.32 35.81 15.12
N ARG E 350 20.61 35.47 15.06
CA ARG E 350 21.06 34.11 15.25
C ARG E 350 22.35 34.09 16.06
N GLY E 351 22.56 33.02 16.82
CA GLY E 351 23.81 32.84 17.53
C GLY E 351 24.95 32.39 16.63
N VAL E 352 26.03 31.99 17.29
CA VAL E 352 27.22 31.57 16.60
C VAL E 352 26.95 30.29 15.82
N SER E 353 26.09 29.38 16.34
CA SER E 353 25.60 28.23 15.57
C SER E 353 24.28 27.78 16.19
N GLU E 354 23.63 26.76 15.60
CA GLU E 354 22.39 26.24 16.16
C GLU E 354 22.63 25.69 17.57
N ALA E 355 23.85 25.25 17.89
CA ALA E 355 24.19 24.79 19.23
C ALA E 355 24.07 25.89 20.30
N ASN E 356 24.15 27.17 19.91
CA ASN E 356 24.31 28.27 20.84
C ASN E 356 23.43 29.45 20.46
N PRO E 357 22.13 29.40 20.79
CA PRO E 357 21.17 30.39 20.35
C PRO E 357 21.33 31.81 20.92
N GLY E 358 22.02 31.88 22.07
CA GLY E 358 22.24 33.10 22.81
C GLY E 358 23.73 33.35 23.01
N HIS E 359 24.04 34.56 23.48
CA HIS E 359 25.42 34.96 23.68
C HIS E 359 25.67 35.17 25.19
N LEU E 360 26.57 34.39 25.75
CA LEU E 360 26.89 34.45 27.17
C LEU E 360 27.90 35.58 27.40
N SER E 361 27.65 36.42 28.43
CA SER E 361 28.54 37.56 28.61
C SER E 361 28.48 38.07 30.04
N SER E 362 29.11 39.26 30.21
CA SER E 362 29.07 39.96 31.49
C SER E 362 27.74 40.64 31.66
N PHE E 363 27.48 41.05 32.90
CA PHE E 363 26.33 41.87 33.24
C PHE E 363 26.16 43.05 32.30
N GLU E 364 27.21 43.87 32.18
CA GLU E 364 27.05 45.14 31.46
C GLU E 364 26.76 44.89 29.98
N ASP E 365 27.45 43.91 29.40
CA ASP E 365 27.20 43.57 28.01
C ASP E 365 25.80 42.99 27.81
N ALA E 366 25.32 42.16 28.75
CA ALA E 366 23.94 41.62 28.66
C ALA E 366 22.90 42.71 28.77
N VAL E 367 23.08 43.66 29.71
CA VAL E 367 22.09 44.74 29.79
C VAL E 367 21.96 45.47 28.46
N GLU E 368 23.11 45.80 27.87
CA GLU E 368 23.09 46.58 26.63
C GLU E 368 22.54 45.73 25.48
N GLY E 369 22.84 44.43 25.46
CA GLY E 369 22.28 43.50 24.43
C GLY E 369 20.76 43.29 24.56
N CYS E 370 20.29 43.11 25.80
CA CYS E 370 18.89 42.89 26.13
C CYS E 370 18.06 44.14 26.06
N ARG E 371 18.72 45.32 26.00
CA ARG E 371 18.08 46.57 26.37
C ARG E 371 16.77 46.73 25.62
N MET E 372 15.70 46.95 26.37
CA MET E 372 14.42 47.21 25.80
C MET E 372 13.67 48.14 26.76
N SER E 373 13.10 49.21 26.18
CA SER E 373 12.30 50.17 26.92
C SER E 373 11.01 49.55 27.45
N ILE E 374 10.47 50.14 28.49
CA ILE E 374 9.16 49.81 29.00
C ILE E 374 8.09 49.93 27.91
N GLU E 375 8.13 51.00 27.12
CA GLU E 375 7.11 51.24 26.11
C GLU E 375 7.16 50.15 25.04
N GLU E 376 8.37 49.79 24.58
CA GLU E 376 8.52 48.75 23.57
C GLU E 376 7.99 47.40 24.11
N ALA E 377 8.32 47.05 25.37
CA ALA E 377 7.82 45.83 26.00
C ALA E 377 6.30 45.86 26.20
N ALA E 378 5.75 47.04 26.49
CA ALA E 378 4.32 47.15 26.66
C ALA E 378 3.62 46.86 25.33
N GLU E 379 4.18 47.37 24.23
CA GLU E 379 3.66 47.16 22.89
C GLU E 379 3.68 45.65 22.56
N ILE E 380 4.79 44.97 22.78
CA ILE E 380 4.93 43.57 22.42
C ILE E 380 4.07 42.67 23.30
N THR E 381 4.11 42.90 24.62
CA THR E 381 3.46 42.03 25.58
C THR E 381 1.98 42.30 25.72
N GLY E 382 1.55 43.49 25.30
CA GLY E 382 0.19 43.98 25.54
C GLY E 382 -0.04 44.43 26.98
N LEU E 383 0.95 44.36 27.86
CA LEU E 383 0.79 44.88 29.22
C LEU E 383 0.81 46.43 29.21
N ASP E 384 0.27 47.02 30.27
CA ASP E 384 0.40 48.45 30.51
C ASP E 384 1.80 48.77 31.04
N ALA E 385 2.36 49.92 30.61
CA ALA E 385 3.66 50.36 31.13
C ALA E 385 3.71 50.31 32.66
N ALA E 386 2.63 50.70 33.29
CA ALA E 386 2.60 50.72 34.75
C ALA E 386 2.73 49.35 35.38
N GLN E 387 2.17 48.32 34.73
CA GLN E 387 2.28 46.97 35.26
C GLN E 387 3.72 46.49 35.23
N ILE E 388 4.44 46.80 34.14
CA ILE E 388 5.82 46.38 34.02
C ILE E 388 6.70 47.09 35.07
N ILE E 389 6.49 48.40 35.25
CA ILE E 389 7.24 49.17 36.26
C ILE E 389 6.93 48.62 37.64
N LYS E 390 5.66 48.36 37.96
CA LYS E 390 5.35 47.78 39.25
C LYS E 390 6.11 46.47 39.46
N ALA E 391 6.16 45.62 38.41
CA ALA E 391 6.85 44.33 38.58
C ALA E 391 8.34 44.56 38.87
N ALA E 392 8.96 45.49 38.13
CA ALA E 392 10.35 45.81 38.38
C ALA E 392 10.58 46.26 39.86
N GLU E 393 9.62 47.01 40.40
CA GLU E 393 9.69 47.45 41.79
C GLU E 393 9.54 46.29 42.75
N TRP E 394 8.63 45.33 42.42
CA TRP E 394 8.40 44.20 43.31
C TRP E 394 9.55 43.21 43.25
N ILE E 395 10.37 43.31 42.22
CA ILE E 395 11.54 42.44 42.11
C ILE E 395 12.81 43.10 42.66
N GLY E 396 13.04 44.35 42.26
CA GLY E 396 14.38 44.94 42.42
C GLY E 396 14.50 46.03 43.52
N MET E 397 13.42 46.74 43.83
CA MET E 397 13.49 47.89 44.72
C MET E 397 13.92 47.48 46.13
N PRO E 398 14.98 48.09 46.67
CA PRO E 398 15.43 47.83 48.05
C PRO E 398 14.30 48.00 49.03
N LYS E 399 14.31 47.18 50.10
CA LYS E 399 13.32 47.34 51.17
C LYS E 399 13.78 48.49 52.07
N GLU E 400 12.90 48.93 52.98
CA GLU E 400 13.08 50.11 53.83
C GLU E 400 14.52 50.43 54.26
N GLY E 401 15.30 49.51 54.83
CA GLY E 401 16.61 49.97 55.31
C GLY E 401 17.69 50.05 54.23
N GLY E 402 17.35 50.02 52.93
CA GLY E 402 18.31 49.69 51.87
C GLY E 402 18.63 48.20 51.71
N LYS E 403 17.89 47.30 52.36
CA LYS E 403 18.18 45.87 52.29
C LYS E 403 17.63 45.24 50.98
N ARG E 404 18.42 44.31 50.46
CA ARG E 404 18.14 43.62 49.20
C ARG E 404 16.78 42.91 49.27
N ARG E 405 15.92 43.10 48.25
CA ARG E 405 14.69 42.32 48.18
C ARG E 405 14.99 40.88 47.73
N ARG E 406 14.42 39.95 48.48
CA ARG E 406 14.57 38.52 48.26
C ARG E 406 13.40 38.05 47.38
N VAL E 407 13.78 37.41 46.25
CA VAL E 407 12.81 37.03 45.20
C VAL E 407 13.10 35.61 44.76
N MET E 408 12.09 34.75 44.87
CA MET E 408 12.19 33.39 44.31
C MET E 408 11.55 33.39 42.93
N PHE E 409 12.35 33.07 41.90
CA PHE E 409 11.87 33.04 40.52
C PHE E 409 11.65 31.56 40.14
N GLY E 410 10.39 31.23 39.88
CA GLY E 410 10.05 29.84 39.54
C GLY E 410 9.37 29.83 38.17
N TYR E 411 9.73 28.86 37.32
CA TYR E 411 9.20 28.81 35.95
C TYR E 411 8.89 27.35 35.62
N GLU E 412 7.94 27.12 34.70
CA GLU E 412 7.80 25.76 34.17
C GLU E 412 7.42 25.83 32.69
N LYS E 413 6.40 25.06 32.26
CA LYS E 413 6.29 24.76 30.82
C LYS E 413 5.76 25.92 29.99
N GLY E 414 5.09 26.91 30.62
CA GLY E 414 4.74 28.11 29.88
C GLY E 414 5.95 28.86 29.36
N LEU E 415 7.09 28.73 30.06
CA LEU E 415 8.34 29.24 29.55
C LEU E 415 9.03 28.15 28.71
N ILE E 416 9.24 26.96 29.28
CA ILE E 416 10.12 25.99 28.61
C ILE E 416 9.54 25.51 27.25
N TRP E 417 8.21 25.34 27.14
CA TRP E 417 7.57 25.03 25.84
C TRP E 417 7.05 26.30 25.16
N GLY E 418 7.47 27.45 25.70
CA GLY E 418 7.14 28.75 25.14
C GLY E 418 8.20 29.22 24.16
N ASN E 419 8.00 30.44 23.69
CA ASN E 419 8.78 31.01 22.61
C ASN E 419 10.24 31.21 23.02
N ASP E 420 11.13 30.77 22.12
CA ASP E 420 12.56 31.04 22.21
C ASP E 420 13.10 30.62 23.57
N ASN E 421 13.01 29.31 23.80
CA ASN E 421 13.32 28.70 25.07
C ASN E 421 14.66 29.21 25.60
N TYR E 422 15.70 29.13 24.77
CA TYR E 422 17.07 29.36 25.26
C TYR E 422 17.20 30.81 25.75
N ARG E 423 16.73 31.77 24.97
CA ARG E 423 16.85 33.19 25.30
C ARG E 423 15.94 33.58 26.44
N THR E 424 14.71 33.03 26.46
CA THR E 424 13.74 33.37 27.47
C THR E 424 14.21 32.86 28.83
N ASN E 425 14.77 31.65 28.83
CA ASN E 425 15.30 31.05 30.03
C ASN E 425 16.46 31.94 30.54
N GLY E 426 17.42 32.27 29.68
CA GLY E 426 18.53 33.17 30.06
C GLY E 426 18.06 34.52 30.58
N ALA E 427 17.05 35.12 29.95
CA ALA E 427 16.57 36.43 30.32
C ALA E 427 15.98 36.43 31.71
N LEU E 428 15.38 35.30 32.13
CA LEU E 428 14.84 35.18 33.46
C LEU E 428 16.00 35.03 34.45
N VAL E 429 16.96 34.20 34.11
CA VAL E 429 18.09 33.96 34.98
C VAL E 429 18.88 35.28 35.20
N ASN E 430 18.95 36.14 34.19
CA ASN E 430 19.59 37.44 34.27
C ASN E 430 19.00 38.23 35.44
N LEU E 431 17.67 38.18 35.66
CA LEU E 431 17.04 38.88 36.74
C LEU E 431 17.47 38.34 38.09
N ALA E 432 17.52 37.02 38.21
CA ALA E 432 17.93 36.40 39.46
C ALA E 432 19.41 36.70 39.78
N LEU E 433 20.28 36.62 38.78
CA LEU E 433 21.70 36.92 38.91
C LEU E 433 21.91 38.40 39.30
N ALA E 434 21.25 39.31 38.59
CA ALA E 434 21.42 40.71 38.84
C ALA E 434 21.00 41.08 40.26
N THR E 435 19.99 40.38 40.84
CA THR E 435 19.46 40.73 42.15
C THR E 435 20.05 39.90 43.28
N GLY E 436 21.05 39.10 42.97
CA GLY E 436 21.70 38.18 43.89
C GLY E 436 20.77 37.16 44.53
N ASN E 437 19.78 36.73 43.77
CA ASN E 437 18.78 35.85 44.31
C ASN E 437 19.07 34.40 43.90
N ILE E 438 20.29 33.96 44.07
CA ILE E 438 20.61 32.55 43.87
C ILE E 438 21.54 32.17 45.01
N GLY E 439 21.25 31.06 45.71
CA GLY E 439 22.14 30.45 46.68
C GLY E 439 21.93 31.05 48.08
N ARG E 440 20.84 31.76 48.27
CA ARG E 440 20.54 32.50 49.48
C ARG E 440 19.09 32.30 49.86
N PRO E 441 18.77 32.45 51.17
CA PRO E 441 17.41 32.25 51.65
C PRO E 441 16.44 33.15 50.93
N GLY E 442 15.26 32.59 50.64
CA GLY E 442 14.22 33.40 50.02
C GLY E 442 14.46 33.63 48.52
N GLY E 443 15.48 32.98 47.96
CA GLY E 443 15.82 33.18 46.56
C GLY E 443 15.61 31.91 45.72
N GLY E 444 16.32 31.91 44.58
CA GLY E 444 16.33 30.81 43.63
C GLY E 444 15.84 31.30 42.25
N VAL E 445 16.40 30.69 41.19
CA VAL E 445 15.76 30.75 39.86
C VAL E 445 15.68 29.29 39.35
N VAL E 446 14.48 28.72 39.47
CA VAL E 446 14.31 27.27 39.44
C VAL E 446 13.16 26.87 38.49
N ARG E 447 13.33 25.72 37.84
CA ARG E 447 12.18 24.92 37.40
C ARG E 447 11.32 24.55 38.57
N LEU E 448 10.00 24.68 38.42
CA LEU E 448 9.05 24.15 39.39
C LEU E 448 8.70 22.69 39.14
N GLY E 449 9.00 22.22 37.92
CA GLY E 449 9.21 20.79 37.65
C GLY E 449 7.93 20.14 37.15
N GLY E 450 8.09 18.92 36.61
CA GLY E 450 6.98 18.13 36.10
C GLY E 450 6.86 16.81 36.86
N HIS E 451 7.61 15.82 36.37
CA HIS E 451 7.80 14.60 37.09
C HIS E 451 8.86 14.86 38.17
N GLN E 452 8.97 13.91 39.10
CA GLN E 452 10.18 13.84 39.91
C GLN E 452 11.40 13.62 39.01
N GLU E 453 12.60 13.73 39.57
CA GLU E 453 13.84 13.58 38.83
C GLU E 453 14.53 12.32 39.36
N GLY E 454 15.19 11.59 38.46
CA GLY E 454 15.84 10.38 38.83
C GLY E 454 16.71 9.91 37.68
N TYR E 455 17.59 10.81 37.25
CA TYR E 455 18.46 10.55 36.10
C TYR E 455 19.87 10.19 36.53
N VAL E 456 20.32 9.03 36.11
CA VAL E 456 21.74 8.75 36.07
C VAL E 456 21.93 7.81 34.88
N ARG E 457 22.84 8.20 33.98
CA ARG E 457 23.11 7.44 32.77
C ARG E 457 24.57 7.59 32.39
N PRO E 458 25.12 6.72 31.53
CA PRO E 458 26.42 6.97 30.93
C PRO E 458 26.39 8.22 30.09
N SER E 459 27.60 8.68 29.72
CA SER E 459 27.79 9.81 28.83
C SER E 459 26.90 9.72 27.58
N ASP E 460 26.32 10.86 27.23
CA ASP E 460 25.55 11.04 26.03
C ASP E 460 26.32 11.89 25.02
N ALA E 461 27.65 11.97 25.13
CA ALA E 461 28.39 12.88 24.25
C ALA E 461 28.16 12.56 22.78
N HIS E 462 27.95 11.30 22.43
CA HIS E 462 27.78 10.87 21.05
C HIS E 462 26.48 11.39 20.42
N VAL E 463 25.53 11.89 21.17
CA VAL E 463 24.23 12.29 20.64
C VAL E 463 24.34 13.61 19.87
N GLY E 464 25.32 14.44 20.23
CA GLY E 464 25.51 15.73 19.60
C GLY E 464 24.63 16.82 20.21
N ARG E 465 24.96 18.06 19.82
CA ARG E 465 24.16 19.21 20.16
C ARG E 465 24.23 20.17 19.00
N PRO E 466 23.13 20.49 18.30
CA PRO E 466 21.80 19.90 18.51
C PRO E 466 21.76 18.40 18.23
N ALA E 467 20.89 17.70 18.97
CA ALA E 467 20.72 16.26 18.75
C ALA E 467 19.72 16.00 17.61
N ALA E 468 19.60 14.75 17.18
CA ALA E 468 18.67 14.40 16.08
C ALA E 468 17.21 14.58 16.47
N TYR E 469 16.44 15.20 15.56
CA TYR E 469 15.01 15.35 15.67
C TYR E 469 14.37 14.02 15.28
N VAL E 470 14.22 13.16 16.28
CA VAL E 470 13.80 11.79 16.04
C VAL E 470 12.44 11.70 15.34
N ASP E 471 11.44 12.44 15.78
CA ASP E 471 10.14 12.35 15.11
C ASP E 471 10.21 12.66 13.59
N GLN E 472 11.10 13.59 13.19
CA GLN E 472 11.28 13.95 11.81
C GLN E 472 11.96 12.82 11.05
N LEU E 473 12.87 12.10 11.68
CA LEU E 473 13.43 10.91 11.07
C LEU E 473 12.31 9.89 10.78
N LEU E 474 11.48 9.62 11.80
CA LEU E 474 10.43 8.63 11.67
C LEU E 474 9.44 9.03 10.57
N ILE E 475 8.98 10.28 10.62
CA ILE E 475 8.04 10.79 9.66
C ILE E 475 8.62 10.76 8.26
N GLY E 476 9.93 10.95 8.14
CA GLY E 476 10.58 10.97 6.86
C GLY E 476 10.99 9.61 6.34
N GLY E 477 10.57 8.52 7.02
CA GLY E 477 10.83 7.19 6.52
C GLY E 477 12.14 6.58 6.95
N GLN E 478 12.86 7.14 7.93
CA GLN E 478 14.16 6.60 8.32
C GLN E 478 14.02 5.78 9.61
N GLY E 479 15.07 4.98 9.87
CA GLY E 479 15.10 4.09 11.01
C GLY E 479 14.41 2.77 10.71
N GLY E 480 14.86 1.72 11.38
CA GLY E 480 14.38 0.37 11.10
C GLY E 480 13.63 -0.23 12.27
N VAL E 481 14.17 -0.01 13.48
CA VAL E 481 13.58 -0.59 14.68
C VAL E 481 13.42 0.53 15.70
N HIS E 482 12.29 0.54 16.40
CA HIS E 482 11.98 1.53 17.43
C HIS E 482 11.69 0.84 18.75
N HIS E 483 12.48 1.16 19.79
CA HIS E 483 12.16 0.73 21.14
C HIS E 483 11.61 1.93 21.89
N ILE E 484 10.41 1.73 22.47
CA ILE E 484 9.65 2.75 23.14
C ILE E 484 9.47 2.37 24.59
N TRP E 485 9.94 3.22 25.48
CA TRP E 485 9.87 2.96 26.92
C TRP E 485 9.11 4.03 27.67
N GLY E 486 7.91 3.72 28.16
CA GLY E 486 7.23 4.59 29.09
C GLY E 486 6.90 5.99 28.58
N CYS E 487 6.48 6.08 27.31
CA CYS E 487 5.93 7.30 26.75
C CYS E 487 5.02 6.98 25.58
N ASP E 488 4.08 7.89 25.26
CA ASP E 488 3.05 7.57 24.29
C ASP E 488 2.85 8.74 23.33
N HIS E 489 3.71 8.80 22.30
CA HIS E 489 3.76 9.91 21.36
C HIS E 489 2.39 10.15 20.71
N TYR E 490 1.60 9.08 20.51
CA TYR E 490 0.29 9.24 19.93
C TYR E 490 -0.58 10.25 20.67
N LYS E 491 -0.36 10.39 21.98
CA LYS E 491 -1.09 11.35 22.78
C LYS E 491 -0.32 12.63 23.10
N THR E 492 1.01 12.64 23.03
CA THR E 492 1.79 13.69 23.68
C THR E 492 2.93 14.28 22.87
N THR E 493 3.18 13.83 21.62
CA THR E 493 4.22 14.48 20.82
C THR E 493 3.64 15.68 20.10
N LEU E 494 4.55 16.47 19.55
CA LEU E 494 4.16 17.59 18.70
C LEU E 494 3.83 17.03 17.29
N ASN E 495 3.03 17.79 16.52
CA ASN E 495 2.74 17.39 15.15
C ASN E 495 2.19 15.95 15.13
N ALA E 496 1.33 15.65 16.09
CA ALA E 496 0.96 14.26 16.42
C ALA E 496 0.06 13.62 15.35
N HIS E 497 -0.62 14.40 14.55
CA HIS E 497 -1.54 13.93 13.53
C HIS E 497 -0.78 13.30 12.40
N GLU E 498 0.18 14.03 11.88
CA GLU E 498 1.08 13.51 10.90
C GLU E 498 1.91 12.35 11.45
N PHE E 499 2.41 12.48 12.70
CA PHE E 499 3.18 11.40 13.30
C PHE E 499 2.38 10.08 13.26
N LYS E 500 1.12 10.12 13.69
CA LYS E 500 0.26 8.94 13.74
C LYS E 500 0.00 8.36 12.34
N ARG E 501 -0.19 9.22 11.34
CA ARG E 501 -0.47 8.78 9.99
C ARG E 501 0.69 7.97 9.45
N VAL E 502 1.90 8.49 9.61
CA VAL E 502 3.07 7.84 9.11
C VAL E 502 3.44 6.60 9.92
N TYR E 503 3.33 6.70 11.24
CA TYR E 503 3.75 5.63 12.12
C TYR E 503 2.88 4.41 11.84
N LYS E 504 1.56 4.64 11.71
CA LYS E 504 0.66 3.55 11.34
C LYS E 504 1.08 2.84 10.05
N LYS E 505 1.32 3.61 8.98
CA LYS E 505 1.61 3.03 7.69
C LYS E 505 2.93 2.24 7.71
N ARG E 506 3.95 2.78 8.39
CA ARG E 506 5.23 2.08 8.44
C ARG E 506 5.14 0.79 9.26
N THR E 507 4.47 0.82 10.41
CA THR E 507 4.32 -0.36 11.25
C THR E 507 3.37 -1.38 10.57
N ASP E 508 2.33 -0.89 9.86
CA ASP E 508 1.45 -1.79 9.11
C ASP E 508 2.26 -2.63 8.10
N MET E 509 3.32 -2.08 7.48
CA MET E 509 4.11 -2.83 6.50
C MET E 509 4.69 -4.08 7.19
N VAL E 510 5.18 -3.87 8.41
CA VAL E 510 5.78 -4.95 9.15
C VAL E 510 4.73 -5.91 9.68
N LYS E 511 3.59 -5.40 10.13
CA LYS E 511 2.48 -6.24 10.55
C LYS E 511 2.00 -7.16 9.43
N ASP E 512 1.89 -6.62 8.22
CA ASP E 512 1.42 -7.39 7.05
C ASP E 512 2.42 -8.47 6.69
N ALA E 513 3.72 -8.19 6.81
CA ALA E 513 4.75 -9.19 6.54
C ALA E 513 4.74 -10.30 7.60
N MET E 514 4.54 -9.92 8.86
CA MET E 514 4.53 -10.88 9.95
C MET E 514 3.33 -11.83 9.86
N SER E 515 2.17 -11.29 9.47
CA SER E 515 0.94 -12.10 9.39
C SER E 515 1.07 -13.14 8.28
N ALA E 516 1.94 -12.87 7.28
CA ALA E 516 2.06 -13.76 6.13
C ALA E 516 3.23 -14.71 6.25
N ALA E 517 4.05 -14.62 7.26
CA ALA E 517 5.22 -15.48 7.42
C ALA E 517 4.94 -16.49 8.54
N PRO E 518 5.72 -17.61 8.54
CA PRO E 518 5.55 -18.61 9.59
C PRO E 518 6.27 -18.23 10.90
N TYR E 519 5.60 -18.26 12.04
CA TYR E 519 6.21 -17.80 13.29
C TYR E 519 7.13 -18.90 13.86
N GLY E 520 6.65 -20.15 13.83
CA GLY E 520 7.38 -21.26 14.39
C GLY E 520 8.67 -21.52 13.64
N ASP E 521 8.86 -21.00 12.40
CA ASP E 521 10.18 -20.88 11.79
C ASP E 521 10.75 -19.46 12.02
N ARG E 522 11.47 -19.28 13.14
N ARG E 522 11.45 -19.27 13.15
CA ARG E 522 11.73 -17.93 13.65
CA ARG E 522 11.70 -17.90 13.61
C ARG E 522 12.62 -17.16 12.67
C ARG E 522 12.60 -17.14 12.65
N GLU E 523 13.55 -17.87 12.02
CA GLU E 523 14.46 -17.24 11.09
C GLU E 523 13.65 -16.66 9.92
N ALA E 524 12.66 -17.39 9.41
CA ALA E 524 11.85 -16.90 8.33
C ALA E 524 11.05 -15.66 8.77
N MET E 525 10.50 -15.66 9.99
CA MET E 525 9.78 -14.52 10.52
C MET E 525 10.71 -13.28 10.53
N VAL E 526 11.93 -13.45 11.07
CA VAL E 526 12.91 -12.37 11.17
C VAL E 526 13.26 -11.84 9.79
N ASN E 527 13.48 -12.73 8.84
CA ASN E 527 13.82 -12.30 7.49
C ASN E 527 12.68 -11.53 6.84
N ALA E 528 11.42 -11.96 7.09
CA ALA E 528 10.28 -11.23 6.52
C ALA E 528 10.17 -9.82 7.13
N ILE E 529 10.42 -9.71 8.42
CA ILE E 529 10.40 -8.42 9.10
C ILE E 529 11.46 -7.52 8.50
N VAL E 530 12.67 -8.03 8.40
CA VAL E 530 13.77 -7.20 7.83
C VAL E 530 13.52 -6.80 6.38
N ASP E 531 12.92 -7.67 5.56
CA ASP E 531 12.56 -7.30 4.20
C ASP E 531 11.58 -6.11 4.19
N ALA E 532 10.59 -6.15 5.11
CA ALA E 532 9.62 -5.05 5.20
C ALA E 532 10.29 -3.76 5.67
N ILE E 533 11.20 -3.89 6.65
CA ILE E 533 11.97 -2.72 7.10
C ILE E 533 12.77 -2.13 5.93
N ASN E 534 13.43 -3.00 5.14
CA ASN E 534 14.23 -2.55 4.03
C ASN E 534 13.38 -1.76 3.02
N GLN E 535 12.08 -2.02 2.93
CA GLN E 535 11.20 -1.31 2.03
C GLN E 535 10.65 -0.03 2.62
N GLY E 536 11.00 0.29 3.88
CA GLY E 536 10.51 1.50 4.52
C GLY E 536 9.60 1.27 5.73
N GLY E 537 9.44 0.01 6.13
CA GLY E 537 8.70 -0.30 7.31
C GLY E 537 9.45 0.00 8.59
N LEU E 538 8.76 -0.25 9.71
CA LEU E 538 9.30 -0.01 11.03
C LEU E 538 8.83 -1.14 11.95
N PHE E 539 9.77 -1.83 12.59
CA PHE E 539 9.46 -2.76 13.66
C PHE E 539 9.57 -2.05 15.01
N ALA E 540 8.51 -2.15 15.80
CA ALA E 540 8.36 -1.34 17.00
C ALA E 540 8.05 -2.23 18.23
N VAL E 541 8.73 -1.90 19.33
CA VAL E 541 8.61 -2.60 20.58
C VAL E 541 8.24 -1.59 21.67
N ASN E 542 7.17 -1.88 22.40
CA ASN E 542 6.69 -1.02 23.45
C ASN E 542 6.89 -1.68 24.82
N VAL E 543 7.52 -0.95 25.72
CA VAL E 543 7.65 -1.35 27.13
C VAL E 543 6.79 -0.39 27.95
N ASP E 544 5.77 -0.93 28.62
CA ASP E 544 4.74 -0.11 29.22
C ASP E 544 4.01 -0.93 30.29
N ILE E 545 3.08 -0.28 31.00
CA ILE E 545 2.26 -0.92 32.04
C ILE E 545 0.81 -1.13 31.60
N ILE E 546 0.37 -0.45 30.53
CA ILE E 546 -0.96 -0.62 29.95
C ILE E 546 -0.86 -0.78 28.42
N PRO E 547 -1.95 -1.20 27.74
CA PRO E 547 -2.10 -1.02 26.29
C PRO E 547 -2.18 0.45 25.94
N THR E 548 -1.11 0.96 25.31
CA THR E 548 -1.00 2.34 24.96
C THR E 548 -1.62 2.62 23.58
N LYS E 549 -1.68 3.92 23.23
CA LYS E 549 -2.11 4.31 21.90
C LYS E 549 -1.06 3.95 20.86
N ILE E 550 0.20 4.36 21.06
CA ILE E 550 1.26 3.98 20.13
C ILE E 550 1.44 2.48 20.11
N GLY E 551 1.10 1.83 21.21
CA GLY E 551 1.20 0.39 21.31
C GLY E 551 0.31 -0.36 20.32
N GLU E 552 -0.79 0.27 19.90
CA GLU E 552 -1.67 -0.31 18.94
C GLU E 552 -0.92 -0.47 17.60
N ALA E 553 0.20 0.23 17.39
CA ALA E 553 1.03 0.09 16.18
C ALA E 553 2.22 -0.82 16.39
N CYS E 554 2.47 -1.29 17.64
CA CYS E 554 3.67 -2.04 17.91
C CYS E 554 3.54 -3.54 17.64
N HIS E 555 4.69 -4.20 17.46
CA HIS E 555 4.78 -5.61 17.13
C HIS E 555 5.06 -6.48 18.34
N VAL E 556 5.70 -5.89 19.37
CA VAL E 556 6.01 -6.58 20.60
C VAL E 556 5.73 -5.61 21.76
N ILE E 557 5.04 -6.11 22.79
N ILE E 557 5.04 -6.12 22.79
CA ILE E 557 4.73 -5.37 24.00
CA ILE E 557 4.72 -5.37 23.99
C ILE E 557 5.32 -6.13 25.17
C ILE E 557 5.32 -6.11 25.18
N LEU E 558 6.06 -5.39 26.02
CA LEU E 558 6.73 -6.00 27.16
C LEU E 558 6.21 -5.34 28.43
N PRO E 559 5.65 -6.13 29.37
CA PRO E 559 5.01 -5.56 30.52
C PRO E 559 5.94 -5.16 31.67
N ALA E 560 5.82 -3.91 32.06
CA ALA E 560 6.63 -3.33 33.11
C ALA E 560 5.85 -3.32 34.45
N ALA E 561 6.65 -3.31 35.52
CA ALA E 561 6.24 -3.06 36.89
C ALA E 561 6.55 -1.62 37.22
N THR E 562 5.67 -0.94 37.93
CA THR E 562 5.88 0.45 38.29
C THR E 562 6.13 0.59 39.81
N SER E 563 6.35 1.83 40.22
CA SER E 563 6.67 2.20 41.58
C SER E 563 5.70 1.54 42.56
N GLY E 564 6.23 0.92 43.62
CA GLY E 564 5.37 0.30 44.61
C GLY E 564 5.31 -1.19 44.40
N GLU E 565 5.37 -1.61 43.13
CA GLU E 565 5.57 -3.00 42.77
C GLU E 565 7.06 -3.30 42.72
N MET E 566 7.86 -2.24 42.83
N MET E 566 7.84 -2.23 42.86
CA MET E 566 9.30 -2.31 42.92
CA MET E 566 9.29 -2.34 42.93
C MET E 566 9.77 -1.23 43.90
C MET E 566 9.77 -1.23 43.90
N ASN E 567 11.01 -1.39 44.36
CA ASN E 567 11.72 -0.30 45.06
C ASN E 567 12.08 0.76 44.02
N LEU E 568 12.06 2.04 44.40
CA LEU E 568 12.39 3.08 43.46
C LEU E 568 12.91 4.31 44.20
N THR E 569 13.92 4.93 43.60
CA THR E 569 14.49 6.18 44.10
C THR E 569 14.36 7.29 43.09
N SER E 570 14.06 8.47 43.60
CA SER E 570 13.99 9.71 42.86
C SER E 570 14.04 10.88 43.84
N MET E 571 14.16 12.10 43.30
CA MET E 571 14.23 13.33 44.06
C MET E 571 13.16 14.27 43.56
N ASN E 572 12.75 15.19 44.41
CA ASN E 572 11.74 16.19 44.10
C ASN E 572 12.39 17.50 43.67
N GLY E 573 11.61 18.53 43.57
CA GLY E 573 12.05 19.79 42.99
C GLY E 573 12.98 20.61 43.92
N GLU E 574 13.26 20.08 45.13
CA GLU E 574 14.29 20.67 45.99
C GLU E 574 15.38 19.64 46.21
N ARG E 575 15.48 18.69 45.28
N ARG E 575 15.48 18.69 45.29
CA ARG E 575 16.51 17.65 45.27
CA ARG E 575 16.52 17.67 45.29
C ARG E 575 16.36 16.69 46.47
C ARG E 575 16.36 16.70 46.48
N ARG E 576 15.15 16.53 47.00
CA ARG E 576 14.96 15.65 48.14
C ARG E 576 14.79 14.23 47.62
N MET E 577 15.81 13.38 47.85
CA MET E 577 15.85 12.00 47.43
C MET E 577 15.23 11.10 48.48
N ARG E 578 14.28 10.24 48.03
CA ARG E 578 13.64 9.24 48.88
C ARG E 578 13.67 7.89 48.17
N LEU E 579 13.55 6.87 48.99
CA LEU E 579 13.28 5.50 48.60
C LEU E 579 11.79 5.22 48.78
N THR E 580 11.11 4.80 47.70
CA THR E 580 9.79 4.17 47.78
C THR E 580 10.02 2.70 47.95
N GLU E 581 9.49 2.14 49.06
CA GLU E 581 9.73 0.76 49.42
C GLU E 581 8.62 -0.12 48.85
N ARG E 582 8.98 -1.22 48.17
CA ARG E 582 7.99 -2.08 47.53
C ARG E 582 6.97 -2.62 48.54
N TYR E 583 5.68 -2.49 48.24
CA TYR E 583 4.59 -2.93 49.10
C TYR E 583 3.64 -3.92 48.39
N MET E 584 3.86 -4.18 47.09
CA MET E 584 2.99 -5.12 46.35
C MET E 584 3.78 -5.75 45.20
N ASP E 585 3.19 -6.77 44.64
CA ASP E 585 3.76 -7.54 43.56
C ASP E 585 3.39 -6.94 42.20
N PRO E 586 4.29 -7.04 41.21
CA PRO E 586 3.97 -6.63 39.84
C PRO E 586 2.78 -7.48 39.36
N PRO E 587 1.86 -6.96 38.53
CA PRO E 587 0.81 -7.81 37.93
C PRO E 587 1.40 -8.87 37.01
N GLY E 588 0.88 -10.10 37.10
CA GLY E 588 1.25 -11.16 36.20
C GLY E 588 2.76 -11.35 36.13
N GLN E 589 3.33 -11.34 34.94
CA GLN E 589 4.76 -11.55 34.77
C GLN E 589 5.52 -10.22 34.56
N SER E 590 4.90 -9.11 34.91
CA SER E 590 5.49 -7.80 34.66
C SER E 590 6.81 -7.68 35.44
N MET E 591 7.71 -6.83 34.96
CA MET E 591 9.09 -6.74 35.40
C MET E 591 9.51 -5.27 35.44
N PRO E 592 10.27 -4.80 36.49
CA PRO E 592 10.83 -3.46 36.46
C PRO E 592 11.60 -3.19 35.16
N ASP E 593 11.50 -1.97 34.66
CA ASP E 593 12.17 -1.54 33.44
C ASP E 593 13.65 -1.81 33.45
N CYS E 594 14.32 -1.52 34.58
CA CYS E 594 15.75 -1.79 34.64
C CYS E 594 16.05 -3.25 34.38
N LEU E 595 15.19 -4.14 34.88
CA LEU E 595 15.44 -5.55 34.67
C LEU E 595 15.06 -6.00 33.25
N ILE E 596 14.01 -5.40 32.67
CA ILE E 596 13.73 -5.60 31.24
C ILE E 596 14.96 -5.24 30.40
N ALA E 597 15.57 -4.09 30.67
CA ALA E 597 16.77 -3.68 29.96
C ALA E 597 17.90 -4.70 30.13
N ALA E 598 18.06 -5.21 31.34
CA ALA E 598 19.07 -6.21 31.59
C ALA E 598 18.81 -7.50 30.86
N ARG E 599 17.55 -7.99 30.91
CA ARG E 599 17.19 -9.22 30.20
C ARG E 599 17.34 -9.06 28.69
N LEU E 600 17.04 -7.84 28.19
CA LEU E 600 17.21 -7.58 26.77
C LEU E 600 18.72 -7.56 26.45
N ALA E 601 19.57 -6.95 27.29
CA ALA E 601 21.02 -7.03 27.08
C ALA E 601 21.52 -8.48 27.10
N ASN E 602 21.05 -9.30 28.04
CA ASN E 602 21.45 -10.69 28.07
C ASN E 602 21.04 -11.39 26.78
N THR E 603 19.86 -11.07 26.24
CA THR E 603 19.38 -11.71 25.04
C THR E 603 20.22 -11.24 23.85
N MET E 604 20.52 -9.96 23.80
CA MET E 604 21.38 -9.45 22.76
C MET E 604 22.73 -10.19 22.73
N GLU E 605 23.32 -10.35 23.92
CA GLU E 605 24.59 -11.07 24.03
C GLU E 605 24.48 -12.46 23.45
N ARG E 606 23.42 -13.19 23.86
CA ARG E 606 23.21 -14.52 23.35
C ARG E 606 23.04 -14.55 21.85
N VAL E 607 22.18 -13.67 21.33
CA VAL E 607 21.84 -13.76 19.90
C VAL E 607 23.03 -13.36 19.04
N LEU E 608 23.71 -12.28 19.41
CA LEU E 608 24.87 -11.88 18.67
C LEU E 608 25.97 -12.95 18.73
N THR E 609 26.13 -13.66 19.86
CA THR E 609 27.10 -14.74 19.94
C THR E 609 26.73 -15.83 18.92
N GLU E 610 25.46 -16.21 18.88
CA GLU E 610 24.97 -17.20 17.93
C GLU E 610 25.15 -16.74 16.49
N MET E 611 25.07 -15.44 16.20
N MET E 611 25.06 -15.43 16.21
CA MET E 611 25.29 -14.92 14.85
CA MET E 611 25.29 -14.89 14.88
C MET E 611 26.78 -14.88 14.53
C MET E 611 26.77 -14.87 14.54
N GLY E 612 27.65 -15.16 15.53
CA GLY E 612 29.09 -15.13 15.28
C GLY E 612 29.74 -13.78 15.57
N ASP E 613 29.00 -12.75 16.00
N ASP E 613 29.00 -12.78 16.03
CA ASP E 613 29.62 -11.46 16.30
CA ASP E 613 29.55 -11.47 16.32
C ASP E 613 29.89 -11.36 17.79
C ASP E 613 29.88 -11.37 17.81
N VAL E 614 30.96 -12.06 18.18
CA VAL E 614 31.30 -12.25 19.56
C VAL E 614 31.82 -10.95 20.15
N GLY E 615 32.46 -10.11 19.36
CA GLY E 615 32.91 -8.84 19.87
C GLY E 615 31.79 -7.88 20.20
N TYR E 616 30.80 -7.79 19.30
CA TYR E 616 29.62 -6.96 19.61
C TYR E 616 28.84 -7.53 20.79
N ALA E 617 28.74 -8.87 20.85
CA ALA E 617 28.05 -9.53 21.94
C ALA E 617 28.58 -9.08 23.31
N ALA E 618 29.92 -9.02 23.39
CA ALA E 618 30.61 -8.74 24.64
C ALA E 618 30.32 -7.34 25.15
N GLN E 619 29.87 -6.43 24.29
CA GLN E 619 29.53 -5.08 24.75
C GLN E 619 28.30 -5.10 25.64
N PHE E 620 27.49 -6.17 25.59
CA PHE E 620 26.26 -6.25 26.38
C PHE E 620 26.43 -6.96 27.72
N LYS E 621 27.69 -7.11 28.18
CA LYS E 621 27.91 -7.63 29.54
C LYS E 621 27.65 -6.52 30.57
N GLY E 622 27.59 -6.89 31.86
CA GLY E 622 27.38 -5.97 32.94
C GLY E 622 25.90 -5.78 33.31
N PHE E 623 25.07 -6.76 32.96
CA PHE E 623 23.67 -6.75 33.26
C PHE E 623 23.26 -8.06 33.90
N ASP E 624 23.94 -8.41 35.01
CA ASP E 624 23.57 -9.63 35.69
C ASP E 624 22.60 -9.29 36.83
N TRP E 625 21.93 -8.17 36.80
CA TRP E 625 21.01 -7.76 37.83
C TRP E 625 19.84 -8.72 38.04
N GLN E 626 19.54 -8.98 39.33
CA GLN E 626 18.39 -9.81 39.68
C GLN E 626 17.34 -8.99 40.36
N THR E 627 17.69 -7.83 40.90
CA THR E 627 16.69 -7.00 41.54
C THR E 627 17.05 -5.54 41.26
N GLU E 628 16.07 -4.64 41.41
CA GLU E 628 16.27 -3.27 41.03
C GLU E 628 17.38 -2.63 41.87
N GLU E 629 17.58 -3.13 43.10
CA GLU E 629 18.65 -2.58 43.94
C GLU E 629 20.01 -2.73 43.25
N ASP E 630 20.17 -3.81 42.46
CA ASP E 630 21.40 -4.05 41.74
C ASP E 630 21.66 -2.92 40.76
N ALA E 631 20.58 -2.37 40.16
CA ALA E 631 20.73 -1.28 39.21
C ALA E 631 21.07 0.00 39.95
N PHE E 632 20.42 0.19 41.10
CA PHE E 632 20.71 1.34 41.94
C PHE E 632 22.22 1.39 42.28
N MET E 633 22.75 0.22 42.66
CA MET E 633 24.12 0.15 43.11
C MET E 633 25.09 0.30 41.95
N ASP E 634 24.77 -0.21 40.75
CA ASP E 634 25.65 -0.06 39.61
C ASP E 634 25.59 1.36 39.05
N GLY E 635 24.46 2.06 39.25
CA GLY E 635 24.24 3.35 38.66
C GLY E 635 24.51 4.45 39.68
N TYR E 636 23.48 4.80 40.42
CA TYR E 636 23.51 5.93 41.32
C TYR E 636 24.72 5.82 42.28
N ASN E 637 24.89 4.67 42.89
CA ASN E 637 25.87 4.52 43.97
C ASN E 637 27.28 4.74 43.44
N LYS E 638 27.55 4.34 42.20
CA LYS E 638 28.85 4.45 41.61
C LYS E 638 29.02 5.72 40.81
N ASN E 639 27.96 6.46 40.44
CA ASN E 639 28.12 7.52 39.46
C ASN E 639 27.59 8.83 39.95
N ALA E 640 26.64 8.88 40.88
CA ALA E 640 26.16 10.20 41.31
C ALA E 640 27.19 10.85 42.23
N HIS E 641 27.23 12.19 42.22
CA HIS E 641 27.99 12.95 43.22
C HIS E 641 27.43 12.66 44.59
N GLY E 642 28.31 12.18 45.47
CA GLY E 642 27.91 11.76 46.80
C GLY E 642 27.30 10.36 46.85
N GLY E 643 27.32 9.65 45.72
CA GLY E 643 26.63 8.38 45.64
C GLY E 643 27.09 7.35 46.65
N GLU E 644 28.38 7.39 46.99
CA GLU E 644 28.94 6.39 47.89
C GLU E 644 28.27 6.47 49.26
N PHE E 645 27.61 7.56 49.60
CA PHE E 645 27.01 7.68 50.91
C PHE E 645 25.60 7.10 50.98
N VAL E 646 25.04 6.70 49.81
CA VAL E 646 23.62 6.39 49.78
C VAL E 646 23.44 4.90 49.49
N THR E 647 22.59 4.24 50.27
CA THR E 647 22.20 2.86 50.04
C THR E 647 20.69 2.80 50.35
N TYR E 648 20.03 1.70 49.94
CA TYR E 648 18.61 1.53 50.25
C TYR E 648 18.36 1.54 51.77
N GLU E 649 19.22 0.82 52.49
CA GLU E 649 19.08 0.75 53.96
C GLU E 649 19.18 2.11 54.61
N ARG E 650 20.14 2.95 54.16
CA ARG E 650 20.26 4.28 54.73
C ARG E 650 19.14 5.20 54.34
N LEU E 651 18.69 5.10 53.09
CA LEU E 651 17.57 5.90 52.66
C LEU E 651 16.30 5.54 53.41
N SER E 652 16.10 4.25 53.55
CA SER E 652 14.94 3.77 54.24
C SER E 652 14.87 4.36 55.66
N ALA E 653 16.00 4.38 56.38
CA ALA E 653 16.04 4.94 57.73
C ALA E 653 15.71 6.42 57.73
N MET E 654 15.94 7.16 56.65
CA MET E 654 15.59 8.58 56.65
C MET E 654 14.11 8.82 56.43
N GLY E 655 13.36 7.80 56.00
CA GLY E 655 11.93 7.97 55.82
C GLY E 655 11.56 8.84 54.62
N THR E 656 10.33 9.43 54.69
CA THR E 656 9.80 10.24 53.59
C THR E 656 10.46 11.60 53.51
N ASN E 657 11.18 12.03 54.57
CA ASN E 657 11.94 13.28 54.54
C ASN E 657 13.25 13.12 53.78
N GLY E 658 13.73 11.90 53.62
CA GLY E 658 14.93 11.62 52.83
C GLY E 658 16.04 12.63 53.15
N PHE E 659 16.82 12.99 52.13
CA PHE E 659 17.83 14.03 52.28
C PHE E 659 17.93 14.77 50.95
N GLN E 660 18.55 15.94 50.95
CA GLN E 660 18.68 16.77 49.76
C GLN E 660 20.01 16.54 49.09
N GLU E 661 19.96 16.22 47.77
CA GLU E 661 21.17 15.87 47.04
C GLU E 661 21.95 17.15 46.73
N PRO E 662 23.27 17.06 46.51
CA PRO E 662 24.03 15.83 46.78
C PRO E 662 24.36 15.53 48.25
N ALA E 663 24.49 14.22 48.52
CA ALA E 663 24.96 13.77 49.81
C ALA E 663 26.42 14.23 49.98
N THR E 664 26.74 14.67 51.21
CA THR E 664 28.11 15.11 51.51
C THR E 664 28.75 14.21 52.56
N GLY E 665 27.99 13.35 53.22
CA GLY E 665 28.54 12.36 54.10
C GLY E 665 27.45 11.50 54.75
N PHE E 666 27.90 10.70 55.69
CA PHE E 666 27.02 9.89 56.51
C PHE E 666 27.59 9.79 57.93
N THR E 667 26.82 10.24 58.91
CA THR E 667 27.21 10.21 60.30
C THR E 667 25.94 9.93 61.12
N ASP E 668 26.11 9.00 62.07
CA ASP E 668 25.11 8.79 63.10
C ASP E 668 23.78 8.40 62.47
N GLY E 669 23.82 7.45 61.53
CA GLY E 669 22.63 6.96 60.81
C GLY E 669 21.94 8.01 59.95
N LYS E 670 22.57 9.14 59.59
CA LYS E 670 21.96 10.16 58.77
C LYS E 670 22.82 10.45 57.56
N ILE E 671 22.20 10.37 56.37
CA ILE E 671 22.84 10.92 55.16
C ILE E 671 22.79 12.42 55.28
N GLU E 672 23.95 13.05 55.06
CA GLU E 672 24.03 14.49 55.19
C GLU E 672 23.87 15.09 53.79
N GLY E 673 23.11 16.16 53.63
CA GLY E 673 22.90 16.65 52.29
C GLY E 673 23.09 18.15 52.16
N THR E 674 22.53 18.73 51.08
CA THR E 674 22.77 20.07 50.66
C THR E 674 21.43 20.77 50.53
N GLN E 675 21.19 21.79 51.33
CA GLN E 675 19.90 22.44 51.38
C GLN E 675 19.68 23.33 50.18
N ARG E 676 20.74 24.06 49.80
CA ARG E 676 20.71 24.99 48.69
C ARG E 676 22.01 24.86 47.91
N LEU E 677 21.95 25.14 46.60
CA LEU E 677 23.15 25.09 45.80
C LEU E 677 23.72 26.50 45.72
N TYR E 678 25.01 26.57 45.36
CA TYR E 678 25.68 27.83 45.03
C TYR E 678 25.74 28.79 46.24
N THR E 679 25.74 28.27 47.49
CA THR E 679 25.71 29.19 48.66
C THR E 679 27.06 29.94 48.78
N ASP E 680 28.13 29.39 48.23
CA ASP E 680 29.43 30.03 48.22
C ASP E 680 29.64 30.90 46.98
N GLY E 681 28.64 31.07 46.12
CA GLY E 681 28.79 31.87 44.93
C GLY E 681 29.70 31.28 43.86
N VAL E 682 29.98 29.97 43.93
CA VAL E 682 30.76 29.31 42.91
C VAL E 682 29.83 28.48 42.00
N PHE E 683 29.77 28.81 40.72
CA PHE E 683 28.75 28.32 39.79
C PHE E 683 29.34 27.20 38.96
N SER E 684 28.47 26.54 38.15
CA SER E 684 28.83 25.29 37.50
C SER E 684 29.51 25.58 36.16
N THR E 685 30.60 26.35 36.16
CA THR E 685 31.34 26.63 34.93
C THR E 685 32.80 26.32 35.23
N ASP E 686 33.68 26.35 34.25
CA ASP E 686 35.08 26.03 34.50
C ASP E 686 35.72 27.05 35.44
N ASP E 687 35.39 28.32 35.32
CA ASP E 687 36.02 29.31 36.16
C ASP E 687 35.19 29.56 37.43
N GLY E 688 34.04 28.89 37.61
CA GLY E 688 33.24 29.10 38.80
C GLY E 688 32.40 30.36 38.74
N LYS E 689 32.41 31.10 37.66
CA LYS E 689 31.58 32.29 37.59
C LYS E 689 30.33 32.03 36.75
N ALA E 690 29.19 32.62 37.15
CA ALA E 690 28.00 32.60 36.34
C ALA E 690 28.19 33.54 35.18
N ARG E 691 27.53 33.24 34.07
CA ARG E 691 27.43 34.19 32.97
C ARG E 691 26.02 34.76 32.92
N PHE E 692 25.90 35.99 32.42
CA PHE E 692 24.64 36.58 32.04
C PHE E 692 24.42 36.20 30.58
N MET E 693 23.21 36.46 30.09
N MET E 693 23.22 36.45 30.09
CA MET E 693 22.93 36.19 28.67
CA MET E 693 22.93 36.17 28.68
C MET E 693 22.46 37.44 27.97
C MET E 693 22.44 37.41 27.97
N ASP E 694 23.19 37.77 26.90
CA ASP E 694 22.76 38.78 25.95
C ASP E 694 21.76 38.12 25.01
N ALA E 695 20.48 38.46 25.19
CA ALA E 695 19.36 37.66 24.71
C ALA E 695 18.27 38.54 24.13
N PRO E 696 18.53 39.23 23.02
CA PRO E 696 17.56 40.15 22.49
C PRO E 696 16.32 39.44 21.98
N TRP E 697 15.18 40.10 22.16
CA TRP E 697 13.94 39.74 21.53
C TRP E 697 14.09 39.64 20.03
N ARG E 698 13.58 38.56 19.43
CA ARG E 698 13.57 38.41 17.99
C ARG E 698 12.25 37.84 17.53
N GLY E 699 11.15 38.16 18.20
CA GLY E 699 9.83 37.73 17.75
C GLY E 699 9.60 36.23 18.07
N LEU E 700 8.63 35.64 17.36
CA LEU E 700 8.34 34.21 17.42
C LEU E 700 9.46 33.48 16.72
N GLN E 701 10.27 32.72 17.45
CA GLN E 701 11.48 32.17 16.89
C GLN E 701 11.23 30.90 16.06
N ALA E 702 10.30 30.03 16.43
CA ALA E 702 10.26 28.72 15.78
C ALA E 702 9.61 28.81 14.40
N PRO E 703 10.08 28.03 13.42
CA PRO E 703 9.54 28.10 12.05
C PRO E 703 8.04 27.89 12.00
N GLY E 704 7.40 28.77 11.22
CA GLY E 704 6.01 28.69 10.89
C GLY E 704 5.10 29.28 11.94
N LYS E 705 5.62 29.70 13.09
CA LYS E 705 4.71 30.08 14.15
C LYS E 705 3.97 31.35 13.84
N GLN E 706 4.71 32.36 13.32
CA GLN E 706 4.10 33.65 13.05
C GLN E 706 2.98 33.46 12.02
N GLN E 707 3.27 32.64 11.00
CA GLN E 707 2.33 32.41 9.94
C GLN E 707 1.13 31.63 10.46
N GLN E 708 1.33 30.71 11.42
CA GLN E 708 0.19 29.99 12.00
C GLN E 708 -0.73 30.94 12.77
N LYS E 709 -0.12 31.84 13.56
CA LYS E 709 -0.87 32.83 14.27
C LYS E 709 -1.66 33.73 13.32
N ASP E 710 -0.99 34.23 12.26
CA ASP E 710 -1.60 35.17 11.35
C ASP E 710 -2.68 34.51 10.51
N SER E 711 -2.71 33.19 10.37
CA SER E 711 -3.64 32.58 9.43
C SER E 711 -4.76 31.80 10.13
N HIS E 712 -4.88 31.85 11.46
CA HIS E 712 -5.94 31.14 12.20
C HIS E 712 -6.61 32.04 13.19
N LYS E 713 -7.76 31.64 13.68
CA LYS E 713 -8.57 32.53 14.47
C LYS E 713 -8.21 32.53 15.94
N TYR E 714 -7.86 31.40 16.53
CA TYR E 714 -7.78 31.33 17.98
C TYR E 714 -6.39 30.90 18.44
N LEU E 715 -6.01 31.34 19.63
CA LEU E 715 -4.89 30.73 20.34
C LEU E 715 -5.40 29.40 20.92
N ILE E 716 -4.65 28.32 20.67
CA ILE E 716 -4.97 27.02 21.29
C ILE E 716 -3.86 26.75 22.33
N ASN E 717 -3.96 27.53 23.42
CA ASN E 717 -3.14 27.29 24.60
C ASN E 717 -3.51 25.88 25.11
N ASN E 718 -2.58 25.27 25.85
CA ASN E 718 -2.73 23.88 26.20
C ASN E 718 -1.90 23.60 27.43
N GLY E 719 -2.23 22.50 28.08
CA GLY E 719 -1.60 22.14 29.32
C GLY E 719 -2.49 21.27 30.17
N ARG E 720 -2.22 21.37 31.49
CA ARG E 720 -2.75 20.45 32.49
C ARG E 720 -4.09 20.84 33.07
N ALA E 721 -4.76 19.82 33.59
CA ALA E 721 -5.87 19.95 34.53
C ALA E 721 -5.44 19.31 35.82
N ASN E 722 -5.92 19.89 36.95
CA ASN E 722 -5.69 19.34 38.28
C ASN E 722 -6.06 17.87 38.37
N VAL E 723 -7.23 17.50 37.84
CA VAL E 723 -7.81 16.18 38.16
C VAL E 723 -7.11 15.10 37.30
N VAL E 724 -6.48 15.46 36.18
CA VAL E 724 -5.94 14.47 35.25
C VAL E 724 -4.44 14.36 35.43
N TRP E 725 -3.94 13.13 35.55
CA TRP E 725 -2.52 12.82 35.54
C TRP E 725 -2.07 12.44 34.12
N GLN E 726 -1.29 13.35 33.49
CA GLN E 726 -0.55 13.09 32.26
C GLN E 726 -1.54 12.67 31.15
N SER E 727 -1.21 11.64 30.38
CA SER E 727 -2.07 11.24 29.24
C SER E 727 -3.23 10.34 29.67
N ALA E 728 -3.53 10.35 31.00
CA ALA E 728 -4.64 9.60 31.54
C ALA E 728 -4.47 8.09 31.33
N TYR E 729 -3.24 7.62 31.34
CA TYR E 729 -2.99 6.21 31.12
C TYR E 729 -3.63 5.36 32.22
N LEU E 730 -3.58 5.84 33.48
CA LEU E 730 -4.31 5.23 34.59
C LEU E 730 -5.73 5.77 34.65
N ASP E 731 -5.86 7.07 34.40
CA ASP E 731 -7.11 7.76 34.66
C ASP E 731 -8.23 7.23 33.79
N GLN E 732 -7.89 6.73 32.61
CA GLN E 732 -8.89 6.24 31.68
C GLN E 732 -9.64 5.05 32.26
N GLU E 733 -9.06 4.38 33.27
CA GLU E 733 -9.82 3.33 33.98
C GLU E 733 -10.16 3.80 35.42
N ASN E 734 -10.35 5.11 35.57
CA ASN E 734 -10.73 5.69 36.85
C ASN E 734 -12.01 6.46 36.62
N ASP E 735 -13.13 5.93 37.10
CA ASP E 735 -14.44 6.53 36.91
C ASP E 735 -14.53 7.94 37.49
N PHE E 736 -13.86 8.22 38.62
CA PHE E 736 -13.93 9.57 39.18
C PHE E 736 -13.41 10.60 38.15
N VAL E 737 -12.29 10.30 37.50
CA VAL E 737 -11.70 11.18 36.53
C VAL E 737 -12.54 11.24 35.25
N MET E 738 -12.90 10.08 34.69
N MET E 738 -12.91 10.08 34.69
CA MET E 738 -13.50 10.04 33.37
CA MET E 738 -13.50 10.08 33.36
C MET E 738 -14.95 10.52 33.43
C MET E 738 -14.95 10.53 33.44
N ASP E 739 -15.61 10.37 34.61
CA ASP E 739 -16.96 10.94 34.81
C ASP E 739 -16.92 12.47 34.77
N ARG E 740 -15.79 13.08 35.20
CA ARG E 740 -15.67 14.55 35.20
C ARG E 740 -15.39 15.07 33.81
N PHE E 741 -14.46 14.41 33.08
CA PHE E 741 -14.09 14.85 31.73
C PHE E 741 -14.02 13.63 30.77
N PRO E 742 -15.14 13.25 30.14
CA PRO E 742 -15.15 12.13 29.19
C PRO E 742 -14.39 12.48 27.93
N TYR E 743 -14.41 13.78 27.62
CA TYR E 743 -13.70 14.40 26.54
C TYR E 743 -12.74 15.43 27.14
N PRO E 744 -11.66 15.81 26.47
CA PRO E 744 -10.84 16.90 26.98
C PRO E 744 -11.69 18.15 26.85
N PHE E 745 -11.55 19.06 27.82
CA PHE E 745 -12.18 20.36 27.66
C PHE E 745 -11.33 21.27 26.79
N ILE E 746 -12.00 22.16 26.08
CA ILE E 746 -11.39 23.35 25.52
C ILE E 746 -12.12 24.56 26.16
N GLU E 747 -11.37 25.26 27.03
CA GLU E 747 -11.91 26.46 27.67
C GLU E 747 -12.07 27.54 26.63
N MET E 748 -13.28 28.10 26.54
CA MET E 748 -13.57 29.16 25.59
C MET E 748 -14.36 30.27 26.28
N ASN E 749 -14.01 31.50 25.96
CA ASN E 749 -14.79 32.66 26.38
C ASN E 749 -16.23 32.52 25.87
N PRO E 750 -17.26 32.76 26.68
CA PRO E 750 -18.66 32.59 26.28
C PRO E 750 -19.09 33.40 25.07
N GLU E 751 -18.48 34.57 24.90
CA GLU E 751 -18.81 35.37 23.74
C GLU E 751 -18.20 34.77 22.48
N ASP E 752 -16.97 34.24 22.60
CA ASP E 752 -16.37 33.50 21.49
C ASP E 752 -17.25 32.29 21.11
N MET E 753 -17.79 31.61 22.12
CA MET E 753 -18.70 30.48 21.84
C MET E 753 -19.93 30.91 21.04
N ALA E 754 -20.58 31.98 21.51
CA ALA E 754 -21.73 32.55 20.82
C ALA E 754 -21.39 32.93 19.38
N GLU E 755 -20.26 33.60 19.16
CA GLU E 755 -19.88 33.95 17.81
C GLU E 755 -19.63 32.74 16.92
N ALA E 756 -19.13 31.63 17.49
CA ALA E 756 -18.88 30.45 16.68
C ALA E 756 -20.10 29.54 16.62
N GLY E 757 -21.24 29.92 17.21
CA GLY E 757 -22.44 29.10 17.24
C GLY E 757 -22.37 27.90 18.16
N LEU E 758 -21.58 27.95 19.22
CA LEU E 758 -21.34 26.81 20.11
C LEU E 758 -22.09 26.99 21.41
N LYS E 759 -22.43 25.87 22.04
CA LYS E 759 -23.01 25.82 23.34
C LYS E 759 -22.15 24.92 24.20
N GLU E 760 -22.36 24.99 25.52
CA GLU E 760 -21.56 24.23 26.45
C GLU E 760 -21.72 22.74 26.13
N GLY E 761 -20.60 22.02 26.18
CA GLY E 761 -20.60 20.59 25.97
C GLY E 761 -20.53 20.19 24.50
N ASP E 762 -20.65 21.12 23.59
CA ASP E 762 -20.57 20.82 22.18
C ASP E 762 -19.20 20.21 21.91
N LEU E 763 -19.20 19.23 21.01
CA LEU E 763 -17.99 18.59 20.53
C LEU E 763 -17.54 19.37 19.32
N VAL E 764 -16.31 19.89 19.44
CA VAL E 764 -15.77 20.75 18.41
C VAL E 764 -14.51 20.13 17.85
N GLU E 765 -14.29 20.46 16.59
CA GLU E 765 -13.04 20.18 15.91
C GLU E 765 -12.16 21.43 15.94
N ILE E 766 -10.92 21.23 16.39
N ILE E 766 -10.93 21.25 16.42
CA ILE E 766 -9.86 22.22 16.30
CA ILE E 766 -9.86 22.25 16.30
C ILE E 766 -8.99 21.81 15.15
C ILE E 766 -8.98 21.81 15.15
N TYR E 767 -8.67 22.73 14.25
CA TYR E 767 -7.92 22.39 13.06
C TYR E 767 -7.03 23.52 12.58
N ASN E 768 -5.94 23.14 11.94
CA ASN E 768 -5.02 24.10 11.33
C ASN E 768 -4.17 23.39 10.31
N ASP E 769 -3.04 23.98 9.95
CA ASP E 769 -2.12 23.43 8.95
C ASP E 769 -1.44 22.15 9.47
N ALA E 770 -1.37 21.91 10.78
CA ALA E 770 -0.70 20.72 11.31
C ALA E 770 -1.64 19.50 11.35
N GLY E 771 -2.93 19.67 11.52
CA GLY E 771 -3.83 18.55 11.69
C GLY E 771 -5.15 18.99 12.31
N ALA E 772 -5.83 18.02 12.93
CA ALA E 772 -7.16 18.23 13.49
C ALA E 772 -7.42 17.34 14.68
N THR E 773 -8.25 17.79 15.60
CA THR E 773 -8.60 17.00 16.77
C THR E 773 -9.98 17.42 17.25
N GLN E 774 -10.38 16.89 18.40
CA GLN E 774 -11.66 17.25 19.00
C GLN E 774 -11.49 17.57 20.48
N ALA E 775 -12.50 18.30 20.97
CA ALA E 775 -12.62 18.65 22.36
C ALA E 775 -14.05 19.13 22.65
N MET E 776 -14.38 19.19 23.93
CA MET E 776 -15.68 19.59 24.41
C MET E 776 -15.58 21.06 24.87
N ALA E 777 -16.41 21.93 24.31
CA ALA E 777 -16.43 23.36 24.63
C ALA E 777 -16.86 23.56 26.08
N TYR E 778 -16.00 24.25 26.84
CA TYR E 778 -16.28 24.50 28.24
C TYR E 778 -16.30 26.05 28.44
N PRO E 779 -17.46 26.65 28.68
CA PRO E 779 -17.56 28.12 28.78
C PRO E 779 -16.76 28.60 29.98
N THR E 780 -15.81 29.53 29.70
CA THR E 780 -14.84 29.95 30.70
C THR E 780 -14.81 31.49 30.71
N PRO E 781 -15.64 32.15 31.54
CA PRO E 781 -15.75 33.62 31.56
C PRO E 781 -14.43 34.35 31.76
N THR E 782 -13.46 33.70 32.41
CA THR E 782 -12.14 34.29 32.61
C THR E 782 -11.26 34.24 31.39
N ALA E 783 -11.63 33.49 30.35
CA ALA E 783 -10.81 33.39 29.16
C ALA E 783 -10.90 34.71 28.43
N ARG E 784 -9.78 35.16 27.84
CA ARG E 784 -9.78 36.32 26.99
C ARG E 784 -10.33 35.93 25.63
N ARG E 785 -11.01 36.90 25.00
CA ARG E 785 -11.51 36.75 23.64
C ARG E 785 -10.40 36.34 22.69
N GLY E 786 -10.62 35.26 21.92
CA GLY E 786 -9.62 34.85 20.94
C GLY E 786 -8.70 33.78 21.52
N GLU E 787 -8.77 33.51 22.82
CA GLU E 787 -7.79 32.63 23.45
C GLU E 787 -8.51 31.49 24.15
N THR E 788 -8.17 30.26 23.72
CA THR E 788 -8.72 29.02 24.27
C THR E 788 -7.61 28.26 24.96
N PHE E 789 -8.01 27.32 25.80
CA PHE E 789 -7.07 26.43 26.42
C PHE E 789 -7.63 25.00 26.37
N MET E 790 -6.89 24.08 25.74
CA MET E 790 -7.28 22.69 25.63
C MET E 790 -6.39 21.81 26.48
N LEU E 791 -7.01 20.94 27.26
CA LEU E 791 -6.32 19.88 27.95
C LEU E 791 -5.47 19.06 27.00
N PHE E 792 -4.20 18.89 27.34
CA PHE E 792 -3.23 18.20 26.52
C PHE E 792 -3.28 16.72 26.84
N GLY E 793 -2.72 15.90 25.92
CA GLY E 793 -2.37 14.51 26.19
C GLY E 793 -3.57 13.53 26.31
N PHE E 794 -4.78 13.96 26.02
CA PHE E 794 -5.93 13.21 26.49
C PHE E 794 -6.45 12.22 25.43
N PRO E 795 -6.76 10.98 25.82
CA PRO E 795 -7.05 9.94 24.83
C PRO E 795 -8.26 10.18 23.95
N THR E 796 -9.26 10.91 24.45
CA THR E 796 -10.50 11.11 23.69
C THR E 796 -10.49 12.44 22.92
N GLY E 797 -9.32 13.05 22.81
CA GLY E 797 -9.08 14.16 21.91
C GLY E 797 -7.68 14.73 22.15
N VAL E 798 -6.75 14.47 21.25
CA VAL E 798 -5.33 14.75 21.44
C VAL E 798 -4.99 16.15 20.94
N GLN E 799 -4.56 17.03 21.88
CA GLN E 799 -4.30 18.42 21.50
C GLN E 799 -3.07 18.51 20.59
N GLY E 800 -2.11 17.62 20.77
CA GLY E 800 -0.89 17.64 20.02
C GLY E 800 -1.06 17.53 18.51
N ASN E 801 -2.19 17.00 18.07
CA ASN E 801 -2.52 16.89 16.67
C ASN E 801 -2.48 18.25 15.96
N VAL E 802 -2.76 19.34 16.68
CA VAL E 802 -2.75 20.66 16.07
C VAL E 802 -1.50 21.46 16.43
N THR E 803 -0.51 20.87 17.05
CA THR E 803 0.76 21.56 17.23
C THR E 803 1.64 21.33 16.02
N SER E 804 2.33 22.35 15.54
CA SER E 804 3.24 22.16 14.42
C SER E 804 4.50 21.43 14.88
N ALA E 805 5.31 21.05 13.91
CA ALA E 805 6.60 20.42 14.09
C ALA E 805 7.68 21.42 14.56
N GLY E 806 7.31 22.70 14.71
CA GLY E 806 8.27 23.76 14.97
C GLY E 806 8.92 23.65 16.32
N THR E 807 10.26 23.67 16.31
CA THR E 807 11.08 23.65 17.49
C THR E 807 12.07 24.85 17.42
N ASN E 808 12.79 25.09 18.56
CA ASN E 808 13.90 26.02 18.53
C ASN E 808 15.11 25.29 17.95
N GLU E 809 16.27 25.95 18.00
CA GLU E 809 17.44 25.48 17.33
C GLU E 809 17.95 24.20 17.99
N LEU E 810 17.68 24.02 19.27
CA LEU E 810 18.11 22.86 20.05
C LEU E 810 17.03 21.76 20.12
N ILE E 811 15.98 21.92 19.30
CA ILE E 811 14.95 20.92 19.09
C ILE E 811 14.05 20.81 20.31
N ILE E 812 13.78 21.96 20.93
CA ILE E 812 12.78 22.06 21.97
C ILE E 812 11.44 22.32 21.32
N PRO E 813 10.39 21.56 21.70
CA PRO E 813 9.08 21.68 21.07
C PRO E 813 8.35 22.89 21.62
N ASN E 814 7.82 23.72 20.73
CA ASN E 814 7.14 24.93 21.14
C ASN E 814 5.65 24.71 21.17
N TYR E 815 5.19 23.86 22.06
CA TYR E 815 3.81 23.43 22.08
C TYR E 815 2.88 24.57 22.43
N LYS E 816 3.28 25.48 23.33
CA LYS E 816 2.35 26.50 23.83
C LYS E 816 1.91 27.53 22.80
N GLN E 817 2.80 27.87 21.83
CA GLN E 817 2.43 28.75 20.75
C GLN E 817 1.79 27.93 19.62
N THR E 818 0.47 27.77 19.69
CA THR E 818 -0.34 27.07 18.74
C THR E 818 -1.61 27.92 18.50
N TRP E 819 -1.93 28.08 17.21
CA TRP E 819 -3.17 28.71 16.81
C TRP E 819 -3.92 27.84 15.80
N GLY E 820 -5.23 27.95 15.84
CA GLY E 820 -6.08 27.17 14.95
C GLY E 820 -7.51 27.70 14.91
N ASN E 821 -8.33 27.03 14.07
CA ASN E 821 -9.75 27.29 13.88
C ASN E 821 -10.54 26.25 14.63
N ILE E 822 -11.82 26.55 14.84
CA ILE E 822 -12.73 25.73 15.63
C ILE E 822 -14.06 25.65 14.92
N ARG E 823 -14.64 24.44 14.79
CA ARG E 823 -15.97 24.29 14.17
C ARG E 823 -16.66 23.11 14.81
N LYS E 824 -17.97 23.16 14.88
CA LYS E 824 -18.75 22.18 15.60
C LYS E 824 -18.72 20.83 14.87
N ILE E 825 -18.59 19.74 15.61
CA ILE E 825 -18.72 18.37 15.06
C ILE E 825 -20.08 17.85 15.45
N SER E 826 -20.46 18.02 16.70
CA SER E 826 -21.72 17.51 17.21
C SER E 826 -22.28 18.50 18.24
N ASP E 827 -23.62 18.59 18.31
CA ASP E 827 -24.29 19.05 19.52
C ASP E 827 -23.80 18.25 20.72
N ALA E 828 -23.76 18.93 21.90
CA ALA E 828 -23.36 18.30 23.14
C ALA E 828 -23.89 16.87 23.22
N PRO E 829 -23.04 15.86 23.34
CA PRO E 829 -23.52 14.49 23.43
C PRO E 829 -24.23 14.24 24.74
N ARG E 830 -25.14 13.27 24.72
CA ARG E 830 -25.84 12.83 25.91
C ARG E 830 -24.85 12.47 27.00
N ASN E 831 -23.66 11.91 26.68
CA ASN E 831 -22.76 11.44 27.75
C ASN E 831 -22.07 12.61 28.49
N VAL E 832 -22.37 13.88 28.15
CA VAL E 832 -21.87 15.00 28.95
C VAL E 832 -23.02 15.74 29.67
N ALA E 833 -24.25 15.22 29.59
CA ALA E 833 -25.40 15.90 30.19
C ALA E 833 -25.25 16.01 31.70
N HIS E 834 -24.58 15.08 32.37
CA HIS E 834 -24.38 15.05 33.80
C HIS E 834 -23.28 16.01 34.30
N LEU E 835 -22.50 16.63 33.43
CA LEU E 835 -21.35 17.44 33.82
C LEU E 835 -21.78 18.80 34.37
N SER E 836 -21.00 19.28 35.34
CA SER E 836 -20.98 20.70 35.65
C SER E 836 -20.10 21.47 34.65
N PHE E 837 -20.63 22.59 34.14
CA PHE E 837 -19.90 23.55 33.34
C PHE E 837 -19.68 24.85 34.14
N LYS E 838 -19.70 24.79 35.47
CA LYS E 838 -19.53 25.98 36.26
C LYS E 838 -18.04 26.38 36.33
N SER E 839 -17.80 27.58 36.87
CA SER E 839 -16.45 28.08 37.05
C SER E 839 -15.62 27.19 37.93
N LYS E 840 -14.34 26.98 37.56
CA LYS E 840 -13.41 26.29 38.45
C LYS E 840 -12.84 27.16 39.58
N GLU E 841 -13.13 28.45 39.54
CA GLU E 841 -12.66 29.40 40.57
C GLU E 841 -13.54 29.38 41.85
N TYR E 842 -12.94 28.98 42.96
CA TYR E 842 -13.44 29.20 44.28
C TYR E 842 -13.95 30.64 44.46
N GLN E 843 -15.13 30.77 45.06
CA GLN E 843 -15.76 32.02 45.52
C GLN E 843 -15.92 32.01 47.05
N SER E 844 -15.63 33.13 47.75
CA SER E 844 -15.61 33.14 49.23
C SER E 844 -16.98 33.08 49.97
N ALA F 43 -22.41 -8.55 62.18
CA ALA F 43 -23.09 -9.64 61.44
C ALA F 43 -23.54 -9.09 60.06
N ALA F 44 -23.82 -7.78 59.85
CA ALA F 44 -24.44 -7.39 58.58
C ALA F 44 -23.42 -7.01 57.49
N ALA F 45 -23.73 -7.40 56.24
CA ALA F 45 -22.85 -7.22 55.09
C ALA F 45 -22.69 -5.74 54.77
N GLY F 46 -23.76 -4.97 54.94
CA GLY F 46 -23.80 -3.55 54.62
C GLY F 46 -23.99 -2.72 55.88
N VAL F 47 -23.68 -1.44 55.77
CA VAL F 47 -24.03 -0.43 56.75
C VAL F 47 -25.55 -0.37 56.90
N GLU F 48 -26.02 -0.27 58.15
CA GLU F 48 -27.45 -0.10 58.41
C GLU F 48 -27.75 1.37 58.64
N TYR F 49 -28.29 2.04 57.67
CA TYR F 49 -28.59 3.44 57.80
C TYR F 49 -29.91 3.63 58.55
N PRO F 50 -30.05 4.62 59.45
CA PRO F 50 -31.36 4.94 60.02
C PRO F 50 -32.15 5.83 59.09
N ALA F 51 -33.49 5.70 59.12
CA ALA F 51 -34.35 6.62 58.38
C ALA F 51 -34.72 7.80 59.27
N ASN F 52 -34.00 8.93 59.18
CA ASN F 52 -34.15 10.02 60.13
C ASN F 52 -34.84 11.18 59.47
N ARG F 53 -35.84 11.71 60.20
CA ARG F 53 -36.57 12.87 59.73
C ARG F 53 -35.65 14.08 59.87
N LEU F 54 -35.62 14.94 58.86
CA LEU F 54 -34.69 16.05 58.89
C LEU F 54 -35.47 17.37 58.97
N ALA F 55 -36.64 17.45 58.34
CA ALA F 55 -37.35 18.69 58.15
C ALA F 55 -38.65 18.40 57.40
N ASN F 56 -39.42 19.43 57.15
CA ASN F 56 -40.65 19.34 56.41
C ASN F 56 -40.39 20.24 55.23
N ILE F 57 -40.95 19.87 54.06
CA ILE F 57 -40.80 20.70 52.87
C ILE F 57 -41.25 22.14 53.10
N SER F 58 -42.18 22.37 54.05
CA SER F 58 -42.72 23.71 54.29
C SER F 58 -41.62 24.62 54.87
N GLU F 59 -40.60 24.03 55.52
CA GLU F 59 -39.57 24.81 56.15
C GLU F 59 -38.51 25.35 55.18
N LEU F 60 -38.53 24.98 53.89
CA LEU F 60 -37.39 25.27 53.03
C LEU F 60 -37.67 26.47 52.17
N THR F 61 -36.71 27.41 52.11
CA THR F 61 -36.87 28.51 51.16
C THR F 61 -35.95 28.32 49.95
N LEU F 62 -36.44 28.69 48.77
CA LEU F 62 -35.72 28.55 47.50
C LEU F 62 -34.31 29.09 47.67
N ASN F 63 -33.32 28.23 47.46
CA ASN F 63 -31.94 28.65 47.31
C ASN F 63 -31.32 29.10 48.61
N GLU F 64 -31.81 28.59 49.74
CA GLU F 64 -31.21 28.87 51.02
C GLU F 64 -31.03 27.58 51.79
N PRO F 65 -29.77 27.20 52.09
CA PRO F 65 -29.49 25.97 52.80
C PRO F 65 -30.13 25.94 54.15
N LEU F 66 -30.66 24.81 54.57
CA LEU F 66 -31.04 24.56 55.94
C LEU F 66 -30.08 23.56 56.57
N ASP F 67 -29.52 23.92 57.72
CA ASP F 67 -28.53 23.06 58.38
C ASP F 67 -29.19 21.83 58.97
N VAL F 68 -28.57 20.66 58.79
CA VAL F 68 -29.08 19.39 59.25
C VAL F 68 -27.86 18.56 59.58
N ALA F 69 -28.07 17.35 60.06
CA ALA F 69 -27.01 16.43 60.36
C ALA F 69 -27.51 15.01 60.10
N TYR F 70 -26.69 14.19 59.43
CA TYR F 70 -27.09 12.84 59.04
C TYR F 70 -25.84 12.05 58.68
N PRO F 71 -25.65 10.79 59.10
CA PRO F 71 -26.64 10.03 59.89
C PRO F 71 -26.69 10.16 61.41
N ASP F 72 -25.98 11.13 61.95
CA ASP F 72 -25.96 11.44 63.35
C ASP F 72 -25.62 12.91 63.49
N GLU F 73 -25.65 13.42 64.73
CA GLU F 73 -25.55 14.84 65.00
C GLU F 73 -24.13 15.36 64.71
N ASP F 74 -23.11 14.49 64.69
CA ASP F 74 -21.73 14.89 64.40
C ASP F 74 -21.38 14.95 62.89
N ALA F 75 -22.37 14.78 62.01
CA ALA F 75 -22.11 14.77 60.58
C ALA F 75 -22.89 15.87 59.90
N ALA F 76 -22.27 17.06 59.81
CA ALA F 76 -23.01 18.21 59.32
C ALA F 76 -23.35 18.10 57.82
N GLY F 77 -24.50 18.65 57.47
CA GLY F 77 -24.93 18.79 56.09
C GLY F 77 -26.06 19.79 55.96
N VAL F 78 -26.67 19.87 54.79
CA VAL F 78 -27.73 20.79 54.50
C VAL F 78 -28.78 20.16 53.60
N LEU F 79 -29.98 20.70 53.69
CA LEU F 79 -31.05 20.52 52.73
C LEU F 79 -31.11 21.80 51.92
N LEU F 80 -31.37 21.68 50.62
CA LEU F 80 -31.37 22.82 49.74
C LEU F 80 -32.38 22.60 48.63
N LYS F 81 -33.23 23.60 48.41
CA LYS F 81 -34.19 23.58 47.34
C LYS F 81 -33.66 24.45 46.22
N LEU F 82 -33.51 23.86 45.02
CA LEU F 82 -32.71 24.48 43.97
C LEU F 82 -33.55 25.13 42.89
N GLY F 83 -34.84 24.79 42.80
CA GLY F 83 -35.74 25.49 41.90
C GLY F 83 -35.73 24.90 40.50
N THR F 84 -35.08 23.73 40.35
CA THR F 84 -35.00 23.04 39.08
C THR F 84 -34.79 21.56 39.38
N ARG F 85 -35.32 20.66 38.53
CA ARG F 85 -35.21 19.24 38.82
C ARG F 85 -33.76 18.79 38.68
N VAL F 86 -33.22 18.03 39.59
CA VAL F 86 -31.79 17.74 39.60
C VAL F 86 -31.61 16.33 40.13
N GLU F 87 -30.43 15.76 39.87
CA GLU F 87 -30.08 14.43 40.33
C GLU F 87 -30.22 14.34 41.84
N GLY F 88 -30.94 13.27 42.30
CA GLY F 88 -31.11 13.01 43.73
C GLY F 88 -32.14 13.95 44.41
N GLY F 89 -32.75 14.82 43.59
CA GLY F 89 -33.67 15.85 44.04
C GLY F 89 -35.06 15.26 44.28
N VAL F 90 -35.71 15.64 45.38
CA VAL F 90 -37.02 15.11 45.72
C VAL F 90 -38.00 16.27 45.92
N GLY F 91 -39.25 15.93 46.30
CA GLY F 91 -40.33 16.88 46.43
C GLY F 91 -41.09 17.01 45.13
N PRO F 92 -42.21 17.76 45.10
CA PRO F 92 -42.97 17.99 43.87
C PRO F 92 -42.13 18.44 42.68
N ASP F 93 -41.15 19.31 42.89
CA ASP F 93 -40.35 19.84 41.78
C ASP F 93 -39.05 19.07 41.52
N GLY F 94 -38.81 17.98 42.26
CA GLY F 94 -37.59 17.21 42.11
C GLY F 94 -36.33 18.01 42.37
N ASP F 95 -36.43 19.04 43.24
CA ASP F 95 -35.41 20.07 43.36
C ASP F 95 -34.85 20.17 44.78
N ILE F 96 -35.19 19.24 45.65
CA ILE F 96 -34.66 19.26 47.00
C ILE F 96 -33.59 18.20 47.17
N VAL F 97 -32.39 18.64 47.58
CA VAL F 97 -31.24 17.77 47.75
C VAL F 97 -30.67 17.94 49.15
N GLY F 98 -29.97 16.89 49.59
CA GLY F 98 -29.23 16.88 50.83
C GLY F 98 -27.78 16.46 50.62
N PHE F 99 -26.85 17.20 51.24
CA PHE F 99 -25.43 16.92 51.15
C PHE F 99 -24.72 17.10 52.48
N SER F 100 -23.68 16.32 52.72
CA SER F 100 -22.59 16.62 53.64
C SER F 100 -21.96 17.96 53.29
N THR F 101 -21.71 18.84 54.29
CA THR F 101 -21.08 20.13 54.00
C THR F 101 -19.68 20.18 54.60
N ILE F 102 -19.12 19.00 54.85
CA ILE F 102 -17.76 18.84 55.29
C ILE F 102 -16.93 18.39 54.07
N CYS F 103 -15.93 19.20 53.73
CA CYS F 103 -15.06 18.97 52.58
C CYS F 103 -14.43 17.58 52.68
N PRO F 104 -14.65 16.72 51.66
CA PRO F 104 -14.05 15.38 51.67
C PRO F 104 -12.53 15.33 51.44
N HIS F 105 -11.88 16.47 51.25
CA HIS F 105 -10.42 16.49 51.21
C HIS F 105 -9.86 16.45 52.62
N LYS F 106 -10.02 17.57 53.35
CA LYS F 106 -9.42 17.73 54.67
C LYS F 106 -10.45 18.14 55.74
N GLY F 107 -11.75 18.13 55.40
CA GLY F 107 -12.75 18.27 56.44
C GLY F 107 -13.14 19.70 56.81
N CYS F 108 -12.69 20.70 56.04
N CYS F 108 -12.69 20.71 56.05
CA CYS F 108 -13.07 22.07 56.33
CA CYS F 108 -13.08 22.07 56.36
C CYS F 108 -14.53 22.29 55.94
C CYS F 108 -14.52 22.30 55.94
N PRO F 109 -15.33 23.04 56.73
CA PRO F 109 -16.72 23.31 56.39
C PRO F 109 -16.82 24.12 55.11
N LEU F 110 -17.77 23.75 54.27
CA LEU F 110 -18.00 24.39 53.00
C LEU F 110 -18.97 25.55 53.19
N SER F 111 -18.76 26.59 52.41
CA SER F 111 -19.70 27.69 52.35
C SER F 111 -20.50 27.58 51.06
N TYR F 112 -21.71 28.12 51.06
CA TYR F 112 -22.56 28.08 49.90
C TYR F 112 -22.57 29.42 49.22
N SER F 113 -22.36 29.45 47.91
CA SER F 113 -22.51 30.66 47.15
C SER F 113 -23.88 30.60 46.46
N ALA F 114 -24.77 31.51 46.87
CA ALA F 114 -26.12 31.50 46.35
C ALA F 114 -26.13 31.97 44.91
N ASP F 115 -25.18 32.86 44.55
CA ASP F 115 -25.13 33.37 43.18
C ASP F 115 -24.79 32.25 42.16
N ASN F 116 -23.91 31.30 42.53
CA ASN F 116 -23.37 30.27 41.63
C ASN F 116 -24.15 28.95 41.84
N LYS F 117 -24.79 28.84 43.00
CA LYS F 117 -25.30 27.60 43.53
C LYS F 117 -24.20 26.55 43.58
N THR F 118 -23.14 26.88 44.34
CA THR F 118 -22.02 25.96 44.56
C THR F 118 -21.65 25.95 46.03
N PHE F 119 -21.10 24.82 46.48
CA PHE F 119 -20.34 24.76 47.71
C PHE F 119 -18.85 24.97 47.47
N ASN F 120 -18.21 25.69 48.40
CA ASN F 120 -16.89 26.26 48.19
C ASN F 120 -16.03 26.08 49.44
N CYS F 121 -14.79 25.65 49.24
CA CYS F 121 -13.92 25.29 50.33
C CYS F 121 -12.78 26.32 50.46
N PRO F 122 -12.72 27.06 51.59
CA PRO F 122 -11.71 28.12 51.72
C PRO F 122 -10.31 27.60 52.02
N CYS F 123 -10.18 26.31 52.34
N CYS F 123 -10.20 26.31 52.37
CA CYS F 123 -8.89 25.79 52.72
CA CYS F 123 -8.92 25.74 52.73
C CYS F 123 -8.03 25.57 51.47
C CYS F 123 -8.04 25.56 51.48
N HIS F 124 -8.50 24.74 50.52
CA HIS F 124 -7.72 24.49 49.31
C HIS F 124 -8.50 24.66 48.01
N PHE F 125 -9.53 25.50 48.04
CA PHE F 125 -10.15 26.17 46.90
C PHE F 125 -11.07 25.23 46.07
N SER F 126 -11.53 24.13 46.70
CA SER F 126 -12.47 23.20 46.05
C SER F 126 -13.84 23.83 45.82
N VAL F 127 -14.54 23.37 44.77
CA VAL F 127 -15.86 23.82 44.35
C VAL F 127 -16.70 22.58 43.97
N PHE F 128 -17.89 22.46 44.56
CA PHE F 128 -18.81 21.35 44.31
C PHE F 128 -20.15 21.89 43.82
N ASP F 129 -20.81 21.14 42.93
CA ASP F 129 -22.00 21.59 42.23
C ASP F 129 -23.19 20.76 42.67
N PRO F 130 -24.03 21.28 43.61
CA PRO F 130 -25.20 20.50 44.04
C PRO F 130 -26.32 20.34 43.01
N GLU F 131 -26.26 21.11 41.91
CA GLU F 131 -27.17 20.93 40.77
C GLU F 131 -26.75 19.74 39.89
N LYS F 132 -25.58 19.13 40.16
CA LYS F 132 -25.11 17.97 39.39
C LYS F 132 -24.51 16.92 40.30
N GLY F 133 -25.32 16.54 41.28
CA GLY F 133 -25.02 15.41 42.13
C GLY F 133 -23.84 15.65 43.04
N GLY F 134 -23.49 16.93 43.25
CA GLY F 134 -22.35 17.23 44.10
C GLY F 134 -21.00 17.10 43.37
N GLN F 135 -21.02 17.12 42.02
CA GLN F 135 -19.79 16.90 41.28
C GLN F 135 -18.77 17.99 41.69
N GLN F 136 -17.54 17.56 41.96
CA GLN F 136 -16.43 18.48 42.16
C GLN F 136 -16.09 19.15 40.85
N VAL F 137 -16.43 20.44 40.78
CA VAL F 137 -16.14 21.22 39.60
C VAL F 137 -14.65 21.37 39.41
N TRP F 138 -13.94 21.59 40.51
CA TRP F 138 -12.49 21.75 40.60
C TRP F 138 -12.14 21.53 42.07
N GLY F 139 -11.16 20.71 42.39
CA GLY F 139 -10.79 20.56 43.78
C GLY F 139 -9.80 19.44 44.03
N GLN F 140 -9.50 19.24 45.32
CA GLN F 140 -8.48 18.33 45.78
C GLN F 140 -9.06 17.02 46.30
N ALA F 141 -10.37 16.95 46.50
CA ALA F 141 -10.99 15.72 46.97
C ALA F 141 -10.95 14.65 45.87
N THR F 142 -10.91 13.37 46.27
CA THR F 142 -11.06 12.26 45.36
C THR F 142 -12.50 11.74 45.30
N GLN F 143 -13.43 12.58 45.75
CA GLN F 143 -14.81 12.19 45.94
C GLN F 143 -15.70 13.34 45.60
N ASN F 144 -16.79 13.04 44.91
CA ASN F 144 -17.82 14.06 44.76
C ASN F 144 -18.59 14.15 46.11
N LEU F 145 -19.35 15.22 46.29
CA LEU F 145 -19.83 15.58 47.63
C LEU F 145 -20.86 14.54 48.09
N PRO F 146 -20.70 13.90 49.27
CA PRO F 146 -21.61 12.86 49.73
C PRO F 146 -23.02 13.43 49.79
N GLN F 147 -23.93 12.72 49.10
CA GLN F 147 -25.29 13.12 48.88
C GLN F 147 -26.22 12.14 49.60
N TYR F 148 -27.28 12.70 50.21
CA TYR F 148 -28.25 11.94 50.99
C TYR F 148 -29.30 11.33 50.04
N VAL F 149 -29.68 10.10 50.36
CA VAL F 149 -30.86 9.50 49.76
C VAL F 149 -32.08 10.00 50.57
N LEU F 150 -32.89 10.83 49.91
CA LEU F 150 -34.03 11.50 50.55
C LEU F 150 -35.37 10.88 50.11
N ARG F 151 -36.36 10.94 51.00
CA ARG F 151 -37.74 10.53 50.75
C ARG F 151 -38.67 11.55 51.40
N VAL F 152 -39.71 11.97 50.67
CA VAL F 152 -40.72 12.85 51.20
C VAL F 152 -41.97 12.05 51.55
N ALA F 153 -42.40 12.11 52.81
CA ALA F 153 -43.61 11.44 53.27
C ALA F 153 -44.86 12.21 52.77
N ASP F 154 -46.03 11.58 52.97
CA ASP F 154 -47.29 12.15 52.51
C ASP F 154 -47.56 13.47 53.21
N ASN F 155 -47.12 13.63 54.45
CA ASN F 155 -47.28 14.92 55.11
C ASN F 155 -46.16 15.93 54.79
N GLY F 156 -45.25 15.66 53.85
CA GLY F 156 -44.19 16.64 53.53
C GLY F 156 -42.93 16.53 54.39
N ASP F 157 -42.88 15.55 55.29
CA ASP F 157 -41.68 15.26 56.07
C ASP F 157 -40.59 14.69 55.17
N ILE F 158 -39.37 15.18 55.32
CA ILE F 158 -38.21 14.74 54.55
C ILE F 158 -37.34 13.85 55.42
N PHE F 159 -37.20 12.60 54.99
CA PHE F 159 -36.33 11.60 55.61
C PHE F 159 -35.06 11.37 54.76
N ALA F 160 -33.96 11.07 55.44
CA ALA F 160 -32.71 10.71 54.82
C ALA F 160 -32.52 9.27 55.20
N GLU F 161 -32.08 8.43 54.25
CA GLU F 161 -32.00 6.99 54.49
C GLU F 161 -30.74 6.38 53.90
N GLY F 162 -29.79 7.21 53.47
CA GLY F 162 -28.48 6.72 53.06
C GLY F 162 -27.63 7.88 52.60
N VAL F 163 -26.36 7.53 52.32
CA VAL F 163 -25.42 8.48 51.75
C VAL F 163 -24.61 7.73 50.66
N ASP F 164 -24.28 8.38 49.56
CA ASP F 164 -23.66 7.69 48.39
C ASP F 164 -22.11 7.74 48.36
N GLU F 165 -21.45 8.35 49.37
CA GLU F 165 -19.99 8.39 49.49
C GLU F 165 -19.59 8.38 50.97
N LEU F 166 -18.30 8.16 51.26
CA LEU F 166 -17.79 8.10 52.61
C LEU F 166 -17.61 9.53 53.14
N ILE F 167 -18.36 9.86 54.21
CA ILE F 167 -18.31 11.19 54.85
C ILE F 167 -16.92 11.42 55.48
N TYR F 168 -16.43 12.64 55.35
CA TYR F 168 -15.14 12.98 55.95
C TYR F 168 -15.08 12.65 57.43
N GLY F 169 -14.02 11.98 57.88
CA GLY F 169 -13.70 11.88 59.28
C GLY F 169 -14.37 10.70 59.98
N ARG F 170 -15.02 9.81 59.21
CA ARG F 170 -15.39 8.52 59.74
C ARG F 170 -15.05 7.43 58.70
N LEU F 171 -14.69 6.26 59.19
CA LEU F 171 -14.33 5.14 58.39
C LEU F 171 -15.54 4.26 58.11
N SER F 172 -16.67 4.66 58.70
CA SER F 172 -17.95 4.01 58.48
C SER F 172 -19.00 5.10 58.56
N ASN F 173 -19.96 5.19 57.62
CA ASN F 173 -20.84 6.33 57.64
C ASN F 173 -21.76 6.28 58.87
N VAL F 174 -22.00 5.09 59.39
CA VAL F 174 -22.80 4.92 60.59
C VAL F 174 -21.82 4.49 61.64
N LEU F 175 -21.62 5.39 62.62
CA LEU F 175 -20.63 5.17 63.67
C LEU F 175 -21.25 4.35 64.83
N ALA G 2 29.98 -4.33 -36.04
CA ALA G 2 29.95 -2.86 -36.02
C ALA G 2 28.75 -2.42 -36.82
N PHE G 3 28.11 -1.38 -36.35
CA PHE G 3 26.95 -0.84 -37.02
C PHE G 3 27.39 -0.12 -38.29
N LYS G 4 26.72 -0.40 -39.39
CA LYS G 4 27.00 0.20 -40.68
C LYS G 4 25.66 0.56 -41.29
N ARG G 5 25.52 1.77 -41.82
CA ARG G 5 24.25 2.22 -42.32
C ARG G 5 23.89 1.69 -43.71
N HIS G 6 24.89 1.29 -44.49
CA HIS G 6 24.71 0.85 -45.87
C HIS G 6 24.03 1.94 -46.71
N ILE G 7 24.30 3.19 -46.44
CA ILE G 7 23.89 4.30 -47.29
C ILE G 7 25.09 4.66 -48.15
N ASP G 8 24.93 4.33 -49.43
CA ASP G 8 25.96 4.29 -50.45
C ASP G 8 26.08 5.67 -51.13
N ARG G 9 25.03 6.48 -51.01
CA ARG G 9 25.04 7.80 -51.61
C ARG G 9 23.98 8.66 -50.94
N LEU G 10 24.17 9.99 -50.98
CA LEU G 10 23.24 10.94 -50.40
C LEU G 10 22.77 11.89 -51.47
N PRO G 11 21.52 12.41 -51.35
CA PRO G 11 21.08 13.54 -52.15
C PRO G 11 22.04 14.72 -52.01
N ILE G 12 22.19 15.46 -53.12
CA ILE G 12 23.10 16.59 -53.21
C ILE G 12 22.31 17.84 -52.88
N ILE G 13 22.88 18.69 -52.04
CA ILE G 13 22.23 19.95 -51.73
C ILE G 13 22.23 20.78 -53.00
N PRO G 14 21.09 21.27 -53.51
CA PRO G 14 21.07 22.10 -54.71
C PRO G 14 21.49 23.53 -54.41
N ALA G 15 21.79 24.28 -55.49
CA ALA G 15 22.33 25.62 -55.34
C ALA G 15 21.28 26.53 -54.75
N ASP G 16 20.00 26.25 -54.94
CA ASP G 16 18.98 27.12 -54.36
C ASP G 16 18.37 26.58 -53.02
N ALA G 17 19.06 25.70 -52.30
CA ALA G 17 18.52 25.22 -51.02
C ALA G 17 18.37 26.38 -50.05
N LYS G 18 17.38 26.35 -49.16
CA LYS G 18 17.23 27.38 -48.14
C LYS G 18 18.21 27.12 -47.00
N LYS G 19 18.89 28.16 -46.57
CA LYS G 19 19.96 28.08 -45.60
C LYS G 19 19.50 28.66 -44.27
N HIS G 20 19.82 27.98 -43.17
CA HIS G 20 19.42 28.38 -41.82
C HIS G 20 20.66 28.33 -40.95
N ASN G 21 20.88 29.36 -40.13
CA ASN G 21 21.94 29.30 -39.14
C ASN G 21 21.51 28.40 -37.99
N VAL G 22 22.39 27.51 -37.58
CA VAL G 22 22.13 26.57 -36.50
C VAL G 22 23.35 26.51 -35.58
N THR G 23 23.14 26.74 -34.29
CA THR G 23 24.14 26.38 -33.30
C THR G 23 23.93 24.91 -32.94
N CYS G 24 25.01 24.20 -32.66
CA CYS G 24 24.88 22.84 -32.16
C CYS G 24 23.85 22.79 -31.03
N HIS G 25 22.98 21.76 -31.07
CA HIS G 25 22.00 21.54 -30.01
C HIS G 25 22.65 21.24 -28.65
N PHE G 26 23.91 20.78 -28.61
CA PHE G 26 24.44 20.03 -27.46
C PHE G 26 25.40 20.88 -26.59
N CYS G 27 26.68 20.62 -26.62
CA CYS G 27 27.57 21.12 -25.60
C CYS G 27 27.86 22.63 -25.71
N ILE G 28 28.43 23.12 -24.59
CA ILE G 28 28.85 24.47 -24.29
C ILE G 28 29.58 25.14 -25.45
N VAL G 29 30.35 24.39 -26.22
CA VAL G 29 31.18 24.97 -27.25
C VAL G 29 30.35 25.74 -28.26
N GLY G 30 29.18 25.23 -28.59
CA GLY G 30 28.27 25.97 -29.44
C GLY G 30 28.80 26.17 -30.86
N CYS G 31 29.37 25.12 -31.43
CA CYS G 31 29.86 25.11 -32.82
C CYS G 31 28.76 25.53 -33.79
N GLY G 32 29.18 26.26 -34.83
CA GLY G 32 28.24 26.74 -35.81
C GLY G 32 28.01 25.72 -36.91
N TYR G 33 26.75 25.66 -37.38
CA TYR G 33 26.31 24.79 -38.44
C TYR G 33 25.39 25.62 -39.34
N HIS G 34 25.10 25.05 -40.52
CA HIS G 34 23.93 25.47 -41.28
C HIS G 34 23.08 24.24 -41.61
N ALA G 35 21.77 24.43 -41.57
CA ALA G 35 20.81 23.50 -42.11
C ALA G 35 20.30 24.00 -43.46
N TYR G 36 20.48 23.16 -44.47
CA TYR G 36 20.01 23.43 -45.82
C TYR G 36 18.84 22.52 -46.11
N THR G 37 17.70 23.12 -46.47
CA THR G 37 16.52 22.33 -46.82
C THR G 37 16.08 22.60 -48.26
N TRP G 38 15.38 21.60 -48.83
CA TRP G 38 14.91 21.72 -50.19
C TRP G 38 13.86 20.69 -50.45
N PRO G 39 13.01 20.89 -51.48
CA PRO G 39 11.87 20.00 -51.70
C PRO G 39 12.20 18.55 -51.93
N ILE G 40 11.33 17.67 -51.40
CA ILE G 40 11.51 16.22 -51.41
C ILE G 40 11.69 15.68 -52.84
N ASN G 41 11.03 16.37 -53.79
N ASN G 41 11.07 16.29 -53.87
CA ASN G 41 10.97 16.04 -55.21
CA ASN G 41 11.21 15.72 -55.21
C ASN G 41 12.12 16.69 -55.99
C ASN G 41 12.31 16.46 -56.00
N LYS G 42 13.09 17.35 -55.34
CA LYS G 42 14.19 18.01 -56.02
C LYS G 42 15.52 17.54 -55.49
N GLN G 43 16.59 17.86 -56.19
CA GLN G 43 17.93 17.50 -55.75
C GLN G 43 18.98 18.28 -56.53
N GLY G 44 20.20 18.34 -56.02
CA GLY G 44 21.32 18.97 -56.71
C GLY G 44 22.00 17.94 -57.62
N GLY G 45 23.00 18.43 -58.36
CA GLY G 45 23.80 17.62 -59.25
C GLY G 45 25.28 17.86 -59.03
N THR G 46 26.12 17.05 -59.69
CA THR G 46 27.55 17.08 -59.43
C THR G 46 28.20 18.27 -60.10
N ASP G 47 27.58 18.83 -61.16
CA ASP G 47 28.19 20.01 -61.80
C ASP G 47 28.13 21.23 -60.88
N PRO G 48 29.17 22.07 -60.88
CA PRO G 48 29.26 23.24 -59.99
C PRO G 48 28.02 24.11 -59.88
N GLN G 49 27.31 24.27 -61.00
CA GLN G 49 26.15 25.13 -61.01
C GLN G 49 24.95 24.46 -60.35
N ASN G 50 24.98 23.14 -60.15
CA ASN G 50 23.79 22.46 -59.64
C ASN G 50 23.93 22.03 -58.17
N ASN G 51 24.89 22.56 -57.42
CA ASN G 51 24.99 22.28 -55.99
C ASN G 51 25.45 23.51 -55.22
N ILE G 52 25.21 23.48 -53.90
CA ILE G 52 25.40 24.63 -53.03
C ILE G 52 26.90 24.94 -52.89
N PHE G 53 27.79 24.01 -53.19
CA PHE G 53 29.21 24.29 -52.99
C PHE G 53 29.88 24.98 -54.20
N GLY G 54 29.24 24.97 -55.37
CA GLY G 54 29.85 25.44 -56.61
C GLY G 54 31.11 24.64 -56.94
N VAL G 55 31.13 23.33 -56.70
CA VAL G 55 32.33 22.54 -57.04
C VAL G 55 31.85 21.31 -57.81
N ASP G 56 32.79 20.63 -58.43
CA ASP G 56 32.45 19.44 -59.21
C ASP G 56 32.46 18.23 -58.28
N LEU G 57 31.28 17.75 -57.91
CA LEU G 57 31.15 16.64 -56.94
C LEU G 57 31.34 15.28 -57.60
N SER G 58 31.63 15.20 -58.92
CA SER G 58 31.99 13.93 -59.54
C SER G 58 33.44 13.58 -59.27
N GLU G 59 34.17 14.45 -58.57
CA GLU G 59 35.55 14.14 -58.20
C GLU G 59 35.67 13.96 -56.68
N GLN G 60 36.52 13.06 -56.22
CA GLN G 60 36.88 12.87 -54.83
C GLN G 60 37.33 14.18 -54.24
N GLN G 61 36.82 14.54 -53.05
CA GLN G 61 37.29 15.74 -52.36
C GLN G 61 38.51 15.41 -51.53
N GLN G 62 39.31 16.43 -51.27
CA GLN G 62 40.49 16.32 -50.41
C GLN G 62 40.07 16.49 -48.94
N ALA G 63 41.00 16.16 -48.03
CA ALA G 63 40.77 16.27 -46.61
C ALA G 63 40.28 17.66 -46.25
N GLU G 64 39.37 17.71 -45.27
CA GLU G 64 38.86 18.94 -44.69
C GLU G 64 37.96 19.66 -45.68
N SER G 65 37.42 18.99 -46.71
CA SER G 65 36.61 19.71 -47.68
C SER G 65 35.30 20.15 -47.05
N ASP G 66 34.82 21.34 -47.47
CA ASP G 66 33.50 21.82 -47.10
C ASP G 66 32.45 21.10 -47.93
N ALA G 67 32.86 20.45 -49.04
CA ALA G 67 31.91 19.92 -50.02
C ALA G 67 31.70 18.41 -49.80
N TRP G 68 31.41 18.06 -48.55
CA TRP G 68 31.01 16.69 -48.18
C TRP G 68 30.20 16.76 -46.89
N TYR G 69 29.42 15.72 -46.63
CA TYR G 69 28.74 15.57 -45.36
C TYR G 69 28.45 14.08 -45.18
N SER G 70 28.40 13.65 -43.90
CA SER G 70 28.26 12.25 -43.58
C SER G 70 26.77 11.95 -43.57
N PRO G 71 26.41 10.66 -43.67
CA PRO G 71 25.00 10.27 -43.58
C PRO G 71 24.27 10.77 -42.33
N SER G 72 25.00 10.92 -41.22
CA SER G 72 24.34 11.36 -39.98
C SER G 72 23.92 12.83 -40.07
N MET G 73 24.41 13.54 -41.10
CA MET G 73 24.11 14.95 -41.31
C MET G 73 22.94 15.15 -42.28
N TYR G 74 22.36 14.04 -42.79
CA TYR G 74 21.29 14.08 -43.76
C TYR G 74 20.01 13.47 -43.18
N ASN G 75 18.85 14.07 -43.46
CA ASN G 75 17.59 13.43 -43.14
C ASN G 75 16.49 14.00 -44.04
N VAL G 76 15.25 13.54 -43.79
CA VAL G 76 14.06 14.14 -44.36
C VAL G 76 13.13 14.54 -43.24
N VAL G 77 12.67 15.81 -43.22
CA VAL G 77 11.92 16.30 -42.08
C VAL G 77 10.75 17.09 -42.60
N LYS G 78 9.73 17.28 -41.77
CA LYS G 78 8.64 18.15 -42.11
C LYS G 78 9.02 19.62 -41.89
N GLN G 79 8.63 20.48 -42.85
CA GLN G 79 8.85 21.92 -42.78
C GLN G 79 7.63 22.59 -43.39
N ASP G 80 6.90 23.36 -42.60
CA ASP G 80 5.65 24.00 -42.98
C ASP G 80 4.70 22.96 -43.55
N GLY G 81 4.67 21.76 -42.97
CA GLY G 81 3.70 20.74 -43.37
C GLY G 81 4.18 19.84 -44.48
N ARG G 82 5.33 20.10 -45.09
CA ARG G 82 5.79 19.36 -46.25
C ARG G 82 7.11 18.69 -45.94
N ASP G 83 7.30 17.46 -46.42
CA ASP G 83 8.58 16.78 -46.35
C ASP G 83 9.65 17.52 -47.16
N VAL G 84 10.82 17.72 -46.56
CA VAL G 84 11.96 18.35 -47.22
C VAL G 84 13.18 17.53 -46.89
N HIS G 85 14.14 17.50 -47.80
CA HIS G 85 15.48 17.08 -47.51
C HIS G 85 16.12 18.10 -46.56
N VAL G 86 17.01 17.61 -45.68
CA VAL G 86 17.74 18.50 -44.80
C VAL G 86 19.15 17.99 -44.67
N VAL G 87 20.11 18.93 -44.76
CA VAL G 87 21.47 18.64 -44.37
C VAL G 87 21.87 19.64 -43.30
N ILE G 88 22.44 19.15 -42.19
CA ILE G 88 22.90 19.99 -41.09
C ILE G 88 24.36 19.72 -40.95
N LYS G 89 25.21 20.69 -41.43
CA LYS G 89 26.62 20.43 -41.52
C LYS G 89 27.39 21.62 -40.94
N PRO G 90 28.60 21.39 -40.43
CA PRO G 90 29.32 22.45 -39.72
C PRO G 90 29.78 23.57 -40.64
N ASP G 91 29.80 24.79 -40.08
CA ASP G 91 30.12 26.03 -40.75
C ASP G 91 31.63 26.27 -40.70
N HIS G 92 32.28 26.11 -41.85
CA HIS G 92 33.71 26.42 -42.05
C HIS G 92 34.07 27.83 -41.59
N GLU G 93 33.16 28.80 -41.74
CA GLU G 93 33.47 30.19 -41.40
C GLU G 93 33.19 30.53 -39.93
N CYS G 94 32.69 29.60 -39.11
CA CYS G 94 32.41 29.94 -37.71
C CYS G 94 33.74 29.96 -36.97
N VAL G 95 34.05 31.04 -36.22
CA VAL G 95 35.34 31.10 -35.52
C VAL G 95 35.44 30.10 -34.37
N VAL G 96 34.27 29.64 -33.84
CA VAL G 96 34.29 28.68 -32.74
C VAL G 96 34.94 27.38 -33.18
N ASN G 97 34.43 26.79 -34.28
CA ASN G 97 34.77 25.42 -34.66
C ASN G 97 35.54 25.31 -35.99
N SER G 98 35.53 26.36 -36.82
CA SER G 98 36.24 26.35 -38.11
C SER G 98 35.87 25.11 -38.96
N GLY G 99 34.58 24.77 -39.01
CA GLY G 99 34.14 23.63 -39.80
C GLY G 99 34.19 22.28 -39.09
N LEU G 100 34.72 22.20 -37.87
CA LEU G 100 34.69 20.90 -37.16
C LEU G 100 33.28 20.65 -36.64
N GLY G 101 32.85 19.39 -36.75
CA GLY G 101 31.65 18.86 -36.09
C GLY G 101 31.99 17.61 -35.28
N SER G 102 31.71 17.64 -33.95
CA SER G 102 32.01 16.48 -33.08
C SER G 102 31.13 15.30 -33.51
N VAL G 103 31.36 14.16 -32.90
CA VAL G 103 30.55 12.96 -33.06
C VAL G 103 29.11 13.19 -32.61
N ARG G 104 28.89 14.20 -31.76
N ARG G 104 28.91 14.25 -31.82
CA ARG G 104 27.54 14.53 -31.29
CA ARG G 104 27.59 14.54 -31.31
C ARG G 104 26.86 15.49 -32.25
C ARG G 104 26.87 15.49 -32.24
N GLY G 105 27.47 16.67 -32.48
CA GLY G 105 26.81 17.63 -33.35
C GLY G 105 26.59 17.14 -34.77
N ALA G 106 27.52 16.32 -35.27
CA ALA G 106 27.39 15.82 -36.61
C ALA G 106 26.23 14.82 -36.79
N ARG G 107 25.56 14.42 -35.69
CA ARG G 107 24.41 13.53 -35.80
C ARG G 107 23.13 14.27 -35.51
N MET G 108 23.13 15.59 -35.53
CA MET G 108 21.88 16.32 -35.33
C MET G 108 20.82 15.91 -36.34
N ALA G 109 21.18 15.78 -37.61
CA ALA G 109 20.15 15.48 -38.60
C ALA G 109 19.52 14.10 -38.34
N GLU G 110 20.36 13.10 -38.14
CA GLU G 110 19.90 11.72 -37.96
C GLU G 110 19.18 11.52 -36.62
N THR G 111 19.42 12.39 -35.62
CA THR G 111 18.66 12.35 -34.36
C THR G 111 17.47 13.30 -34.39
N SER G 112 17.13 13.84 -35.59
CA SER G 112 15.92 14.62 -35.76
C SER G 112 14.77 13.64 -35.99
N PHE G 113 13.55 14.11 -35.78
CA PHE G 113 12.37 13.32 -35.99
C PHE G 113 12.07 13.27 -37.50
N SER G 114 11.92 12.05 -38.03
CA SER G 114 11.61 11.88 -39.45
C SER G 114 10.62 10.75 -39.61
N GLU G 115 9.38 11.09 -39.97
CA GLU G 115 8.41 10.06 -40.33
C GLU G 115 8.87 9.35 -41.61
N ALA G 116 9.40 10.05 -42.61
CA ALA G 116 9.74 9.40 -43.85
C ALA G 116 10.88 8.42 -43.68
N ARG G 117 11.91 8.78 -42.89
CA ARG G 117 13.05 7.88 -42.79
C ARG G 117 13.10 7.18 -41.41
N ASN G 118 12.04 7.28 -40.65
CA ASN G 118 11.83 6.53 -39.40
C ASN G 118 12.91 6.77 -38.34
N THR G 119 13.43 7.99 -38.20
CA THR G 119 14.34 8.31 -37.10
C THR G 119 13.56 8.90 -35.93
N GLN G 120 14.01 8.53 -34.71
CA GLN G 120 13.49 9.07 -33.46
C GLN G 120 11.97 8.98 -33.41
N GLN G 121 11.48 7.79 -33.72
CA GLN G 121 10.05 7.49 -33.63
C GLN G 121 9.58 7.42 -32.17
N GLN G 122 10.49 7.42 -31.17
CA GLN G 122 10.15 7.56 -29.77
C GLN G 122 9.67 8.98 -29.45
N ARG G 123 9.90 9.98 -30.33
CA ARG G 123 9.51 11.34 -29.95
C ARG G 123 8.04 11.44 -29.59
N LEU G 124 7.76 12.23 -28.54
CA LEU G 124 6.42 12.53 -28.12
C LEU G 124 5.70 13.35 -29.19
N THR G 125 4.42 13.01 -29.39
CA THR G 125 3.59 13.72 -30.38
C THR G 125 2.32 14.26 -29.73
N ASP G 126 1.87 13.65 -28.64
CA ASP G 126 0.58 14.01 -28.04
C ASP G 126 0.70 14.10 -26.51
N PRO G 127 -0.10 14.96 -25.85
CA PRO G 127 -0.30 14.91 -24.41
C PRO G 127 -0.80 13.51 -24.04
N LEU G 128 -0.28 12.98 -22.92
CA LEU G 128 -0.68 11.68 -22.41
C LEU G 128 -1.14 11.86 -20.97
N VAL G 129 -2.21 11.14 -20.62
CA VAL G 129 -2.76 11.12 -19.27
C VAL G 129 -2.94 9.66 -18.80
N TRP G 130 -2.63 9.41 -17.53
CA TRP G 130 -2.88 8.13 -16.90
C TRP G 130 -4.38 7.98 -16.61
N ARG G 131 -5.05 7.09 -17.35
CA ARG G 131 -6.46 6.85 -17.09
C ARG G 131 -6.85 5.52 -17.73
N TYR G 132 -7.89 4.86 -17.15
CA TYR G 132 -8.32 3.57 -17.69
C TYR G 132 -7.24 2.49 -17.60
N GLY G 133 -6.26 2.66 -16.68
CA GLY G 133 -5.25 1.63 -16.38
C GLY G 133 -3.91 1.74 -17.10
N GLN G 134 -3.75 2.76 -17.95
CA GLN G 134 -2.48 2.97 -18.67
C GLN G 134 -2.45 4.42 -19.16
N MET G 135 -1.31 4.82 -19.75
N MET G 135 -1.32 4.83 -19.74
CA MET G 135 -1.18 6.15 -20.33
CA MET G 135 -1.20 6.16 -20.31
C MET G 135 -1.98 6.18 -21.62
C MET G 135 -2.05 6.16 -21.59
N GLN G 136 -2.74 7.26 -21.84
CA GLN G 136 -3.60 7.38 -23.00
C GLN G 136 -3.40 8.76 -23.61
N PRO G 137 -3.38 8.87 -24.97
CA PRO G 137 -3.29 10.16 -25.63
C PRO G 137 -4.57 10.98 -25.54
N THR G 138 -4.39 12.32 -25.59
CA THR G 138 -5.51 13.22 -25.48
C THR G 138 -5.14 14.55 -26.12
N SER G 139 -6.03 15.52 -25.98
CA SER G 139 -5.86 16.89 -26.41
C SER G 139 -5.04 17.69 -25.40
N TRP G 140 -4.45 18.80 -25.87
CA TRP G 140 -3.91 19.80 -24.98
C TRP G 140 -4.92 20.32 -24.00
N ASP G 141 -6.10 20.64 -24.51
CA ASP G 141 -7.07 21.28 -23.64
C ASP G 141 -7.41 20.40 -22.47
N ASP G 142 -7.66 19.11 -22.72
CA ASP G 142 -7.95 18.16 -21.65
C ASP G 142 -6.74 18.07 -20.67
N ALA G 143 -5.53 17.83 -21.17
CA ALA G 143 -4.39 17.58 -20.34
C ALA G 143 -4.06 18.81 -19.50
N LEU G 144 -4.03 20.00 -20.12
CA LEU G 144 -3.74 21.22 -19.37
C LEU G 144 -4.77 21.51 -18.31
N ASP G 145 -6.04 21.25 -18.64
CA ASP G 145 -7.11 21.44 -17.67
C ASP G 145 -6.86 20.59 -16.44
N LEU G 146 -6.50 19.31 -16.65
CA LEU G 146 -6.27 18.40 -15.52
C LEU G 146 -5.10 18.92 -14.67
N VAL G 147 -3.98 19.25 -15.31
CA VAL G 147 -2.81 19.71 -14.61
C VAL G 147 -3.13 20.96 -13.78
N ALA G 148 -3.79 21.92 -14.41
CA ALA G 148 -4.11 23.16 -13.72
C ALA G 148 -5.06 22.95 -12.54
N ARG G 149 -6.09 22.10 -12.71
N ARG G 149 -6.05 22.04 -12.70
CA ARG G 149 -7.04 21.89 -11.64
CA ARG G 149 -7.06 21.85 -11.68
C ARG G 149 -6.38 21.26 -10.41
C ARG G 149 -6.41 21.25 -10.43
N VAL G 150 -5.53 20.25 -10.61
CA VAL G 150 -4.84 19.63 -9.51
C VAL G 150 -3.89 20.64 -8.86
N THR G 151 -3.07 21.30 -9.68
CA THR G 151 -2.09 22.24 -9.20
C THR G 151 -2.77 23.34 -8.39
N ALA G 152 -3.81 23.91 -8.95
CA ALA G 152 -4.52 25.01 -8.32
C ALA G 152 -5.15 24.59 -7.00
N LYS G 153 -5.76 23.41 -6.96
CA LYS G 153 -6.41 22.98 -5.75
C LYS G 153 -5.38 22.72 -4.66
N ILE G 154 -4.27 22.07 -5.00
CA ILE G 154 -3.23 21.81 -4.02
C ILE G 154 -2.60 23.10 -3.49
N VAL G 155 -2.26 24.06 -4.37
CA VAL G 155 -1.60 25.27 -3.93
C VAL G 155 -2.58 26.13 -3.13
N LYS G 156 -3.85 26.08 -3.46
CA LYS G 156 -4.84 26.81 -2.68
C LYS G 156 -5.02 26.19 -1.31
N GLU G 157 -4.98 24.87 -1.21
CA GLU G 157 -5.25 24.25 0.09
C GLU G 157 -3.98 24.17 0.92
N LYS G 158 -2.80 24.04 0.31
CA LYS G 158 -1.61 23.76 1.09
C LYS G 158 -0.54 24.84 0.96
N GLY G 159 -0.70 25.82 0.09
CA GLY G 159 0.30 26.79 -0.26
C GLY G 159 1.17 26.35 -1.44
N GLU G 160 1.90 27.30 -2.00
CA GLU G 160 2.76 27.13 -3.13
C GLU G 160 3.90 26.20 -2.75
N ASP G 161 4.26 26.09 -1.47
CA ASP G 161 5.33 25.20 -1.12
C ASP G 161 5.00 23.72 -1.44
N ALA G 162 3.72 23.41 -1.64
CA ALA G 162 3.33 22.04 -2.00
C ALA G 162 3.60 21.71 -3.48
N LEU G 163 3.87 22.73 -4.29
CA LEU G 163 4.33 22.58 -5.67
C LEU G 163 5.84 22.47 -5.72
N ILE G 164 6.31 21.32 -6.16
CA ILE G 164 7.72 21.00 -6.36
C ILE G 164 7.96 21.13 -7.86
N VAL G 165 9.10 21.73 -8.22
CA VAL G 165 9.47 21.92 -9.60
C VAL G 165 10.89 21.45 -9.79
N SER G 166 11.09 20.67 -10.86
CA SER G 166 12.41 20.33 -11.40
C SER G 166 12.51 20.88 -12.80
N ALA G 167 13.52 21.71 -13.10
CA ALA G 167 13.58 22.27 -14.45
C ALA G 167 15.02 22.55 -14.88
N PHE G 168 15.25 22.36 -16.17
CA PHE G 168 16.43 22.89 -16.83
C PHE G 168 16.62 24.36 -16.45
N ASP G 169 17.86 24.80 -16.35
CA ASP G 169 18.19 26.24 -16.29
C ASP G 169 19.22 26.60 -17.40
N HIS G 170 19.49 25.64 -18.31
CA HIS G 170 20.60 25.73 -19.24
C HIS G 170 20.12 26.32 -20.57
N GLY G 171 21.07 26.40 -21.48
CA GLY G 171 20.87 26.84 -22.84
C GLY G 171 20.87 25.67 -23.81
N GLY G 172 20.81 26.03 -25.10
CA GLY G 172 20.81 25.02 -26.16
C GLY G 172 19.51 24.23 -26.14
N ALA G 173 19.49 23.09 -26.83
CA ALA G 173 18.28 22.27 -26.90
C ALA G 173 17.84 21.87 -25.48
N GLY G 174 16.57 22.02 -25.21
CA GLY G 174 16.00 21.75 -23.89
C GLY G 174 16.23 22.89 -22.92
N GLY G 175 16.61 24.08 -23.43
CA GLY G 175 16.74 25.25 -22.60
C GLY G 175 16.76 26.49 -23.51
N GLY G 176 17.53 27.49 -23.14
CA GLY G 176 17.64 28.71 -23.94
C GLY G 176 16.83 29.85 -23.34
N TYR G 177 17.06 31.08 -23.86
CA TYR G 177 16.50 32.25 -23.22
C TYR G 177 14.97 32.25 -23.25
N GLU G 178 14.41 31.78 -24.34
CA GLU G 178 12.94 31.75 -24.45
C GLU G 178 12.37 30.83 -23.38
N ASN G 179 12.94 29.64 -23.29
CA ASN G 179 12.44 28.58 -22.44
C ASN G 179 12.72 28.81 -20.95
N THR G 180 13.93 29.32 -20.58
CA THR G 180 14.16 29.63 -19.19
C THR G 180 13.27 30.78 -18.75
N TRP G 181 13.00 31.75 -19.65
CA TRP G 181 12.12 32.85 -19.29
C TRP G 181 10.68 32.33 -19.07
N GLY G 182 10.17 31.51 -19.99
CA GLY G 182 8.79 31.06 -19.85
C GLY G 182 8.55 30.29 -18.56
N THR G 183 9.45 29.32 -18.24
CA THR G 183 9.32 28.59 -16.97
C THR G 183 9.59 29.48 -15.76
N GLY G 184 10.60 30.36 -15.87
CA GLY G 184 10.87 31.30 -14.79
C GLY G 184 9.72 32.23 -14.47
N LYS G 185 9.12 32.77 -15.52
CA LYS G 185 8.02 33.70 -15.32
C LYS G 185 6.85 32.99 -14.64
N LEU G 186 6.57 31.76 -15.04
CA LEU G 186 5.48 31.02 -14.43
C LEU G 186 5.74 30.75 -12.94
N TYR G 187 6.95 30.30 -12.57
CA TYR G 187 7.18 29.84 -11.23
C TYR G 187 7.70 30.92 -10.28
N PHE G 188 8.30 32.00 -10.82
CA PHE G 188 8.88 33.08 -10.01
C PHE G 188 8.19 34.42 -10.13
N GLU G 189 7.42 34.64 -11.20
CA GLU G 189 6.68 35.88 -11.32
C GLU G 189 5.22 35.64 -11.00
N ALA G 190 4.54 34.76 -11.71
CA ALA G 190 3.16 34.42 -11.40
C ALA G 190 3.05 33.83 -10.00
N MET G 191 4.00 33.01 -9.62
CA MET G 191 4.07 32.30 -8.37
C MET G 191 5.41 32.63 -7.71
N LYS G 192 5.61 32.12 -6.49
CA LYS G 192 6.86 32.21 -5.74
C LYS G 192 7.22 30.81 -5.26
N VAL G 193 7.49 29.91 -6.18
CA VAL G 193 7.91 28.54 -5.85
C VAL G 193 9.30 28.56 -5.26
N LYS G 194 9.42 28.06 -4.04
CA LYS G 194 10.70 27.91 -3.34
C LYS G 194 11.26 26.48 -3.58
N ASN G 195 10.36 25.47 -3.71
CA ASN G 195 10.82 24.10 -3.75
C ASN G 195 11.05 23.69 -5.20
N ILE G 196 12.08 24.32 -5.75
CA ILE G 196 12.50 24.16 -7.14
C ILE G 196 13.94 23.72 -7.14
N ARG G 197 14.23 22.76 -7.97
CA ARG G 197 15.58 22.33 -8.26
C ARG G 197 15.87 22.43 -9.75
N ILE G 198 17.15 22.28 -10.09
CA ILE G 198 17.66 22.45 -11.42
C ILE G 198 18.02 21.07 -11.98
N HIS G 199 18.30 20.99 -13.28
CA HIS G 199 18.40 19.72 -13.98
C HIS G 199 19.55 18.86 -13.41
N ASN G 200 20.61 19.48 -12.90
CA ASN G 200 21.82 18.76 -12.56
C ASN G 200 22.17 18.84 -11.08
N ARG G 201 21.32 19.48 -10.29
CA ARG G 201 21.61 19.66 -8.89
C ARG G 201 20.33 19.85 -8.11
N PRO G 202 20.23 19.27 -6.89
CA PRO G 202 18.94 19.12 -6.21
C PRO G 202 18.44 20.28 -5.38
N ALA G 203 18.91 21.48 -5.68
CA ALA G 203 18.43 22.73 -5.13
C ALA G 203 18.67 23.89 -6.10
N TYR G 204 18.03 25.02 -5.85
CA TYR G 204 18.09 26.20 -6.71
C TYR G 204 19.29 27.08 -6.29
N ASN G 205 20.48 26.59 -6.62
CA ASN G 205 21.74 27.18 -6.25
C ASN G 205 22.53 27.47 -7.54
N SER G 206 23.69 28.09 -7.36
CA SER G 206 24.70 28.18 -8.40
C SER G 206 25.74 27.08 -8.19
N GLU G 207 26.28 26.57 -9.28
CA GLU G 207 27.38 25.65 -9.24
C GLU G 207 28.64 26.28 -8.68
N VAL G 208 28.76 27.63 -8.82
CA VAL G 208 30.03 28.30 -8.54
C VAL G 208 29.81 29.57 -7.70
N HIS G 209 29.15 29.41 -6.56
CA HIS G 209 28.99 30.51 -5.62
C HIS G 209 30.37 31.07 -5.19
N GLY G 210 31.41 30.24 -5.10
CA GLY G 210 32.73 30.70 -4.66
C GLY G 210 33.29 31.83 -5.54
N THR G 211 33.41 31.55 -6.85
CA THR G 211 33.94 32.55 -7.77
C THR G 211 33.00 33.76 -7.83
N ARG G 212 31.69 33.53 -7.83
CA ARG G 212 30.74 34.64 -7.93
C ARG G 212 30.85 35.55 -6.71
N ASP G 213 31.00 34.98 -5.54
CA ASP G 213 31.04 35.77 -4.31
C ASP G 213 32.37 36.55 -4.26
N MET G 214 33.40 36.05 -4.89
CA MET G 214 34.68 36.73 -5.01
C MET G 214 34.66 37.88 -6.03
N GLY G 215 33.60 37.99 -6.81
CA GLY G 215 33.41 39.04 -7.79
C GLY G 215 33.79 38.61 -9.20
N VAL G 216 34.07 37.31 -9.40
CA VAL G 216 34.51 36.80 -10.68
C VAL G 216 33.46 35.88 -11.31
N GLY G 217 32.64 36.43 -12.22
CA GLY G 217 31.77 35.63 -13.07
C GLY G 217 32.58 34.54 -13.74
N GLU G 218 31.99 33.34 -13.88
CA GLU G 218 32.75 32.13 -14.23
C GLU G 218 33.00 32.06 -15.75
N LEU G 219 32.37 32.89 -16.58
CA LEU G 219 32.69 32.91 -18.02
C LEU G 219 33.29 34.27 -18.40
N ASN G 220 34.55 34.48 -18.08
CA ASN G 220 35.13 35.83 -18.11
C ASN G 220 36.11 36.05 -19.27
N ASN G 221 36.40 34.99 -20.06
CA ASN G 221 37.46 35.05 -21.05
C ASN G 221 36.87 34.81 -22.43
N CYS G 222 37.76 34.55 -23.39
CA CYS G 222 37.34 34.21 -24.75
C CYS G 222 38.19 33.03 -25.19
N TYR G 223 37.69 32.33 -26.23
CA TYR G 223 38.33 31.08 -26.65
C TYR G 223 39.72 31.37 -27.27
N GLU G 224 39.95 32.63 -27.69
CA GLU G 224 41.26 33.03 -28.22
C GLU G 224 42.30 32.91 -27.09
N ASP G 225 41.84 33.09 -25.86
CA ASP G 225 42.75 33.03 -24.73
C ASP G 225 43.44 31.67 -24.64
N ALA G 226 42.73 30.59 -24.98
CA ALA G 226 43.38 29.28 -24.93
C ALA G 226 44.50 29.16 -25.97
N GLU G 227 44.37 29.92 -27.05
CA GLU G 227 45.39 29.98 -28.11
C GLU G 227 46.62 30.81 -27.67
N LEU G 228 46.44 31.72 -26.73
CA LEU G 228 47.45 32.75 -26.41
C LEU G 228 48.19 32.49 -25.13
N ALA G 229 47.64 31.65 -24.25
CA ALA G 229 48.26 31.41 -22.96
C ALA G 229 49.64 30.82 -23.13
N ASP G 230 50.51 31.13 -22.12
CA ASP G 230 51.78 30.39 -21.98
C ASP G 230 51.51 29.01 -21.41
N THR G 231 50.63 28.97 -20.37
CA THR G 231 50.27 27.73 -19.71
C THR G 231 48.75 27.65 -19.63
N ILE G 232 48.19 26.49 -19.98
CA ILE G 232 46.80 26.16 -19.66
C ILE G 232 46.77 25.25 -18.44
N VAL G 233 45.94 25.61 -17.47
CA VAL G 233 45.71 24.77 -16.29
C VAL G 233 44.28 24.25 -16.38
N ALA G 234 44.15 22.95 -16.65
CA ALA G 234 42.86 22.31 -16.90
C ALA G 234 42.50 21.37 -15.75
N VAL G 235 41.53 21.81 -14.94
CA VAL G 235 41.20 21.11 -13.70
C VAL G 235 39.85 20.39 -13.86
N GLY G 236 39.87 19.08 -13.70
CA GLY G 236 38.60 18.35 -13.61
C GLY G 236 37.78 18.49 -14.90
N THR G 237 38.48 18.43 -16.03
CA THR G 237 37.96 18.52 -17.37
C THR G 237 38.63 17.42 -18.20
N ASN G 238 37.80 16.81 -19.02
CA ASN G 238 38.23 15.86 -20.05
C ASN G 238 37.86 16.44 -21.40
N ALA G 239 38.43 17.64 -21.67
CA ALA G 239 38.02 18.50 -22.78
C ALA G 239 37.99 17.87 -24.17
N LEU G 240 38.90 16.95 -24.50
CA LEU G 240 38.81 16.28 -25.77
C LEU G 240 37.44 15.57 -25.98
N GLU G 241 36.90 14.99 -24.93
CA GLU G 241 35.65 14.25 -24.92
C GLU G 241 34.46 15.17 -24.62
N THR G 242 34.67 16.25 -23.82
CA THR G 242 33.55 17.02 -23.25
C THR G 242 33.47 18.47 -23.68
N GLN G 243 34.56 19.04 -24.23
CA GLN G 243 34.52 20.37 -24.82
C GLN G 243 35.30 20.29 -26.13
N THR G 244 34.93 19.30 -26.95
CA THR G 244 35.74 18.77 -28.02
C THR G 244 36.29 19.84 -28.96
N ASN G 245 35.41 20.67 -29.55
CA ASN G 245 35.93 21.54 -30.60
C ASN G 245 36.60 22.79 -30.04
N TYR G 246 36.39 23.11 -28.80
CA TYR G 246 37.17 24.12 -28.12
C TYR G 246 38.60 23.63 -27.95
N PHE G 247 38.71 22.41 -27.44
CA PHE G 247 40.02 21.77 -27.33
C PHE G 247 40.72 21.70 -28.69
N LEU G 248 40.04 21.19 -29.70
CA LEU G 248 40.69 20.88 -30.96
C LEU G 248 40.98 22.17 -31.72
N ASN G 249 40.07 23.14 -31.73
CA ASN G 249 40.25 24.32 -32.55
C ASN G 249 40.99 25.47 -31.83
N HIS G 250 41.20 25.42 -30.51
CA HIS G 250 41.83 26.50 -29.80
C HIS G 250 43.00 26.02 -28.92
N TRP G 251 42.84 24.92 -28.16
CA TRP G 251 43.90 24.48 -27.27
C TRP G 251 45.06 23.84 -28.07
N ILE G 252 44.71 22.88 -28.94
CA ILE G 252 45.68 22.14 -29.72
C ILE G 252 46.59 23.09 -30.52
N PRO G 253 46.09 24.12 -31.23
CA PRO G 253 46.93 25.12 -31.90
C PRO G 253 48.01 25.73 -31.00
N ASN G 254 47.65 25.98 -29.74
CA ASN G 254 48.60 26.51 -28.77
C ASN G 254 49.71 25.48 -28.53
N LEU G 255 49.31 24.26 -28.18
CA LEU G 255 50.26 23.22 -27.79
C LEU G 255 51.15 22.80 -28.99
N ARG G 256 50.64 22.89 -30.20
CA ARG G 256 51.37 22.51 -31.39
C ARG G 256 52.33 23.64 -31.81
N GLY G 257 52.22 24.83 -31.23
CA GLY G 257 53.00 25.98 -31.66
C GLY G 257 52.40 26.71 -32.87
N GLU G 258 51.21 26.32 -33.36
CA GLU G 258 50.64 26.97 -34.53
C GLU G 258 50.19 28.39 -34.21
N SER G 259 49.96 28.72 -32.91
CA SER G 259 49.47 30.04 -32.58
C SER G 259 50.62 31.00 -32.29
N LEU G 260 51.87 30.55 -32.37
CA LEU G 260 53.03 31.37 -32.01
C LEU G 260 53.06 32.68 -32.79
N GLY G 261 52.78 32.60 -34.10
CA GLY G 261 52.72 33.78 -34.95
C GLY G 261 51.72 34.80 -34.42
N LYS G 262 50.52 34.35 -34.10
CA LYS G 262 49.50 35.22 -33.51
C LYS G 262 49.97 35.78 -32.16
N LYS G 263 50.59 34.95 -31.34
CA LYS G 263 51.04 35.42 -30.02
C LYS G 263 52.03 36.60 -30.19
N LYS G 264 53.00 36.43 -31.10
CA LYS G 264 54.05 37.41 -31.35
C LYS G 264 53.48 38.68 -31.93
N GLU G 265 52.50 38.55 -32.80
CA GLU G 265 51.84 39.70 -33.40
C GLU G 265 51.03 40.48 -32.36
N LEU G 266 50.28 39.81 -31.48
CA LEU G 266 49.41 40.52 -30.56
C LEU G 266 50.19 41.01 -29.36
N MET G 267 51.27 40.33 -29.00
CA MET G 267 51.96 40.60 -27.74
C MET G 267 53.46 40.64 -28.04
N PRO G 268 53.94 41.61 -28.86
CA PRO G 268 55.34 41.65 -29.32
C PRO G 268 56.37 41.95 -28.23
N GLU G 269 55.97 42.46 -27.10
CA GLU G 269 56.97 42.94 -26.14
C GLU G 269 57.38 41.84 -25.16
N GLU G 270 57.13 40.54 -25.45
CA GLU G 270 57.43 39.53 -24.45
C GLU G 270 57.77 38.22 -25.13
N PRO G 271 58.46 37.31 -24.44
CA PRO G 271 58.72 35.99 -25.03
C PRO G 271 57.44 35.15 -25.12
N HIS G 272 57.44 34.19 -26.04
CA HIS G 272 56.38 33.22 -26.21
C HIS G 272 56.97 31.92 -26.70
N GLU G 273 56.52 30.79 -26.19
CA GLU G 273 56.85 29.47 -26.70
C GLU G 273 55.54 28.74 -26.94
N ALA G 274 55.62 27.50 -27.49
CA ALA G 274 54.43 26.65 -27.54
C ALA G 274 53.90 26.44 -26.10
N GLY G 275 52.57 26.35 -26.06
CA GLY G 275 51.83 26.21 -24.83
C GLY G 275 52.24 24.93 -24.12
N ARG G 276 52.21 25.06 -22.81
CA ARG G 276 52.30 23.94 -21.90
C ARG G 276 50.94 23.77 -21.22
N ILE G 277 50.70 22.59 -20.66
CA ILE G 277 49.40 22.32 -20.03
C ILE G 277 49.62 21.47 -18.78
N ILE G 278 48.98 21.89 -17.68
CA ILE G 278 48.86 21.14 -16.46
C ILE G 278 47.41 20.58 -16.46
N ILE G 279 47.27 19.27 -16.27
CA ILE G 279 45.98 18.60 -16.22
C ILE G 279 45.82 18.03 -14.83
N VAL G 280 44.85 18.55 -14.08
CA VAL G 280 44.59 18.05 -12.74
C VAL G 280 43.37 17.14 -12.83
N ASP G 281 43.62 15.83 -12.82
CA ASP G 281 42.58 14.81 -12.95
C ASP G 281 43.13 13.52 -12.35
N PRO G 282 42.44 12.84 -11.42
CA PRO G 282 42.97 11.57 -10.90
C PRO G 282 43.17 10.53 -11.97
N ARG G 283 42.40 10.65 -13.07
CA ARG G 283 42.42 9.69 -14.15
C ARG G 283 43.20 10.23 -15.36
N ARG G 284 43.98 9.35 -15.98
CA ARG G 284 44.59 9.63 -17.28
C ARG G 284 43.57 9.39 -18.38
N THR G 285 43.19 10.47 -19.03
CA THR G 285 42.14 10.50 -20.00
C THR G 285 42.73 10.60 -21.41
N VAL G 286 41.87 10.41 -22.42
CA VAL G 286 42.31 10.60 -23.79
C VAL G 286 42.77 12.04 -23.97
N THR G 287 42.26 12.99 -23.16
CA THR G 287 42.72 14.38 -23.23
C THR G 287 44.22 14.45 -22.89
N VAL G 288 44.60 13.82 -21.79
CA VAL G 288 46.00 13.75 -21.39
C VAL G 288 46.84 13.18 -22.54
N ASN G 289 46.41 12.04 -23.08
CA ASN G 289 47.11 11.36 -24.15
C ASN G 289 47.26 12.31 -25.35
N ALA G 290 46.18 13.00 -25.76
CA ALA G 290 46.22 13.87 -26.95
C ALA G 290 47.18 15.05 -26.73
N CYS G 291 47.23 15.56 -25.49
CA CYS G 291 48.15 16.64 -25.16
C CYS G 291 49.59 16.16 -25.32
N GLU G 292 49.90 14.97 -24.80
CA GLU G 292 51.23 14.43 -24.89
C GLU G 292 51.66 14.23 -26.33
N GLN G 293 50.74 13.72 -27.15
CA GLN G 293 51.04 13.48 -28.54
C GLN G 293 51.21 14.78 -29.30
N THR G 294 50.61 15.88 -28.85
CA THR G 294 50.65 17.11 -29.60
C THR G 294 51.85 17.95 -29.16
N ALA G 295 52.00 18.11 -27.84
CA ALA G 295 52.94 19.06 -27.29
C ALA G 295 54.26 18.39 -26.96
N GLY G 296 54.27 17.06 -26.87
CA GLY G 296 55.37 16.32 -26.25
C GLY G 296 55.21 16.21 -24.75
N ALA G 297 55.72 15.11 -24.18
CA ALA G 297 55.46 14.79 -22.78
C ALA G 297 56.13 15.79 -21.84
N ASP G 298 57.19 16.45 -22.31
CA ASP G 298 57.84 17.46 -21.51
C ASP G 298 56.99 18.71 -21.31
N ASN G 299 56.02 18.94 -22.21
CA ASN G 299 55.16 20.11 -22.09
C ASN G 299 53.77 19.81 -21.50
N VAL G 300 53.62 18.62 -20.89
CA VAL G 300 52.39 18.21 -20.26
C VAL G 300 52.69 17.78 -18.85
N LEU G 301 52.03 18.39 -17.88
CA LEU G 301 52.13 17.94 -16.51
C LEU G 301 50.78 17.41 -16.05
N HIS G 302 50.65 16.07 -16.02
CA HIS G 302 49.45 15.40 -15.55
C HIS G 302 49.62 15.18 -14.07
N LEU G 303 48.93 15.99 -13.27
CA LEU G 303 48.89 15.80 -11.83
C LEU G 303 47.74 14.85 -11.50
N ALA G 304 48.07 13.56 -11.36
CA ALA G 304 47.08 12.51 -11.08
C ALA G 304 46.80 12.46 -9.56
N ILE G 305 46.12 13.50 -9.09
CA ILE G 305 45.82 13.65 -7.68
C ILE G 305 44.93 12.52 -7.18
N ASN G 306 45.01 12.29 -5.86
CA ASN G 306 44.03 11.51 -5.17
C ASN G 306 42.70 12.23 -5.32
N SER G 307 41.64 11.45 -5.57
CA SER G 307 40.30 11.96 -5.73
C SER G 307 39.95 12.90 -4.61
N GLY G 308 39.44 14.09 -4.98
CA GLY G 308 38.92 15.05 -4.04
C GLY G 308 39.99 15.87 -3.28
N THR G 309 41.23 15.89 -3.79
CA THR G 309 42.32 16.62 -3.06
C THR G 309 42.79 17.90 -3.77
N ASP G 310 42.07 18.34 -4.81
CA ASP G 310 42.41 19.55 -5.53
C ASP G 310 42.66 20.76 -4.59
N LEU G 311 41.82 20.98 -3.57
CA LEU G 311 41.97 22.12 -2.69
C LEU G 311 43.37 22.14 -2.05
N ALA G 312 43.90 21.01 -1.62
CA ALA G 312 45.21 20.91 -1.01
C ALA G 312 46.28 21.32 -2.02
N LEU G 313 46.15 20.82 -3.24
CA LEU G 313 47.07 21.22 -4.30
C LEU G 313 47.03 22.74 -4.49
N PHE G 314 45.85 23.33 -4.68
CA PHE G 314 45.77 24.73 -5.02
C PHE G 314 46.30 25.61 -3.89
N ASN G 315 46.02 25.24 -2.64
CA ASN G 315 46.51 25.97 -1.52
C ASN G 315 48.04 25.95 -1.49
N ALA G 316 48.66 24.79 -1.75
CA ALA G 316 50.12 24.70 -1.77
C ALA G 316 50.70 25.54 -2.92
N LEU G 317 50.03 25.56 -4.09
CA LEU G 317 50.48 26.37 -5.21
C LEU G 317 50.42 27.84 -4.84
N PHE G 318 49.31 28.28 -4.28
CA PHE G 318 49.12 29.67 -3.93
C PHE G 318 50.19 30.10 -2.91
N THR G 319 50.38 29.26 -1.87
CA THR G 319 51.40 29.51 -0.86
C THR G 319 52.79 29.70 -1.50
N TYR G 320 53.20 28.78 -2.36
CA TYR G 320 54.51 28.78 -2.98
C TYR G 320 54.69 29.99 -3.87
N ILE G 321 53.69 30.28 -4.70
CA ILE G 321 53.73 31.42 -5.60
C ILE G 321 53.82 32.74 -4.80
N ALA G 322 53.00 32.86 -3.77
CA ALA G 322 52.98 34.04 -2.94
C ALA G 322 54.33 34.20 -2.23
N ASP G 323 54.88 33.12 -1.67
CA ASP G 323 56.16 33.18 -0.98
C ASP G 323 57.30 33.56 -1.92
N LYS G 324 57.25 33.19 -3.19
CA LYS G 324 58.24 33.59 -4.16
C LYS G 324 58.06 35.02 -4.65
N GLY G 325 56.92 35.63 -4.39
CA GLY G 325 56.60 36.95 -4.96
C GLY G 325 56.27 36.88 -6.46
N TRP G 326 55.84 35.71 -6.93
CA TRP G 326 55.48 35.58 -8.34
C TRP G 326 54.03 36.01 -8.59
N VAL G 327 53.72 37.24 -8.16
CA VAL G 327 52.36 37.74 -8.17
C VAL G 327 52.33 39.08 -8.86
N ASP G 328 51.15 39.52 -9.27
CA ASP G 328 50.93 40.75 -9.96
C ASP G 328 50.53 41.79 -8.91
N ARG G 329 51.56 42.46 -8.36
CA ARG G 329 51.42 43.38 -7.25
C ARG G 329 50.49 44.54 -7.60
N ASP G 330 50.60 45.07 -8.82
CA ASP G 330 49.75 46.20 -9.18
C ASP G 330 48.27 45.78 -9.25
N PHE G 331 48.00 44.59 -9.82
CA PHE G 331 46.62 44.09 -9.93
C PHE G 331 46.04 43.92 -8.53
N ILE G 332 46.82 43.27 -7.66
CA ILE G 332 46.37 43.05 -6.29
C ILE G 332 46.04 44.39 -5.63
N ASP G 333 46.93 45.39 -5.81
CA ASP G 333 46.76 46.64 -5.08
C ASP G 333 45.60 47.43 -5.63
N LYS G 334 45.38 47.41 -6.94
CA LYS G 334 44.32 48.23 -7.51
C LYS G 334 42.96 47.57 -7.57
N SER G 335 42.90 46.25 -7.70
CA SER G 335 41.62 45.62 -8.09
C SER G 335 41.11 44.58 -7.10
N THR G 336 41.80 44.38 -5.96
CA THR G 336 41.38 43.44 -4.94
C THR G 336 41.27 44.09 -3.57
N LEU G 337 40.48 43.44 -2.73
CA LEU G 337 40.15 43.94 -1.41
C LEU G 337 41.40 44.04 -0.56
N ARG G 338 41.64 45.24 0.01
CA ARG G 338 42.88 45.46 0.75
C ARG G 338 42.73 45.36 2.26
N GLU G 339 41.55 45.65 2.80
CA GLU G 339 41.34 45.60 4.25
C GLU G 339 41.29 44.17 4.80
N GLY G 340 41.88 43.89 5.97
CA GLY G 340 41.68 42.61 6.65
C GLY G 340 40.21 42.42 7.06
N THR G 341 39.75 41.18 7.19
CA THR G 341 38.48 40.88 7.85
C THR G 341 38.76 39.70 8.77
N ALA G 342 38.14 39.65 9.94
CA ALA G 342 38.43 38.60 10.89
C ALA G 342 37.76 37.28 10.47
N ARG G 343 38.42 36.18 10.73
CA ARG G 343 37.89 34.86 10.52
C ARG G 343 36.64 34.66 11.36
N PRO G 344 35.66 33.89 10.85
CA PRO G 344 34.48 33.66 11.67
C PRO G 344 34.79 32.69 12.81
N PRO G 345 33.94 32.65 13.84
CA PRO G 345 34.26 31.91 15.05
C PRO G 345 34.46 30.43 14.85
N LEU G 346 33.79 29.80 13.86
CA LEU G 346 33.94 28.35 13.71
C LEU G 346 35.03 27.98 12.73
N TYR G 347 35.73 28.98 12.19
CA TYR G 347 36.81 28.72 11.25
C TYR G 347 37.92 27.99 11.99
N PRO G 348 38.75 27.15 11.36
CA PRO G 348 38.61 26.78 9.95
C PRO G 348 37.63 25.69 9.52
N ALA G 349 37.09 24.92 10.47
CA ALA G 349 36.25 23.78 10.12
C ALA G 349 34.96 24.23 9.40
N ARG G 350 34.36 25.36 9.80
CA ARG G 350 33.08 25.81 9.30
C ARG G 350 33.11 27.31 9.07
N GLY G 351 32.38 27.79 8.08
CA GLY G 351 32.18 29.20 7.84
C GLY G 351 31.26 29.82 8.87
N VAL G 352 30.96 31.08 8.58
CA VAL G 352 30.11 31.85 9.41
C VAL G 352 28.72 31.23 9.48
N SER G 353 28.24 30.67 8.36
CA SER G 353 26.96 29.95 8.32
C SER G 353 27.00 28.99 7.16
N GLU G 354 25.93 28.19 6.97
CA GLU G 354 25.88 27.27 5.85
C GLU G 354 25.89 28.05 4.53
N ALA G 355 25.36 29.29 4.55
CA ALA G 355 25.33 30.15 3.38
C ALA G 355 26.74 30.51 2.89
N ASN G 356 27.75 30.47 3.80
CA ASN G 356 29.07 31.02 3.47
C ASN G 356 30.15 30.06 3.95
N PRO G 357 30.48 29.02 3.17
CA PRO G 357 31.43 28.00 3.61
C PRO G 357 32.90 28.45 3.74
N GLY G 358 33.22 29.57 3.11
CA GLY G 358 34.57 30.08 3.04
C GLY G 358 34.57 31.55 3.51
N HIS G 359 35.76 32.06 3.75
CA HIS G 359 35.93 33.42 4.26
C HIS G 359 36.63 34.27 3.19
N LEU G 360 35.93 35.30 2.74
CA LEU G 360 36.44 36.20 1.74
C LEU G 360 37.33 37.25 2.42
N SER G 361 38.49 37.52 1.81
CA SER G 361 39.44 38.42 2.44
C SER G 361 40.40 39.00 1.41
N SER G 362 41.41 39.69 1.97
CA SER G 362 42.53 40.23 1.21
C SER G 362 43.47 39.11 0.81
N PHE G 363 44.36 39.43 -0.15
CA PHE G 363 45.44 38.58 -0.55
C PHE G 363 46.22 38.04 0.63
N GLU G 364 46.71 38.96 1.47
CA GLU G 364 47.64 38.59 2.54
C GLU G 364 46.97 37.63 3.53
N ASP G 365 45.71 37.91 3.86
CA ASP G 365 44.98 37.10 4.82
C ASP G 365 44.63 35.73 4.20
N ALA G 366 44.35 35.70 2.90
CA ALA G 366 44.08 34.44 2.22
C ALA G 366 45.31 33.56 2.16
N VAL G 367 46.47 34.16 1.84
CA VAL G 367 47.68 33.37 1.81
C VAL G 367 47.92 32.70 3.16
N GLU G 368 47.80 33.50 4.22
CA GLU G 368 48.06 32.98 5.55
C GLU G 368 47.04 31.90 5.94
N GLY G 369 45.77 32.08 5.55
CA GLY G 369 44.70 31.12 5.84
C GLY G 369 44.84 29.82 5.05
N CYS G 370 45.20 29.93 3.75
CA CYS G 370 45.34 28.80 2.85
C CYS G 370 46.65 28.06 3.07
N ARG G 371 47.57 28.65 3.85
CA ARG G 371 48.97 28.26 3.81
C ARG G 371 49.11 26.76 3.97
N MET G 372 49.85 26.14 3.06
CA MET G 372 50.11 24.72 3.11
C MET G 372 51.46 24.49 2.45
N SER G 373 52.29 23.68 3.13
CA SER G 373 53.61 23.32 2.62
C SER G 373 53.49 22.41 1.41
N ILE G 374 54.53 22.39 0.59
CA ILE G 374 54.66 21.42 -0.48
C ILE G 374 54.54 19.98 0.04
N GLU G 375 55.23 19.69 1.14
CA GLU G 375 55.29 18.34 1.69
C GLU G 375 53.90 17.91 2.20
N GLU G 376 53.19 18.81 2.88
CA GLU G 376 51.87 18.49 3.39
C GLU G 376 50.91 18.20 2.21
N ALA G 377 50.98 19.03 1.15
CA ALA G 377 50.13 18.82 -0.03
C ALA G 377 50.51 17.55 -0.79
N ALA G 378 51.80 17.22 -0.79
CA ALA G 378 52.25 16.00 -1.44
C ALA G 378 51.66 14.78 -0.72
N GLU G 379 51.61 14.83 0.61
CA GLU G 379 51.07 13.76 1.41
C GLU G 379 49.56 13.61 1.10
N ILE G 380 48.79 14.70 1.09
CA ILE G 380 47.36 14.65 0.88
C ILE G 380 47.01 14.22 -0.54
N THR G 381 47.68 14.80 -1.54
CA THR G 381 47.34 14.62 -2.94
C THR G 381 47.94 13.35 -3.52
N GLY G 382 48.97 12.79 -2.87
CA GLY G 382 49.76 11.69 -3.41
C GLY G 382 50.75 12.12 -4.48
N LEU G 383 50.81 13.41 -4.82
CA LEU G 383 51.78 13.84 -5.82
C LEU G 383 53.19 13.85 -5.21
N ASP G 384 54.21 13.88 -6.08
CA ASP G 384 55.57 14.19 -5.66
C ASP G 384 55.69 15.69 -5.40
N ALA G 385 56.46 16.05 -4.38
CA ALA G 385 56.84 17.43 -4.14
C ALA G 385 57.32 18.11 -5.42
N ALA G 386 58.17 17.41 -6.20
CA ALA G 386 58.73 18.01 -7.40
C ALA G 386 57.65 18.35 -8.42
N GLN G 387 56.57 17.53 -8.50
CA GLN G 387 55.52 17.84 -9.46
C GLN G 387 54.79 19.14 -9.07
N ILE G 388 54.56 19.34 -7.77
CA ILE G 388 53.88 20.52 -7.29
C ILE G 388 54.73 21.77 -7.53
N ILE G 389 56.01 21.69 -7.21
CA ILE G 389 56.93 22.81 -7.46
C ILE G 389 57.00 23.14 -8.94
N LYS G 390 57.09 22.12 -9.81
CA LYS G 390 57.12 22.39 -11.23
C LYS G 390 55.82 23.11 -11.65
N ALA G 391 54.67 22.69 -11.09
CA ALA G 391 53.42 23.30 -11.48
C ALA G 391 53.44 24.78 -11.10
N ALA G 392 53.92 25.07 -9.87
CA ALA G 392 53.99 26.47 -9.42
C ALA G 392 54.84 27.31 -10.38
N GLU G 393 55.94 26.71 -10.88
CA GLU G 393 56.81 27.41 -11.83
C GLU G 393 56.12 27.63 -13.16
N TRP G 394 55.34 26.65 -13.63
CA TRP G 394 54.65 26.77 -14.91
C TRP G 394 53.50 27.77 -14.84
N ILE G 395 53.03 28.06 -13.62
CA ILE G 395 51.96 29.02 -13.44
C ILE G 395 52.53 30.42 -13.14
N GLY G 396 53.46 30.51 -12.19
CA GLY G 396 53.80 31.81 -11.57
C GLY G 396 55.14 32.45 -12.01
N MET G 397 56.12 31.62 -12.40
CA MET G 397 57.46 32.10 -12.65
C MET G 397 57.48 33.07 -13.82
N PRO G 398 58.04 34.30 -13.64
CA PRO G 398 58.17 35.29 -14.70
C PRO G 398 58.95 34.73 -15.86
N LYS G 399 58.57 35.12 -17.07
CA LYS G 399 59.27 34.71 -18.28
C LYS G 399 60.55 35.58 -18.38
N GLU G 400 61.46 35.23 -19.31
CA GLU G 400 62.65 36.00 -19.64
C GLU G 400 62.35 37.50 -19.72
N GLY G 401 63.21 38.25 -19.03
CA GLY G 401 63.02 39.68 -18.98
C GLY G 401 61.97 40.11 -17.96
N GLY G 402 61.48 39.19 -17.09
CA GLY G 402 60.62 39.60 -15.98
C GLY G 402 59.14 39.79 -16.34
N LYS G 403 58.70 39.36 -17.52
CA LYS G 403 57.31 39.52 -17.93
C LYS G 403 56.40 38.45 -17.27
N ARG G 404 55.20 38.87 -16.93
CA ARG G 404 54.22 38.01 -16.27
C ARG G 404 53.86 36.81 -17.17
N ARG G 405 53.84 35.61 -16.61
CA ARG G 405 53.35 34.45 -17.36
C ARG G 405 51.82 34.46 -17.44
N ARG G 406 51.35 34.26 -18.66
CA ARG G 406 49.93 34.27 -18.99
C ARG G 406 49.39 32.83 -18.90
N VAL G 407 48.38 32.67 -18.05
CA VAL G 407 47.86 31.36 -17.66
C VAL G 407 46.34 31.40 -17.77
N MET G 408 45.77 30.49 -18.58
CA MET G 408 44.33 30.27 -18.59
C MET G 408 44.00 29.11 -17.65
N PHE G 409 43.19 29.40 -16.63
CA PHE G 409 42.73 28.39 -15.70
C PHE G 409 41.31 27.98 -16.09
N GLY G 410 41.15 26.70 -16.51
CA GLY G 410 39.82 26.19 -16.83
C GLY G 410 39.45 25.01 -15.98
N TYR G 411 38.18 24.98 -15.51
CA TYR G 411 37.77 23.91 -14.63
C TYR G 411 36.36 23.45 -15.03
N GLU G 412 36.05 22.17 -14.79
CA GLU G 412 34.68 21.72 -14.98
C GLU G 412 34.31 20.79 -13.82
N LYS G 413 33.60 19.70 -14.11
CA LYS G 413 32.82 19.01 -13.10
C LYS G 413 33.69 18.16 -12.15
N GLY G 414 34.91 17.83 -12.55
CA GLY G 414 35.82 17.23 -11.60
C GLY G 414 36.10 18.11 -10.40
N LEU G 415 36.05 19.44 -10.61
CA LEU G 415 36.07 20.35 -9.47
C LEU G 415 34.66 20.62 -8.94
N ILE G 416 33.73 21.02 -9.82
CA ILE G 416 32.42 21.43 -9.34
C ILE G 416 31.63 20.36 -8.59
N TRP G 417 31.69 19.11 -9.09
CA TRP G 417 31.07 17.98 -8.38
C TRP G 417 32.09 17.25 -7.51
N GLY G 418 33.26 17.90 -7.33
CA GLY G 418 34.32 17.39 -6.48
C GLY G 418 34.24 17.93 -5.08
N ASN G 419 35.24 17.59 -4.28
CA ASN G 419 35.24 17.87 -2.86
C ASN G 419 35.29 19.35 -2.54
N ASP G 420 34.42 19.75 -1.65
CA ASP G 420 34.39 21.07 -1.04
C ASP G 420 34.34 22.13 -2.14
N ASN G 421 33.24 22.08 -2.90
CA ASN G 421 33.03 22.91 -4.06
C ASN G 421 33.43 24.38 -3.75
N TYR G 422 32.87 24.95 -2.69
CA TYR G 422 33.01 26.38 -2.47
C TYR G 422 34.48 26.77 -2.27
N ARG G 423 35.19 26.03 -1.42
CA ARG G 423 36.54 26.32 -1.08
C ARG G 423 37.51 25.98 -2.20
N THR G 424 37.25 24.86 -2.91
CA THR G 424 38.09 24.44 -4.02
C THR G 424 38.01 25.46 -5.15
N ASN G 425 36.81 25.91 -5.41
CA ASN G 425 36.58 26.89 -6.45
C ASN G 425 37.34 28.20 -6.09
N GLY G 426 37.21 28.63 -4.85
CA GLY G 426 37.89 29.86 -4.37
C GLY G 426 39.40 29.72 -4.46
N ALA G 427 39.92 28.53 -4.09
CA ALA G 427 41.35 28.30 -4.08
C ALA G 427 41.95 28.37 -5.47
N LEU G 428 41.19 27.98 -6.49
CA LEU G 428 41.65 28.08 -7.86
C LEU G 428 41.61 29.55 -8.30
N VAL G 429 40.53 30.22 -7.99
CA VAL G 429 40.43 31.63 -8.35
C VAL G 429 41.54 32.46 -7.70
N ASN G 430 41.97 32.12 -6.49
CA ASN G 430 43.06 32.78 -5.81
C ASN G 430 44.29 32.80 -6.70
N LEU G 431 44.59 31.68 -7.38
CA LEU G 431 45.75 31.59 -8.25
C LEU G 431 45.65 32.56 -9.42
N ALA G 432 44.47 32.64 -10.02
CA ALA G 432 44.28 33.53 -11.14
C ALA G 432 44.37 35.01 -10.73
N LEU G 433 43.73 35.37 -9.61
CA LEU G 433 43.77 36.71 -9.05
C LEU G 433 45.22 37.10 -8.71
N ALA G 434 45.93 36.24 -8.00
CA ALA G 434 47.28 36.53 -7.58
C ALA G 434 48.19 36.78 -8.77
N THR G 435 47.99 36.10 -9.91
CA THR G 435 48.90 36.16 -11.04
C THR G 435 48.42 37.15 -12.10
N GLY G 436 47.35 37.89 -11.79
CA GLY G 436 46.76 38.87 -12.67
C GLY G 436 46.21 38.29 -13.96
N ASN G 437 45.74 37.03 -13.90
CA ASN G 437 45.29 36.35 -15.09
C ASN G 437 43.77 36.43 -15.25
N ILE G 438 43.19 37.58 -15.01
CA ILE G 438 41.77 37.76 -15.23
C ILE G 438 41.60 39.07 -15.99
N GLY G 439 40.88 39.04 -17.11
CA GLY G 439 40.52 40.22 -17.87
C GLY G 439 41.59 40.61 -18.88
N ARG G 440 42.56 39.69 -19.10
CA ARG G 440 43.69 39.94 -19.96
C ARG G 440 43.90 38.82 -20.95
N PRO G 441 44.55 39.11 -22.08
CA PRO G 441 44.85 38.11 -23.11
C PRO G 441 45.63 36.96 -22.54
N GLY G 442 45.23 35.75 -22.97
CA GLY G 442 45.94 34.54 -22.55
C GLY G 442 45.58 34.13 -21.13
N GLY G 443 44.61 34.79 -20.49
CA GLY G 443 44.22 34.49 -19.12
C GLY G 443 42.81 33.92 -19.02
N GLY G 444 42.25 34.10 -17.83
CA GLY G 444 40.91 33.68 -17.43
C GLY G 444 40.97 32.63 -16.33
N VAL G 445 39.90 32.59 -15.54
CA VAL G 445 39.65 31.49 -14.61
C VAL G 445 38.16 31.17 -14.77
N VAL G 446 37.91 30.13 -15.55
CA VAL G 446 36.59 29.94 -16.17
C VAL G 446 36.13 28.48 -16.03
N ARG G 447 34.81 28.31 -15.87
CA ARG G 447 34.16 27.06 -16.25
C ARG G 447 34.39 26.82 -17.72
N LEU G 448 34.68 25.55 -18.05
CA LEU G 448 34.76 25.11 -19.44
C LEU G 448 33.38 24.70 -19.97
N GLY G 449 32.46 24.39 -19.04
CA GLY G 449 31.04 24.41 -19.28
C GLY G 449 30.52 23.02 -19.61
N GLY G 450 29.19 22.91 -19.61
CA GLY G 450 28.46 21.72 -19.90
C GLY G 450 27.57 21.93 -21.11
N HIS G 451 26.33 22.37 -20.81
CA HIS G 451 25.43 22.82 -21.83
C HIS G 451 25.86 24.24 -22.20
N GLN G 452 25.33 24.73 -23.32
CA GLN G 452 25.30 26.17 -23.54
C GLN G 452 24.48 26.85 -22.45
N GLU G 453 24.56 28.19 -22.40
CA GLU G 453 23.91 28.98 -21.38
C GLU G 453 22.80 29.80 -22.05
N GLY G 454 21.71 30.01 -21.32
CA GLY G 454 20.59 30.71 -21.84
C GLY G 454 19.62 31.03 -20.75
N TYR G 455 20.13 31.65 -19.67
CA TYR G 455 19.31 31.89 -18.50
C TYR G 455 18.83 33.33 -18.47
N VAL G 456 17.51 33.50 -18.42
CA VAL G 456 16.95 34.76 -17.98
C VAL G 456 15.65 34.45 -17.28
N ARG G 457 15.57 34.85 -16.02
CA ARG G 457 14.41 34.56 -15.20
C ARG G 457 14.14 35.71 -14.25
N PRO G 458 12.93 35.83 -13.70
CA PRO G 458 12.67 36.77 -12.61
C PRO G 458 13.51 36.41 -11.40
N SER G 459 13.59 37.37 -10.48
CA SER G 459 14.29 37.20 -9.22
C SER G 459 13.95 35.86 -8.55
N ASP G 460 14.98 35.21 -8.00
CA ASP G 460 14.84 33.98 -7.23
C ASP G 460 15.13 34.25 -5.75
N ALA G 461 14.99 35.49 -5.30
CA ALA G 461 15.36 35.82 -3.93
C ALA G 461 14.57 34.99 -2.92
N HIS G 462 13.33 34.62 -3.20
CA HIS G 462 12.49 33.88 -2.25
C HIS G 462 13.01 32.46 -2.04
N VAL G 463 13.95 31.96 -2.85
CA VAL G 463 14.34 30.54 -2.75
C VAL G 463 15.27 30.32 -1.57
N GLY G 464 15.99 31.37 -1.13
CA GLY G 464 16.91 31.26 -0.05
C GLY G 464 18.31 30.82 -0.49
N ARG G 465 19.22 30.92 0.48
CA ARG G 465 20.58 30.40 0.37
C ARG G 465 21.00 30.00 1.74
N PRO G 466 21.25 28.71 2.02
CA PRO G 466 21.03 27.57 1.11
C PRO G 466 19.55 27.41 0.75
N ALA G 467 19.32 26.88 -0.44
CA ALA G 467 17.97 26.62 -0.92
C ALA G 467 17.58 25.21 -0.49
N ALA G 468 16.29 24.87 -0.63
CA ALA G 468 15.74 23.58 -0.26
C ALA G 468 16.36 22.41 -1.04
N TYR G 469 16.68 21.34 -0.30
CA TYR G 469 17.16 20.11 -0.93
C TYR G 469 15.91 19.33 -1.37
N VAL G 470 15.53 19.56 -2.63
CA VAL G 470 14.27 19.04 -3.12
C VAL G 470 14.19 17.52 -3.09
N ASP G 471 15.23 16.82 -3.53
CA ASP G 471 15.18 15.36 -3.51
C ASP G 471 14.88 14.82 -2.13
N GLN G 472 15.44 15.46 -1.09
CA GLN G 472 15.22 15.08 0.29
C GLN G 472 13.79 15.33 0.72
N LEU G 473 13.20 16.43 0.25
CA LEU G 473 11.79 16.64 0.51
C LEU G 473 10.98 15.46 -0.07
N LEU G 474 11.23 15.13 -1.36
CA LEU G 474 10.44 14.13 -2.04
C LEU G 474 10.60 12.78 -1.35
N ILE G 475 11.85 12.41 -1.07
CA ILE G 475 12.18 11.16 -0.43
C ILE G 475 11.53 11.09 0.93
N GLY G 476 11.47 12.23 1.64
CA GLY G 476 10.88 12.32 2.96
C GLY G 476 9.37 12.41 2.96
N GLY G 477 8.72 12.33 1.79
CA GLY G 477 7.26 12.29 1.74
C GLY G 477 6.59 13.65 1.66
N GLN G 478 7.32 14.74 1.35
CA GLN G 478 6.73 16.07 1.29
C GLN G 478 6.50 16.46 -0.16
N GLY G 479 5.70 17.51 -0.32
CA GLY G 479 5.25 17.99 -1.62
C GLY G 479 4.05 17.24 -2.10
N GLY G 480 3.22 17.90 -2.92
CA GLY G 480 2.00 17.28 -3.40
C GLY G 480 1.96 17.13 -4.91
N VAL G 481 2.47 18.13 -5.63
CA VAL G 481 2.49 18.13 -7.08
C VAL G 481 3.92 18.41 -7.54
N HIS G 482 4.40 17.68 -8.56
CA HIS G 482 5.72 17.84 -9.13
C HIS G 482 5.59 18.12 -10.62
N HIS G 483 6.13 19.27 -11.08
CA HIS G 483 6.27 19.59 -12.48
C HIS G 483 7.75 19.42 -12.84
N ILE G 484 7.99 18.56 -13.81
CA ILE G 484 9.31 18.19 -14.27
C ILE G 484 9.48 18.66 -15.70
N TRP G 485 10.50 19.51 -15.92
CA TRP G 485 10.78 20.04 -17.25
C TRP G 485 12.18 19.68 -17.69
N GLY G 486 12.29 18.84 -18.72
CA GLY G 486 13.53 18.58 -19.41
C GLY G 486 14.68 18.11 -18.54
N CYS G 487 14.41 17.18 -17.64
CA CYS G 487 15.45 16.50 -16.90
C CYS G 487 14.92 15.13 -16.42
N ASP G 488 15.83 14.23 -16.12
CA ASP G 488 15.42 12.84 -15.80
C ASP G 488 16.17 12.31 -14.60
N HIS G 489 15.67 12.63 -13.41
CA HIS G 489 16.38 12.30 -12.16
C HIS G 489 16.61 10.78 -12.03
N TYR G 490 15.76 9.95 -12.65
CA TYR G 490 15.92 8.50 -12.57
C TYR G 490 17.27 8.07 -13.10
N LYS G 491 17.84 8.83 -14.06
CA LYS G 491 19.11 8.50 -14.63
C LYS G 491 20.24 9.38 -14.08
N THR G 492 19.96 10.58 -13.56
CA THR G 492 20.99 11.57 -13.36
C THR G 492 21.06 12.21 -11.98
N THR G 493 20.14 11.96 -11.04
CA THR G 493 20.27 12.55 -9.71
C THR G 493 21.27 11.75 -8.84
N LEU G 494 21.63 12.34 -7.73
CA LEU G 494 22.40 11.65 -6.67
C LEU G 494 21.45 10.78 -5.87
N ASN G 495 22.01 9.77 -5.21
CA ASN G 495 21.22 8.89 -4.36
C ASN G 495 19.99 8.36 -5.14
N ALA G 496 20.24 7.97 -6.37
CA ALA G 496 19.16 7.73 -7.36
C ALA G 496 18.37 6.45 -7.07
N HIS G 497 18.98 5.49 -6.33
CA HIS G 497 18.32 4.22 -6.03
C HIS G 497 17.17 4.41 -5.07
N GLU G 498 17.50 5.10 -3.96
CA GLU G 498 16.47 5.46 -3.03
C GLU G 498 15.48 6.41 -3.66
N PHE G 499 15.98 7.38 -4.44
CA PHE G 499 15.03 8.33 -5.08
C PHE G 499 13.94 7.55 -5.86
N LYS G 500 14.36 6.60 -6.70
CA LYS G 500 13.43 5.84 -7.53
C LYS G 500 12.47 4.99 -6.70
N ARG G 501 12.96 4.38 -5.63
N ARG G 501 12.98 4.39 -5.62
CA ARG G 501 12.12 3.56 -4.76
CA ARG G 501 12.19 3.55 -4.73
C ARG G 501 10.96 4.37 -4.19
C ARG G 501 11.01 4.34 -4.15
N VAL G 502 11.27 5.55 -3.65
CA VAL G 502 10.23 6.34 -3.05
C VAL G 502 9.35 6.99 -4.10
N TYR G 503 9.94 7.47 -5.18
CA TYR G 503 9.20 8.20 -6.20
C TYR G 503 8.13 7.27 -6.79
N LYS G 504 8.54 6.03 -7.09
CA LYS G 504 7.60 5.04 -7.58
C LYS G 504 6.43 4.83 -6.62
N LYS G 505 6.71 4.62 -5.33
CA LYS G 505 5.64 4.32 -4.40
C LYS G 505 4.68 5.51 -4.29
N ARG G 506 5.22 6.73 -4.18
CA ARG G 506 4.37 7.88 -4.04
C ARG G 506 3.50 8.14 -5.27
N THR G 507 4.08 8.03 -6.47
CA THR G 507 3.28 8.21 -7.68
C THR G 507 2.29 7.05 -7.89
N ASP G 508 2.67 5.83 -7.49
CA ASP G 508 1.74 4.70 -7.57
C ASP G 508 0.47 4.97 -6.78
N MET G 509 0.56 5.67 -5.63
CA MET G 509 -0.61 5.95 -4.82
C MET G 509 -1.62 6.76 -5.65
N VAL G 510 -1.12 7.71 -6.40
CA VAL G 510 -1.98 8.57 -7.23
C VAL G 510 -2.44 7.81 -8.49
N LYS G 511 -1.60 6.96 -9.05
CA LYS G 511 -2.00 6.09 -10.17
C LYS G 511 -3.17 5.20 -9.79
N ASP G 512 -3.13 4.62 -8.57
CA ASP G 512 -4.11 3.67 -8.11
C ASP G 512 -5.44 4.39 -7.86
N ALA G 513 -5.40 5.65 -7.38
CA ALA G 513 -6.58 6.48 -7.20
C ALA G 513 -7.20 6.85 -8.58
N MET G 514 -6.37 7.22 -9.53
CA MET G 514 -6.84 7.66 -10.82
C MET G 514 -7.47 6.48 -11.60
N SER G 515 -6.91 5.28 -11.45
CA SER G 515 -7.42 4.10 -12.15
C SER G 515 -8.80 3.73 -11.63
N ALA G 516 -9.10 4.09 -10.39
CA ALA G 516 -10.33 3.70 -9.75
C ALA G 516 -11.41 4.74 -9.80
N ALA G 517 -11.12 5.91 -10.32
CA ALA G 517 -12.05 7.04 -10.31
C ALA G 517 -12.54 7.20 -11.74
N PRO G 518 -13.70 7.88 -11.92
CA PRO G 518 -14.23 8.10 -13.26
C PRO G 518 -13.58 9.32 -13.93
N TYR G 519 -13.02 9.17 -15.12
CA TYR G 519 -12.31 10.29 -15.73
C TYR G 519 -13.28 11.35 -16.26
N GLY G 520 -14.34 10.90 -16.92
CA GLY G 520 -15.24 11.84 -17.56
C GLY G 520 -16.03 12.66 -16.53
N ASP G 521 -16.03 12.30 -15.22
CA ASP G 521 -16.43 13.22 -14.14
C ASP G 521 -15.18 13.85 -13.53
N ARG G 522 -14.77 14.97 -14.10
N ARG G 522 -14.81 15.01 -14.06
CA ARG G 522 -13.42 15.48 -13.90
CA ARG G 522 -13.45 15.49 -13.91
C ARG G 522 -13.27 15.92 -12.44
C ARG G 522 -13.24 16.00 -12.47
N GLU G 523 -14.33 16.45 -11.85
CA GLU G 523 -14.29 16.89 -10.47
C GLU G 523 -13.99 15.70 -9.56
N ALA G 524 -14.62 14.56 -9.81
CA ALA G 524 -14.36 13.39 -8.98
C ALA G 524 -12.90 12.91 -9.17
N MET G 525 -12.38 12.92 -10.40
CA MET G 525 -11.00 12.55 -10.69
C MET G 525 -10.06 13.44 -9.88
N VAL G 526 -10.27 14.76 -9.93
CA VAL G 526 -9.41 15.70 -9.23
C VAL G 526 -9.46 15.45 -7.74
N ASN G 527 -10.66 15.25 -7.20
CA ASN G 527 -10.80 14.98 -5.77
C ASN G 527 -10.08 13.68 -5.38
N ALA G 528 -10.09 12.67 -6.23
CA ALA G 528 -9.46 11.40 -5.88
C ALA G 528 -7.93 11.55 -5.92
N ILE G 529 -7.43 12.34 -6.87
CA ILE G 529 -6.02 12.68 -6.91
C ILE G 529 -5.58 13.41 -5.65
N VAL G 530 -6.33 14.42 -5.29
CA VAL G 530 -5.98 15.20 -4.12
C VAL G 530 -6.05 14.40 -2.82
N ASP G 531 -7.03 13.48 -2.71
CA ASP G 531 -7.09 12.59 -1.55
C ASP G 531 -5.84 11.72 -1.46
N ALA G 532 -5.38 11.19 -2.59
CA ALA G 532 -4.15 10.35 -2.58
C ALA G 532 -2.91 11.21 -2.21
N ILE G 533 -2.86 12.47 -2.70
CA ILE G 533 -1.78 13.37 -2.31
C ILE G 533 -1.84 13.62 -0.81
N ASN G 534 -3.02 13.84 -0.25
CA ASN G 534 -3.16 14.14 1.17
C ASN G 534 -2.67 12.96 1.98
N GLN G 535 -2.71 11.74 1.46
CA GLN G 535 -2.24 10.54 2.16
C GLN G 535 -0.76 10.33 1.96
N GLY G 536 -0.05 11.20 1.22
CA GLY G 536 1.38 11.01 1.05
C GLY G 536 1.81 10.74 -0.38
N GLY G 537 0.85 10.71 -1.32
CA GLY G 537 1.15 10.50 -2.70
C GLY G 537 1.74 11.77 -3.35
N LEU G 538 2.03 11.65 -4.65
CA LEU G 538 2.60 12.70 -5.47
C LEU G 538 1.96 12.62 -6.84
N PHE G 539 1.37 13.73 -7.32
CA PHE G 539 0.97 13.88 -8.70
C PHE G 539 2.06 14.55 -9.50
N ALA G 540 2.50 13.88 -10.57
CA ALA G 540 3.68 14.29 -11.33
C ALA G 540 3.36 14.55 -12.81
N VAL G 541 3.84 15.69 -13.32
CA VAL G 541 3.70 16.12 -14.70
C VAL G 541 5.05 16.24 -15.36
N ASN G 542 5.21 15.62 -16.52
CA ASN G 542 6.49 15.60 -17.21
C ASN G 542 6.36 16.32 -18.54
N VAL G 543 7.24 17.33 -18.74
CA VAL G 543 7.37 18.04 -20.01
C VAL G 543 8.67 17.65 -20.64
N ASP G 544 8.60 16.95 -21.80
CA ASP G 544 9.78 16.32 -22.37
C ASP G 544 9.54 16.13 -23.87
N ILE G 545 10.55 15.60 -24.55
CA ILE G 545 10.50 15.28 -25.98
C ILE G 545 10.44 13.78 -26.26
N ILE G 546 10.74 12.94 -25.24
CA ILE G 546 10.66 11.49 -25.33
C ILE G 546 9.95 10.92 -24.11
N PRO G 547 9.60 9.60 -24.11
CA PRO G 547 9.20 8.89 -22.90
C PRO G 547 10.46 8.70 -22.04
N THR G 548 10.48 9.37 -20.89
CA THR G 548 11.65 9.37 -20.03
C THR G 548 11.54 8.21 -19.01
N LYS G 549 12.62 8.02 -18.23
CA LYS G 549 12.56 7.07 -17.13
C LYS G 549 11.64 7.57 -16.01
N ILE G 550 11.86 8.81 -15.51
CA ILE G 550 10.99 9.34 -14.49
C ILE G 550 9.57 9.47 -15.02
N GLY G 551 9.42 9.65 -16.33
CA GLY G 551 8.10 9.70 -16.94
C GLY G 551 7.26 8.45 -16.76
N GLU G 552 7.91 7.28 -16.61
CA GLU G 552 7.22 6.04 -16.29
C GLU G 552 6.45 6.16 -14.99
N ALA G 553 6.78 7.14 -14.11
CA ALA G 553 6.06 7.35 -12.88
C ALA G 553 5.06 8.49 -12.97
N CYS G 554 5.06 9.25 -14.09
CA CYS G 554 4.22 10.44 -14.12
C CYS G 554 2.78 10.17 -14.57
N HIS G 555 1.90 11.10 -14.25
CA HIS G 555 0.48 11.01 -14.48
C HIS G 555 0.05 11.78 -15.74
N VAL G 556 0.82 12.80 -16.11
CA VAL G 556 0.59 13.60 -17.29
C VAL G 556 1.92 13.86 -17.96
N ILE G 557 1.94 13.68 -19.30
N ILE G 557 1.96 13.66 -19.29
CA ILE G 557 3.11 13.93 -20.11
CA ILE G 557 3.11 13.93 -20.11
C ILE G 557 2.70 14.96 -21.17
C ILE G 557 2.68 14.98 -21.14
N LEU G 558 3.50 16.02 -21.30
CA LEU G 558 3.24 17.09 -22.23
C LEU G 558 4.39 17.18 -23.22
N PRO G 559 4.14 17.07 -24.54
CA PRO G 559 5.20 16.99 -25.52
C PRO G 559 5.76 18.34 -25.96
N ALA G 560 7.08 18.44 -25.84
CA ALA G 560 7.83 19.63 -26.18
C ALA G 560 8.45 19.51 -27.57
N ALA G 561 8.66 20.69 -28.17
CA ALA G 561 9.45 20.87 -29.38
C ALA G 561 10.85 21.34 -28.96
N THR G 562 11.91 20.90 -29.63
CA THR G 562 13.23 21.30 -29.27
C THR G 562 13.87 22.15 -30.36
N SER G 563 15.10 22.58 -30.08
CA SER G 563 15.82 23.49 -30.96
C SER G 563 15.78 22.99 -32.40
N GLY G 564 15.51 23.91 -33.35
CA GLY G 564 15.45 23.53 -34.73
C GLY G 564 14.01 23.36 -35.19
N GLU G 565 13.17 22.88 -34.30
CA GLU G 565 11.73 22.84 -34.48
C GLU G 565 11.13 24.14 -33.95
N MET G 566 12.00 24.94 -33.34
N MET G 566 12.01 24.97 -33.40
CA MET G 566 11.68 26.28 -32.88
CA MET G 566 11.66 26.29 -32.89
C MET G 566 12.92 27.15 -33.07
C MET G 566 12.90 27.14 -33.05
N ASN G 567 12.72 28.45 -33.11
CA ASN G 567 13.82 29.39 -32.96
C ASN G 567 14.35 29.32 -31.52
N LEU G 568 15.66 29.47 -31.32
CA LEU G 568 16.22 29.44 -29.98
C LEU G 568 17.52 30.26 -29.91
N THR G 569 17.70 30.91 -28.78
CA THR G 569 18.89 31.69 -28.47
C THR G 569 19.59 31.15 -27.24
N SER G 570 20.90 31.16 -27.30
CA SER G 570 21.79 30.79 -26.22
C SER G 570 23.18 31.33 -26.50
N MET G 571 24.06 31.21 -25.51
CA MET G 571 25.46 31.60 -25.65
C MET G 571 26.34 30.42 -25.27
N ASN G 572 27.58 30.45 -25.78
CA ASN G 572 28.58 29.45 -25.52
C ASN G 572 29.50 29.84 -24.38
N GLY G 573 30.58 29.09 -24.22
CA GLY G 573 31.50 29.23 -23.12
C GLY G 573 32.35 30.51 -23.18
N GLU G 574 32.22 31.30 -24.24
CA GLU G 574 32.87 32.61 -24.32
C GLU G 574 31.81 33.68 -24.51
N ARG G 575 30.58 33.34 -24.08
CA ARG G 575 29.42 34.21 -24.10
C ARG G 575 29.01 34.60 -25.51
N ARG G 576 29.29 33.75 -26.50
CA ARG G 576 28.88 34.05 -27.86
C ARG G 576 27.42 33.66 -28.08
N MET G 577 26.55 34.66 -28.21
CA MET G 577 25.13 34.49 -28.37
C MET G 577 24.76 34.36 -29.85
N ARG G 578 24.00 33.28 -30.16
CA ARG G 578 23.51 33.04 -31.51
C ARG G 578 22.03 32.72 -31.48
N LEU G 579 21.39 32.97 -32.64
CA LEU G 579 20.05 32.52 -32.94
C LEU G 579 20.15 31.27 -33.80
N THR G 580 19.58 30.15 -33.31
CA THR G 580 19.31 28.97 -34.12
C THR G 580 17.96 29.20 -34.79
N GLU G 581 17.96 29.19 -36.13
CA GLU G 581 16.75 29.51 -36.88
C GLU G 581 15.99 28.21 -37.14
N ARG G 582 14.68 28.22 -36.89
CA ARG G 582 13.85 27.06 -37.12
C ARG G 582 13.93 26.59 -38.58
N TYR G 583 14.18 25.29 -38.77
CA TYR G 583 14.25 24.69 -40.08
C TYR G 583 13.26 23.53 -40.26
N MET G 584 12.49 23.17 -39.22
CA MET G 584 11.55 22.05 -39.30
C MET G 584 10.42 22.24 -38.30
N ASP G 585 9.41 21.41 -38.44
CA ASP G 585 8.22 21.48 -37.60
C ASP G 585 8.36 20.55 -36.37
N PRO G 586 7.76 20.93 -35.24
CA PRO G 586 7.64 20.06 -34.08
C PRO G 586 6.92 18.76 -34.50
N PRO G 587 7.29 17.60 -33.95
CA PRO G 587 6.52 16.37 -34.16
C PRO G 587 5.11 16.46 -33.60
N GLY G 588 4.12 16.00 -34.38
CA GLY G 588 2.76 15.89 -33.91
C GLY G 588 2.26 17.23 -33.36
N GLN G 589 1.77 17.25 -32.13
CA GLN G 589 1.23 18.44 -31.52
C GLN G 589 2.19 19.02 -30.47
N SER G 590 3.46 18.69 -30.59
N SER G 590 3.47 18.69 -30.58
CA SER G 590 4.45 19.18 -29.64
CA SER G 590 4.50 19.24 -29.71
C SER G 590 4.56 20.71 -29.74
C SER G 590 4.59 20.77 -29.78
N MET G 591 5.02 21.35 -28.63
CA MET G 591 5.04 22.77 -28.48
C MET G 591 6.33 23.19 -27.77
N PRO G 592 6.99 24.32 -28.14
CA PRO G 592 8.13 24.82 -27.36
C PRO G 592 7.77 24.98 -25.89
N ASP G 593 8.73 24.72 -25.02
CA ASP G 593 8.56 24.79 -23.57
C ASP G 593 8.01 26.14 -23.12
N CYS G 594 8.54 27.24 -23.68
CA CYS G 594 8.02 28.54 -23.30
C CYS G 594 6.53 28.66 -23.57
N LEU G 595 6.03 28.10 -24.68
CA LEU G 595 4.63 28.18 -24.99
C LEU G 595 3.79 27.23 -24.15
N ILE G 596 4.35 26.05 -23.79
CA ILE G 596 3.69 25.18 -22.82
C ILE G 596 3.50 25.95 -21.51
N ALA G 597 4.52 26.65 -21.04
CA ALA G 597 4.40 27.41 -19.83
C ALA G 597 3.33 28.50 -19.94
N ALA G 598 3.29 29.17 -21.09
CA ALA G 598 2.27 30.18 -21.30
C ALA G 598 0.87 29.57 -21.32
N ARG G 599 0.69 28.43 -22.03
N ARG G 599 0.67 28.44 -22.02
CA ARG G 599 -0.63 27.79 -22.08
CA ARG G 599 -0.66 27.80 -22.04
C ARG G 599 -1.03 27.30 -20.69
C ARG G 599 -1.04 27.34 -20.64
N LEU G 600 -0.06 26.82 -19.92
CA LEU G 600 -0.32 26.39 -18.55
C LEU G 600 -0.75 27.59 -17.71
N ALA G 601 -0.02 28.72 -17.81
CA ALA G 601 -0.44 29.94 -17.12
C ALA G 601 -1.86 30.37 -17.51
N ASN G 602 -2.16 30.36 -18.79
CA ASN G 602 -3.51 30.68 -19.26
C ASN G 602 -4.56 29.78 -18.63
N THR G 603 -4.25 28.48 -18.52
CA THR G 603 -5.20 27.53 -17.94
C THR G 603 -5.33 27.80 -16.45
N MET G 604 -4.20 28.10 -15.79
CA MET G 604 -4.32 28.43 -14.35
C MET G 604 -5.24 29.66 -14.14
N GLU G 605 -5.12 30.66 -15.00
CA GLU G 605 -5.93 31.85 -14.89
C GLU G 605 -7.40 31.48 -15.02
N ARG G 606 -7.71 30.65 -15.99
CA ARG G 606 -9.07 30.23 -16.24
C ARG G 606 -9.60 29.44 -15.05
N VAL G 607 -8.82 28.46 -14.57
CA VAL G 607 -9.30 27.57 -13.53
C VAL G 607 -9.47 28.34 -12.22
N LEU G 608 -8.50 29.19 -11.87
CA LEU G 608 -8.64 29.97 -10.65
C LEU G 608 -9.82 30.94 -10.75
N THR G 609 -10.10 31.52 -11.92
CA THR G 609 -11.25 32.40 -12.10
C THR G 609 -12.53 31.59 -11.85
N GLU G 610 -12.61 30.40 -12.43
CA GLU G 610 -13.76 29.53 -12.22
C GLU G 610 -13.93 29.12 -10.77
N MET G 611 -12.86 28.97 -10.01
CA MET G 611 -12.94 28.65 -8.60
C MET G 611 -13.33 29.88 -7.76
N GLY G 612 -13.40 31.06 -8.35
CA GLY G 612 -13.73 32.28 -7.64
C GLY G 612 -12.54 33.03 -7.04
N ASP G 613 -11.30 32.66 -7.38
CA ASP G 613 -10.12 33.30 -6.84
C ASP G 613 -9.54 34.20 -7.91
N VAL G 614 -10.24 35.32 -8.12
CA VAL G 614 -9.86 36.21 -9.21
C VAL G 614 -8.55 36.92 -8.91
N GLY G 615 -8.23 37.17 -7.65
CA GLY G 615 -6.98 37.80 -7.30
C GLY G 615 -5.75 36.93 -7.64
N TYR G 616 -5.81 35.65 -7.27
CA TYR G 616 -4.73 34.75 -7.64
C TYR G 616 -4.68 34.55 -9.15
N ALA G 617 -5.86 34.41 -9.79
CA ALA G 617 -5.91 34.27 -11.24
C ALA G 617 -5.11 35.34 -11.99
N ALA G 618 -5.23 36.57 -11.50
CA ALA G 618 -4.63 37.72 -12.17
C ALA G 618 -3.11 37.65 -12.16
N GLN G 619 -2.52 36.91 -11.22
CA GLN G 619 -1.07 36.79 -11.21
C GLN G 619 -0.55 35.99 -12.42
N PHE G 620 -1.41 35.24 -13.12
CA PHE G 620 -0.99 34.41 -14.24
C PHE G 620 -1.21 35.09 -15.58
N LYS G 621 -1.51 36.40 -15.57
CA LYS G 621 -1.55 37.15 -16.83
C LYS G 621 -0.12 37.47 -17.28
N GLY G 622 0.04 37.98 -18.51
CA GLY G 622 1.31 38.28 -19.12
C GLY G 622 1.90 37.09 -19.93
N PHE G 623 1.04 36.15 -20.33
CA PHE G 623 1.45 35.00 -21.12
C PHE G 623 0.62 34.87 -22.39
N ASP G 624 0.55 35.95 -23.18
CA ASP G 624 -0.24 35.92 -24.41
C ASP G 624 0.65 35.56 -25.59
N TRP G 625 1.76 34.90 -25.35
CA TRP G 625 2.68 34.56 -26.40
C TRP G 625 2.08 33.57 -27.40
N GLN G 626 2.38 33.82 -28.67
CA GLN G 626 1.97 32.97 -29.76
C GLN G 626 3.16 32.30 -30.37
N THR G 627 4.35 32.84 -30.19
CA THR G 627 5.53 32.22 -30.80
C THR G 627 6.69 32.47 -29.83
N GLU G 628 7.75 31.68 -29.95
CA GLU G 628 8.87 31.73 -29.02
C GLU G 628 9.54 33.11 -29.05
N GLU G 629 9.46 33.83 -30.18
CA GLU G 629 10.04 35.17 -30.24
C GLU G 629 9.40 36.07 -29.21
N ASP G 630 8.11 35.84 -28.93
CA ASP G 630 7.41 36.65 -27.95
C ASP G 630 8.04 36.47 -26.58
N ALA G 631 8.52 35.24 -26.28
CA ALA G 631 9.14 35.00 -24.99
C ALA G 631 10.55 35.63 -24.96
N PHE G 632 11.25 35.54 -26.09
CA PHE G 632 12.54 36.22 -26.21
C PHE G 632 12.40 37.72 -25.89
N MET G 633 11.38 38.33 -26.48
CA MET G 633 11.18 39.77 -26.38
C MET G 633 10.70 40.15 -24.97
N ASP G 634 9.90 39.31 -24.28
CA ASP G 634 9.47 39.60 -22.94
C ASP G 634 10.59 39.37 -21.93
N GLY G 635 11.49 38.43 -22.24
CA GLY G 635 12.51 38.00 -21.30
C GLY G 635 13.85 38.70 -21.56
N TYR G 636 14.66 38.06 -22.42
CA TYR G 636 16.00 38.55 -22.73
C TYR G 636 15.97 40.06 -23.10
N ASN G 637 15.09 40.43 -24.03
CA ASN G 637 15.14 41.77 -24.63
C ASN G 637 14.86 42.82 -23.56
N LYS G 638 13.98 42.52 -22.59
CA LYS G 638 13.65 43.48 -21.57
C LYS G 638 14.52 43.35 -20.33
N ASN G 639 15.26 42.26 -20.12
CA ASN G 639 15.87 42.03 -18.82
C ASN G 639 17.38 41.83 -18.92
N ALA G 640 17.93 41.44 -20.05
CA ALA G 640 19.38 41.22 -20.06
C ALA G 640 20.07 42.58 -20.18
N HIS G 641 21.31 42.63 -19.73
CA HIS G 641 22.16 43.81 -19.89
C HIS G 641 22.44 44.01 -21.36
N GLY G 642 22.05 45.18 -21.88
CA GLY G 642 22.16 45.44 -23.30
C GLY G 642 21.11 44.72 -24.13
N GLY G 643 20.07 44.18 -23.46
CA GLY G 643 19.05 43.41 -24.14
C GLY G 643 18.38 44.17 -25.27
N GLU G 644 18.21 45.49 -25.14
CA GLU G 644 17.46 46.23 -26.14
C GLU G 644 18.22 46.25 -27.45
N PHE G 645 19.51 45.89 -27.47
CA PHE G 645 20.24 45.90 -28.73
C PHE G 645 20.04 44.62 -29.51
N VAL G 646 19.38 43.61 -28.94
CA VAL G 646 19.41 42.28 -29.53
C VAL G 646 18.00 41.92 -29.98
N THR G 647 17.87 41.53 -31.24
CA THR G 647 16.62 41.05 -31.80
C THR G 647 16.94 39.84 -32.65
N TYR G 648 15.91 39.06 -33.02
CA TYR G 648 16.14 37.89 -33.86
C TYR G 648 16.73 38.33 -35.22
N GLU G 649 16.16 39.41 -35.79
CA GLU G 649 16.64 39.88 -37.10
C GLU G 649 18.09 40.28 -37.04
N ARG G 650 18.51 40.99 -35.98
CA ARG G 650 19.90 41.38 -35.89
C ARG G 650 20.81 40.19 -35.68
N LEU G 651 20.36 39.24 -34.83
CA LEU G 651 21.15 38.03 -34.60
C LEU G 651 21.33 37.23 -35.86
N SER G 652 20.23 37.10 -36.58
CA SER G 652 20.23 36.38 -37.82
C SER G 652 21.27 36.95 -38.81
N ALA G 653 21.32 38.29 -38.91
CA ALA G 653 22.29 38.93 -39.80
C ALA G 653 23.71 38.64 -39.37
N MET G 654 23.98 38.44 -38.08
CA MET G 654 25.35 38.21 -37.66
C MET G 654 25.78 36.76 -37.88
N GLY G 655 24.86 35.89 -38.19
CA GLY G 655 25.20 34.48 -38.51
C GLY G 655 25.68 33.67 -37.31
N THR G 656 26.44 32.60 -37.59
CA THR G 656 26.84 31.66 -36.53
C THR G 656 27.94 32.23 -35.63
N ASN G 657 28.58 33.35 -36.06
CA ASN G 657 29.55 34.02 -35.19
C ASN G 657 28.87 34.89 -34.13
N GLY G 658 27.63 35.27 -34.34
CA GLY G 658 26.84 36.01 -33.37
C GLY G 658 27.61 37.17 -32.78
N PHE G 659 27.49 37.40 -31.47
CA PHE G 659 28.31 38.42 -30.81
C PHE G 659 28.51 37.94 -29.38
N GLN G 660 29.52 38.48 -28.68
CA GLN G 660 29.78 38.13 -27.30
C GLN G 660 29.06 39.03 -26.32
N GLU G 661 28.31 38.41 -25.38
CA GLU G 661 27.53 39.14 -24.41
C GLU G 661 28.43 39.71 -23.32
N PRO G 662 28.02 40.80 -22.64
CA PRO G 662 26.87 41.60 -23.03
C PRO G 662 27.01 42.58 -24.19
N ALA G 663 25.92 42.80 -24.88
CA ALA G 663 25.86 43.81 -25.89
C ALA G 663 26.00 45.18 -25.21
N THR G 664 26.75 46.08 -25.82
CA THR G 664 26.82 47.48 -25.36
C THR G 664 26.35 48.46 -26.44
N GLY G 665 26.03 48.00 -27.64
CA GLY G 665 25.47 48.88 -28.66
C GLY G 665 25.20 48.18 -29.98
N PHE G 666 24.96 48.96 -31.02
CA PHE G 666 24.60 48.45 -32.35
C PHE G 666 24.91 49.57 -33.38
N THR G 667 25.73 49.30 -34.37
CA THR G 667 25.99 50.19 -35.48
C THR G 667 26.09 49.33 -36.74
N ASP G 668 25.47 49.79 -37.82
CA ASP G 668 25.78 49.29 -39.16
C ASP G 668 25.58 47.77 -39.20
N GLY G 669 24.42 47.30 -38.74
CA GLY G 669 24.08 45.88 -38.75
C GLY G 669 24.94 45.04 -37.80
N LYS G 670 25.72 45.60 -36.86
CA LYS G 670 26.60 44.83 -35.99
C LYS G 670 26.26 45.15 -34.54
N ILE G 671 25.82 44.12 -33.78
CA ILE G 671 25.72 44.23 -32.35
C ILE G 671 27.15 44.30 -31.83
N GLU G 672 27.39 45.27 -30.94
CA GLU G 672 28.69 45.44 -30.33
C GLU G 672 28.69 44.61 -29.05
N GLY G 673 29.76 43.85 -28.87
CA GLY G 673 29.79 42.92 -27.74
C GLY G 673 30.98 43.19 -26.84
N THR G 674 31.26 42.21 -25.99
CA THR G 674 32.28 42.29 -24.97
C THR G 674 33.15 41.06 -25.07
N GLN G 675 34.40 41.23 -25.50
CA GLN G 675 35.21 40.09 -25.85
C GLN G 675 35.68 39.31 -24.62
N ARG G 676 36.07 40.07 -23.60
CA ARG G 676 36.52 39.59 -22.33
C ARG G 676 35.82 40.41 -21.25
N LEU G 677 35.57 39.80 -20.09
CA LEU G 677 35.06 40.55 -18.97
C LEU G 677 36.22 41.07 -18.12
N TYR G 678 35.89 42.04 -17.25
CA TYR G 678 36.80 42.57 -16.26
C TYR G 678 38.05 43.21 -16.89
N THR G 679 37.97 43.68 -18.15
CA THR G 679 39.14 44.31 -18.79
C THR G 679 39.46 45.65 -18.10
N ASP G 680 38.53 46.25 -17.37
CA ASP G 680 38.74 47.49 -16.64
C ASP G 680 39.16 47.21 -15.20
N GLY G 681 39.36 45.95 -14.79
CA GLY G 681 39.75 45.64 -13.41
C GLY G 681 38.66 45.92 -12.36
N VAL G 682 37.41 46.09 -12.77
CA VAL G 682 36.31 46.29 -11.87
C VAL G 682 35.44 45.01 -11.80
N PHE G 683 35.32 44.44 -10.59
CA PHE G 683 34.76 43.08 -10.42
C PHE G 683 33.33 43.19 -9.90
N SER G 684 32.61 42.06 -9.91
CA SER G 684 31.17 42.04 -9.69
C SER G 684 30.87 42.00 -8.19
N THR G 685 31.36 42.95 -7.43
CA THR G 685 31.07 43.07 -6.01
C THR G 685 30.53 44.47 -5.78
N ASP G 686 30.01 44.79 -4.59
CA ASP G 686 29.49 46.15 -4.41
C ASP G 686 30.58 47.20 -4.60
N ASP G 687 31.77 46.96 -4.07
CA ASP G 687 32.81 47.96 -4.17
C ASP G 687 33.67 47.80 -5.43
N GLY G 688 33.37 46.82 -6.29
CA GLY G 688 34.16 46.66 -7.50
C GLY G 688 35.51 46.00 -7.28
N LYS G 689 35.84 45.59 -6.04
CA LYS G 689 37.08 44.87 -5.87
C LYS G 689 36.85 43.35 -5.78
N ALA G 690 37.73 42.55 -6.38
CA ALA G 690 37.68 41.11 -6.21
C ALA G 690 38.13 40.78 -4.79
N ARG G 691 37.58 39.70 -4.26
CA ARG G 691 38.08 39.17 -3.00
C ARG G 691 38.85 37.89 -3.25
N PHE G 692 39.86 37.66 -2.39
CA PHE G 692 40.51 36.38 -2.32
C PHE G 692 39.72 35.53 -1.32
N MET G 693 40.01 34.24 -1.28
N MET G 693 40.09 34.27 -1.22
CA MET G 693 39.32 33.37 -0.33
CA MET G 693 39.38 33.36 -0.34
C MET G 693 40.32 32.67 0.59
C MET G 693 40.37 32.71 0.59
N ASP G 694 40.09 32.86 1.89
CA ASP G 694 40.78 32.12 2.92
C ASP G 694 40.03 30.78 3.05
N ALA G 695 40.63 29.72 2.52
CA ALA G 695 39.95 28.45 2.19
C ALA G 695 40.80 27.27 2.58
N PRO G 696 41.00 27.05 3.91
CA PRO G 696 41.84 25.94 4.33
C PRO G 696 41.23 24.58 4.03
N TRP G 697 42.08 23.65 3.66
CA TRP G 697 41.79 22.23 3.53
C TRP G 697 41.13 21.71 4.79
N ARG G 698 40.03 20.97 4.64
CA ARG G 698 39.38 20.36 5.79
C ARG G 698 38.94 18.92 5.49
N GLY G 699 39.72 18.21 4.67
CA GLY G 699 39.41 16.85 4.32
C GLY G 699 38.20 16.73 3.37
N LEU G 700 37.55 15.55 3.43
CA LEU G 700 36.39 15.27 2.59
C LEU G 700 35.23 15.92 3.30
N GLN G 701 34.66 16.96 2.72
CA GLN G 701 33.73 17.81 3.47
C GLN G 701 32.33 17.23 3.54
N ALA G 702 31.83 16.52 2.51
CA ALA G 702 30.40 16.18 2.52
C ALA G 702 30.14 15.01 3.44
N PRO G 703 29.00 15.00 4.15
CA PRO G 703 28.69 13.92 5.10
C PRO G 703 28.74 12.51 4.51
N GLY G 704 29.41 11.64 5.24
CA GLY G 704 29.48 10.23 4.91
C GLY G 704 30.58 9.86 3.94
N LYS G 705 31.27 10.84 3.38
CA LYS G 705 32.16 10.52 2.26
C LYS G 705 33.37 9.73 2.74
N GLN G 706 34.00 10.21 3.82
CA GLN G 706 35.19 9.55 4.37
C GLN G 706 34.86 8.09 4.73
N GLN G 707 33.70 7.90 5.36
CA GLN G 707 33.28 6.57 5.77
C GLN G 707 33.01 5.68 4.56
N GLN G 708 32.42 6.26 3.46
CA GLN G 708 32.20 5.46 2.26
C GLN G 708 33.52 5.00 1.67
N LYS G 709 34.51 5.90 1.64
CA LYS G 709 35.81 5.57 1.11
C LYS G 709 36.48 4.48 1.96
N ASP G 710 36.41 4.62 3.28
CA ASP G 710 37.08 3.68 4.18
C ASP G 710 36.39 2.31 4.18
N SER G 711 35.14 2.20 3.74
CA SER G 711 34.41 0.95 3.92
C SER G 711 34.17 0.21 2.61
N HIS G 712 34.73 0.68 1.49
CA HIS G 712 34.52 0.02 0.19
C HIS G 712 35.82 -0.04 -0.57
N LYS G 713 35.88 -0.92 -1.57
CA LYS G 713 37.13 -1.27 -2.16
C LYS G 713 37.55 -0.29 -3.27
N TYR G 714 36.62 0.24 -4.08
CA TYR G 714 37.02 0.93 -5.30
C TYR G 714 36.53 2.36 -5.29
N LEU G 715 37.32 3.26 -5.88
CA LEU G 715 36.79 4.55 -6.32
C LEU G 715 35.89 4.31 -7.55
N ILE G 716 34.65 4.82 -7.47
CA ILE G 716 33.75 4.81 -8.63
C ILE G 716 33.64 6.23 -9.16
N ASN G 717 34.74 6.65 -9.78
CA ASN G 717 34.78 7.88 -10.57
C ASN G 717 33.72 7.72 -11.70
N ASN G 718 33.27 8.85 -12.23
CA ASN G 718 32.13 8.85 -13.09
C ASN G 718 32.14 10.12 -13.94
N GLY G 719 31.41 10.05 -15.04
CA GLY G 719 31.41 11.17 -15.98
C GLY G 719 31.07 10.73 -17.39
N ARG G 720 31.53 11.53 -18.34
CA ARG G 720 31.14 11.43 -19.74
C ARG G 720 32.01 10.50 -20.59
N ALA G 721 31.40 10.07 -21.71
CA ALA G 721 32.04 9.47 -22.83
C ALA G 721 31.81 10.41 -24.02
N ASN G 722 32.82 10.46 -24.91
CA ASN G 722 32.75 11.26 -26.13
C ASN G 722 31.51 10.94 -26.95
N VAL G 723 31.18 9.64 -27.11
CA VAL G 723 30.21 9.23 -28.08
C VAL G 723 28.78 9.48 -27.58
N VAL G 724 28.60 9.53 -26.25
CA VAL G 724 27.29 9.63 -25.66
C VAL G 724 26.96 11.06 -25.28
N TRP G 725 25.76 11.52 -25.66
CA TRP G 725 25.24 12.80 -25.18
C TRP G 725 24.30 12.61 -24.00
N GLN G 726 24.76 13.07 -22.82
CA GLN G 726 23.93 13.19 -21.62
C GLN G 726 23.37 11.80 -21.25
N SER G 727 22.08 11.74 -20.86
CA SER G 727 21.48 10.47 -20.42
C SER G 727 21.01 9.60 -21.62
N ALA G 728 21.56 9.87 -22.82
CA ALA G 728 21.27 9.11 -24.02
C ALA G 728 19.77 9.13 -24.34
N TYR G 729 19.12 10.27 -24.05
CA TYR G 729 17.70 10.37 -24.36
C TYR G 729 17.45 10.23 -25.88
N LEU G 730 18.35 10.80 -26.72
CA LEU G 730 18.30 10.61 -28.17
C LEU G 730 19.06 9.35 -28.53
N ASP G 731 20.19 9.16 -27.83
CA ASP G 731 21.15 8.17 -28.31
C ASP G 731 20.57 6.75 -28.22
N GLN G 732 19.62 6.56 -27.28
CA GLN G 732 19.05 5.23 -27.10
C GLN G 732 18.30 4.79 -28.33
N GLU G 733 17.90 5.72 -29.21
CA GLU G 733 17.36 5.33 -30.53
C GLU G 733 18.33 5.60 -31.68
N ASN G 734 19.62 5.59 -31.38
CA ASN G 734 20.66 5.78 -32.35
C ASN G 734 21.56 4.55 -32.32
N ASP G 735 21.47 3.73 -33.38
CA ASP G 735 22.20 2.49 -33.48
C ASP G 735 23.70 2.71 -33.41
N PHE G 736 24.23 3.79 -34.02
CA PHE G 736 25.65 4.04 -33.97
C PHE G 736 26.14 4.07 -32.51
N VAL G 737 25.42 4.81 -31.66
CA VAL G 737 25.79 4.93 -30.26
C VAL G 737 25.56 3.60 -29.51
N MET G 738 24.37 3.03 -29.63
N MET G 738 24.35 3.04 -29.62
CA MET G 738 24.00 1.89 -28.76
CA MET G 738 23.97 1.89 -28.80
C MET G 738 24.75 0.62 -29.18
C MET G 738 24.68 0.61 -29.22
N ASP G 739 25.17 0.54 -30.44
CA ASP G 739 25.99 -0.58 -30.93
C ASP G 739 27.39 -0.51 -30.31
N ARG G 740 27.88 0.70 -29.97
CA ARG G 740 29.18 0.83 -29.34
C ARG G 740 29.12 0.50 -27.84
N PHE G 741 28.08 0.96 -27.12
CA PHE G 741 27.93 0.78 -25.68
C PHE G 741 26.49 0.40 -25.33
N PRO G 742 26.11 -0.88 -25.40
CA PRO G 742 24.75 -1.31 -25.05
C PRO G 742 24.51 -1.19 -23.55
N TYR G 743 25.58 -1.31 -22.80
CA TYR G 743 25.65 -1.12 -21.36
C TYR G 743 26.60 0.03 -21.11
N PRO G 744 26.48 0.76 -19.97
CA PRO G 744 27.52 1.70 -19.63
C PRO G 744 28.80 0.93 -19.36
N PHE G 745 29.94 1.49 -19.77
CA PHE G 745 31.22 0.88 -19.38
C PHE G 745 31.59 1.29 -17.97
N ILE G 746 32.32 0.39 -17.31
CA ILE G 746 33.11 0.73 -16.16
C ILE G 746 34.57 0.38 -16.49
N GLU G 747 35.39 1.41 -16.63
CA GLU G 747 36.79 1.25 -16.89
C GLU G 747 37.45 0.69 -15.63
N MET G 748 38.19 -0.41 -15.80
CA MET G 748 38.85 -1.05 -14.68
C MET G 748 40.27 -1.44 -15.09
N ASN G 749 41.20 -1.24 -14.17
CA ASN G 749 42.56 -1.70 -14.35
C ASN G 749 42.57 -3.22 -14.56
N PRO G 750 43.29 -3.75 -15.55
CA PRO G 750 43.28 -5.19 -15.85
C PRO G 750 43.76 -6.08 -14.72
N GLU G 751 44.67 -5.59 -13.88
CA GLU G 751 45.08 -6.35 -12.72
C GLU G 751 43.99 -6.41 -11.65
N ASP G 752 43.26 -5.31 -11.46
CA ASP G 752 42.07 -5.33 -10.62
C ASP G 752 41.09 -6.38 -11.13
N MET G 753 40.85 -6.37 -12.45
CA MET G 753 39.93 -7.34 -13.06
C MET G 753 40.34 -8.79 -12.79
N ALA G 754 41.60 -9.07 -13.05
CA ALA G 754 42.18 -10.40 -12.84
C ALA G 754 42.08 -10.83 -11.39
N GLU G 755 42.40 -9.94 -10.46
CA GLU G 755 42.25 -10.30 -9.05
C GLU G 755 40.80 -10.60 -8.69
N ALA G 756 39.84 -9.89 -9.29
CA ALA G 756 38.46 -10.14 -8.95
C ALA G 756 37.85 -11.28 -9.78
N GLY G 757 38.59 -11.90 -10.71
CA GLY G 757 38.06 -12.90 -11.62
C GLY G 757 37.07 -12.37 -12.67
N LEU G 758 37.25 -11.10 -13.09
CA LEU G 758 36.40 -10.49 -14.11
C LEU G 758 37.09 -10.51 -15.45
N LYS G 759 36.29 -10.63 -16.50
CA LYS G 759 36.79 -10.55 -17.88
C LYS G 759 36.10 -9.40 -18.58
N GLU G 760 36.68 -9.01 -19.70
CA GLU G 760 36.14 -7.93 -20.50
C GLU G 760 34.72 -8.25 -20.89
N GLY G 761 33.83 -7.28 -20.75
CA GLY G 761 32.43 -7.43 -21.14
C GLY G 761 31.54 -8.02 -20.06
N ASP G 762 32.14 -8.52 -18.96
CA ASP G 762 31.31 -9.08 -17.90
C ASP G 762 30.39 -7.98 -17.36
N LEU G 763 29.17 -8.39 -17.02
CA LEU G 763 28.19 -7.50 -16.41
C LEU G 763 28.41 -7.57 -14.90
N VAL G 764 28.73 -6.42 -14.31
CA VAL G 764 29.06 -6.34 -12.91
C VAL G 764 28.05 -5.46 -12.21
N GLU G 765 27.87 -5.80 -10.93
CA GLU G 765 27.12 -4.98 -10.00
C GLU G 765 28.11 -4.13 -9.20
N ILE G 766 27.85 -2.82 -9.16
N ILE G 766 27.82 -2.81 -9.16
CA ILE G 766 28.52 -1.88 -8.28
CA ILE G 766 28.54 -1.91 -8.29
C ILE G 766 27.58 -1.60 -7.12
C ILE G 766 27.58 -1.62 -7.14
N TYR G 767 28.05 -1.72 -5.89
CA TYR G 767 27.15 -1.58 -4.74
C TYR G 767 27.85 -0.97 -3.54
N ASN G 768 27.04 -0.25 -2.71
CA ASN G 768 27.57 0.35 -1.50
C ASN G 768 26.39 0.66 -0.60
N ASP G 769 26.55 1.58 0.37
CA ASP G 769 25.53 1.98 1.31
C ASP G 769 24.40 2.73 0.59
N ALA G 770 24.64 3.35 -0.57
CA ALA G 770 23.62 4.20 -1.18
C ALA G 770 22.67 3.37 -2.08
N GLY G 771 23.16 2.29 -2.63
CA GLY G 771 22.38 1.50 -3.58
C GLY G 771 23.25 0.59 -4.40
N ALA G 772 22.75 0.23 -5.59
CA ALA G 772 23.41 -0.72 -6.45
C ALA G 772 23.02 -0.45 -7.91
N THR G 773 23.93 -0.81 -8.84
CA THR G 773 23.65 -0.65 -10.25
C THR G 773 24.50 -1.63 -11.02
N GLN G 774 24.45 -1.54 -12.34
CA GLN G 774 25.21 -2.45 -13.21
C GLN G 774 26.03 -1.65 -14.23
N ALA G 775 27.08 -2.31 -14.71
CA ALA G 775 27.89 -1.83 -15.82
C ALA G 775 28.67 -2.98 -16.46
N MET G 776 29.27 -2.71 -17.62
N MET G 776 29.21 -2.73 -17.66
CA MET G 776 30.05 -3.66 -18.35
CA MET G 776 30.05 -3.69 -18.33
C MET G 776 31.53 -3.37 -18.15
C MET G 776 31.52 -3.34 -18.11
N ALA G 777 32.28 -4.37 -17.69
CA ALA G 777 33.71 -4.18 -17.38
C ALA G 777 34.49 -3.93 -18.63
N TYR G 778 35.26 -2.82 -18.65
CA TYR G 778 36.04 -2.44 -19.81
C TYR G 778 37.48 -2.34 -19.38
N PRO G 779 38.36 -3.27 -19.79
CA PRO G 779 39.74 -3.30 -19.28
C PRO G 779 40.42 -2.02 -19.79
N THR G 780 41.04 -1.31 -18.84
CA THR G 780 41.61 0.00 -19.12
C THR G 780 43.00 0.05 -18.49
N PRO G 781 44.06 -0.28 -19.27
CA PRO G 781 45.44 -0.31 -18.76
C PRO G 781 45.87 0.99 -18.10
N THR G 782 45.30 2.14 -18.51
CA THR G 782 45.68 3.42 -17.94
C THR G 782 45.04 3.69 -16.59
N ALA G 783 44.01 2.92 -16.18
CA ALA G 783 43.36 3.11 -14.91
C ALA G 783 44.35 2.75 -13.81
N ARG G 784 44.32 3.52 -12.73
CA ARG G 784 45.14 3.16 -11.58
C ARG G 784 44.45 2.07 -10.76
N ARG G 785 45.26 1.27 -10.05
CA ARG G 785 44.73 0.17 -9.26
C ARG G 785 43.81 0.73 -8.17
N GLY G 786 42.62 0.12 -8.03
CA GLY G 786 41.66 0.61 -7.06
C GLY G 786 40.72 1.68 -7.59
N GLU G 787 40.97 2.17 -8.81
CA GLU G 787 40.19 3.32 -9.30
C GLU G 787 39.49 2.95 -10.62
N THR G 788 38.17 3.05 -10.60
CA THR G 788 37.32 2.73 -11.72
C THR G 788 36.64 4.01 -12.21
N PHE G 789 36.19 3.99 -13.47
CA PHE G 789 35.39 5.08 -13.97
C PHE G 789 34.19 4.52 -14.69
N MET G 790 32.98 4.89 -14.22
CA MET G 790 31.73 4.45 -14.82
C MET G 790 31.04 5.60 -15.57
N LEU G 791 30.60 5.34 -16.79
CA LEU G 791 29.78 6.26 -17.54
C LEU G 791 28.51 6.60 -16.77
N PHE G 792 28.23 7.90 -16.66
CA PHE G 792 27.14 8.40 -15.87
C PHE G 792 25.88 8.44 -16.74
N GLY G 793 24.72 8.50 -16.08
CA GLY G 793 23.46 8.88 -16.69
C GLY G 793 22.81 7.88 -17.65
N PHE G 794 23.32 6.65 -17.71
CA PHE G 794 23.00 5.82 -18.85
C PHE G 794 21.85 4.87 -18.54
N PRO G 795 20.90 4.73 -19.47
CA PRO G 795 19.65 4.03 -19.17
C PRO G 795 19.79 2.54 -18.78
N THR G 796 20.82 1.87 -19.29
CA THR G 796 21.00 0.45 -19.09
C THR G 796 21.93 0.14 -17.94
N GLY G 797 22.24 1.17 -17.14
CA GLY G 797 22.91 1.01 -15.85
C GLY G 797 23.27 2.40 -15.31
N VAL G 798 22.55 2.84 -14.28
CA VAL G 798 22.61 4.21 -13.79
C VAL G 798 23.64 4.33 -12.68
N GLN G 799 24.68 5.15 -12.93
CA GLN G 799 25.75 5.31 -11.97
C GLN G 799 25.29 5.99 -10.70
N GLY G 800 24.36 6.93 -10.82
CA GLY G 800 23.89 7.71 -9.72
C GLY G 800 23.30 6.90 -8.57
N ASN G 801 22.84 5.67 -8.89
CA ASN G 801 22.33 4.76 -7.89
C ASN G 801 23.33 4.54 -6.74
N VAL G 802 24.64 4.63 -7.02
CA VAL G 802 25.62 4.42 -5.97
C VAL G 802 26.24 5.71 -5.45
N THR G 803 25.74 6.86 -5.85
CA THR G 803 26.18 8.11 -5.23
C THR G 803 25.37 8.37 -3.98
N SER G 804 26.01 8.79 -2.88
CA SER G 804 25.29 9.08 -1.67
C SER G 804 24.53 10.41 -1.88
N ALA G 805 23.69 10.69 -0.92
CA ALA G 805 22.96 11.94 -0.83
C ALA G 805 23.81 13.13 -0.41
N GLY G 806 25.12 12.90 -0.15
CA GLY G 806 26.00 13.92 0.38
C GLY G 806 26.20 15.10 -0.58
N THR G 807 25.99 16.29 -0.02
CA THR G 807 26.21 17.56 -0.67
C THR G 807 27.08 18.42 0.23
N ASN G 808 27.52 19.57 -0.32
CA ASN G 808 28.17 20.56 0.55
C ASN G 808 27.09 21.38 1.20
N GLU G 809 27.52 22.50 1.82
CA GLU G 809 26.62 23.30 2.62
C GLU G 809 25.55 23.98 1.78
N LEU G 810 25.90 24.24 0.51
CA LEU G 810 25.03 24.93 -0.43
C LEU G 810 24.25 23.95 -1.33
N ILE G 811 24.26 22.69 -0.95
CA ILE G 811 23.49 21.62 -1.59
C ILE G 811 24.02 21.34 -3.00
N ILE G 812 25.34 21.39 -3.15
CA ILE G 812 26.00 20.97 -4.35
C ILE G 812 26.25 19.48 -4.25
N PRO G 813 25.84 18.68 -5.26
CA PRO G 813 26.02 17.22 -5.24
C PRO G 813 27.48 16.83 -5.47
N ASN G 814 28.05 16.04 -4.56
CA ASN G 814 29.43 15.61 -4.68
C ASN G 814 29.51 14.23 -5.35
N TYR G 815 29.13 14.20 -6.63
CA TYR G 815 29.04 12.95 -7.37
C TYR G 815 30.40 12.28 -7.54
N LYS G 816 31.46 13.05 -7.79
CA LYS G 816 32.76 12.49 -8.11
C LYS G 816 33.42 11.63 -7.02
N GLN G 817 33.18 11.99 -5.76
CA GLN G 817 33.70 11.22 -4.61
C GLN G 817 32.67 10.15 -4.27
N THR G 818 32.82 9.01 -4.90
CA THR G 818 31.98 7.83 -4.70
C THR G 818 32.91 6.61 -4.67
N TRP G 819 32.66 5.75 -3.65
CA TRP G 819 33.35 4.48 -3.54
C TRP G 819 32.35 3.36 -3.35
N GLY G 820 32.72 2.19 -3.86
CA GLY G 820 31.86 1.01 -3.79
C GLY G 820 32.62 -0.28 -4.07
N ASN G 821 31.87 -1.39 -3.94
CA ASN G 821 32.32 -2.74 -4.22
C ASN G 821 31.76 -3.17 -5.59
N ILE G 822 32.37 -4.20 -6.16
CA ILE G 822 32.06 -4.69 -7.50
C ILE G 822 32.01 -6.21 -7.45
N ARG G 823 30.93 -6.81 -7.95
CA ARG G 823 30.85 -8.26 -8.06
C ARG G 823 30.15 -8.61 -9.36
N LYS G 824 30.42 -9.80 -9.89
CA LYS G 824 29.88 -10.20 -11.17
C LYS G 824 28.40 -10.51 -11.04
N ILE G 825 27.61 -10.06 -12.01
CA ILE G 825 26.20 -10.46 -12.19
C ILE G 825 26.14 -11.55 -13.24
N SER G 826 26.85 -11.37 -14.34
CA SER G 826 26.82 -12.35 -15.42
C SER G 826 28.15 -12.37 -16.13
N ASP G 827 28.52 -13.54 -16.64
CA ASP G 827 29.51 -13.61 -17.70
C ASP G 827 29.10 -12.71 -18.87
N ALA G 828 30.08 -12.10 -19.54
CA ALA G 828 29.89 -11.22 -20.68
C ALA G 828 28.72 -11.66 -21.53
N PRO G 829 27.64 -10.88 -21.64
CA PRO G 829 26.53 -11.31 -22.45
C PRO G 829 26.88 -11.36 -23.92
N ARG G 830 26.14 -12.20 -24.66
CA ARG G 830 26.31 -12.37 -26.09
C ARG G 830 26.13 -11.02 -26.78
N ASN G 831 25.28 -10.12 -26.28
CA ASN G 831 25.05 -8.83 -26.94
C ASN G 831 26.24 -7.87 -26.86
N VAL G 832 27.35 -8.24 -26.19
CA VAL G 832 28.55 -7.42 -26.25
C VAL G 832 29.70 -8.15 -26.98
N ALA G 833 29.45 -9.32 -27.57
CA ALA G 833 30.47 -10.07 -28.29
C ALA G 833 31.08 -9.28 -29.45
N HIS G 834 30.30 -8.40 -30.08
CA HIS G 834 30.75 -7.63 -31.24
C HIS G 834 31.57 -6.38 -30.87
N LEU G 835 31.70 -6.04 -29.60
CA LEU G 835 32.36 -4.81 -29.12
C LEU G 835 33.87 -4.92 -29.18
N SER G 836 34.52 -3.81 -29.52
CA SER G 836 35.93 -3.64 -29.26
C SER G 836 36.13 -3.24 -27.81
N PHE G 837 37.13 -3.88 -27.19
CA PHE G 837 37.58 -3.52 -25.84
C PHE G 837 39.00 -2.98 -25.87
N LYS G 838 39.42 -2.48 -27.01
CA LYS G 838 40.76 -1.92 -27.13
C LYS G 838 40.85 -0.55 -26.49
N SER G 839 42.08 -0.07 -26.40
CA SER G 839 42.35 1.21 -25.79
C SER G 839 41.71 2.35 -26.56
N LYS G 840 41.16 3.33 -25.84
CA LYS G 840 40.64 4.54 -26.47
C LYS G 840 41.74 5.53 -26.88
N GLU G 841 42.98 5.30 -26.46
CA GLU G 841 44.10 6.19 -26.72
C GLU G 841 44.69 5.96 -28.11
N TYR G 842 44.65 7.01 -28.92
CA TYR G 842 45.42 7.09 -30.14
C TYR G 842 46.87 6.71 -29.93
N GLN G 843 47.37 5.83 -30.81
CA GLN G 843 48.78 5.48 -30.94
C GLN G 843 49.38 6.04 -32.25
N SER G 844 50.53 6.72 -32.11
CA SER G 844 51.59 6.79 -33.10
C SER G 844 52.08 5.44 -33.59
N ALA H 43 19.49 5.55 -63.48
CA ALA H 43 18.24 4.80 -63.69
C ALA H 43 18.04 3.87 -62.47
N ALA H 44 19.12 3.42 -61.81
CA ALA H 44 18.99 2.33 -60.84
C ALA H 44 18.72 2.84 -59.41
N ALA H 45 17.94 2.07 -58.65
CA ALA H 45 17.59 2.39 -57.27
C ALA H 45 18.80 2.41 -56.36
N GLY H 46 19.78 1.52 -56.61
CA GLY H 46 20.99 1.43 -55.81
C GLY H 46 22.21 1.82 -56.66
N VAL H 47 23.29 2.17 -55.95
CA VAL H 47 24.60 2.33 -56.54
C VAL H 47 25.03 1.00 -57.19
N GLU H 48 25.66 1.12 -58.36
CA GLU H 48 26.16 -0.03 -59.10
C GLU H 48 27.66 -0.15 -58.85
N TYR H 49 28.02 -1.08 -57.97
CA TYR H 49 29.43 -1.23 -57.63
C TYR H 49 30.15 -2.07 -58.67
N PRO H 50 31.39 -1.77 -59.07
CA PRO H 50 32.17 -2.70 -59.91
C PRO H 50 32.75 -3.83 -59.08
N ALA H 51 32.91 -5.00 -59.68
CA ALA H 51 33.64 -6.09 -59.04
C ALA H 51 35.11 -6.00 -59.48
N ASN H 52 35.98 -5.39 -58.69
CA ASN H 52 37.36 -5.14 -59.09
C ASN H 52 38.26 -6.08 -58.33
N ARG H 53 39.19 -6.70 -59.08
CA ARG H 53 40.19 -7.55 -58.47
C ARG H 53 41.17 -6.64 -57.75
N LEU H 54 41.58 -7.00 -56.54
CA LEU H 54 42.46 -6.14 -55.78
C LEU H 54 43.84 -6.77 -55.61
N ALA H 55 43.88 -8.09 -55.46
CA ALA H 55 45.10 -8.80 -55.13
C ALA H 55 44.79 -10.29 -55.16
N ASN H 56 45.82 -11.10 -54.86
CA ASN H 56 45.61 -12.53 -54.69
C ASN H 56 45.91 -12.76 -53.22
N ILE H 57 45.22 -13.76 -52.63
CA ILE H 57 45.46 -14.17 -51.26
C ILE H 57 46.96 -14.48 -51.02
N SER H 58 47.69 -14.92 -52.04
CA SER H 58 49.08 -15.32 -51.91
C SER H 58 49.96 -14.11 -51.61
N GLU H 59 49.48 -12.90 -51.96
CA GLU H 59 50.30 -11.72 -51.72
C GLU H 59 50.24 -11.19 -50.28
N LEU H 60 49.44 -11.77 -49.38
CA LEU H 60 49.14 -11.09 -48.12
C LEU H 60 49.95 -11.71 -46.99
N THR H 61 50.64 -10.89 -46.19
CA THR H 61 51.31 -11.38 -45.00
C THR H 61 50.49 -11.06 -43.76
N LEU H 62 50.48 -11.99 -42.80
CA LEU H 62 49.80 -11.85 -41.51
C LEU H 62 50.13 -10.47 -40.93
N ASN H 63 49.09 -9.65 -40.74
CA ASN H 63 49.17 -8.40 -40.02
C ASN H 63 49.97 -7.31 -40.73
N GLU H 64 50.06 -7.39 -42.06
CA GLU H 64 50.71 -6.34 -42.84
C GLU H 64 49.80 -5.82 -43.93
N PRO H 65 49.34 -4.55 -43.81
CA PRO H 65 48.37 -4.00 -44.76
C PRO H 65 48.96 -3.98 -46.15
N LEU H 66 48.13 -4.29 -47.16
CA LEU H 66 48.46 -4.06 -48.56
C LEU H 66 47.64 -2.91 -49.11
N ASP H 67 48.27 -1.90 -49.67
CA ASP H 67 47.55 -0.75 -50.20
C ASP H 67 46.73 -1.10 -51.43
N VAL H 68 45.46 -0.62 -51.47
CA VAL H 68 44.58 -0.85 -52.60
C VAL H 68 43.78 0.42 -52.75
N ALA H 69 42.88 0.43 -53.74
CA ALA H 69 41.95 1.50 -53.94
C ALA H 69 40.66 0.92 -54.48
N TYR H 70 39.51 1.32 -53.91
CA TYR H 70 38.21 0.80 -54.30
C TYR H 70 37.14 1.77 -53.83
N PRO H 71 36.09 2.08 -54.61
CA PRO H 71 35.85 1.53 -55.95
C PRO H 71 36.52 2.19 -57.16
N ASP H 72 37.47 3.09 -56.92
CA ASP H 72 38.25 3.71 -57.97
C ASP H 72 39.59 4.12 -57.37
N GLU H 73 40.51 4.65 -58.20
CA GLU H 73 41.89 4.86 -57.76
C GLU H 73 41.99 6.01 -56.75
N ASP H 74 40.98 6.88 -56.65
CA ASP H 74 41.01 7.99 -55.71
C ASP H 74 40.46 7.63 -54.32
N ALA H 75 40.10 6.36 -54.08
CA ALA H 75 39.57 5.94 -52.79
C ALA H 75 40.50 4.97 -52.12
N ALA H 76 41.50 5.48 -51.39
CA ALA H 76 42.50 4.63 -50.78
C ALA H 76 41.92 3.70 -49.71
N GLY H 77 42.50 2.51 -49.64
CA GLY H 77 42.21 1.56 -48.60
C GLY H 77 43.32 0.52 -48.50
N VAL H 78 43.04 -0.54 -47.75
CA VAL H 78 44.00 -1.61 -47.54
C VAL H 78 43.25 -2.93 -47.44
N LEU H 79 44.00 -3.99 -47.79
CA LEU H 79 43.66 -5.36 -47.47
C LEU H 79 44.53 -5.75 -46.29
N LEU H 80 43.98 -6.53 -45.35
CA LEU H 80 44.72 -6.96 -44.18
C LEU H 80 44.29 -8.35 -43.76
N LYS H 81 45.26 -9.21 -43.52
CA LYS H 81 44.99 -10.54 -43.03
C LYS H 81 45.28 -10.54 -41.54
N LEU H 82 44.31 -10.93 -40.72
CA LEU H 82 44.37 -10.66 -39.28
C LEU H 82 44.66 -11.89 -38.43
N GLY H 83 44.56 -13.08 -39.04
CA GLY H 83 45.00 -14.30 -38.37
C GLY H 83 43.93 -14.90 -37.48
N THR H 84 42.72 -14.33 -37.50
CA THR H 84 41.62 -14.85 -36.72
C THR H 84 40.33 -14.54 -37.46
N ARG H 85 39.28 -15.34 -37.29
CA ARG H 85 38.07 -15.11 -38.08
C ARG H 85 37.38 -13.84 -37.57
N VAL H 86 36.97 -12.92 -38.43
CA VAL H 86 36.44 -11.65 -38.00
C VAL H 86 35.30 -11.27 -38.92
N GLU H 87 34.53 -10.28 -38.51
CA GLU H 87 33.39 -9.80 -39.27
C GLU H 87 33.84 -9.25 -40.62
N GLY H 88 33.17 -9.69 -41.69
CA GLY H 88 33.49 -9.30 -43.06
C GLY H 88 34.75 -9.96 -43.61
N GLY H 89 35.35 -10.86 -42.81
CA GLY H 89 36.62 -11.49 -43.17
C GLY H 89 36.40 -12.63 -44.16
N VAL H 90 37.27 -12.74 -45.17
CA VAL H 90 37.12 -13.80 -46.17
C VAL H 90 38.39 -14.63 -46.26
N GLY H 91 38.39 -15.60 -47.22
CA GLY H 91 39.48 -16.54 -47.34
C GLY H 91 39.25 -17.76 -46.48
N PRO H 92 40.13 -18.79 -46.55
CA PRO H 92 40.01 -19.99 -45.73
C PRO H 92 39.78 -19.74 -44.25
N ASP H 93 40.50 -18.76 -43.68
CA ASP H 93 40.46 -18.52 -42.25
C ASP H 93 39.44 -17.42 -41.87
N GLY H 94 38.67 -16.90 -42.84
CA GLY H 94 37.72 -15.83 -42.58
C GLY H 94 38.39 -14.59 -41.96
N ASP H 95 39.67 -14.33 -42.29
CA ASP H 95 40.49 -13.37 -41.58
C ASP H 95 41.02 -12.25 -42.48
N ILE H 96 40.56 -12.20 -43.75
CA ILE H 96 41.02 -11.16 -44.65
C ILE H 96 39.93 -10.09 -44.80
N VAL H 97 40.31 -8.83 -44.53
CA VAL H 97 39.39 -7.71 -44.52
C VAL H 97 39.94 -6.62 -45.44
N GLY H 98 39.02 -5.79 -45.94
CA GLY H 98 39.36 -4.58 -46.65
C GLY H 98 38.62 -3.38 -46.09
N PHE H 99 39.35 -2.28 -45.92
CA PHE H 99 38.80 -1.03 -45.43
C PHE H 99 39.32 0.17 -46.20
N SER H 100 38.47 1.20 -46.33
CA SER H 100 38.91 2.57 -46.57
C SER H 100 39.87 3.02 -45.48
N THR H 101 40.97 3.71 -45.84
CA THR H 101 41.95 4.20 -44.86
C THR H 101 41.94 5.72 -44.85
N ILE H 102 40.82 6.29 -45.28
N ILE H 102 40.80 6.28 -45.24
CA ILE H 102 40.59 7.72 -45.16
CA ILE H 102 40.62 7.71 -45.13
C ILE H 102 39.61 7.94 -43.99
C ILE H 102 39.60 8.00 -44.02
N CYS H 103 40.07 8.72 -43.01
CA CYS H 103 39.28 9.00 -41.80
C CYS H 103 37.91 9.57 -42.18
N PRO H 104 36.81 8.93 -41.77
CA PRO H 104 35.48 9.44 -42.12
C PRO H 104 35.05 10.71 -41.40
N HIS H 105 35.90 11.27 -40.53
CA HIS H 105 35.59 12.54 -39.88
C HIS H 105 35.96 13.65 -40.86
N LYS H 106 37.27 13.90 -41.04
CA LYS H 106 37.75 14.98 -41.90
C LYS H 106 38.72 14.50 -42.99
N GLY H 107 38.84 13.19 -43.19
CA GLY H 107 39.53 12.69 -44.36
C GLY H 107 41.06 12.56 -44.25
N CYS H 108 41.62 12.67 -43.06
N CYS H 108 41.62 12.63 -43.05
CA CYS H 108 43.05 12.47 -42.86
CA CYS H 108 43.05 12.46 -42.84
C CYS H 108 43.40 11.00 -43.05
C CYS H 108 43.38 10.98 -43.05
N PRO H 109 44.52 10.65 -43.72
CA PRO H 109 44.92 9.25 -43.89
C PRO H 109 45.22 8.60 -42.55
N LEU H 110 44.71 7.38 -42.36
CA LEU H 110 44.91 6.64 -41.14
C LEU H 110 46.22 5.86 -41.19
N SER H 111 46.87 5.72 -40.04
CA SER H 111 48.02 4.84 -39.90
C SER H 111 47.57 3.53 -39.25
N TYR H 112 48.29 2.46 -39.51
CA TYR H 112 48.02 1.17 -38.89
C TYR H 112 49.00 0.91 -37.77
N SER H 113 48.52 0.56 -36.58
CA SER H 113 49.39 0.10 -35.52
C SER H 113 49.36 -1.42 -35.49
N ALA H 114 50.48 -2.05 -35.84
CA ALA H 114 50.53 -3.50 -35.95
C ALA H 114 50.48 -4.13 -34.56
N ASP H 115 51.00 -3.43 -33.54
CA ASP H 115 50.94 -3.94 -32.17
C ASP H 115 49.51 -4.06 -31.63
N ASN H 116 48.61 -3.11 -31.97
CA ASN H 116 47.26 -3.01 -31.41
C ASN H 116 46.26 -3.61 -32.40
N LYS H 117 46.68 -3.77 -33.66
CA LYS H 117 45.80 -3.99 -34.80
C LYS H 117 44.65 -2.99 -34.80
N THR H 118 45.03 -1.72 -34.91
CA THR H 118 44.08 -0.60 -35.01
C THR H 118 44.55 0.33 -36.12
N PHE H 119 43.58 1.03 -36.72
CA PHE H 119 43.82 2.24 -37.50
C PHE H 119 43.66 3.46 -36.62
N ASN H 120 44.55 4.44 -36.86
CA ASN H 120 44.70 5.57 -35.97
C ASN H 120 44.82 6.89 -36.76
N CYS H 121 44.08 7.91 -36.32
CA CYS H 121 44.02 9.18 -37.02
C CYS H 121 44.79 10.25 -36.25
N PRO H 122 45.90 10.78 -36.79
CA PRO H 122 46.69 11.80 -36.07
C PRO H 122 46.04 13.18 -36.03
N CYS H 123 44.97 13.40 -36.80
N CYS H 123 44.96 13.38 -36.78
CA CYS H 123 44.37 14.74 -36.80
CA CYS H 123 44.35 14.70 -36.81
C CYS H 123 43.56 14.96 -35.52
C CYS H 123 43.55 14.95 -35.53
N HIS H 124 42.55 14.11 -35.24
CA HIS H 124 41.75 14.28 -34.04
C HIS H 124 41.60 13.02 -33.21
N PHE H 125 42.59 12.12 -33.33
CA PHE H 125 42.88 11.08 -32.35
C PHE H 125 41.88 9.92 -32.40
N SER H 126 41.20 9.73 -33.52
CA SER H 126 40.30 8.60 -33.69
C SER H 126 41.07 7.28 -33.78
N VAL H 127 40.40 6.18 -33.36
CA VAL H 127 40.93 4.81 -33.36
C VAL H 127 39.81 3.89 -33.87
N PHE H 128 40.13 3.05 -34.87
CA PHE H 128 39.20 2.09 -35.46
C PHE H 128 39.76 0.68 -35.35
N ASP H 129 38.89 -0.31 -35.12
CA ASP H 129 39.30 -1.68 -34.82
C ASP H 129 38.89 -2.59 -35.98
N PRO H 130 39.84 -2.93 -36.89
CA PRO H 130 39.52 -3.83 -37.99
C PRO H 130 39.19 -5.27 -37.62
N GLU H 131 39.48 -5.67 -36.37
CA GLU H 131 39.04 -7.00 -35.89
C GLU H 131 37.58 -7.00 -35.45
N LYS H 132 36.94 -5.81 -35.40
CA LYS H 132 35.52 -5.73 -35.07
C LYS H 132 34.76 -4.84 -36.05
N GLY H 133 34.95 -5.15 -37.34
CA GLY H 133 34.17 -4.54 -38.40
C GLY H 133 34.47 -3.04 -38.59
N GLY H 134 35.65 -2.62 -38.12
CA GLY H 134 36.02 -1.23 -38.23
C GLY H 134 35.37 -0.34 -37.16
N GLN H 135 34.92 -0.94 -36.04
CA GLN H 135 34.24 -0.18 -35.01
C GLN H 135 35.18 0.93 -34.52
N GLN H 136 34.66 2.14 -34.44
CA GLN H 136 35.39 3.27 -33.86
C GLN H 136 35.47 3.04 -32.35
N VAL H 137 36.67 2.73 -31.91
CA VAL H 137 36.93 2.51 -30.51
C VAL H 137 36.70 3.80 -29.73
N TRP H 138 37.26 4.86 -30.27
CA TRP H 138 37.13 6.22 -29.73
C TRP H 138 37.34 7.16 -30.94
N GLY H 139 36.50 8.15 -31.14
CA GLY H 139 36.80 9.09 -32.20
C GLY H 139 35.66 10.06 -32.51
N GLN H 140 35.90 10.88 -33.54
CA GLN H 140 35.05 12.00 -33.89
C GLN H 140 34.12 11.65 -35.06
N ALA H 141 34.38 10.55 -35.75
CA ALA H 141 33.52 10.21 -36.90
C ALA H 141 32.15 9.76 -36.39
N THR H 142 31.10 9.94 -37.21
CA THR H 142 29.79 9.36 -36.95
C THR H 142 29.58 8.05 -37.70
N GLN H 143 30.67 7.46 -38.15
CA GLN H 143 30.67 6.24 -38.92
C GLN H 143 31.78 5.35 -38.43
N ASN H 144 31.47 4.07 -38.39
CA ASN H 144 32.50 3.05 -38.31
C ASN H 144 33.21 2.99 -39.68
N LEU H 145 34.41 2.39 -39.72
CA LEU H 145 35.27 2.50 -40.87
C LEU H 145 34.64 1.78 -42.07
N PRO H 146 34.47 2.46 -43.24
CA PRO H 146 33.87 1.83 -44.39
C PRO H 146 34.67 0.59 -44.79
N GLN H 147 33.94 -0.52 -44.87
CA GLN H 147 34.51 -1.84 -45.04
C GLN H 147 34.02 -2.38 -46.38
N TYR H 148 34.93 -3.07 -47.07
CA TYR H 148 34.65 -3.66 -48.39
C TYR H 148 33.95 -5.02 -48.26
N VAL H 149 33.00 -5.25 -49.14
CA VAL H 149 32.45 -6.56 -49.39
C VAL H 149 33.42 -7.31 -50.29
N LEU H 150 34.08 -8.33 -49.73
CA LEU H 150 35.10 -9.10 -50.45
C LEU H 150 34.59 -10.48 -50.87
N ARG H 151 35.12 -10.99 -51.98
CA ARG H 151 34.90 -12.35 -52.48
C ARG H 151 36.25 -12.92 -52.95
N VAL H 152 36.54 -14.15 -52.53
CA VAL H 152 37.73 -14.84 -52.98
C VAL H 152 37.34 -15.87 -54.06
N ALA H 153 37.93 -15.76 -55.25
CA ALA H 153 37.67 -16.70 -56.34
C ALA H 153 38.42 -18.01 -56.09
N ASP H 154 38.12 -19.04 -56.91
CA ASP H 154 38.76 -20.35 -56.78
C ASP H 154 40.27 -20.22 -57.03
N ASN H 155 40.72 -19.28 -57.86
CA ASN H 155 42.15 -19.09 -58.01
C ASN H 155 42.79 -18.21 -56.93
N GLY H 156 42.05 -17.79 -55.90
CA GLY H 156 42.63 -17.00 -54.81
C GLY H 156 42.62 -15.48 -55.05
N ASP H 157 42.05 -15.06 -56.19
CA ASP H 157 41.90 -13.63 -56.46
C ASP H 157 40.84 -13.05 -55.49
N ILE H 158 41.18 -11.88 -54.92
CA ILE H 158 40.28 -11.16 -54.03
C ILE H 158 39.64 -10.02 -54.80
N PHE H 159 38.29 -10.07 -54.86
CA PHE H 159 37.49 -9.02 -55.47
C PHE H 159 36.77 -8.22 -54.37
N ALA H 160 36.62 -6.92 -54.60
CA ALA H 160 35.78 -6.05 -53.79
C ALA H 160 34.57 -5.76 -54.62
N GLU H 161 33.39 -5.81 -53.99
CA GLU H 161 32.12 -5.70 -54.75
C GLU H 161 31.11 -4.81 -54.04
N GLY H 162 31.52 -4.09 -53.01
CA GLY H 162 30.68 -3.11 -52.37
C GLY H 162 31.40 -2.51 -51.17
N VAL H 163 30.71 -1.53 -50.53
CA VAL H 163 31.23 -0.85 -49.35
C VAL H 163 30.03 -0.55 -48.44
N ASP H 164 30.18 -0.66 -47.12
CA ASP H 164 29.04 -0.68 -46.19
C ASP H 164 28.72 0.69 -45.57
N GLU H 165 29.52 1.71 -45.89
CA GLU H 165 29.34 3.07 -45.39
C GLU H 165 29.76 4.05 -46.48
N LEU H 166 29.43 5.34 -46.29
CA LEU H 166 29.79 6.36 -47.25
C LEU H 166 31.26 6.74 -47.04
N ILE H 167 32.05 6.57 -48.12
CA ILE H 167 33.47 6.88 -48.13
C ILE H 167 33.64 8.39 -47.99
N TYR H 168 34.65 8.81 -47.24
CA TYR H 168 34.91 10.21 -47.04
C TYR H 168 35.10 10.91 -48.39
N GLY H 169 34.50 12.08 -48.56
CA GLY H 169 34.88 12.95 -49.64
C GLY H 169 34.14 12.71 -50.96
N ARG H 170 33.13 11.83 -50.94
CA ARG H 170 32.26 11.67 -52.07
C ARG H 170 30.85 11.44 -51.55
N LEU H 171 29.86 11.95 -52.29
CA LEU H 171 28.47 11.90 -51.94
C LEU H 171 27.80 10.69 -52.56
N SER H 172 28.60 9.91 -53.27
CA SER H 172 28.19 8.65 -53.84
C SER H 172 29.45 7.80 -53.88
N ASN H 173 29.37 6.55 -53.40
CA ASN H 173 30.55 5.73 -53.33
C ASN H 173 31.11 5.46 -54.72
N VAL H 174 30.22 5.44 -55.73
CA VAL H 174 30.68 5.24 -57.10
C VAL H 174 30.48 6.59 -57.78
N LEU H 175 31.59 7.26 -58.08
CA LEU H 175 31.57 8.57 -58.73
C LEU H 175 31.45 8.39 -60.25
N SER I . -14.99 -42.08 40.68
CA SER I . -15.55 -42.41 42.04
C SER I . -14.45 -43.06 42.90
O SER I . -14.78 -43.00 44.12
CB SER I . -16.75 -43.26 41.88
OG SER I . -16.41 -44.29 40.97
H1 SER I . -15.40 -41.35 40.36
H2 SER I . -15.20 -42.78 40.13
H3 SER I . -14.09 -42.03 40.72
HA SER I . -15.82 -41.56 42.48
HB2 SER I . -17.00 -43.65 42.75
HB3 SER I . -17.49 -42.73 41.53
MO 4MO J . -23.26 -22.31 17.78
FE1 F3S K . -27.20 -21.19 31.08
FE3 F3S K . -28.40 -23.49 31.67
FE4 F3S K . -26.96 -23.39 29.39
S1 F3S K . -27.36 -22.03 33.20
S2 F3S K . -25.32 -21.88 29.89
S3 F3S K . -28.85 -22.21 29.85
S4 F3S K . -27.07 -25.12 30.87
C1 EDO L . -19.32 -3.73 -5.23
O1 EDO L . -20.33 -4.78 -5.48
C2 EDO L . -18.03 -4.11 -4.56
O2 EDO L . -17.30 -5.32 -5.07
H11 EDO L . -19.74 -3.03 -4.69
H12 EDO L . -19.09 -3.33 -6.10
H21 EDO L . -18.21 -4.22 -3.61
H22 EDO L . -17.42 -3.34 -4.65
C1 PEG M . -9.70 -33.72 -1.57
O1 PEG M . -8.51 -33.12 -1.01
C2 PEG M . -9.95 -33.22 -2.94
O2 PEG M . -10.60 -31.94 -2.90
C3 PEG M . -10.20 -31.01 -3.93
C4 PEG M . -11.44 -30.53 -4.66
O4 PEG M . -11.11 -29.64 -5.72
H11 PEG M . -10.47 -33.48 -1.01
H12 PEG M . -9.61 -34.68 -1.58
H21 PEG M . -10.52 -33.87 -3.42
H22 PEG M . -9.09 -33.15 -3.43
H31 PEG M . -9.59 -31.45 -4.56
H32 PEG M . -9.74 -30.25 -3.53
H41 PEG M . -12.03 -30.06 -4.03
H42 PEG M . -11.92 -31.30 -5.03
C1 EDO N . 12.27 -22.94 21.90
O1 EDO N . 12.05 -23.37 23.22
C2 EDO N . 11.25 -23.40 20.91
O2 EDO N . 11.75 -24.38 20.02
H11 EDO N . 13.15 -23.27 21.61
H12 EDO N . 12.30 -21.97 21.89
H21 EDO N . 10.94 -22.62 20.40
H22 EDO N . 10.49 -23.77 21.40
C1 EDO O . -3.82 -1.85 13.58
O1 EDO O . -3.45 -3.32 13.62
C2 EDO O . -5.08 -1.24 13.00
O2 EDO O . -5.37 0.28 13.20
H11 EDO O . -3.07 -1.41 13.12
H12 EDO O . -3.78 -1.54 14.51
H21 EDO O . -5.85 -1.73 13.37
H22 EDO O . -5.08 -1.40 12.03
C1 EDO P . -34.66 -26.14 -3.07
C1 EDO P . -35.43 -27.84 -1.47
O1 EDO P . -33.72 -26.19 -4.12
O1 EDO P . -35.98 -26.57 -1.80
C2 EDO P . -34.63 -27.41 -2.31
C2 EDO P . -36.41 -28.93 -1.18
O2 EDO P . -35.44 -28.49 -2.80
O2 EDO P . -36.14 -30.04 -2.00
H11 EDO P . -35.55 -26.00 -3.43
H11 EDO P . -34.87 -27.74 -0.67
H12 EDO P . -34.44 -25.40 -2.46
H12 EDO P . -34.86 -28.14 -2.20
H21 EDO P . -34.91 -27.22 -1.39
H21 EDO P . -37.32 -28.61 -1.36
H22 EDO P . -33.71 -27.72 -2.28
H22 EDO P . -36.35 -29.19 -0.24
C1 EDO Q . 0.89 -19.12 6.87
O1 EDO Q . 1.71 -19.21 8.02
C2 EDO Q . 0.47 -17.72 6.57
O2 EDO Q . -0.89 -17.62 6.13
H11 EDO Q . 0.10 -19.67 7.01
H12 EDO Q . 1.38 -19.47 6.10
H21 EDO Q . 1.05 -17.36 5.87
H22 EDO Q . 0.58 -17.17 7.37
C1 PEG R . -18.98 -53.41 21.61
O1 PEG R . -19.28 -54.59 20.92
C2 PEG R . -18.96 -53.60 23.09
O2 PEG R . -19.19 -52.32 23.70
C3 PEG R . -20.46 -52.23 24.35
C4 PEG R . -20.42 -51.25 25.47
O4 PEG R . -21.64 -51.21 26.11
H11 PEG R . -19.65 -52.73 21.38
H12 PEG R . -18.11 -53.09 21.32
H21 PEG R . -18.09 -53.94 23.37
H22 PEG R . -19.66 -54.23 23.35
H31 PEG R . -20.70 -53.11 24.70
H32 PEG R . -21.14 -51.98 23.70
H41 PEG R . -20.21 -50.36 25.11
H42 PEG R . -19.72 -51.51 26.11
PB MGD S . -19.51 -15.20 19.89
O1B MGD S . -18.37 -15.24 20.85
O2B MGD S . -20.86 -15.89 20.03
O3B MGD S . -18.92 -15.77 18.54
O3A MGD S . -19.01 -17.19 16.59
PA MGD S . -19.42 -15.70 17.01
O1A MGD S . -20.86 -15.49 17.03
O2A MGD S . -18.48 -14.87 16.19
O5' MGD S . -19.60 -13.67 19.39
C5' MGD S . -20.67 -12.91 19.96
C4' MGD S . -20.35 -11.45 19.76
O4' MGD S . -21.59 -10.67 20.03
C3' MGD S . -19.25 -10.96 20.73
O3' MGD S . -18.35 -10.07 20.09
C2' MGD S . -20.12 -10.32 21.86
O2' MGD S . -19.48 -9.29 22.59
C1' MGD S . -21.30 -9.75 21.04
N9 MGD S . -22.52 -9.54 21.78
C8 MGD S . -23.01 -10.23 22.86
N7 MGD S . -24.24 -9.84 23.19
C5 MGD S . -24.53 -8.82 22.29
C6 MGD S . -25.70 -8.03 22.15
O6 MGD S . -26.71 -8.04 22.86
N1 MGD S . -25.61 -7.21 21.04
C2 MGD S . -24.55 -7.14 20.17
N2 MGD S . -24.62 -6.31 19.14
N3 MGD S . -23.43 -7.87 20.32
C4 MGD S . -23.48 -8.63 21.43
C10 MGD S . -19.65 -18.30 17.20
C11 MGD S . -19.73 -19.40 16.17
O11 MGD S . -18.40 -19.90 16.08
C12 MGD S . -20.71 -20.52 16.56
S12 MGD S . -22.14 -20.15 17.48
C13 MGD S . -20.46 -21.71 16.15
S13 MGD S . -21.50 -23.06 16.51
C14 MGD S . -19.24 -22.10 15.37
N15 MGD S . -18.53 -23.13 16.09
C16 MGD S . -17.19 -23.40 15.64
C17 MGD S . -16.55 -24.65 15.85
O17 MGD S . -17.08 -25.65 16.33
N18 MGD S . -15.26 -24.73 15.37
C19 MGD S . -14.61 -23.70 14.78
N19 MGD S . -13.36 -23.89 14.40
N20 MGD S . -15.15 -22.50 14.63
C21 MGD S . -16.46 -22.37 15.05
N22 MGD S . -17.01 -21.16 14.79
C23 MGD S . -18.37 -20.83 15.02
H5'1 MGD S . -20.76 -13.12 20.92
H5'2 MGD S . -21.52 -13.13 19.50
H4' MGD S . -20.07 -11.30 18.83
H3' MGD S . -18.75 -11.73 21.09
H2' MGD S . -20.43 -11.01 22.48
H1' MGD S . -21.02 -8.90 20.65
H8 MGD S . -22.52 -10.86 23.34
HN1 MGD S . -26.30 -6.67 20.87
HN21 MGD S . -23.97 -6.26 18.56
HN22 MGD S . -25.33 -5.79 19.04
H101 MGD S . -20.55 -18.05 17.50
H102 MGD S . -19.13 -18.60 17.97
H11 MGD S . -20.01 -19.00 15.31
H14 MGD S . -19.56 -22.49 14.53
H15 MGD S . -18.88 -23.55 16.76
H18 MGD S . -14.83 -25.49 15.47
H191 MGD S . -12.91 -23.25 14.02
H192 MGD S . -12.98 -24.68 14.52
H22 MGD S . -16.50 -20.55 14.46
H23 MGD S . -18.72 -20.41 14.20
PB MGD T . -18.64 -29.03 20.28
O1B MGD T . -17.65 -28.93 21.38
O2B MGD T . -18.63 -27.98 19.23
O3B MGD T . -20.04 -28.92 21.07
O3A MGD T . -22.35 -28.07 21.24
PA MGD T . -21.56 -29.34 20.76
O1A MGD T . -21.77 -29.54 19.33
O2A MGD T . -21.98 -30.35 21.79
O5' MGD T . -18.65 -30.41 19.54
C5' MGD T . -19.27 -31.55 20.12
C4' MGD T . -18.45 -32.79 19.84
O4' MGD T . -18.28 -33.04 18.42
C3' MGD T . -17.03 -32.79 20.40
O3' MGD T . -16.98 -33.56 21.59
C2' MGD T . -16.17 -33.40 19.27
O2' MGD T . -15.23 -34.39 19.65
C1' MGD T . -17.22 -33.95 18.33
N9 MGD T . -16.84 -34.20 16.96
C8 MGD T . -15.76 -33.72 16.25
N7 MGD T . -15.69 -34.15 15.03
C5 MGD T . -16.73 -35.07 14.93
C6 MGD T . -17.14 -35.87 13.84
O6 MGD T . -16.63 -35.97 12.72
N1 MGD T . -18.27 -36.64 14.16
C2 MGD T . -18.86 -36.63 15.40
N2 MGD T . -19.93 -37.40 15.53
N3 MGD T . -18.52 -35.85 16.41
C4 MGD T . -17.46 -35.09 16.09
C10 MGD T . -22.12 -26.80 20.57
C11 MGD T . -23.15 -25.87 21.10
O11 MGD T . -22.78 -25.70 22.47
C12 MGD T . -23.21 -24.57 20.33
S12 MGD T . -23.22 -24.54 18.58
C13 MGD T . -23.10 -23.37 20.98
S13 MGD T . -23.19 -21.80 20.10
C14 MGD T . -23.05 -23.30 22.47
N15 MGD T . -21.75 -22.85 22.93
C16 MGD T . -21.29 -23.17 24.17
C17 MGD T . -20.09 -22.63 24.65
O17 MGD T . -19.50 -21.69 24.05
N18 MGD T . -19.68 -23.06 25.88
C19 MGD T . -20.37 -24.00 26.61
N19 MGD T . -19.78 -24.47 27.68
N20 MGD T . -21.47 -24.58 26.14
C21 MGD T . -21.99 -24.08 24.98
N22 MGD T . -23.12 -24.62 24.50
C23 MGD T . -23.46 -24.61 23.10
H5'1 MGD T . -20.18 -31.67 19.74
H5'2 MGD T . -19.35 -31.44 21.10
H4' MGD T . -18.93 -33.55 20.22
H3' MGD T . -16.73 -31.86 20.58
H2' MGD T . -15.66 -32.67 18.81
H1' MGD T . -17.53 -34.80 18.71
H8 MGD T . -15.19 -33.05 16.60
HN1 MGD T . -18.58 -37.19 13.54
HN21 MGD T . -20.36 -37.44 16.29
HN22 MGD T . -20.21 -37.87 14.85
H101 MGD T . -22.21 -26.90 19.60
H102 MGD T . -21.23 -26.46 20.78
H11 MGD T . -24.04 -26.32 21.05
H14 MGD T . -23.71 -22.62 22.73
H15 MGD T . -21.26 -22.34 22.40
H18 MGD T . -18.91 -22.75 26.20
H191 MGD T . -20.17 -25.09 28.16
H192 MGD T . -18.99 -24.16 27.93
H22 MGD T . -23.67 -24.99 25.05
H23 MGD T . -24.43 -24.73 23.00
S SO4 U . -26.62 11.48 21.21
O1 SO4 U . -27.83 10.90 21.68
O2 SO4 U . -26.77 11.87 19.74
O3 SO4 U . -26.29 12.71 22.01
O4 SO4 U . -25.50 10.58 21.54
O22 P33 V . -41.75 -17.46 12.66
C21 P33 V . -41.26 -17.54 14.02
C20 P33 V . -41.60 -18.89 14.65
O19 P33 V . -40.81 -19.18 15.80
C18 P33 V . -41.03 -20.49 16.37
C17 P33 V . -40.17 -21.56 15.68
O16 P33 V . -40.58 -22.89 16.00
C15 P33 V . -39.95 -23.91 15.18
C14 P33 V . -38.42 -24.13 15.53
O13 P33 V . -37.48 -24.21 14.43
C12 P33 V . -36.13 -23.71 14.63
C11 P33 V . -36.01 -22.20 14.29
O10 P33 V . -34.73 -21.82 13.75
C9 P33 V . -34.70 -20.59 12.99
C8 P33 V . -35.19 -20.71 11.49
O7 P33 V . -34.34 -20.13 10.48
C6 P33 V . -33.03 -20.72 10.34
C5 P33 V . -31.95 -19.72 9.89
O4 P33 V . -32.17 -19.10 8.61
C3 P33 V . -32.57 -20.01 7.58
C2 P33 V . -32.26 -19.43 6.24
O1 P33 V . -32.93 -20.15 5.14
H211 P33 V . -41.66 -16.82 14.56
H212 P33 V . -40.29 -17.41 14.03
H201 P33 V . -41.46 -19.60 13.97
H202 P33 V . -42.55 -18.90 14.89
H181 P33 V . -41.97 -20.72 16.28
H182 P33 V . -40.81 -20.47 17.32
H171 P33 V . -39.24 -21.43 15.93
H172 P33 V . -40.23 -21.43 14.70
H151 P33 V . -40.02 -23.66 14.24
H152 P33 V . -40.42 -24.77 15.30
H141 P33 V . -38.34 -24.95 16.06
H142 P33 V . -38.14 -23.39 16.10
H121 P33 V . -35.51 -24.23 14.07
H122 P33 V . -35.87 -23.86 15.57
H111 P33 V . -36.19 -21.67 15.10
H112 P33 V . -36.71 -21.96 13.64
H91 P33 V . -33.78 -20.24 13.00
H92 P33 V . -35.26 -19.93 13.45
H81 P33 V . -36.08 -20.30 11.42
H82 P33 V . -35.31 -21.66 11.28
H61 P33 V . -33.07 -21.45 9.69
H62 P33 V . -32.75 -21.10 11.20
H51 P33 V . -31.08 -20.18 9.87
H52 P33 V . -31.88 -19.01 10.57
H31 P33 V . -33.53 -20.19 7.65
H32 P33 V . -32.09 -20.85 7.69
H21 P33 V . -31.28 -19.48 6.08
H22A P33 V . -32.52 -18.50 6.22
C1 GOL W . -14.15 -12.79 39.10
O1 GOL W . -14.44 -13.84 38.15
C2 GOL W . -14.49 -11.40 38.62
O2 GOL W . -14.39 -10.46 39.71
C3 GOL W . -13.62 -10.95 37.45
O3 GOL W . -14.12 -9.69 37.00
H11 GOL W . -13.19 -12.82 39.32
H12 GOL W . -14.66 -12.97 39.92
H2 GOL W . -15.43 -11.41 38.31
H31 GOL W . -13.68 -11.60 36.72
H32 GOL W . -12.68 -10.86 37.73
C1 GOL X . -36.04 -55.89 27.13
O1 GOL X . -37.35 -55.51 26.70
C2 GOL X . -34.90 -55.23 26.37
O2 GOL X . -34.97 -55.55 24.99
C3 GOL X . -34.81 -53.72 26.52
O3 GOL X . -36.03 -53.09 26.92
H11 GOL X . -35.95 -56.86 27.04
H12 GOL X . -35.95 -55.66 28.09
H2 GOL X . -34.06 -55.61 26.71
H31 GOL X . -34.51 -53.34 25.67
H32 GOL X . -34.12 -53.51 27.20
O O Y . -24.84 -22.35 16.82
FE1 FES Z . -23.09 -29.95 41.37
FE2 FES Z . -21.03 -30.76 43.13
S1 FES Z . -21.03 -30.80 40.84
S2 FES Z . -23.18 -30.31 43.70
MO 4MO AA . -9.28 -14.51 -32.41
FE1 F3S BA . -2.83 -12.24 -44.47
FE3 F3S BA . -4.47 -13.14 -46.38
FE4 F3S BA . -5.40 -12.86 -43.90
S1 F3S BA . -2.82 -11.57 -46.72
S2 F3S BA . -4.14 -11.12 -43.12
S3 F3S BA . -3.82 -14.31 -44.51
S4 F3S BA . -6.50 -12.26 -45.88
C1 EDO CA . 23.65 -18.86 -13.22
O1 EDO CA . 23.88 -19.56 -14.41
C2 EDO CA . 23.70 -17.43 -13.56
O2 EDO CA . 23.20 -16.52 -12.57
H11 EDO CA . 24.34 -19.07 -12.56
H12 EDO CA . 22.78 -19.09 -12.85
H21 EDO CA . 23.21 -17.29 -14.39
H22 EDO CA . 24.65 -17.18 -13.73
C1 EDO DA . 23.36 -16.80 -4.80
O1 EDO DA . 22.33 -17.60 -5.19
C2 EDO DA . 23.99 -16.36 -6.02
O2 EDO DA . 24.06 -14.93 -5.98
H11 EDO DA . 24.00 -17.31 -4.24
H12 EDO DA . 23.03 -16.03 -4.29
H21 EDO DA . 23.46 -16.66 -6.79
H22 EDO DA . 24.90 -16.74 -6.08
C1 PEG EA . 22.01 -30.54 -15.08
O1 PEG EA . 21.74 -30.97 -13.80
C2 PEG EA . 20.78 -30.26 -15.89
O2 PEG EA . 21.05 -29.19 -16.80
C3 PEG EA . 20.17 -29.06 -17.92
C4 PEG EA . 20.91 -29.42 -19.16
O4 PEG EA . 20.04 -29.75 -20.22
H11 PEG EA . 22.55 -31.21 -15.54
H12 PEG EA . 22.54 -29.71 -15.03
H21 PEG EA . 20.03 -30.01 -15.29
H22 PEG EA . 20.51 -31.07 -16.39
H31 PEG EA . 19.86 -28.13 -17.99
H32 PEG EA . 19.39 -29.63 -17.81
H41 PEG EA . 21.48 -30.20 -18.97
H42 PEG EA . 21.48 -28.68 -19.44
C1 EDO FA . -12.11 -15.35 -6.37
O1 EDO FA . -13.23 -14.64 -5.93
C2 EDO FA . -12.46 -16.74 -6.67
O2 EDO FA . -12.13 -17.12 -8.00
H11 EDO FA . -11.42 -15.33 -5.67
H12 EDO FA . -11.75 -14.93 -7.18
H21 EDO FA . -13.42 -16.86 -6.54
H22 EDO FA . -11.98 -17.33 -6.05
C1 EDO GA . 12.48 -17.72 -58.83
O1 EDO GA . 13.36 -18.47 -57.90
C2 EDO GA . 11.03 -18.07 -58.95
O2 EDO GA . 10.06 -17.00 -58.70
H11 EDO GA . 12.87 -17.77 -59.72
H12 EDO GA . 12.51 -16.77 -58.56
H21 EDO GA . 10.84 -18.80 -58.33
H22 EDO GA . 10.88 -18.40 -59.86
PB MGD HA . -15.41 -9.44 -35.45
O1B MGD HA . -15.22 -8.02 -35.93
O2B MGD HA . -14.85 -9.78 -34.06
O3B MGD HA . -14.79 -10.32 -36.60
O3A MGD HA . -13.41 -12.25 -37.28
PA MGD HA . -14.91 -11.87 -37.08
O1A MGD HA . -15.61 -12.63 -36.02
O2A MGD HA . -15.43 -11.74 -38.49
O5' MGD HA . -16.99 -9.71 -35.37
C5' MGD HA . -17.75 -10.11 -36.56
C4' MGD HA . -19.14 -9.53 -36.52
O4' MGD HA . -19.87 -9.99 -35.37
C3' MGD HA . -19.25 -8.00 -36.44
O3' MGD HA . -19.41 -7.43 -37.72
C2' MGD HA . -20.38 -7.75 -35.45
O2' MGD HA . -21.28 -6.73 -35.80
C1' MGD HA . -20.97 -9.13 -35.29
N9 MGD HA . -21.70 -9.36 -34.06
C8 MGD HA . -21.72 -8.63 -32.91
N7 MGD HA . -22.61 -9.06 -32.03
C5 MGD HA . -23.22 -10.14 -32.66
C6 MGD HA . -24.29 -10.98 -32.26
O6 MGD HA . -24.91 -11.01 -31.20
N1 MGD HA . -24.65 -11.88 -33.26
C2 MGD HA . -24.09 -11.94 -34.49
N2 MGD HA . -24.58 -12.85 -35.34
N3 MGD HA . -23.11 -11.14 -34.91
C4 MGD HA . -22.73 -10.26 -33.94
C10 MGD HA . -12.56 -12.46 -36.10
C11 MGD HA . -11.26 -13.06 -36.52
O11 MGD HA . -10.82 -12.11 -37.46
C12 MGD HA . -10.31 -13.33 -35.35
S12 MGD HA . -11.06 -14.09 -33.96
C13 MGD HA . -9.07 -12.99 -35.34
S13 MGD HA . -7.95 -13.43 -34.01
C14 MGD HA . -8.53 -12.33 -36.58
N15 MGD HA . -8.14 -10.97 -36.32
C16 MGD HA . -8.14 -9.99 -37.29
C17 MGD HA . -7.64 -8.71 -37.02
O17 MGD HA . -7.21 -8.33 -35.95
N18 MGD HA . -7.83 -7.78 -38.01
C19 MGD HA . -8.32 -8.11 -39.26
N19 MGD HA . -8.46 -7.12 -40.14
N20 MGD HA . -8.80 -9.30 -39.52
C21 MGD HA . -8.70 -10.25 -38.54
N22 MGD HA . -9.13 -11.50 -38.82
C23 MGD HA . -9.47 -12.45 -37.81
H5'1 MGD HA . -17.81 -11.10 -36.58
H5'2 MGD HA . -17.29 -9.80 -37.37
H4' MGD HA . -19.61 -9.84 -37.33
H3' MGD HA . -18.41 -7.67 -36.05
H2' MGD HA . -19.98 -7.48 -34.59
H1' MGD HA . -21.56 -9.29 -36.06
H8 MGD HA . -21.10 -7.95 -32.73
HN1 MGD HA . -25.32 -12.44 -33.07
HN21 MGD HA . -24.25 -12.93 -36.15
HN22 MGD HA . -25.25 -13.36 -35.09
H101 MGD HA . -13.01 -13.06 -35.47
H102 MGD HA . -12.40 -11.61 -35.65
H11 MGD HA . -11.45 -13.91 -36.99
H14 MGD HA . -7.70 -12.83 -36.80
H15 MGD HA . -7.89 -10.76 -35.50
H18 MGD HA . -7.53 -6.95 -37.87
H191 MGD HA . -8.78 -7.28 -40.94
H192 MGD HA . -8.25 -6.31 -39.92
H22 MGD HA . -9.20 -11.74 -39.64
H23 MGD HA . -9.43 -13.35 -38.19
PB MGD IA . -2.73 -10.00 -29.84
O1B MGD IA . -2.65 -8.58 -30.26
O2B MGD IA . -2.89 -11.11 -30.89
O3B MGD IA . -3.92 -10.13 -28.77
O3A MGD IA . -5.85 -11.17 -27.71
PA MGD IA . -4.23 -11.26 -27.67
O1A MGD IA . -3.62 -12.57 -28.06
O2A MGD IA . -3.91 -10.69 -26.28
O5' MGD IA . -1.57 -10.31 -28.83
C5' MGD IA . -0.45 -10.97 -29.45
C4' MGD IA . 0.76 -10.73 -28.58
O4' MGD IA . 1.80 -11.65 -28.97
C3' MGD IA . 1.36 -9.33 -28.74
O3' MGD IA . 1.86 -8.85 -27.52
C2' MGD IA . 2.48 -9.56 -29.74
O2' MGD IA . 3.52 -8.61 -29.71
C1' MGD IA . 2.96 -10.94 -29.31
N9 MGD IA . 3.67 -11.76 -30.29
C8 MGD IA . 3.55 -11.79 -31.66
N7 MGD IA . 4.30 -12.68 -32.24
C5 MGD IA . 4.93 -13.32 -31.17
C6 MGD IA . 5.80 -14.43 -31.16
O6 MGD IA . 6.20 -15.07 -32.13
N1 MGD IA . 6.19 -14.80 -29.87
C2 MGD IA . 5.73 -14.21 -28.74
N2 MGD IA . 6.16 -14.76 -27.60
N3 MGD IA . 4.90 -13.16 -28.73
C4 MGD IA . 4.56 -12.75 -29.97
C10 MGD IA . -6.54 -11.39 -28.97
C11 MGD IA . -7.89 -11.92 -28.62
O11 MGD IA . -8.59 -10.77 -28.15
C12 MGD IA . -8.61 -12.61 -29.76
S12 MGD IA . -7.65 -13.50 -30.82
C13 MGD IA . -9.90 -12.59 -29.82
S13 MGD IA . -10.75 -13.51 -31.05
C14 MGD IA . -10.68 -11.80 -28.82
N15 MGD IA . -11.51 -10.85 -29.52
C16 MGD IA . -12.19 -9.92 -28.76
C17 MGD IA . -13.34 -9.30 -29.23
O17 MGD IA . -13.98 -9.65 -30.22
N18 MGD IA . -13.90 -8.34 -28.38
C19 MGD IA . -13.28 -7.94 -27.21
N19 MGD IA . -13.86 -7.00 -26.49
N20 MGD IA . -12.20 -8.53 -26.75
C21 MGD IA . -11.63 -9.48 -27.54
N22 MGD IA . -10.50 -10.03 -27.07
C23 MGD IA . -9.85 -11.17 -27.64
H5'1 MGD IA . -0.30 -10.60 -30.35
H5'2 MGD IA . -0.63 -11.94 -29.53
H4' MGD IA . 0.52 -10.90 -27.65
H3' MGD IA . 0.69 -8.69 -29.11
H2' MGD IA . 2.10 -9.60 -30.66
H1' MGD IA . 3.52 -10.84 -28.52
H8 MGD IA . 3.05 -11.16 -32.14
HN1 MGD IA . 6.73 -15.51 -29.79
HN21 MGD IA . 5.89 -14.44 -26.84
HN22 MGD IA . 6.73 -15.42 -27.63
H101 MGD IA . -6.05 -12.03 -29.52
H102 MGD IA . -6.63 -10.55 -29.47
H11 MGD IA . -7.77 -12.55 -27.86
H14 MGD IA . -11.29 -12.45 -28.40
H15 MGD IA . -11.58 -10.86 -30.39
H18 MGD IA . -14.63 -7.94 -28.63
H191 MGD IA . -13.50 -6.73 -25.73
H192 MGD IA . -14.62 -6.65 -26.76
H22 MGD IA . -10.14 -9.68 -26.37
H23 MGD IA . -9.71 -11.83 -26.94
S SO4 JA . 23.62 -15.05 -22.98
O1 SO4 JA . 23.50 -15.91 -24.12
O2 SO4 JA . 22.67 -13.95 -23.19
O3 SO4 JA . 25.01 -14.36 -22.97
O4 SO4 JA . 23.42 -15.88 -21.71
O22 P33 KA . 16.37 1.59 -50.77
C21 P33 KA . 17.08 0.55 -50.08
C20 P33 KA . 18.43 0.94 -49.61
O19 P33 KA . 18.45 0.92 -48.18
C18 P33 KA . 19.75 0.98 -47.59
C17 P33 KA . 19.73 1.75 -46.32
O16 P33 KA . 18.70 2.73 -46.32
C15 P33 KA . 18.76 3.64 -45.23
C14 P33 KA . 17.67 4.69 -45.31
O13 P33 KA . 16.63 4.24 -44.49
C12 P33 KA . 15.41 4.96 -44.41
C11 P33 KA . 14.76 4.86 -45.71
O10 P33 KA . 13.46 5.35 -45.55
C9 P33 KA . 12.79 5.58 -46.81
C8 P33 KA . 13.42 6.71 -47.49
O7 P33 KA . 12.39 7.53 -47.96
C6 P33 KA . 12.68 8.93 -48.03
C5 P33 KA . 13.44 9.27 -49.23
O4 P33 KA . 14.83 9.35 -48.91
C3 P33 KA . 15.65 9.75 -50.02
C2 P33 KA . 17.07 9.92 -49.59
O1 P33 KA . 17.88 8.74 -49.70
H211 P33 KA . 17.18 -0.21 -50.70
H212 P33 KA . 16.55 0.26 -49.32
H201 P33 KA . 18.66 1.85 -49.92
H202 P33 KA . 19.11 0.32 -49.96
H181 P33 KA . 20.37 1.40 -48.22
H182 P33 KA . 20.07 0.07 -47.41
H171 P33 KA . 20.60 2.20 -46.20
H172 P33 KA . 19.61 1.14 -45.57
H151 P33 KA . 19.63 4.08 -45.23
H152 P33 KA . 18.68 3.15 -44.39
H141 P33 KA . 17.36 4.80 -46.23
H142 P33 KA . 18.01 5.56 -44.98
H121 P33 KA . 15.58 5.91 -44.19
H122 P33 KA . 14.83 4.58 -43.71
H111 P33 KA . 14.74 3.93 -46.00
H112 P33 KA . 15.26 5.40 -46.37
H91 P33 KA . 11.84 5.77 -46.64
H92 P33 KA . 12.86 4.77 -47.37
H81 P33 KA . 13.97 6.39 -48.24
H82 P33 KA . 13.99 7.21 -46.88
H61 P33 KA . 13.19 9.19 -47.23
H62 P33 KA . 11.84 9.44 -48.03
H51 P33 KA . 13.14 10.13 -49.59
H52 P33 KA . 13.30 8.58 -49.92
H31 P33 KA . 15.31 10.60 -50.38
H32 P33 KA . 15.59 9.07 -50.73
H21 P33 KA . 17.09 10.23 -48.66
H22A P33 KA . 17.48 10.63 -50.14
O22 P33 LA . -9.66 -27.78 -25.14
C21 P33 LA . -8.55 -27.75 -25.99
C20 P33 LA . -8.13 -26.37 -26.18
O19 P33 LA . -7.64 -26.14 -27.49
C18 P33 LA . -8.67 -25.95 -28.47
C17 P33 LA . -8.11 -26.27 -29.83
O16 P33 LA . -7.66 -27.64 -29.93
C15 P33 LA . -7.56 -28.16 -31.27
C14 P33 LA . -7.08 -27.16 -32.38
O13 P33 LA . -8.09 -26.86 -33.37
C12 P33 LA . -7.98 -27.51 -34.65
C11 P33 LA . -9.38 -27.88 -35.19
O10 P33 LA . -9.39 -28.65 -36.41
C9 P33 LA . -8.82 -29.96 -36.29
C8 P33 LA . -8.60 -30.68 -37.62
O7 P33 LA . -7.23 -30.61 -38.07
C6 P33 LA . -6.37 -31.71 -37.76
C5 P33 LA . -4.97 -31.17 -37.51
O4 P33 LA . -4.56 -31.20 -36.12
C3 P33 LA . -3.24 -31.69 -35.90
C2 P33 LA . -2.82 -31.79 -34.40
O1 P33 LA . -3.01 -33.10 -33.75
H211 P33 LA . -8.79 -28.14 -26.85
H212 P33 LA . -7.83 -28.26 -25.59
H201 P33 LA . -7.41 -26.16 -25.53
H202 P33 LA . -8.87 -25.76 -25.99
H181 P33 LA . -8.98 -25.02 -28.45
H182 P33 LA . -9.44 -26.54 -28.27
H171 P33 LA . -7.36 -25.67 -30.01
H172 P33 LA . -8.79 -26.11 -30.51
H151 P33 LA . -8.44 -28.51 -31.53
H152 P33 LA . -6.94 -28.92 -31.26
H141 P33 LA . -6.29 -27.55 -32.84
H142 P33 LA . -6.79 -26.32 -31.96
H121 P33 LA . -7.44 -28.33 -34.55
H122 P33 LA . -7.53 -26.92 -35.28
H111 P33 LA . -9.88 -27.04 -35.35
H112 P33 LA . -9.86 -28.38 -34.51
H91 P33 LA . -9.42 -30.50 -35.74
H92 P33 LA . -7.96 -29.89 -35.82
H81 P33 LA . -9.17 -30.27 -38.31
H82 P33 LA . -8.86 -31.62 -37.53
H61 P33 LA . -6.36 -32.33 -38.52
H62 P33 LA . -6.70 -32.18 -36.97
H51 P33 LA . -4.93 -30.23 -37.82
H52 P33 LA . -4.33 -31.67 -38.04
H31 P33 LA . -2.60 -31.10 -36.37
H32 P33 LA . -3.18 -32.58 -36.31
H21 P33 LA . -3.32 -31.11 -33.89
H22A P33 LA . -1.87 -31.55 -34.33
O O MA . -9.25 -16.22 -32.21
FE1 FES NA . -8.05 -4.32 -55.03
FE2 FES NA . -8.54 -1.73 -55.89
S1 FES NA . -9.28 -2.68 -54.00
S2 FES NA . -7.49 -3.31 -57.07
MO 4MO OA . 6.55 17.22 31.86
FE1 F3S PA . 1.39 13.60 44.27
FE3 F3S PA . 1.81 15.77 45.88
FE4 F3S PA . 2.12 16.09 43.26
S1 F3S PA . 0.14 14.14 46.25
S2 F3S PA . 0.59 14.62 42.39
S3 F3S PA . 3.42 14.76 44.52
S4 F3S PA . 1.18 17.52 44.75
C1 EDO QA . 6.73 -6.17 50.79
O1 EDO QA . 6.38 -5.69 52.14
C2 EDO QA . 7.54 -7.43 50.67
O2 EDO QA . 7.85 -7.77 49.28
H11 EDO QA . 7.22 -5.45 50.34
H12 EDO QA . 5.89 -6.30 50.29
H21 EDO QA . 7.05 -8.17 51.08
H22 EDO QA . 8.39 -7.32 51.16
C1 PEG RA . 7.74 7.54 5.51
O1 PEG RA . 7.01 6.37 5.14
C2 PEG RA . 7.41 8.83 4.76
O2 PEG RA . 8.54 9.22 4.00
C3 PEG RA . 8.82 8.56 2.75
C4 PEG RA . 7.95 9.15 1.64
O4 PEG RA . 6.85 8.37 1.19
H11 PEG RA . 8.69 7.37 5.36
H12 PEG RA . 7.61 7.70 6.46
H21 PEG RA . 7.15 9.53 5.39
H22 PEG RA . 6.65 8.67 4.16
H31 PEG RA . 8.64 7.61 2.84
H32 PEG RA . 9.76 8.68 2.52
H41 PEG RA . 8.52 9.34 0.86
H42 PEG RA . 7.59 10.00 1.95
C1 PEG SA . 30.62 -1.62 17.60
O1 PEG SA . 31.06 -2.91 17.14
C2 PEG SA . 29.69 -0.95 16.63
O2 PEG SA . 28.94 -1.96 15.97
C3 PEG SA . 27.83 -1.51 15.20
C4 PEG SA . 27.35 -2.63 14.29
O4 PEG SA . 27.55 -2.34 12.91
H11 PEG SA . 31.40 -1.05 17.74
H12 PEG SA . 30.16 -1.72 18.46
H21 PEG SA . 30.21 -0.43 15.97
H22 PEG SA . 29.08 -0.34 17.10
H31 PEG SA . 28.07 -0.73 14.66
H32 PEG SA . 27.10 -1.25 15.81
H41 PEG SA . 26.40 -2.79 14.46
H42 PEG SA . 27.84 -3.44 14.52
C1 EDO TA . 20.41 15.38 29.53
O1 EDO TA . 19.09 14.77 29.74
C2 EDO TA . 20.64 15.80 28.12
O2 EDO TA . 21.94 16.29 27.73
H11 EDO TA . 21.11 14.74 29.79
H12 EDO TA . 20.49 16.17 30.12
H21 EDO TA . 19.98 16.50 27.91
H22 EDO TA . 20.42 15.03 27.54
C1 EDO UA . -1.21 45.60 41.08
O1 EDO UA . -1.52 44.43 41.85
C2 EDO UA . -2.10 45.79 39.89
O2 EDO UA . -1.58 46.58 38.81
H11 EDO UA . -0.29 45.54 40.77
H12 EDO UA . -1.29 46.39 41.67
H21 EDO UA . -2.93 46.20 40.19
H22 EDO UA . -2.33 44.91 39.53
C1 PEG VA . 4.61 38.57 19.36
O1 PEG VA . 3.29 38.10 19.65
C2 PEG VA . 5.05 38.20 17.97
O2 PEG VA . 3.89 38.04 17.16
C3 PEG VA . 3.19 39.28 16.92
C4 PEG VA . 1.93 39.06 16.12
O4 PEG VA . 1.39 40.26 15.56
H11 PEG VA . 5.24 38.19 20.01
H12 PEG VA . 4.64 39.55 19.44
H21 PEG VA . 5.55 37.36 17.99
H22 PEG VA . 5.63 38.91 17.61
H31 PEG VA . 3.78 39.91 16.45
H32 PEG VA . 2.96 39.69 17.78
H41 PEG VA . 1.26 38.66 16.69
H42 PEG VA . 2.13 38.44 15.39
C1 PEG WA . 26.10 49.00 39.87
O1 PEG WA . 24.75 49.40 39.70
C2 PEG WA . 26.62 48.10 38.77
O2 PEG WA . 27.30 46.98 39.36
C3 PEG WA . 28.39 46.51 38.60
C4 PEG WA . 29.21 45.75 39.51
O4 PEG WA . 30.46 46.31 39.66
H11 PEG WA . 26.19 48.53 40.72
H12 PEG WA . 26.66 49.80 39.91
H21 PEG WA . 27.23 48.60 38.20
H22 PEG WA . 25.87 47.79 38.22
H31 PEG WA . 28.90 47.25 38.22
H32 PEG WA . 28.07 45.93 37.87
H41 PEG WA . 29.30 44.83 39.19
H42 PEG WA . 28.77 45.72 40.39
C1 EDO XA . -5.97 19.00 8.42
O1 EDO XA . -6.70 20.10 9.04
C2 EDO XA . -6.80 17.81 8.02
O2 EDO XA . -6.02 16.64 7.99
H11 EDO XA . -5.28 18.69 9.04
H12 EDO XA . -5.52 19.33 7.63
H21 EDO XA . -7.19 17.96 7.14
H22 EDO XA . -7.53 17.69 8.66
C1 EDO YA . 7.28 32.63 10.43
O1 EDO YA . 6.03 31.97 10.18
C2 EDO YA . 8.50 31.75 10.44
O2 EDO YA . 8.88 30.97 9.29
H11 EDO YA . 7.23 33.08 11.29
H12 EDO YA . 7.42 33.31 9.74
H21 EDO YA . 8.40 31.12 11.19
H22 EDO YA . 9.26 32.32 10.66
C1 EDO ZA . 2.46 24.60 7.20
O1 EDO ZA . 3.14 23.33 7.24
C2 EDO ZA . 1.68 24.85 5.98
O2 EDO ZA . 1.44 26.24 5.81
H11 EDO ZA . 3.14 25.31 7.29
H12 EDO ZA . 1.87 24.66 7.98
H21 EDO ZA . 0.82 24.38 6.04
H22 EDO ZA . 2.17 24.51 5.20
C1 EDO AB . 25.49 20.07 29.67
O1 EDO AB . 25.02 21.09 30.55
C2 EDO AB . 24.31 19.42 29.12
O2 EDO AB . 23.24 19.45 30.06
H11 EDO AB . 26.03 19.41 30.17
H12 EDO AB . 26.03 20.46 28.95
H21 EDO AB . 24.51 18.49 28.90
H22 EDO AB . 24.03 19.89 28.30
C1 EDO BB . 24.26 24.18 52.60
O1 EDO BB . 23.20 24.61 51.74
C2 EDO BB . 24.25 22.79 53.02
O2 EDO BB . 23.04 22.29 53.57
H11 EDO BB . 24.22 24.74 53.42
H12 EDO BB . 25.10 24.38 52.17
H21 EDO BB . 24.97 22.68 53.68
H22 EDO BB . 24.49 22.25 52.24
C1 PEG CB . -10.31 -3.38 30.36
O1 PEG CB . -10.19 -4.50 31.26
C2 PEG CB . -10.78 -2.11 31.08
O2 PEG CB . -10.83 -0.98 30.20
C3 PEG CB . -9.83 0.04 30.42
C4 PEG CB . -10.23 1.39 29.82
O4 PEG CB . -9.42 1.82 28.69
H11 PEG CB . -10.95 -3.61 29.66
H12 PEG CB . -9.44 -3.21 29.94
H21 PEG CB . -10.16 -1.92 31.82
H22 PEG CB . -11.66 -2.27 31.45
H31 PEG CB . -8.98 -0.25 30.01
H32 PEG CB . -9.69 0.15 31.38
H41 PEG CB . -10.16 2.08 30.53
H42 PEG CB . -11.17 1.36 29.55
C1 PEG DB . -9.04 5.36 25.94
O1 PEG DB . -9.57 6.16 26.99
C2 PEG DB . -9.96 5.44 24.73
O2 PEG DB . -9.63 6.53 23.85
C3 PEG DB . -10.50 6.72 22.72
C4 PEG DB . -11.68 5.74 22.64
O4 PEG DB . -11.22 4.40 22.38
H11 PEG DB . -8.96 4.43 26.24
H12 PEG DB . -8.15 5.69 25.70
H21 PEG DB . -10.89 5.55 25.03
H22 PEG DB . -9.90 4.60 24.22
H31 PEG DB . -9.97 6.65 21.90
H32 PEG DB . -10.86 7.64 22.76
H41 PEG DB . -12.28 6.01 21.92
H42 PEG DB . -12.18 5.75 23.47
OH2 1PE EB . 19.95 15.65 32.83
C12 1PE EB . 19.55 15.41 34.19
C22 1PE EB . 18.40 16.26 34.62
OH3 1PE EB . 18.27 16.35 36.04
C13 1PE EB . 18.54 18.25 37.60
C23 1PE EB . 19.22 17.18 36.73
OH4 1PE EB . 19.54 18.91 38.41
C14 1PE EB . 20.97 18.42 40.40
C24 1PE EB . 19.58 18.46 39.77
OH5 1PE EB . 20.97 17.41 41.43
C15 1PE EB . 21.50 15.15 41.77
C25 1PE EB . 22.03 16.47 41.34
OH6 1PE EB . 21.54 14.19 40.70
C16 1PE EB . 22.43 12.11 39.71
C26 1PE EB . 22.17 12.94 40.99
OH7 1PE EB . 23.78 12.14 39.22
H121 1PE EB . 20.31 15.58 34.79
H122 1PE EB . 19.29 14.47 34.30
H221 1PE EB . 17.57 15.89 34.24
H222 1PE EB . 18.51 17.15 34.25
H131 1PE EB . 17.86 17.83 38.18
H132 1PE EB . 18.09 18.91 37.03
H231 1PE EB . 19.80 17.61 36.06
H232 1PE EB . 19.79 16.61 37.29
H141 1PE EB . 21.18 19.30 40.80
H142 1PE EB . 21.65 18.21 39.72
H241 1PE EB . 19.21 17.55 39.80
H242 1PE EB . 19.01 19.03 40.31
H151 1PE EB . 20.58 15.26 42.08
H152 1PE EB . 22.05 14.82 42.52
H251 1PE EB . 22.77 16.74 41.93
H252 1PE EB . 22.36 16.42 40.42
H161 1PE EB . 21.84 12.43 39.01
H162 1PE EB . 22.19 11.17 39.89
H261 1PE EB . 21.60 12.43 41.60
H262 1PE EB . 23.02 13.11 41.45
PB MGD FB . 1.01 23.66 32.08
O1B MGD FB . -0.43 23.49 32.27
O2B MGD FB . 1.71 22.83 31.01
O3B MGD FB . 1.56 23.38 33.55
O3A MGD FB . 3.23 22.25 34.95
PA MGD FB . 2.97 23.66 34.34
O1A MGD FB . 3.97 24.13 33.37
O2A MGD FB . 2.58 24.44 35.57
O5' MGD FB . 1.34 25.16 31.68
C5' MGD FB . 1.47 26.17 32.69
C4' MGD FB . 0.91 27.48 32.21
O4' MGD FB . 1.64 27.97 31.08
C3' MGD FB . -0.54 27.51 31.77
O3' MGD FB . -1.38 27.98 32.81
C2' MGD FB . -0.54 28.37 30.51
O2' MGD FB . -1.59 29.29 30.45
C1' MGD FB . 0.83 28.99 30.59
N9 MGD FB . 1.39 29.46 29.35
C8 MGD FB . 0.97 29.18 28.07
N7 MGD FB . 1.59 29.86 27.16
C5 MGD FB . 2.46 30.68 27.87
C6 MGD FB . 3.40 31.67 27.43
O6 MGD FB . 3.70 31.94 26.25
N1 MGD FB . 4.12 32.22 28.49
C2 MGD FB . 3.86 31.96 29.82
N2 MGD FB . 4.58 32.62 30.74
N3 MGD FB . 2.95 31.05 30.24
C4 MGD FB . 2.34 30.44 29.22
C10 MGD FB . 3.83 21.26 34.14
C11 MGD FB . 4.20 20.10 34.97
O11 MGD FB . 3.01 19.77 35.68
C12 MGD FB . 4.72 18.96 34.12
S12 MGD FB . 5.85 19.29 32.87
C13 MGD FB . 4.37 17.72 34.34
S13 MGD FB . 5.08 16.35 33.48
C14 MGD FB . 3.39 17.40 35.43
N15 MGD FB . 2.12 16.93 34.94
C16 MGD FB . 0.95 17.07 35.65
C17 MGD FB . -0.26 16.54 35.20
O17 MGD FB . -0.35 15.87 34.19
N18 MGD FB . -1.39 16.81 35.95
C19 MGD FB . -1.36 17.58 37.08
N19 MGD FB . -2.52 17.87 37.69
N20 MGD FB . -0.21 18.08 37.53
C21 MGD FB . 0.95 17.82 36.84
N22 MGD FB . 2.11 18.36 37.28
C23 MGD FB . 3.24 18.57 36.40
H5'1 MGD FB . 2.42 26.28 32.93
H5'2 MGD FB . 0.98 25.89 33.51
H4' MGD FB . 1.02 28.13 32.95
H3' MGD FB . -0.82 26.59 31.52
H2' MGD FB . -0.59 27.79 29.70
H1' MGD FB . 0.80 29.73 31.24
H8 MGD FB . 0.30 28.54 27.88
HN1 MGD FB . 4.71 32.86 28.29
HN21 MGD FB . 4.45 32.47 31.59
HN22 MGD FB . 5.19 33.19 30.48
H101 MGD FB . 4.63 21.62 33.71
H102 MGD FB . 3.20 20.97 33.45
H11 MGD FB . 4.90 20.38 35.62
H14 MGD FB . 3.80 16.66 35.94
H15 MGD FB . 2.10 16.53 34.17
H18 MGD FB . -2.17 16.52 35.67
H191 MGD FB . -2.52 18.38 38.40
H192 MGD FB . -3.27 17.54 37.37
H22 MGD FB . 2.18 18.59 38.12
H23 MGD FB . 4.05 18.65 36.94
PB MGD GB . 2.65 10.09 29.97
O1B MGD GB . 1.16 10.13 29.99
O2B MGD GB . 3.55 10.48 31.14
O3B MGD GB . 3.02 10.90 28.64
O3A MGD GB . 4.38 12.56 27.48
PA MGD GB . 4.40 10.98 27.83
O1A MGD GB . 5.53 10.64 28.68
O2A MGD GB . 4.15 10.38 26.46
O5' MGD GB . 3.21 8.68 29.43
C5' MGD GB . 3.80 7.80 30.34
C4' MGD GB . 3.64 6.43 29.76
O4' MGD GB . 4.45 5.55 30.57
C3' MGD GB . 2.23 5.81 29.75
O3' MGD GB . 1.97 5.05 28.60
C2' MGD GB . 2.25 4.93 31.00
O2' MGD GB . 1.35 3.83 31.01
C1' MGD GB . 3.69 4.44 31.00
N9 MGD GB . 4.27 4.04 32.29
C8 MGD GB . 3.89 4.42 33.56
N7 MGD GB . 4.62 3.86 34.51
C5 MGD GB . 5.52 3.07 33.84
C6 MGD GB . 6.57 2.25 34.30
O6 MGD GB . 6.98 2.05 35.44
N1 MGD GB . 7.20 1.64 33.23
C2 MGD GB . 6.93 1.81 31.91
N2 MGD GB . 7.72 1.14 31.04
N3 MGD GB . 5.92 2.56 31.46
C4 MGD GB . 5.29 3.17 32.47
C10 MGD GB . 4.28 13.56 28.58
C11 MGD GB . 4.91 14.82 28.03
O11 MGD GB . 3.94 15.41 27.17
C12 MGD GB . 5.39 15.82 29.09
S12 MGD GB . 5.95 15.21 30.60
C13 MGD GB . 5.33 17.13 28.78
S13 MGD GB . 5.90 18.30 29.93
C14 MGD GB . 4.87 17.65 27.45
N15 MGD GB . 3.81 18.61 27.72
C16 MGD GB . 3.02 19.04 26.67
C17 MGD GB . 2.37 20.27 26.66
O17 MGD GB . 2.40 21.15 27.56
N18 MGD GB . 1.63 20.52 25.51
C19 MGD GB . 1.48 19.60 24.48
N19 MGD GB . 0.70 19.92 23.42
N20 MGD GB . 2.08 18.45 24.50
C21 MGD GB . 2.87 18.17 25.57
N22 MGD GB . 3.53 17.00 25.53
C23 MGD GB . 4.47 16.53 26.47
H5'1 MGD GB . 3.33 7.85 31.22
H5'2 MGD GB . 4.75 8.01 30.48
H4' MGD GB . 4.00 6.44 28.85
H3' MGD GB . 1.55 6.53 29.85
H2' MGD GB . 2.09 5.48 31.81
H1' MGD GB . 3.78 3.71 30.37
H8 MGD GB . 3.19 5.01 33.73
HN1 MGD GB . 7.90 1.11 33.44
HN21 MGD GB . 7.60 1.23 30.17
HN22 MGD GB . 8.35 0.61 31.34
H101 MGD GB . 4.76 13.23 29.37
H102 MGD GB . 3.34 13.71 28.81
H11 MGD GB . 5.69 14.55 27.49
H14 MGD GB . 5.62 18.13 27.05
H15 MGD GB . 3.68 18.92 28.53
H18 MGD GB . 1.17 21.25 25.48
H191 MGD GB . 0.59 19.35 22.75
H192 MGD GB . 0.28 20.69 23.39
H22 MGD GB . 3.36 16.48 24.85
H23 MGD GB . 5.27 16.25 25.98
O22 P33 HB . -14.77 -2.06 51.48
C21 P33 HB . -14.67 -3.29 52.25
C20 P33 HB . -14.31 -4.52 51.41
O19 P33 HB . -12.90 -4.83 51.36
C18 P33 HB . -12.61 -6.19 51.02
C17 P33 HB . -12.97 -6.46 49.56
O16 P33 HB . -12.88 -7.86 49.26
C15 P33 HB . -13.10 -8.17 47.88
C14 P33 HB . -14.39 -7.67 47.43
O13 P33 HB . -14.40 -7.31 46.06
C12 P33 HB . -15.50 -6.53 45.65
C11 P33 HB . -15.14 -5.32 44.84
O10 P33 HB . -15.74 -4.18 45.46
C9 P33 HB . -15.61 -2.95 44.77
C8 P33 HB . -16.27 -1.82 45.57
O7 P33 HB . -17.51 -2.25 46.16
C6 P33 HB . -18.32 -1.19 46.71
C5 P33 HB . -19.74 -1.30 46.27
O4 P33 HB . -20.61 -1.84 47.28
C3 P33 HB . -20.87 -3.25 47.13
C2 P33 HB . -21.59 -3.89 48.32
O1 P33 HB . -21.08 -5.20 48.62
H211 P33 HB . -15.53 -3.46 52.69
H212 P33 HB . -13.99 -3.17 52.94
H201 P33 HB . -14.63 -4.38 50.48
H202 P33 HB . -14.79 -5.30 51.76
H181 P33 HB . -13.12 -6.80 51.60
H182 P33 HB . -11.65 -6.37 51.17
H171 P33 HB . -12.35 -5.97 48.98
H172 P33 HB . -13.87 -6.13 49.39
H151 P33 HB . -13.06 -9.14 47.76
H152 P33 HB . -12.38 -7.77 47.35
H141 P33 HB . -14.65 -6.89 47.96
H142 P33 HB . -15.06 -8.37 47.58
H121 P33 HB . -16.01 -6.24 46.45
H122 P33 HB . -16.11 -7.09 45.12
H111 P33 HB . -15.46 -5.41 43.92
H112 P33 HB . -14.17 -5.20 44.82
H91 P33 HB . -16.04 -3.01 43.89
H92 P33 HB . -14.67 -2.74 44.64
H81 P33 HB . -16.44 -1.06 44.99
H82 P33 HB . -15.66 -1.53 46.29
H61 P33 HB . -17.96 -0.32 46.41
H62 P33 HB . -18.27 -1.22 47.69
H51 P33 HB . -19.80 -1.88 45.47
H52 P33 HB . -20.07 -0.41 46.02
H31 P33 HB . -20.02 -3.71 46.98
H32 P33 HB . -21.42 -3.37 46.33
H21 P33 HB . -22.55 -3.96 48.12
H22A P33 HB . -21.48 -3.32 49.10
C1 GOL IB . -12.17 3.25 39.35
O1 GOL IB . -13.19 3.43 38.37
C2 GOL IB . -12.67 3.55 40.75
O2 GOL IB . -13.59 2.54 41.12
C3 GOL IB . -13.38 4.88 40.94
O3 GOL IB . -12.70 6.05 40.46
H11 GOL IB . -11.41 3.85 39.14
H12 GOL IB . -11.85 2.32 39.31
H2 GOL IB . -11.90 3.53 41.36
H31 GOL IB . -13.56 5.00 41.90
H32 GOL IB . -14.26 4.82 40.48
O O JB . 8.22 16.93 32.09
FE1 FES KB . -8.79 20.86 51.06
FE2 FES KB . -11.43 21.44 51.27
S1 FES KB . -10.06 21.87 49.45
S2 FES KB . -10.16 20.78 52.94
MO 4MO LB . 26.22 19.49 -16.92
FE1 F3S MB . 28.29 20.13 -30.69
FE3 F3S MB . 30.68 21.27 -30.99
FE4 F3S MB . 30.02 20.39 -28.55
S1 F3S MB . 29.64 19.84 -32.54
S2 F3S MB . 28.63 18.59 -28.95
S3 F3S MB . 28.95 22.14 -29.72
S4 F3S MB . 32.09 20.22 -29.59
C1 EDO NB . 28.00 38.17 -10.53
O1 EDO NB . 28.79 37.74 -9.41
C2 EDO NB . 28.04 37.19 -11.66
O2 EDO NB . 26.92 36.32 -11.63
H11 EDO NB . 28.34 39.04 -10.85
H12 EDO NB . 27.08 38.29 -10.23
H21 EDO NB . 28.86 36.66 -11.59
H22 EDO NB . 28.05 37.68 -12.50
C1 PEG OB . 63.53 32.62 -8.40
O1 PEG OB . 63.83 31.94 -7.23
C2 PEG OB . 62.84 33.90 -8.11
O2 PEG OB . 62.64 34.61 -9.33
C3 PEG OB . 62.19 35.95 -9.14
C4 PEG OB . 62.02 36.54 -10.51
O4 PEG OB . 61.38 37.78 -10.48
H11 PEG OB . 62.97 32.06 -8.98
H12 PEG OB . 64.36 32.80 -8.89
H21 PEG OB . 63.37 34.44 -7.49
H22 PEG OB . 61.97 33.71 -7.69
H31 PEG OB . 62.85 36.47 -8.64
H32 PEG OB . 61.34 35.97 -8.66
H41 PEG OB . 61.50 35.92 -11.07
H42 PEG OB . 62.90 36.65 -10.93
C1 EDO PB . 10.76 26.96 -41.51
O1 EDO PB . 9.61 27.42 -40.81
C2 EDO PB . 11.21 27.87 -42.61
O2 EDO PB . 12.58 27.55 -43.17
H11 EDO PB . 10.56 26.08 -41.90
H12 EDO PB . 11.50 26.85 -40.88
H21 EDO PB . 11.22 28.78 -42.27
H22 EDO PB . 10.56 27.82 -43.35
C1 PEG QB . 41.74 8.87 3.64
O1 PEG QB . 43.02 8.35 3.99
C2 PEG QB . 41.84 10.01 2.65
O2 PEG QB . 40.70 10.88 2.69
C3 PEG QB . 41.02 12.27 2.84
C4 PEG QB . 41.63 12.88 1.56
O4 PEG QB . 41.74 11.93 0.50
H11 PEG QB . 41.30 9.19 4.46
H12 PEG QB . 41.19 8.15 3.26
H21 PEG QB . 41.92 9.64 1.75
H22 PEG QB . 42.66 10.52 2.83
H31 PEG QB . 41.65 12.38 3.59
H32 PEG QB . 40.20 12.77 3.07
H41 PEG QB . 42.51 13.24 1.77
H42 PEG QB . 41.06 13.63 1.27
C1 EDO RB . 59.35 30.84 -20.59
O1 EDO RB . 60.24 30.79 -19.50
C2 EDO RB . 59.78 31.96 -21.45
O2 EDO RB . 60.52 32.95 -20.76
H11 EDO RB . 58.43 31.01 -20.27
H12 EDO RB . 59.36 30.00 -21.09
H21 EDO RB . 59.00 32.37 -21.87
H22 EDO RB . 60.34 31.59 -22.17
C1 EDO SB . 25.07 17.01 -63.28
O1 EDO SB . 24.88 18.28 -62.68
C2 EDO SB . 24.35 16.04 -62.51
O2 EDO SB . 23.05 16.56 -62.52
H11 EDO SB . 26.02 16.79 -63.29
H12 EDO SB . 24.73 17.03 -64.20
H21 EDO SB . 24.70 15.97 -61.60
H22 EDO SB . 24.38 15.16 -62.94
C1 EDO TB . 13.03 15.56 4.97
O1 EDO TB . 13.53 14.78 6.03
C2 EDO TB . 13.27 17.02 5.19
O2 EDO TB . 14.35 17.45 4.38
H11 EDO TB . 12.07 15.42 4.89
H12 EDO TB . 13.46 15.29 4.13
H21 EDO TB . 13.49 17.18 6.13
H22 EDO TB . 12.47 17.52 4.94
C1 EDO UB . 25.60 35.54 -7.75
O1 EDO UB . 25.22 35.48 -6.43
C2 EDO UB . 24.63 34.67 -8.40
O2 EDO UB . 24.47 33.33 -7.88
H11 EDO UB . 26.51 35.21 -7.87
H12 EDO UB . 25.53 36.46 -8.09
H21 EDO UB . 24.87 34.60 -9.34
H22 EDO UB . 23.75 35.10 -8.35
PB MGD VB . 19.74 14.99 -19.72
O1B MGD VB . 20.06 13.70 -20.40
O2B MGD VB . 20.42 16.24 -20.10
O3B MGD VB . 19.96 14.75 -18.14
O3A MGD VB . 20.95 15.45 -15.98
PA MGD VB . 19.58 15.61 -16.81
O1A MGD VB . 19.31 16.99 -17.21
O2A MGD VB . 18.50 14.81 -16.09
O5' MGD VB . 18.16 15.21 -19.58
C5' MGD VB . 17.50 16.14 -20.45
C4' MGD VB . 16.07 15.70 -20.59
O4' MGD VB . 15.44 16.77 -21.33
C3' MGD VB . 15.84 14.38 -21.40
O3' MGD VB . 14.82 13.61 -20.74
C2' MGD VB . 15.51 14.95 -22.80
O2' MGD VB . 14.60 14.18 -23.55
C1' MGD VB . 14.75 16.24 -22.46
N9 MGD VB . 14.71 17.29 -23.48
C8 MGD VB . 15.65 17.55 -24.45
N7 MGD VB . 15.31 18.56 -25.24
C5 MGD VB . 14.14 19.05 -24.66
C6 MGD VB . 13.41 20.23 -24.96
O6 MGD VB . 13.57 21.03 -25.89
N1 MGD VB . 12.36 20.41 -24.04
C2 MGD VB . 12.02 19.54 -23.02
N2 MGD VB . 10.91 19.82 -22.30
N3 MGD VB . 12.72 18.44 -22.75
C4 MGD VB . 13.80 18.30 -23.56
C10 MGD VB . 22.20 15.95 -16.55
C11 MGD VB . 22.93 16.35 -15.28
O11 MGD VB . 23.34 15.10 -14.71
C12 MGD VB . 24.16 17.20 -15.56
S12 MGD VB . 24.06 18.37 -16.88
C13 MGD VB . 25.27 17.10 -14.85
S13 MGD VB . 26.71 18.09 -15.11
C14 MGD VB . 25.37 16.11 -13.72
N15 MGD VB . 26.53 15.29 -13.96
C16 MGD VB . 26.71 14.10 -13.24
C17 MGD VB . 27.97 13.53 -12.99
O17 MGD VB . 29.05 13.96 -13.38
N18 MGD VB . 27.98 12.35 -12.25
C19 MGD VB . 26.82 11.76 -11.78
N19 MGD VB . 26.87 10.62 -11.05
N20 MGD VB . 25.67 12.35 -11.92
C21 MGD VB . 25.58 13.46 -12.72
N22 MGD VB . 24.33 14.01 -12.81
C23 MGD VB . 24.05 15.28 -13.45
H5'1 MGD VB . 17.94 16.14 -21.34
H5'2 MGD VB . 17.54 17.05 -20.08
H4' MGD VB . 15.66 15.64 -19.70
H3' MGD VB . 16.68 13.86 -21.44
H2' MGD VB . 16.34 15.15 -23.31
H1' MGD VB . 13.84 16.02 -22.21
H8 MGD VB . 16.35 16.96 -24.66
HN1 MGD VB . 11.78 21.06 -24.24
HN21 MGD VB . 10.69 19.31 -21.63
HN22 MGD VB . 10.41 20.50 -22.52
H101 MGD VB . 22.03 16.73 -17.13
H102 MGD VB . 22.68 15.25 -17.04
H11 MGD VB . 22.32 16.82 -14.65
H14 MGD VB . 25.55 16.62 -12.90
H15 MGD VB . 27.11 15.53 -14.56
H18 MGD VB . 28.73 11.96 -12.11
H191 MGD VB . 26.13 10.27 -10.75
H192 MGD VB . 27.64 10.25 -10.87
H22 MGD VB . 23.66 13.58 -12.47
H23 MGD VB . 23.47 15.81 -12.85
PB MGD WB . 33.29 14.72 -16.66
O1B MGD WB . 33.50 13.46 -17.42
O2B MGD WB . 32.06 14.88 -15.86
O3B MGD WB . 33.40 15.88 -17.74
O3A MGD WB . 32.60 18.05 -18.68
PA MGD WB . 33.74 17.47 -17.75
O1A MGD WB . 33.60 17.94 -16.42
O2A MGD WB . 34.97 17.71 -18.52
O5' MGD WB . 34.51 14.94 -15.61
C5' MGD WB . 35.75 15.38 -16.09
C4' MGD WB . 36.87 14.76 -15.28
O4' MGD WB . 36.70 14.94 -13.83
C3' MGD WB . 37.07 13.24 -15.45
O3' MGD WB . 38.06 12.91 -16.41
C2' MGD WB . 37.40 12.75 -14.04
O2' MGD WB . 38.47 11.82 -13.95
C1' MGD WB . 37.68 14.06 -13.30
N9 MGD WB . 37.60 14.00 -11.86
C8 MGD WB . 36.95 13.05 -11.09
N7 MGD WB . 37.15 13.25 -9.80
C5 MGD WB . 37.87 14.43 -9.73
C6 MGD WB . 38.43 15.13 -8.61
O6 MGD WB . 38.28 14.86 -7.40
N1 MGD WB . 39.31 16.13 -8.99
C2 MGD WB . 39.59 16.44 -10.30
N2 MGD WB . 40.39 17.47 -10.53
N3 MGD WB . 39.09 15.80 -11.36
C4 MGD WB . 38.25 14.82 -10.99
C10 MGD WB . 31.22 17.90 -18.25
C11 MGD WB . 30.36 18.73 -19.21
O11 MGD WB . 30.56 18.08 -20.51
C12 MGD WB . 28.98 18.86 -18.78
S12 MGD WB . 28.57 19.38 -17.14
C13 MGD WB . 27.94 18.57 -19.62
S13 MGD WB . 26.25 18.83 -19.16
C14 MGD WB . 28.21 18.17 -21.04
N15 MGD WB . 27.89 16.77 -21.31
C16 MGD WB . 28.50 16.06 -22.29
C17 MGD WB . 28.05 14.77 -22.60
O17 MGD WB . 27.06 14.23 -22.11
N18 MGD WB . 28.81 14.08 -23.51
C19 MGD WB . 29.92 14.62 -24.08
N19 MGD WB . 30.58 13.87 -24.91
N20 MGD WB . 30.30 15.88 -23.87
C21 MGD WB . 29.65 16.57 -22.91
N22 MGD WB . 30.05 17.85 -22.68
C23 MGD WB . 29.64 18.50 -21.49
H5'1 MGD WB . 35.80 16.36 -16.03
H5'2 MGD WB . 35.84 15.12 -17.04
H4' MGD WB . 37.69 15.21 -15.55
H3' MGD WB . 36.20 12.86 -15.73
H2' MGD WB . 36.60 12.31 -13.64
H1' MGD WB . 38.57 14.37 -13.55
H8 MGD WB . 36.37 12.40 -11.44
HN1 MGD WB . 39.68 16.62 -8.34
HN21 MGD WB . 40.59 17.70 -11.35
HN22 MGD WB . 40.72 17.92 -9.86
H101 MGD WB . 31.11 18.23 -17.34
H102 MGD WB . 30.95 16.95 -18.28
H11 MGD WB . 30.77 19.63 -19.25
H14 MGD WB . 27.60 18.72 -21.60
H15 MGD WB . 27.28 16.39 -20.82
H18 MGD WB . 28.57 13.26 -23.72
H191 MGD WB . 31.31 14.16 -25.29
H192 MGD WB . 30.28 13.06 -25.09
H22 MGD WB . 30.53 18.26 -23.26
H23 MGD WB . 29.72 19.47 -21.62
O22 P33 XB . 21.13 31.41 -7.95
C21 P33 XB . 21.15 30.40 -9.04
C20 P33 XB . 20.86 30.97 -10.40
O19 P33 XB . 21.94 30.72 -11.29
C18 P33 XB . 22.33 31.83 -12.14
C17 P33 XB . 22.72 31.24 -13.50
O16 P33 XB . 23.18 32.16 -14.50
C15 P33 XB . 23.95 31.51 -15.53
C14 P33 XB . 24.79 32.52 -16.31
O13 P33 XB . 26.10 32.03 -16.61
C12 P33 XB . 27.21 32.97 -16.58
C11 P33 XB . 26.83 34.36 -17.07
O10 P33 XB . 27.95 35.02 -17.66
C9 P33 XB . 27.71 36.39 -17.99
C8 P33 XB . 27.10 36.46 -19.33
O7 P33 XB . 25.98 37.33 -19.40
C6 P33 XB . 24.79 36.60 -19.33
C5 P33 XB . 23.81 37.08 -20.36
O4 P33 XB . 22.43 36.92 -19.98
C3 P33 XB . 22.11 37.43 -18.71
C2 P33 XB . 20.70 37.74 -18.52
O1 P33 XB . 20.57 38.87 -17.52
H211 P33 XB . 20.49 29.72 -8.83
H212 P33 XB . 22.04 29.97 -9.06
H201 P33 XB . 20.70 31.94 -10.32
H202 P33 XB . 20.04 30.57 -10.76
H181 P33 XB . 23.09 32.31 -11.75
H182 P33 XB . 21.58 32.46 -12.24
H171 P33 XB . 21.93 30.76 -13.86
H172 P33 XB . 23.42 30.56 -13.36
H151 P33 XB . 23.34 31.05 -16.15
H152 P33 XB . 24.54 30.84 -15.12
H141 P33 XB . 24.87 33.35 -15.79
H142 P33 XB . 24.34 32.73 -17.15
H121 P33 XB . 27.94 32.61 -17.13
H122 P33 XB . 27.54 33.03 -15.65
H111 P33 XB . 26.49 34.89 -16.32
H112 P33 XB . 26.13 34.28 -17.75
H91 P33 XB . 28.56 36.89 -17.97
H92 P33 XB . 27.10 36.80 -17.32
H81 P33 XB . 26.83 35.57 -19.61
H82 P33 XB . 27.78 36.78 -19.97
H61 P33 XB . 24.40 36.68 -18.44
H62 P33 XB . 24.97 35.64 -19.49
H51 P33 XB . 23.97 36.59 -21.20
H52 P33 XB . 23.98 38.04 -20.53
H31 P33 XB . 22.63 38.25 -18.56
H32 P33 XB . 22.38 36.78 -18.03
H21 P33 XB . 20.22 36.95 -18.19
H22A P33 XB . 20.29 38.02 -19.38
C1 GOL YB . 33.33 12.33 6.35
O1 GOL YB . 33.20 12.83 4.99
C2 GOL YB . 32.13 11.54 6.88
O2 GOL YB . 32.28 10.10 6.86
C3 GOL YB . 31.65 11.99 8.22
O3 GOL YB . 30.24 12.21 8.18
H11 GOL YB . 33.49 13.08 6.95
H12 GOL YB . 34.11 11.75 6.39
H2 GOL YB . 31.40 11.74 6.25
H31 GOL YB . 32.11 12.82 8.48
H32 GOL YB . 31.85 11.30 8.89
O O ZB . 26.05 21.26 -16.34
FE1 FES AC . 39.23 14.08 -37.35
FE2 FES AC . 40.34 11.66 -38.33
S1 FES AC . 39.83 12.18 -36.15
S2 FES AC . 40.11 13.60 -39.47
C1 EDO BC . 52.62 -7.18 -48.02
O1 EDO BC . 53.53 -7.31 -46.94
C2 EDO BC . 51.22 -7.07 -47.48
O2 EDO BC . 50.78 -8.22 -46.72
H11 EDO BC . 52.68 -7.96 -48.60
H12 EDO BC . 52.83 -6.37 -48.53
H21 EDO BC . 50.62 -6.95 -48.23
H22 EDO BC . 51.17 -6.28 -46.91
#